data_7KKL
#
_entry.id   7KKL
#
_cell.length_a   1.00
_cell.length_b   1.00
_cell.length_c   1.00
_cell.angle_alpha   90.00
_cell.angle_beta   90.00
_cell.angle_gamma   90.00
#
_symmetry.space_group_name_H-M   'P 1'
#
loop_
_entity.id
_entity.type
_entity.pdbx_description
1 polymer 'Spike glycoprotein'
2 polymer 'Synthetic nanobody mNb6'
3 branched 2-acetamido-2-deoxy-beta-D-glucopyranose-(1-4)-2-acetamido-2-deoxy-beta-D-glucopyranose
4 non-polymer 2-acetamido-2-deoxy-beta-D-glucopyranose
#
loop_
_entity_poly.entity_id
_entity_poly.type
_entity_poly.pdbx_seq_one_letter_code
_entity_poly.pdbx_strand_id
1 'polypeptide(L)'
;MFVFLVLLPLVSSQCVNLTTRTQLPPAYTNSFTRGVYYPDKVFRSSVLHSTQDLFLPFFSNVTWFHAIHVSGTNGTKRFD
NPVLPFNDGVYFASTEKSNIIRGWIFGTTLDSKTQSLLIVNNATNVVIKVCEFQFCNDPFLGVYYHKNNKSWMESEFRVY
SSANNCTFEYVSQPFLMDLEGKQGNFKNLREFVFKNIDGYFKIYSKHTPINLVRDLPQGFSALEPLVDLPIGINITRFQT
LLALHRSYLTPGDSSSGWTAGAAAYYVGYLQPRTFLLKYNENGTITDAVDCALDPLSETKCTLKSFTVEKGIYQTSNFRV
QPTESIVRFPNITNLCPFGEVFNATRFASVYAWNRKRISNCVADYSVLYNSASFSTFKCYGVSPTKLNDLCFTNVYADSF
VIRGDEVRQIAPGQTGKIADYNYKLPDDFTGCVIAWNSNNLDSKVGGNYNYLYRLFRKSNLKPFERDISTEIYQAGSTPC
NGVEGFNCYFPLQSYGFQPTNGVGYQPYRVVVLSFELLHAPATVCGPKKSTNLVKNKCVNFNFNGLTGTGVLTESNKKFL
PFQQFGRDIADTTDAVRDPQTLEILDITPCSFGGVSVITPGTNTSNQVAVLYQDVNCTEVPVAIHADQLTPTWRVYSTGS
NVFQTRAGCLIGAEHVNNSYECDIPIGAGICASYQTQTNSPGSASSVASQSIIAYTMSLGAENSVAYSNNSIAIPTNFTI
SVTTEILPVSMTKTSVDCTMYICGDSTECSNLLLQYGSFCTQLNRALTGIAVEQDKNTQEVFAQVKQIYKTPPIKDFGGF
NFSQILPDPSKPSKRSFIEDLLFNKVTLADAGFIKQYGDCLGDIAARDLICAQKFNGLTVLPPLLTDEMIAQYTSALLAG
TITSGWTFGAGAALQIPFAMQMAYRFNGIGVTQNVLYENQKLIANQFNSAIGKIQDSLSSTASALGKLQDVVNQNAQALN
TLVKQLSSNFGAISSVLNDILSRLDPPEAEVQIDRLITGRLQSLQTYVTQQLIRAAEIRASANLAATKMSECVLGQSKRV
DFCGKGYHLMSFPQSAPHGVVFLHVTYVPAQEKNFTTAPAICHDGKAHFPREGVFVSNGTHWFVTQRNFYEPQIITTDNT
FVSGNCDVVIGIVNNTVYDPLQPELDSFKEELDKYFKNHTSPDVDLGDISGINASVVNIQKEIDRLNEVAKNLNESLIDL
QELGKYEQGSGYIPEAPRDGQAYVRKDGEWVLLSTFLGRSLEVLFQGPGHHHHHHHHSAWSHPQFEKGGGSGGGGSGGSA
WSHPQFEK
;
A,C,D
2 'polypeptide(L)'
;QVQLVESGGGLVQAGGSLRLSCAASGYIFGRNAMGWYRQAPGKERELVAGITRRGSITYYADSVKGRFTISRDNAKNTVY
LQMNSLKPEDTAVYYCAADPASPAYGDYWGQGTQVTVSSHHHHHH
;
B,E,F
#
loop_
_chem_comp.id
_chem_comp.type
_chem_comp.name
_chem_comp.formula
NAG D-saccharide, beta linking 2-acetamido-2-deoxy-beta-D-glucopyranose 'C8 H15 N O6'
#
# COMPACT_ATOMS: atom_id res chain seq x y z
N ALA A 27 45.21 -0.19 -39.51
CA ALA A 27 44.43 -1.36 -39.86
C ALA A 27 43.41 -1.65 -38.75
N TYR A 28 42.13 -1.83 -39.12
CA TYR A 28 41.00 -2.10 -38.22
C TYR A 28 40.15 -3.22 -38.77
N THR A 29 39.47 -3.92 -37.88
CA THR A 29 38.53 -4.95 -38.33
C THR A 29 37.36 -5.14 -37.39
N ASN A 30 36.25 -5.60 -37.93
CA ASN A 30 35.02 -5.80 -37.18
C ASN A 30 35.20 -6.88 -36.13
N SER A 31 34.67 -6.66 -34.92
CA SER A 31 34.76 -7.64 -33.85
C SER A 31 33.94 -8.89 -34.08
N PHE A 32 32.91 -8.83 -34.92
CA PHE A 32 32.04 -9.96 -35.22
C PHE A 32 31.49 -10.76 -34.04
N THR A 33 30.92 -10.07 -33.06
CA THR A 33 30.29 -10.65 -31.87
C THR A 33 31.16 -11.65 -31.11
N ARG A 34 32.29 -11.15 -30.60
CA ARG A 34 33.29 -11.90 -29.86
C ARG A 34 33.53 -11.14 -28.56
N GLY A 35 34.08 -11.80 -27.55
CA GLY A 35 34.40 -11.06 -26.31
C GLY A 35 33.43 -11.28 -25.15
N VAL A 36 32.53 -12.23 -25.31
CA VAL A 36 31.58 -12.63 -24.28
C VAL A 36 32.28 -13.63 -23.38
N TYR A 37 32.04 -13.52 -22.11
CA TYR A 37 32.63 -14.38 -21.11
C TYR A 37 31.65 -14.65 -20.01
N TYR A 38 31.89 -15.69 -19.24
CA TYR A 38 31.01 -16.02 -18.13
C TYR A 38 31.21 -14.98 -17.04
N PRO A 39 30.20 -14.15 -16.72
CA PRO A 39 30.30 -13.05 -15.77
C PRO A 39 30.47 -13.46 -14.32
N ASP A 40 30.09 -14.69 -13.97
CA ASP A 40 30.19 -15.11 -12.59
C ASP A 40 30.46 -16.61 -12.53
N LYS A 41 30.48 -17.17 -11.32
CA LYS A 41 30.77 -18.58 -11.13
C LYS A 41 29.53 -19.37 -10.76
N VAL A 42 28.37 -18.90 -11.22
CA VAL A 42 27.11 -19.56 -10.91
C VAL A 42 26.65 -20.42 -12.07
N PHE A 43 26.35 -21.67 -11.79
CA PHE A 43 25.85 -22.54 -12.82
C PHE A 43 24.40 -22.25 -13.11
N ARG A 44 24.10 -22.12 -14.38
CA ARG A 44 22.74 -21.88 -14.83
C ARG A 44 22.57 -22.75 -16.01
N SER A 45 21.36 -23.18 -16.33
CA SER A 45 21.16 -23.93 -17.55
C SER A 45 19.78 -23.70 -18.11
N SER A 46 19.66 -23.90 -19.42
CA SER A 46 18.39 -23.77 -20.14
C SER A 46 17.67 -22.47 -19.78
N VAL A 47 18.40 -21.37 -19.84
CA VAL A 47 17.85 -20.08 -19.41
C VAL A 47 18.41 -18.88 -20.12
N LEU A 48 17.59 -17.86 -20.29
CA LEU A 48 18.08 -16.61 -20.81
C LEU A 48 18.27 -15.65 -19.65
N HIS A 49 19.49 -15.24 -19.42
CA HIS A 49 19.84 -14.39 -18.28
C HIS A 49 20.34 -13.03 -18.67
N SER A 50 19.74 -11.99 -18.11
CA SER A 50 20.15 -10.62 -18.42
C SER A 50 21.13 -10.05 -17.43
N THR A 51 22.23 -9.50 -17.94
CA THR A 51 23.24 -8.89 -17.07
C THR A 51 23.95 -7.66 -17.64
N GLN A 52 24.31 -6.75 -16.74
CA GLN A 52 25.03 -5.50 -17.02
C GLN A 52 26.50 -5.60 -16.60
N ASP A 53 27.41 -5.57 -17.57
CA ASP A 53 28.84 -5.74 -17.27
C ASP A 53 29.69 -5.17 -18.39
N LEU A 54 30.99 -5.25 -18.26
CA LEU A 54 31.85 -4.73 -19.29
C LEU A 54 32.09 -5.76 -20.38
N PHE A 55 31.64 -5.46 -21.57
CA PHE A 55 31.76 -6.39 -22.69
C PHE A 55 32.22 -5.68 -23.92
N LEU A 56 32.80 -6.40 -24.86
CA LEU A 56 33.16 -5.78 -26.12
C LEU A 56 31.85 -5.60 -26.90
N PRO A 57 31.44 -4.40 -27.32
CA PRO A 57 30.20 -4.17 -28.03
C PRO A 57 30.16 -4.97 -29.31
N PHE A 58 29.00 -5.44 -29.67
CA PHE A 58 28.91 -6.18 -30.89
C PHE A 58 29.10 -5.27 -32.05
N PHE A 59 29.84 -5.78 -33.00
CA PHE A 59 30.16 -5.17 -34.27
C PHE A 59 30.94 -3.87 -34.21
N SER A 60 31.54 -3.52 -33.08
CA SER A 60 32.42 -2.37 -33.11
C SER A 60 33.66 -2.94 -33.75
N ASN A 61 34.62 -2.10 -34.25
CA ASN A 61 35.88 -2.65 -34.76
C ASN A 61 36.99 -2.51 -33.69
N VAL A 62 38.08 -3.29 -33.90
CA VAL A 62 39.25 -3.36 -33.04
C VAL A 62 40.45 -3.00 -33.87
N THR A 63 41.53 -2.61 -33.20
CA THR A 63 42.73 -2.22 -33.91
C THR A 63 43.56 -3.44 -34.21
N TRP A 64 43.99 -3.57 -35.45
CA TRP A 64 44.76 -4.72 -35.89
C TRP A 64 46.25 -4.42 -36.00
N PHE A 65 47.03 -5.08 -35.17
CA PHE A 65 48.46 -4.86 -35.11
C PHE A 65 49.18 -5.99 -35.76
N HIS A 66 50.28 -5.68 -36.42
CA HIS A 66 51.10 -6.71 -37.03
C HIS A 66 52.45 -6.74 -36.37
N ALA A 67 52.89 -7.96 -36.04
CA ALA A 67 54.17 -8.23 -35.37
C ALA A 67 55.31 -8.33 -36.36
N ILE A 68 54.96 -8.46 -37.63
CA ILE A 68 55.94 -8.70 -38.67
C ILE A 68 56.15 -7.46 -39.55
N HIS A 69 57.35 -6.86 -39.47
CA HIS A 69 57.79 -5.64 -40.17
C HIS A 69 56.86 -4.46 -39.85
N ASP A 80 55.25 -4.93 -34.48
CA ASP A 80 55.40 -3.70 -33.71
C ASP A 80 55.10 -3.98 -32.21
N ASN A 81 55.24 -2.95 -31.35
CA ASN A 81 55.01 -3.04 -29.90
C ASN A 81 54.69 -1.69 -29.23
N PRO A 82 53.59 -1.03 -29.60
CA PRO A 82 53.15 0.25 -29.08
C PRO A 82 52.60 0.14 -27.69
N VAL A 83 52.59 1.25 -26.96
CA VAL A 83 51.93 1.25 -25.67
C VAL A 83 50.51 1.72 -25.92
N LEU A 84 49.56 0.95 -25.48
CA LEU A 84 48.16 1.22 -25.69
C LEU A 84 47.47 1.57 -24.39
N PRO A 85 46.39 2.34 -24.39
CA PRO A 85 45.62 2.65 -23.22
C PRO A 85 44.89 1.40 -22.78
N PHE A 86 44.59 1.30 -21.50
CA PHE A 86 43.82 0.19 -20.95
C PHE A 86 42.34 0.54 -20.88
N ASN A 87 42.06 1.82 -20.67
CA ASN A 87 40.72 2.35 -20.50
C ASN A 87 39.96 1.61 -19.40
N ASP A 88 38.79 1.04 -19.72
CA ASP A 88 37.99 0.38 -18.72
C ASP A 88 38.15 -1.12 -18.72
N GLY A 89 39.06 -1.61 -19.52
CA GLY A 89 39.27 -3.03 -19.67
C GLY A 89 39.59 -3.32 -21.10
N VAL A 90 40.30 -4.40 -21.30
CA VAL A 90 40.80 -4.75 -22.61
C VAL A 90 40.43 -6.09 -23.18
N TYR A 91 39.99 -6.04 -24.42
CA TYR A 91 39.77 -7.26 -25.17
C TYR A 91 41.00 -7.49 -26.00
N PHE A 92 41.62 -8.63 -25.84
CA PHE A 92 42.84 -8.92 -26.57
C PHE A 92 42.75 -10.23 -27.30
N ALA A 93 43.22 -10.27 -28.52
CA ALA A 93 43.22 -11.54 -29.22
C ALA A 93 44.39 -11.68 -30.13
N SER A 94 44.81 -12.90 -30.37
CA SER A 94 45.89 -13.11 -31.31
C SER A 94 45.77 -14.39 -32.08
N THR A 95 46.42 -14.40 -33.24
CA THR A 95 46.44 -15.57 -34.09
C THR A 95 47.86 -15.98 -34.36
N GLU A 96 48.11 -17.29 -34.21
CA GLU A 96 49.44 -17.86 -34.33
C GLU A 96 49.66 -19.22 -34.98
N LYS A 97 50.93 -19.38 -35.37
CA LYS A 97 51.56 -20.60 -35.86
C LYS A 97 52.83 -20.89 -35.04
N SER A 98 53.55 -19.82 -34.64
CA SER A 98 54.85 -19.94 -33.99
C SER A 98 54.86 -19.52 -32.53
N ASN A 99 53.79 -18.89 -32.07
CA ASN A 99 53.66 -18.39 -30.70
C ASN A 99 54.73 -17.38 -30.29
N ILE A 100 54.92 -16.34 -31.11
CA ILE A 100 55.92 -15.32 -30.84
C ILE A 100 55.47 -14.40 -29.69
N ILE A 101 54.16 -14.27 -29.46
CA ILE A 101 53.70 -13.43 -28.36
C ILE A 101 53.91 -14.22 -27.08
N ARG A 102 54.60 -13.62 -26.13
CA ARG A 102 54.96 -14.29 -24.90
C ARG A 102 54.20 -13.77 -23.70
N GLY A 103 53.80 -12.52 -23.77
CA GLY A 103 53.16 -11.94 -22.59
C GLY A 103 52.84 -10.49 -22.76
N TRP A 104 52.72 -9.82 -21.62
CA TRP A 104 52.35 -8.42 -21.52
C TRP A 104 52.65 -7.74 -20.19
N ILE A 105 52.70 -6.43 -20.25
CA ILE A 105 52.91 -5.52 -19.14
C ILE A 105 51.76 -4.59 -18.91
N PHE A 106 51.28 -4.50 -17.68
CA PHE A 106 50.24 -3.55 -17.36
C PHE A 106 50.75 -2.58 -16.30
N GLY A 107 50.34 -1.34 -16.38
CA GLY A 107 50.72 -0.38 -15.35
C GLY A 107 50.27 1.01 -15.69
N THR A 108 50.94 2.01 -15.12
CA THR A 108 50.61 3.40 -15.33
C THR A 108 51.75 4.10 -16.03
N THR A 109 52.71 4.58 -15.27
CA THR A 109 53.82 5.31 -15.83
C THR A 109 54.95 4.39 -16.32
N LEU A 110 55.04 3.17 -15.78
CA LEU A 110 56.04 2.20 -16.20
C LEU A 110 57.46 2.78 -16.15
N ASP A 111 57.75 3.54 -15.09
CA ASP A 111 59.01 4.23 -14.85
C ASP A 111 59.87 3.80 -13.65
N SER A 112 59.64 2.61 -13.11
CA SER A 112 60.35 2.08 -11.94
C SER A 112 60.02 2.85 -10.66
N LYS A 113 59.03 3.74 -10.67
CA LYS A 113 58.66 4.48 -9.48
C LYS A 113 57.46 3.87 -8.78
N THR A 114 56.64 3.17 -9.53
CA THR A 114 55.43 2.59 -8.98
C THR A 114 55.28 1.14 -9.39
N GLN A 115 54.21 0.50 -8.96
CA GLN A 115 54.06 -0.90 -9.28
C GLN A 115 53.59 -1.12 -10.69
N SER A 116 54.08 -2.20 -11.29
CA SER A 116 53.62 -2.64 -12.58
C SER A 116 53.52 -4.15 -12.57
N LEU A 117 52.61 -4.65 -13.37
CA LEU A 117 52.32 -6.05 -13.51
C LEU A 117 52.90 -6.69 -14.74
N LEU A 118 53.75 -7.66 -14.51
CA LEU A 118 54.42 -8.36 -15.59
C LEU A 118 53.99 -9.81 -15.69
N ILE A 119 53.43 -10.17 -16.84
CA ILE A 119 52.99 -11.55 -17.04
C ILE A 119 53.75 -12.19 -18.20
N VAL A 120 54.53 -13.24 -17.91
CA VAL A 120 55.29 -13.89 -18.99
C VAL A 120 55.18 -15.41 -19.05
N ASN A 121 54.90 -15.91 -20.26
CA ASN A 121 54.85 -17.33 -20.56
C ASN A 121 56.26 -17.78 -20.99
N ASN A 122 56.93 -18.61 -20.18
CA ASN A 122 58.31 -19.01 -20.43
C ASN A 122 58.60 -20.44 -20.01
N ALA A 123 59.31 -21.15 -20.88
CA ALA A 123 59.68 -22.53 -20.60
C ALA A 123 58.42 -23.36 -20.41
N THR A 124 58.21 -23.89 -19.22
CA THR A 124 57.07 -24.74 -18.95
C THR A 124 56.05 -24.12 -18.01
N ASN A 125 56.17 -22.82 -17.71
CA ASN A 125 55.24 -22.22 -16.76
C ASN A 125 54.93 -20.74 -17.06
N VAL A 126 54.08 -20.15 -16.24
CA VAL A 126 53.73 -18.74 -16.38
C VAL A 126 54.01 -18.01 -15.08
N VAL A 127 54.82 -16.97 -15.20
CA VAL A 127 55.24 -16.24 -14.03
C VAL A 127 54.67 -14.84 -13.98
N ILE A 128 54.01 -14.54 -12.88
CA ILE A 128 53.39 -13.24 -12.70
C ILE A 128 53.98 -12.49 -11.53
N LYS A 129 54.48 -11.29 -11.80
CA LYS A 129 55.07 -10.47 -10.75
C LYS A 129 54.57 -9.05 -10.74
N VAL A 130 54.46 -8.48 -9.54
CA VAL A 130 54.13 -7.06 -9.44
C VAL A 130 55.25 -6.39 -8.65
N CYS A 131 55.98 -5.46 -9.30
CA CYS A 131 57.19 -4.81 -8.78
C CYS A 131 57.40 -3.44 -9.43
N GLU A 132 58.35 -2.70 -8.89
CA GLU A 132 58.78 -1.41 -9.41
C GLU A 132 59.78 -1.70 -10.52
N PHE A 133 59.29 -2.29 -11.58
CA PHE A 133 60.12 -2.77 -12.65
C PHE A 133 60.68 -1.71 -13.55
N GLN A 134 61.92 -1.94 -13.95
CA GLN A 134 62.54 -1.10 -14.95
C GLN A 134 62.33 -1.72 -16.28
N PHE A 135 61.70 -0.99 -17.16
CA PHE A 135 61.43 -1.49 -18.46
C PHE A 135 62.23 -0.80 -19.52
N CYS A 136 62.39 -1.50 -20.62
CA CYS A 136 63.01 -0.97 -21.81
C CYS A 136 61.91 -0.17 -22.47
N ASN A 137 62.23 0.74 -23.38
CA ASN A 137 61.15 1.44 -24.07
C ASN A 137 60.38 0.46 -24.96
N ASP A 138 61.09 -0.55 -25.44
CA ASP A 138 60.61 -1.59 -26.29
C ASP A 138 61.01 -3.00 -25.80
N PRO A 139 60.49 -3.49 -24.67
CA PRO A 139 60.90 -4.72 -24.03
C PRO A 139 60.66 -5.86 -24.99
N PHE A 140 61.52 -6.85 -24.96
CA PHE A 140 61.33 -8.01 -25.82
C PHE A 140 62.04 -9.22 -25.26
N LEU A 141 61.73 -10.38 -25.81
CA LEU A 141 62.41 -11.61 -25.40
C LEU A 141 63.23 -12.18 -26.56
N GLY A 142 64.53 -12.21 -26.48
CA GLY A 142 65.23 -12.72 -27.66
C GLY A 142 64.98 -14.23 -27.80
N VAL A 143 64.92 -14.73 -29.04
CA VAL A 143 64.74 -16.16 -29.39
C VAL A 143 66.13 -16.83 -29.30
N ASN A 165 61.91 -3.77 -4.86
CA ASN A 165 61.18 -4.07 -3.62
C ASN A 165 60.22 -5.24 -3.82
N CYS A 166 59.22 -5.08 -4.73
CA CYS A 166 58.14 -6.03 -5.10
C CYS A 166 57.04 -6.18 -4.04
N THR A 167 55.84 -6.49 -4.53
CA THR A 167 54.68 -6.69 -3.65
C THR A 167 53.96 -8.03 -3.83
N PHE A 168 53.96 -8.55 -5.06
CA PHE A 168 53.20 -9.76 -5.36
C PHE A 168 53.91 -10.70 -6.30
N GLU A 169 53.80 -11.99 -6.04
CA GLU A 169 54.32 -12.98 -6.96
C GLU A 169 53.45 -14.21 -6.97
N TYR A 170 53.20 -14.71 -8.16
CA TYR A 170 52.43 -15.91 -8.40
C TYR A 170 52.94 -16.71 -9.58
N VAL A 171 52.96 -18.02 -9.45
CA VAL A 171 53.34 -18.85 -10.59
C VAL A 171 52.24 -19.90 -10.81
N SER A 172 51.78 -20.07 -12.08
CA SER A 172 50.74 -21.04 -12.46
C SER A 172 51.37 -22.43 -12.58
N PHE A 186 46.40 -19.27 -40.03
CA PHE A 186 47.00 -19.54 -38.74
C PHE A 186 46.35 -20.83 -38.25
N LYS A 187 46.78 -21.36 -37.09
CA LYS A 187 46.27 -22.60 -36.48
C LYS A 187 45.65 -22.36 -35.11
N ASN A 188 46.18 -21.40 -34.36
CA ASN A 188 45.78 -21.19 -32.98
C ASN A 188 45.25 -19.81 -32.64
N LEU A 189 44.00 -19.76 -32.20
CA LEU A 189 43.39 -18.51 -31.79
C LEU A 189 43.30 -18.40 -30.30
N ARG A 190 43.81 -17.32 -29.75
CA ARG A 190 43.69 -17.14 -28.33
C ARG A 190 43.06 -15.82 -28.03
N GLU A 191 42.07 -15.84 -27.14
CA GLU A 191 41.37 -14.64 -26.75
C GLU A 191 41.39 -14.45 -25.26
N PHE A 192 41.59 -13.19 -24.85
CA PHE A 192 41.64 -12.81 -23.45
C PHE A 192 40.86 -11.56 -23.12
N VAL A 193 40.35 -11.52 -21.90
CA VAL A 193 39.74 -10.31 -21.37
C VAL A 193 40.37 -9.91 -20.08
N PHE A 194 40.80 -8.66 -20.02
CA PHE A 194 41.45 -8.13 -18.84
C PHE A 194 40.68 -6.97 -18.19
N LYS A 195 40.26 -7.15 -16.95
CA LYS A 195 39.56 -6.03 -16.29
C LYS A 195 39.95 -5.87 -14.82
N ASN A 196 39.92 -4.63 -14.32
CA ASN A 196 40.24 -4.34 -12.92
C ASN A 196 39.06 -4.02 -12.03
N ILE A 197 38.70 -4.95 -11.16
CA ILE A 197 37.57 -4.71 -10.29
C ILE A 197 37.91 -4.94 -8.84
N ASP A 198 37.72 -3.92 -8.02
CA ASP A 198 37.98 -3.99 -6.59
C ASP A 198 39.36 -4.53 -6.27
N GLY A 199 40.35 -4.11 -7.05
CA GLY A 199 41.71 -4.53 -6.82
C GLY A 199 42.09 -5.83 -7.52
N TYR A 200 41.15 -6.50 -8.14
CA TYR A 200 41.50 -7.74 -8.80
C TYR A 200 41.74 -7.61 -10.26
N PHE A 201 42.81 -8.26 -10.71
CA PHE A 201 43.08 -8.28 -12.12
C PHE A 201 42.47 -9.58 -12.60
N LYS A 202 41.33 -9.46 -13.26
CA LYS A 202 40.57 -10.61 -13.67
C LYS A 202 40.89 -10.99 -15.09
N ILE A 203 41.28 -12.24 -15.30
CA ILE A 203 41.61 -12.69 -16.63
C ILE A 203 40.69 -13.81 -17.06
N TYR A 204 40.10 -13.65 -18.24
CA TYR A 204 39.25 -14.66 -18.84
C TYR A 204 39.93 -15.09 -20.11
N SER A 205 39.75 -16.34 -20.53
CA SER A 205 40.37 -16.75 -21.78
C SER A 205 39.73 -17.95 -22.47
N LYS A 206 40.09 -18.08 -23.74
CA LYS A 206 39.71 -19.23 -24.56
C LYS A 206 40.77 -19.53 -25.61
N HIS A 207 41.00 -20.81 -25.88
CA HIS A 207 41.89 -21.25 -26.94
C HIS A 207 41.14 -22.18 -27.89
N THR A 208 41.00 -21.76 -29.15
CA THR A 208 40.28 -22.55 -30.14
C THR A 208 41.14 -22.68 -31.40
N PRO A 209 40.96 -23.74 -32.21
CA PRO A 209 41.60 -23.90 -33.50
C PRO A 209 41.01 -22.98 -34.54
N ILE A 210 41.85 -22.51 -35.45
CA ILE A 210 41.48 -21.70 -36.60
C ILE A 210 42.14 -22.14 -37.90
N ASN A 211 41.60 -21.65 -39.03
CA ASN A 211 42.16 -21.83 -40.35
C ASN A 211 42.21 -20.52 -41.14
N LEU A 212 42.22 -19.40 -40.42
CA LEU A 212 42.15 -18.08 -41.05
C LEU A 212 43.36 -17.18 -40.81
N VAL A 213 43.93 -16.66 -41.90
CA VAL A 213 45.09 -15.76 -41.83
C VAL A 213 44.76 -14.27 -41.97
N ARG A 214 43.97 -13.95 -42.96
CA ARG A 214 43.64 -12.58 -43.36
C ARG A 214 42.74 -11.75 -42.45
N ASP A 215 42.04 -12.37 -41.51
CA ASP A 215 41.12 -11.59 -40.70
C ASP A 215 40.82 -12.25 -39.35
N LEU A 216 39.99 -11.59 -38.56
CA LEU A 216 39.52 -12.06 -37.27
C LEU A 216 38.33 -12.98 -37.59
N PRO A 217 38.25 -14.22 -37.09
CA PRO A 217 37.21 -15.19 -37.38
C PRO A 217 35.87 -14.84 -36.77
N GLN A 218 34.81 -15.32 -37.41
CA GLN A 218 33.44 -15.15 -36.97
C GLN A 218 32.93 -16.36 -36.22
N GLY A 219 31.89 -16.17 -35.40
CA GLY A 219 31.25 -17.25 -34.68
C GLY A 219 31.17 -16.90 -33.21
N PHE A 220 30.37 -17.63 -32.43
CA PHE A 220 30.27 -17.27 -31.03
C PHE A 220 30.96 -18.26 -30.12
N SER A 221 31.70 -17.74 -29.15
CA SER A 221 32.36 -18.55 -28.15
C SER A 221 32.56 -17.71 -26.88
N ALA A 222 32.18 -18.23 -25.72
CA ALA A 222 32.37 -17.48 -24.49
C ALA A 222 33.70 -17.86 -23.83
N LEU A 223 34.33 -16.88 -23.19
CA LEU A 223 35.58 -17.11 -22.49
C LEU A 223 35.29 -17.53 -21.06
N GLU A 224 36.17 -18.35 -20.48
CA GLU A 224 35.99 -18.80 -19.09
C GLU A 224 37.02 -18.11 -18.23
N PRO A 225 36.78 -17.87 -16.95
CA PRO A 225 37.75 -17.27 -16.07
C PRO A 225 38.93 -18.17 -15.98
N LEU A 226 40.11 -17.59 -16.00
CA LEU A 226 41.36 -18.30 -15.93
C LEU A 226 42.00 -18.14 -14.59
N VAL A 227 42.09 -16.89 -14.17
CA VAL A 227 42.75 -16.53 -12.93
C VAL A 227 42.18 -15.22 -12.43
N ASP A 228 42.19 -15.03 -11.13
CA ASP A 228 41.71 -13.79 -10.54
C ASP A 228 42.74 -13.37 -9.50
N LEU A 229 43.55 -12.36 -9.86
CA LEU A 229 44.71 -11.97 -9.06
C LEU A 229 44.48 -10.83 -8.06
N PRO A 230 44.69 -11.05 -6.74
CA PRO A 230 44.47 -10.11 -5.64
C PRO A 230 45.62 -9.15 -5.51
N ILE A 231 45.77 -8.28 -6.48
CA ILE A 231 46.91 -7.40 -6.52
C ILE A 231 46.72 -6.00 -5.93
N GLY A 232 45.63 -5.31 -6.25
CA GLY A 232 45.47 -3.93 -5.77
C GLY A 232 46.28 -2.92 -6.60
N ILE A 233 46.49 -3.23 -7.88
CA ILE A 233 47.28 -2.37 -8.75
C ILE A 233 46.44 -1.48 -9.69
N ASN A 234 46.83 -0.19 -9.77
CA ASN A 234 46.29 0.85 -10.65
C ASN A 234 46.95 0.70 -12.04
N ILE A 235 46.14 0.43 -13.09
CA ILE A 235 46.54 0.22 -14.50
C ILE A 235 45.82 1.18 -15.42
N THR A 236 46.57 1.93 -16.22
CA THR A 236 45.97 2.85 -17.18
C THR A 236 46.44 2.57 -18.61
N ARG A 237 47.58 1.88 -18.74
CA ARG A 237 48.23 1.56 -20.02
C ARG A 237 48.80 0.16 -20.03
N PHE A 238 49.01 -0.40 -21.22
CA PHE A 238 49.67 -1.69 -21.30
C PHE A 238 50.48 -1.83 -22.59
N GLN A 239 51.40 -2.78 -22.58
CA GLN A 239 52.23 -3.06 -23.75
C GLN A 239 52.43 -4.55 -23.87
N THR A 240 52.41 -5.12 -25.07
CA THR A 240 52.65 -6.55 -25.18
C THR A 240 54.12 -6.90 -25.22
N LEU A 241 54.40 -8.18 -25.02
CA LEU A 241 55.76 -8.72 -25.09
C LEU A 241 55.88 -9.80 -26.12
N LEU A 242 56.73 -9.55 -27.09
CA LEU A 242 56.97 -10.47 -28.18
C LEU A 242 58.40 -10.91 -28.17
N ALA A 243 58.64 -12.13 -28.59
CA ALA A 243 59.99 -12.59 -28.75
C ALA A 243 60.54 -12.16 -30.11
N LEU A 244 61.85 -11.96 -30.21
CA LEU A 244 62.41 -11.57 -31.50
C LEU A 244 63.43 -12.54 -32.12
N HIS A 245 63.33 -12.72 -33.46
CA HIS A 245 64.23 -13.53 -34.29
C HIS A 245 65.37 -12.65 -34.81
N ALA A 263 52.58 -12.87 -34.26
CA ALA A 263 52.39 -12.70 -35.70
C ALA A 263 51.43 -11.53 -35.98
N ALA A 264 50.23 -11.55 -35.34
CA ALA A 264 49.21 -10.51 -35.41
C ALA A 264 48.35 -10.56 -34.17
N TYR A 265 47.84 -9.41 -33.78
CA TYR A 265 46.94 -9.33 -32.65
C TYR A 265 45.97 -8.18 -32.76
N TYR A 266 44.90 -8.26 -31.99
CA TYR A 266 43.86 -7.27 -32.04
C TYR A 266 43.56 -6.71 -30.67
N VAL A 267 43.28 -5.41 -30.62
CA VAL A 267 42.89 -4.80 -29.35
C VAL A 267 41.60 -4.01 -29.40
N GLY A 268 40.68 -4.34 -28.51
CA GLY A 268 39.41 -3.63 -28.41
C GLY A 268 39.20 -3.17 -26.99
N TYR A 269 38.11 -2.47 -26.74
CA TYR A 269 37.86 -2.01 -25.39
C TYR A 269 36.47 -2.35 -24.96
N LEU A 270 36.33 -2.60 -23.67
CA LEU A 270 35.05 -3.01 -23.12
C LEU A 270 34.20 -1.82 -22.73
N GLN A 271 32.89 -1.99 -22.75
CA GLN A 271 31.96 -0.96 -22.33
C GLN A 271 30.89 -1.52 -21.41
N PRO A 272 30.35 -0.70 -20.49
CA PRO A 272 29.34 -1.04 -19.51
C PRO A 272 27.94 -1.14 -20.06
N ARG A 273 27.64 -2.26 -20.72
CA ARG A 273 26.31 -2.41 -21.29
C ARG A 273 25.68 -3.77 -21.00
N THR A 274 24.36 -3.83 -21.13
CA THR A 274 23.59 -5.05 -20.91
C THR A 274 23.50 -5.98 -22.09
N PHE A 275 23.66 -7.25 -21.76
CA PHE A 275 23.51 -8.39 -22.64
C PHE A 275 22.52 -9.40 -22.15
N LEU A 276 21.85 -10.04 -23.10
CA LEU A 276 20.99 -11.17 -22.77
C LEU A 276 21.79 -12.41 -23.15
N LEU A 277 22.12 -13.25 -22.18
CA LEU A 277 22.95 -14.42 -22.46
C LEU A 277 22.15 -15.70 -22.47
N LYS A 278 22.40 -16.53 -23.47
CA LYS A 278 21.70 -17.81 -23.57
C LYS A 278 22.52 -19.00 -23.14
N TYR A 279 22.03 -19.68 -22.09
CA TYR A 279 22.67 -20.87 -21.54
C TYR A 279 21.96 -22.13 -22.03
N ASN A 280 22.73 -23.09 -22.51
CA ASN A 280 22.15 -24.35 -22.99
C ASN A 280 21.95 -25.31 -21.84
N GLU A 281 21.52 -26.54 -22.11
CA GLU A 281 21.22 -27.47 -21.01
C GLU A 281 22.41 -27.90 -20.12
N ASN A 282 23.67 -27.70 -20.57
CA ASN A 282 24.90 -28.02 -19.84
C ASN A 282 25.52 -26.76 -19.20
N GLY A 283 24.84 -25.59 -19.27
CA GLY A 283 25.26 -24.32 -18.74
C GLY A 283 26.31 -23.60 -19.57
N THR A 284 26.40 -23.93 -20.85
CA THR A 284 27.37 -23.28 -21.69
C THR A 284 26.69 -22.12 -22.36
N ILE A 285 27.34 -20.97 -22.41
CA ILE A 285 26.72 -19.85 -23.10
C ILE A 285 26.90 -20.13 -24.57
N THR A 286 25.81 -20.16 -25.31
CA THR A 286 25.88 -20.45 -26.73
C THR A 286 25.54 -19.25 -27.57
N ASP A 287 24.86 -18.27 -26.99
CA ASP A 287 24.54 -17.09 -27.78
C ASP A 287 24.41 -15.85 -26.90
N ALA A 288 24.19 -14.69 -27.52
CA ALA A 288 24.01 -13.46 -26.76
C ALA A 288 23.38 -12.33 -27.59
N VAL A 289 22.68 -11.43 -26.90
CA VAL A 289 22.15 -10.23 -27.55
C VAL A 289 22.71 -8.98 -26.94
N ASP A 290 23.27 -8.12 -27.78
CA ASP A 290 23.78 -6.81 -27.35
C ASP A 290 22.59 -5.88 -27.36
N CYS A 291 22.06 -5.52 -26.17
CA CYS A 291 20.80 -4.83 -25.98
C CYS A 291 20.85 -3.39 -26.45
N ALA A 292 22.02 -2.89 -26.82
CA ALA A 292 22.09 -1.52 -27.28
C ALA A 292 22.62 -1.43 -28.70
N LEU A 293 22.64 -2.54 -29.42
CA LEU A 293 23.15 -2.53 -30.77
C LEU A 293 22.23 -1.85 -31.79
N ASP A 294 20.94 -2.18 -31.77
CA ASP A 294 19.98 -1.60 -32.70
C ASP A 294 18.58 -1.86 -32.10
N PRO A 295 17.47 -1.35 -32.70
CA PRO A 295 16.12 -1.55 -32.24
C PRO A 295 15.59 -2.98 -32.25
N LEU A 296 16.21 -3.89 -32.99
CA LEU A 296 15.68 -5.23 -32.98
C LEU A 296 16.22 -5.91 -31.77
N SER A 297 17.47 -5.62 -31.46
CA SER A 297 18.09 -6.18 -30.29
C SER A 297 17.39 -5.63 -29.06
N GLU A 298 16.98 -4.35 -29.10
CA GLU A 298 16.26 -3.81 -27.97
C GLU A 298 14.99 -4.58 -27.76
N THR A 299 14.29 -4.91 -28.85
CA THR A 299 13.07 -5.67 -28.74
C THR A 299 13.35 -7.04 -28.16
N LYS A 300 14.40 -7.71 -28.64
CA LYS A 300 14.73 -9.03 -28.11
C LYS A 300 15.00 -9.05 -26.60
N CYS A 301 15.73 -8.03 -26.08
CA CYS A 301 16.04 -7.91 -24.66
C CYS A 301 14.78 -7.59 -23.87
N THR A 302 13.93 -6.72 -24.42
CA THR A 302 12.69 -6.33 -23.76
C THR A 302 11.80 -7.53 -23.54
N LEU A 303 11.71 -8.38 -24.53
CA LEU A 303 10.86 -9.54 -24.50
C LEU A 303 11.52 -10.80 -23.96
N LYS A 304 12.79 -10.73 -23.56
CA LYS A 304 13.51 -11.89 -23.07
C LYS A 304 13.44 -13.04 -24.05
N SER A 305 13.73 -12.78 -25.31
CA SER A 305 13.68 -13.83 -26.30
C SER A 305 14.63 -13.62 -27.45
N PHE A 306 15.14 -14.70 -28.02
CA PHE A 306 15.98 -14.58 -29.19
C PHE A 306 15.16 -14.66 -30.47
N THR A 307 13.87 -14.89 -30.29
CA THR A 307 12.89 -14.98 -31.39
C THR A 307 11.77 -13.97 -31.15
N VAL A 308 11.47 -13.17 -32.16
CA VAL A 308 10.45 -12.16 -32.02
C VAL A 308 9.33 -12.34 -33.03
N GLU A 309 8.11 -12.28 -32.52
CA GLU A 309 6.89 -12.41 -33.29
C GLU A 309 6.55 -11.14 -34.02
N LYS A 310 5.70 -11.27 -35.02
CA LYS A 310 5.25 -10.11 -35.75
C LYS A 310 4.37 -9.21 -34.89
N GLY A 311 4.58 -7.90 -34.98
CA GLY A 311 3.79 -6.95 -34.22
C GLY A 311 4.55 -5.71 -33.78
N ILE A 312 3.97 -4.96 -32.85
CA ILE A 312 4.61 -3.76 -32.36
C ILE A 312 4.90 -3.87 -30.90
N TYR A 313 6.13 -3.60 -30.55
CA TYR A 313 6.50 -3.68 -29.16
C TYR A 313 7.00 -2.34 -28.69
N GLN A 314 6.66 -1.94 -27.47
CA GLN A 314 7.17 -0.68 -26.97
C GLN A 314 8.38 -1.00 -26.15
N THR A 315 9.52 -0.45 -26.56
CA THR A 315 10.77 -0.81 -25.92
C THR A 315 11.46 0.33 -25.21
N SER A 316 11.16 1.55 -25.59
CA SER A 316 11.91 2.64 -24.98
C SER A 316 11.11 3.92 -24.84
N ASN A 317 11.83 4.97 -24.46
CA ASN A 317 11.30 6.29 -24.18
C ASN A 317 12.19 7.39 -24.72
N PHE A 318 11.62 8.22 -25.57
CA PHE A 318 12.30 9.31 -26.20
C PHE A 318 12.16 10.56 -25.38
N ARG A 319 13.28 11.22 -25.12
CA ARG A 319 13.26 12.46 -24.38
C ARG A 319 14.16 13.49 -25.03
N VAL A 320 13.61 14.68 -25.25
CA VAL A 320 14.43 15.76 -25.75
C VAL A 320 15.29 16.27 -24.64
N GLN A 321 16.58 16.43 -24.91
CA GLN A 321 17.47 16.89 -23.88
C GLN A 321 17.69 18.38 -24.00
N PRO A 322 17.92 19.08 -22.89
CA PRO A 322 18.26 20.46 -22.89
C PRO A 322 19.61 20.61 -23.50
N THR A 323 19.80 21.68 -24.25
CA THR A 323 21.08 21.94 -24.86
C THR A 323 21.78 23.14 -24.26
N GLU A 324 21.03 23.99 -23.59
CA GLU A 324 21.59 25.20 -23.00
C GLU A 324 20.97 25.44 -21.65
N SER A 325 21.40 26.49 -20.99
CA SER A 325 20.84 26.85 -19.71
C SER A 325 20.67 28.36 -19.66
N ILE A 326 19.68 28.79 -18.88
CA ILE A 326 19.37 30.18 -18.70
C ILE A 326 19.34 30.60 -17.26
N VAL A 327 20.10 31.61 -16.92
CA VAL A 327 20.08 32.10 -15.57
C VAL A 327 19.70 33.58 -15.54
N ARG A 328 18.61 33.92 -14.87
CA ARG A 328 18.20 35.32 -14.90
C ARG A 328 17.90 35.87 -13.52
N PHE A 329 18.52 36.99 -13.21
CA PHE A 329 18.33 37.67 -11.94
C PHE A 329 18.11 39.16 -12.17
N PRO A 330 17.44 39.86 -11.26
CA PRO A 330 17.23 41.30 -11.30
C PRO A 330 18.57 41.99 -11.09
N ASN A 331 18.68 43.29 -11.45
CA ASN A 331 19.92 44.07 -11.38
C ASN A 331 20.24 44.52 -9.94
N ILE A 332 20.65 43.55 -9.11
CA ILE A 332 21.06 43.78 -7.72
C ILE A 332 22.56 43.69 -7.66
N THR A 333 23.19 44.80 -7.34
CA THR A 333 24.63 44.86 -7.25
C THR A 333 25.06 45.00 -5.80
N ASN A 334 24.13 45.45 -4.98
CA ASN A 334 24.31 45.68 -3.56
C ASN A 334 24.66 44.40 -2.84
N LEU A 335 25.69 44.42 -2.01
CA LEU A 335 26.05 43.20 -1.28
C LEU A 335 25.33 43.23 0.05
N CYS A 336 24.92 42.04 0.57
CA CYS A 336 24.24 41.88 1.85
C CYS A 336 25.20 42.21 2.98
N PRO A 337 24.76 43.04 3.96
CA PRO A 337 25.55 43.54 5.07
C PRO A 337 25.76 42.49 6.15
N PHE A 338 26.42 41.41 5.80
CA PHE A 338 26.67 40.40 6.79
C PHE A 338 27.78 40.90 7.69
N GLY A 339 28.70 41.67 7.16
CA GLY A 339 29.79 42.15 7.98
C GLY A 339 29.26 42.94 9.16
N GLU A 340 28.16 43.65 8.98
CA GLU A 340 27.63 44.43 10.07
C GLU A 340 27.15 43.56 11.24
N VAL A 341 26.63 42.35 10.98
CA VAL A 341 26.16 41.54 12.08
C VAL A 341 27.32 40.72 12.65
N PHE A 342 28.20 40.22 11.78
CA PHE A 342 29.31 39.37 12.20
C PHE A 342 30.52 40.08 12.83
N ASN A 343 30.88 41.29 12.36
CA ASN A 343 32.03 42.10 12.80
C ASN A 343 31.61 43.26 13.73
N ALA A 344 30.40 43.17 14.37
CA ALA A 344 29.84 44.15 15.30
C ALA A 344 30.70 44.26 16.55
N THR A 345 30.80 45.46 17.10
CA THR A 345 31.58 45.66 18.30
C THR A 345 30.82 45.22 19.53
N ARG A 346 29.51 45.27 19.45
CA ARG A 346 28.68 44.87 20.57
C ARG A 346 27.55 43.97 20.13
N PHE A 347 27.38 42.94 20.91
CA PHE A 347 26.32 41.97 20.76
C PHE A 347 25.35 42.12 21.89
N ALA A 348 24.12 41.75 21.63
CA ALA A 348 23.09 41.78 22.62
C ALA A 348 23.19 40.66 23.61
N SER A 349 22.61 40.92 24.76
CA SER A 349 22.41 39.93 25.77
C SER A 349 21.44 38.93 25.19
N VAL A 350 21.56 37.68 25.54
CA VAL A 350 20.65 36.72 24.95
C VAL A 350 19.21 36.96 25.32
N TYR A 351 18.95 37.47 26.52
CA TYR A 351 17.55 37.69 26.89
C TYR A 351 16.88 38.74 26.02
N ALA A 352 17.67 39.61 25.39
CA ALA A 352 17.19 40.71 24.59
C ALA A 352 17.96 40.73 23.29
N TRP A 353 17.82 39.66 22.54
CA TRP A 353 18.57 39.41 21.32
C TRP A 353 18.22 40.39 20.22
N ASN A 354 19.19 40.71 19.35
CA ASN A 354 18.94 41.64 18.27
C ASN A 354 18.44 40.98 17.03
N ARG A 355 17.73 41.74 16.20
CA ARG A 355 17.31 41.26 14.89
C ARG A 355 17.44 42.31 13.81
N LYS A 356 17.93 41.89 12.66
CA LYS A 356 18.01 42.74 11.49
C LYS A 356 17.51 42.04 10.22
N ARG A 357 16.90 42.82 9.32
CA ARG A 357 16.49 42.26 8.04
C ARG A 357 17.49 42.53 6.93
N ILE A 358 17.69 41.50 6.13
CA ILE A 358 18.53 41.54 4.96
C ILE A 358 17.66 41.42 3.70
N SER A 359 17.76 42.39 2.81
CA SER A 359 16.98 42.44 1.57
C SER A 359 17.65 43.25 0.48
N ASN A 360 17.22 43.05 -0.78
CA ASN A 360 17.68 43.83 -1.94
C ASN A 360 19.19 43.83 -2.06
N CYS A 361 19.75 42.60 -2.01
CA CYS A 361 21.18 42.35 -2.00
C CYS A 361 21.59 40.97 -2.49
N VAL A 362 22.91 40.87 -2.69
CA VAL A 362 23.58 39.65 -3.07
C VAL A 362 24.20 39.02 -1.84
N ALA A 363 23.75 37.82 -1.54
CA ALA A 363 24.15 37.15 -0.34
C ALA A 363 25.25 36.16 -0.58
N ASP A 364 26.44 36.54 -0.18
CA ASP A 364 27.59 35.69 -0.34
C ASP A 364 27.65 34.80 0.87
N TYR A 365 27.42 33.51 0.71
CA TYR A 365 27.42 32.61 1.83
C TYR A 365 28.74 31.89 1.94
N SER A 366 29.49 31.78 0.83
CA SER A 366 30.80 31.11 0.86
C SER A 366 31.74 31.86 1.78
N VAL A 367 31.57 33.18 1.84
CA VAL A 367 32.41 33.99 2.70
C VAL A 367 32.24 33.58 4.18
N LEU A 368 31.08 33.05 4.54
CA LEU A 368 30.90 32.65 5.92
C LEU A 368 31.23 31.18 6.05
N TYR A 369 30.78 30.38 5.11
CA TYR A 369 30.95 28.94 5.18
C TYR A 369 32.38 28.51 5.21
N ASN A 370 33.19 29.12 4.37
CA ASN A 370 34.58 28.72 4.28
C ASN A 370 35.46 29.52 5.21
N SER A 371 34.87 30.29 6.12
CA SER A 371 35.69 31.00 7.06
C SER A 371 36.07 30.03 8.15
N ALA A 372 37.36 29.91 8.35
CA ALA A 372 37.86 28.93 9.29
C ALA A 372 37.75 29.42 10.73
N SER A 373 37.32 30.66 10.92
CA SER A 373 37.21 31.22 12.26
C SER A 373 35.98 30.76 13.01
N PHE A 374 35.02 30.10 12.35
CA PHE A 374 33.83 29.72 13.09
C PHE A 374 34.03 28.40 13.84
N SER A 375 33.49 28.31 15.06
CA SER A 375 33.61 27.07 15.82
C SER A 375 32.52 26.11 15.40
N THR A 376 31.42 26.67 14.94
CA THR A 376 30.31 25.86 14.46
C THR A 376 29.54 26.57 13.35
N PHE A 377 29.01 25.76 12.44
CA PHE A 377 28.22 26.26 11.34
C PHE A 377 27.22 25.16 10.98
N LYS A 378 26.09 25.15 11.65
CA LYS A 378 25.11 24.09 11.41
C LYS A 378 23.85 24.60 10.72
N CYS A 379 23.49 24.02 9.56
CA CYS A 379 22.30 24.41 8.79
C CYS A 379 21.22 23.34 8.90
N TYR A 380 20.00 23.82 9.03
CA TYR A 380 18.82 23.01 9.14
C TYR A 380 17.90 23.25 7.97
N GLY A 381 17.61 22.17 7.26
CA GLY A 381 16.70 22.23 6.12
C GLY A 381 17.39 22.54 4.81
N VAL A 382 18.65 22.91 4.88
CA VAL A 382 19.41 23.25 3.70
C VAL A 382 20.87 22.90 3.91
N SER A 383 21.53 22.41 2.88
CA SER A 383 22.95 22.18 2.92
C SER A 383 23.71 23.50 2.95
N PRO A 384 24.73 23.66 3.78
CA PRO A 384 25.52 24.85 3.91
C PRO A 384 26.31 25.15 2.66
N THR A 385 26.46 24.17 1.77
CA THR A 385 27.25 24.39 0.59
C THR A 385 26.40 24.72 -0.62
N LYS A 386 25.07 24.73 -0.47
CA LYS A 386 24.20 25.04 -1.59
C LYS A 386 23.58 26.39 -1.43
N LEU A 387 23.93 27.10 -0.37
CA LEU A 387 23.31 28.37 -0.06
C LEU A 387 23.53 29.43 -1.11
N ASN A 388 24.65 29.39 -1.79
CA ASN A 388 24.95 30.41 -2.77
C ASN A 388 24.09 30.27 -4.01
N ASP A 389 23.44 29.13 -4.17
CA ASP A 389 22.61 28.91 -5.33
C ASP A 389 21.14 29.17 -5.07
N LEU A 390 20.81 29.57 -3.85
CA LEU A 390 19.41 29.74 -3.50
C LEU A 390 19.00 31.20 -3.35
N CYS A 391 17.72 31.48 -3.61
CA CYS A 391 17.06 32.76 -3.41
C CYS A 391 16.09 32.68 -2.25
N PHE A 392 15.92 33.79 -1.57
CA PHE A 392 15.07 33.93 -0.41
C PHE A 392 14.17 35.14 -0.55
N THR A 393 13.05 35.12 0.16
CA THR A 393 12.21 36.30 0.16
C THR A 393 13.10 37.29 0.83
N ASN A 394 13.48 36.98 2.06
CA ASN A 394 14.43 37.75 2.82
C ASN A 394 15.18 36.85 3.81
N VAL A 395 16.14 37.46 4.49
CA VAL A 395 16.90 36.76 5.50
C VAL A 395 16.90 37.53 6.81
N TYR A 396 16.62 36.83 7.90
CA TYR A 396 16.66 37.50 9.20
C TYR A 396 17.89 37.09 9.96
N ALA A 397 18.63 38.06 10.45
CA ALA A 397 19.82 37.73 11.22
C ALA A 397 19.63 38.08 12.68
N ASP A 398 19.56 37.04 13.52
CA ASP A 398 19.38 37.23 14.94
C ASP A 398 20.75 37.18 15.59
N SER A 399 21.00 38.03 16.58
CA SER A 399 22.33 38.04 17.21
C SER A 399 22.43 38.26 18.72
N PHE A 400 23.24 37.42 19.34
CA PHE A 400 23.45 37.43 20.79
C PHE A 400 24.71 36.73 21.33
N VAL A 401 25.01 36.98 22.61
CA VAL A 401 26.09 36.25 23.31
C VAL A 401 25.60 35.31 24.40
N ILE A 402 26.07 34.08 24.32
CA ILE A 402 25.79 32.97 25.24
C ILE A 402 27.04 32.26 25.73
N ARG A 403 26.87 31.38 26.71
CA ARG A 403 27.97 30.61 27.25
C ARG A 403 28.25 29.38 26.36
N GLY A 404 29.50 28.96 26.25
CA GLY A 404 29.84 27.82 25.38
C GLY A 404 29.06 26.51 25.60
N ASP A 405 28.76 26.13 26.82
CA ASP A 405 28.03 24.87 27.03
C ASP A 405 26.59 24.90 26.58
N GLU A 406 26.04 26.06 26.31
CA GLU A 406 24.65 26.16 25.93
C GLU A 406 24.51 26.51 24.45
N VAL A 407 25.60 26.45 23.70
CA VAL A 407 25.52 26.74 22.27
C VAL A 407 24.62 25.74 21.60
N ARG A 408 24.66 24.50 22.05
CA ARG A 408 23.87 23.43 21.49
C ARG A 408 22.36 23.62 21.67
N GLN A 409 21.93 24.58 22.50
CA GLN A 409 20.51 24.80 22.66
C GLN A 409 19.98 25.66 21.53
N ILE A 410 20.85 26.26 20.72
CA ILE A 410 20.30 27.09 19.68
C ILE A 410 20.08 26.19 18.49
N ALA A 411 18.96 25.51 18.56
CA ALA A 411 18.58 24.55 17.56
C ALA A 411 17.10 24.25 17.71
N PRO A 412 16.41 23.86 16.64
CA PRO A 412 15.04 23.48 16.66
C PRO A 412 14.87 22.25 17.50
N GLY A 413 13.79 22.19 18.25
CA GLY A 413 13.48 21.02 19.05
C GLY A 413 14.22 20.97 20.37
N GLN A 414 15.02 21.98 20.70
CA GLN A 414 15.75 21.88 21.95
C GLN A 414 15.05 22.55 23.09
N THR A 415 15.39 22.11 24.29
CA THR A 415 14.88 22.67 25.52
C THR A 415 16.04 23.09 26.41
N GLY A 416 15.77 23.90 27.42
CA GLY A 416 16.83 24.34 28.31
C GLY A 416 16.64 25.80 28.65
N LYS A 417 17.53 26.39 29.40
CA LYS A 417 17.24 27.75 29.82
C LYS A 417 17.28 28.77 28.71
N ILE A 418 18.07 28.55 27.68
CA ILE A 418 18.06 29.52 26.62
C ILE A 418 16.91 29.18 25.74
N ALA A 419 16.80 27.90 25.39
CA ALA A 419 15.76 27.49 24.48
C ALA A 419 14.36 27.84 24.98
N ASP A 420 14.14 27.78 26.29
CA ASP A 420 12.84 28.09 26.84
C ASP A 420 12.64 29.53 27.31
N TYR A 421 13.68 30.24 27.80
CA TYR A 421 13.39 31.58 28.31
C TYR A 421 14.06 32.76 27.61
N ASN A 422 15.02 32.52 26.73
CA ASN A 422 15.73 33.64 26.13
C ASN A 422 15.59 33.73 24.62
N TYR A 423 15.72 32.60 23.95
CA TYR A 423 15.69 32.59 22.51
C TYR A 423 15.28 31.23 22.01
N LYS A 424 14.21 31.19 21.24
CA LYS A 424 13.72 29.92 20.78
C LYS A 424 13.52 29.82 19.30
N LEU A 425 13.98 28.70 18.75
CA LEU A 425 13.77 28.40 17.34
C LEU A 425 12.63 27.40 17.25
N PRO A 426 11.80 27.48 16.21
CA PRO A 426 10.69 26.60 15.93
C PRO A 426 11.16 25.24 15.48
N ASP A 427 10.33 24.23 15.66
CA ASP A 427 10.67 22.87 15.24
C ASP A 427 10.89 22.74 13.74
N ASP A 428 10.24 23.58 12.95
CA ASP A 428 10.36 23.57 11.50
C ASP A 428 11.29 24.67 10.97
N PHE A 429 12.20 25.14 11.83
CA PHE A 429 13.16 26.14 11.46
C PHE A 429 14.02 25.82 10.28
N THR A 430 14.14 26.78 9.38
CA THR A 430 15.01 26.67 8.24
C THR A 430 16.00 27.78 8.37
N GLY A 431 17.26 27.44 8.36
CA GLY A 431 18.28 28.45 8.58
C GLY A 431 19.59 27.86 9.05
N CYS A 432 20.56 28.73 9.39
CA CYS A 432 21.91 28.33 9.83
C CYS A 432 22.28 29.01 11.15
N VAL A 433 22.86 28.22 12.03
CA VAL A 433 23.34 28.71 13.31
C VAL A 433 24.86 28.73 13.28
N ILE A 434 25.40 29.92 13.37
CA ILE A 434 26.82 30.15 13.23
C ILE A 434 27.38 30.73 14.52
N ALA A 435 28.48 30.17 15.01
CA ALA A 435 29.01 30.74 16.25
C ALA A 435 30.51 30.64 16.37
N TRP A 436 31.07 31.54 17.18
CA TRP A 436 32.50 31.56 17.42
C TRP A 436 32.87 32.08 18.80
N ASN A 437 34.06 31.71 19.26
CA ASN A 437 34.58 32.10 20.57
C ASN A 437 34.96 33.58 20.65
N SER A 438 34.58 34.25 21.75
CA SER A 438 34.89 35.67 21.97
C SER A 438 35.60 35.91 23.31
N ASN A 439 36.45 34.97 23.70
CA ASN A 439 37.13 35.08 24.98
C ASN A 439 38.09 36.26 25.02
N ASN A 440 38.56 36.75 23.86
CA ASN A 440 39.44 37.91 23.85
C ASN A 440 38.68 39.21 23.64
N LEU A 441 37.35 39.16 23.63
CA LEU A 441 36.56 40.35 23.39
C LEU A 441 35.57 40.62 24.49
N ASP A 442 34.75 39.61 24.80
CA ASP A 442 33.69 39.78 25.76
C ASP A 442 34.13 39.43 27.16
N SER A 443 35.04 38.50 27.31
CA SER A 443 35.48 38.17 28.68
C SER A 443 36.38 39.29 29.21
N LYS A 444 36.33 39.56 30.52
CA LYS A 444 37.27 40.55 31.07
C LYS A 444 37.71 40.19 32.46
N VAL A 445 38.79 40.78 32.92
CA VAL A 445 39.26 40.47 34.24
C VAL A 445 38.31 40.99 35.29
N GLY A 446 37.94 40.09 36.19
CA GLY A 446 37.01 40.33 37.27
C GLY A 446 35.60 39.86 36.91
N GLY A 447 35.37 39.63 35.61
CA GLY A 447 34.11 39.17 35.07
C GLY A 447 33.32 40.25 34.35
N ASN A 448 32.81 39.89 33.18
CA ASN A 448 31.98 40.76 32.39
C ASN A 448 30.54 40.44 32.76
N TYR A 449 29.91 41.33 33.51
CA TYR A 449 28.58 41.08 34.03
C TYR A 449 27.51 41.78 33.22
N ASN A 450 27.91 42.35 32.09
CA ASN A 450 27.00 43.09 31.22
C ASN A 450 26.10 42.17 30.42
N TYR A 451 26.55 40.97 30.12
CA TYR A 451 25.71 40.09 29.33
C TYR A 451 24.77 39.35 30.25
N LEU A 452 23.49 39.49 29.97
CA LEU A 452 22.48 38.89 30.82
C LEU A 452 21.65 37.80 30.15
N TYR A 453 21.15 36.90 30.98
CA TYR A 453 20.23 35.87 30.53
C TYR A 453 19.11 35.69 31.52
N ARG A 454 17.99 35.22 31.04
CA ARG A 454 16.84 34.94 31.89
C ARG A 454 16.96 33.51 32.37
N LEU A 455 16.86 33.33 33.66
CA LEU A 455 16.98 32.01 34.26
C LEU A 455 15.62 31.46 34.55
N PHE A 456 14.70 32.34 34.83
CA PHE A 456 13.34 31.91 35.10
C PHE A 456 12.31 32.90 34.66
N ARG A 457 11.14 32.36 34.38
CA ARG A 457 9.97 33.04 33.86
C ARG A 457 8.74 32.24 34.25
N LYS A 458 7.57 32.87 34.17
CA LYS A 458 6.28 32.23 34.47
C LYS A 458 5.90 31.11 33.49
N SER A 459 6.28 31.25 32.23
CA SER A 459 5.96 30.30 31.19
C SER A 459 7.03 30.33 30.11
N ASN A 460 7.00 29.36 29.20
CA ASN A 460 8.02 29.28 28.15
C ASN A 460 7.71 30.20 26.98
N LEU A 461 8.76 30.56 26.24
CA LEU A 461 8.65 31.37 25.03
C LEU A 461 8.20 30.59 23.83
N LYS A 462 7.56 31.29 22.91
CA LYS A 462 7.20 30.71 21.64
C LYS A 462 8.33 31.11 20.69
N PRO A 463 8.45 30.51 19.51
CA PRO A 463 9.49 30.81 18.58
C PRO A 463 9.56 32.28 18.27
N PHE A 464 10.78 32.77 18.28
CA PHE A 464 11.16 34.15 18.01
C PHE A 464 10.57 35.21 18.92
N GLU A 465 10.15 34.82 20.12
CA GLU A 465 9.70 35.82 21.09
C GLU A 465 10.86 36.41 21.87
N ARG A 466 10.66 37.61 22.39
CA ARG A 466 11.65 38.28 23.20
C ARG A 466 10.97 38.78 24.46
N ASP A 467 11.61 38.61 25.61
CA ASP A 467 11.07 39.09 26.88
C ASP A 467 12.07 39.97 27.58
N ILE A 468 11.77 41.26 27.67
CA ILE A 468 12.68 42.22 28.25
C ILE A 468 12.14 42.82 29.53
N SER A 469 11.16 42.14 30.11
CA SER A 469 10.54 42.54 31.35
C SER A 469 11.50 42.46 32.51
N THR A 470 11.35 43.40 33.44
CA THR A 470 12.15 43.45 34.65
C THR A 470 11.30 43.20 35.88
N GLU A 471 10.10 42.66 35.66
CA GLU A 471 9.19 42.35 36.74
C GLU A 471 9.82 41.31 37.65
N ILE A 472 9.71 41.52 38.95
CA ILE A 472 10.25 40.56 39.91
C ILE A 472 9.42 39.29 39.88
N TYR A 473 10.09 38.15 39.93
CA TYR A 473 9.41 36.88 39.89
C TYR A 473 9.09 36.37 41.28
N GLN A 474 7.85 36.00 41.46
CA GLN A 474 7.39 35.44 42.71
C GLN A 474 7.55 33.93 42.65
N ALA A 475 8.18 33.37 43.67
CA ALA A 475 8.45 31.96 43.76
C ALA A 475 8.07 31.47 45.13
N GLY A 476 6.82 31.71 45.48
CA GLY A 476 6.22 31.41 46.77
C GLY A 476 4.82 32.00 46.80
N SER A 477 4.18 32.02 47.96
CA SER A 477 2.81 32.51 48.09
C SER A 477 2.68 34.00 48.41
N THR A 478 3.73 34.62 48.94
CA THR A 478 3.67 36.02 49.34
C THR A 478 4.00 36.98 48.19
N PRO A 479 3.15 37.97 47.88
CA PRO A 479 3.41 38.98 46.86
C PRO A 479 4.73 39.67 47.15
N CYS A 480 5.56 39.90 46.10
CA CYS A 480 6.89 40.50 46.24
C CYS A 480 6.83 42.02 46.25
N ASN A 481 5.89 42.57 45.50
CA ASN A 481 5.71 44.01 45.39
C ASN A 481 7.01 44.72 44.98
N GLY A 482 7.77 44.10 44.09
CA GLY A 482 9.01 44.67 43.58
C GLY A 482 10.26 44.47 44.45
N VAL A 483 10.14 43.76 45.57
CA VAL A 483 11.30 43.62 46.45
C VAL A 483 11.79 42.17 46.61
N GLU A 484 13.09 41.99 46.41
CA GLU A 484 13.75 40.69 46.53
C GLU A 484 13.85 40.27 48.00
N GLY A 485 13.89 38.96 48.24
CA GLY A 485 13.92 38.45 49.61
C GLY A 485 13.54 36.98 49.59
N PHE A 486 13.09 36.43 50.71
CA PHE A 486 12.76 35.02 50.64
C PHE A 486 11.64 34.89 49.63
N ASN A 487 11.76 33.91 48.75
CA ASN A 487 10.77 33.60 47.70
C ASN A 487 10.53 34.69 46.64
N CYS A 488 11.42 35.71 46.53
CA CYS A 488 11.34 36.80 45.53
C CYS A 488 12.67 36.98 44.86
N TYR A 489 12.66 36.82 43.54
CA TYR A 489 13.89 36.91 42.81
C TYR A 489 13.82 37.71 41.50
N PHE A 490 14.88 38.43 41.17
CA PHE A 490 14.94 39.09 39.88
C PHE A 490 15.33 38.03 38.83
N PRO A 491 14.59 37.87 37.71
CA PRO A 491 14.77 36.83 36.68
C PRO A 491 16.01 36.82 35.82
N LEU A 492 16.75 37.95 35.74
CA LEU A 492 17.93 37.99 34.91
C LEU A 492 19.20 37.86 35.73
N GLN A 493 20.10 37.05 35.23
CA GLN A 493 21.37 36.76 35.86
C GLN A 493 22.49 37.27 34.95
N SER A 494 23.64 37.62 35.51
CA SER A 494 24.77 37.98 34.68
C SER A 494 25.62 36.77 34.38
N TYR A 495 26.34 36.80 33.26
CA TYR A 495 27.29 35.72 33.02
C TYR A 495 28.61 35.92 33.76
N GLY A 496 29.14 37.14 33.83
CA GLY A 496 30.39 37.29 34.57
C GLY A 496 31.55 36.63 33.86
N PHE A 497 31.58 36.73 32.54
CA PHE A 497 32.61 36.02 31.78
C PHE A 497 34.02 36.47 32.13
N GLN A 498 34.91 35.50 32.37
CA GLN A 498 36.31 35.76 32.73
C GLN A 498 37.27 35.06 31.77
N PRO A 499 38.44 35.66 31.44
CA PRO A 499 39.46 35.12 30.57
C PRO A 499 39.97 33.74 30.91
N THR A 500 39.95 33.39 32.19
CA THR A 500 40.46 32.12 32.63
C THR A 500 39.42 31.06 32.83
N ASN A 501 38.19 31.33 32.43
CA ASN A 501 37.17 30.31 32.54
C ASN A 501 37.52 29.18 31.59
N GLY A 502 37.06 27.97 31.91
CA GLY A 502 37.32 26.87 30.99
C GLY A 502 36.44 27.10 29.79
N VAL A 503 36.62 26.31 28.75
CA VAL A 503 35.92 26.58 27.49
C VAL A 503 34.41 26.61 27.59
N GLY A 504 33.82 25.71 28.37
CA GLY A 504 32.37 25.67 28.49
C GLY A 504 31.81 26.95 29.11
N TYR A 505 32.67 27.70 29.80
CA TYR A 505 32.30 28.92 30.47
C TYR A 505 32.80 30.17 29.76
N GLN A 506 33.33 30.00 28.55
CA GLN A 506 33.78 31.15 27.78
C GLN A 506 32.58 31.61 26.99
N PRO A 507 32.50 32.90 26.64
CA PRO A 507 31.48 33.47 25.79
C PRO A 507 31.64 33.08 24.36
N TYR A 508 30.50 32.97 23.69
CA TYR A 508 30.40 32.76 22.26
C TYR A 508 29.41 33.72 21.62
N ARG A 509 29.82 34.21 20.46
CA ARG A 509 28.99 35.08 19.68
C ARG A 509 28.22 34.24 18.70
N VAL A 510 26.91 34.43 18.69
CA VAL A 510 26.05 33.62 17.86
C VAL A 510 25.20 34.44 16.91
N VAL A 511 25.23 34.04 15.65
CA VAL A 511 24.40 34.66 14.64
C VAL A 511 23.52 33.60 14.00
N VAL A 512 22.23 33.84 13.98
CA VAL A 512 21.32 32.88 13.39
C VAL A 512 20.68 33.44 12.15
N LEU A 513 20.86 32.77 11.03
CA LEU A 513 20.27 33.24 9.79
C LEU A 513 19.05 32.43 9.48
N SER A 514 17.90 33.06 9.58
CA SER A 514 16.63 32.42 9.33
C SER A 514 16.21 32.70 7.91
N PHE A 515 15.96 31.65 7.14
CA PHE A 515 15.66 31.81 5.73
C PHE A 515 14.19 31.71 5.42
N GLU A 516 13.63 32.78 4.89
CA GLU A 516 12.21 32.74 4.56
C GLU A 516 11.99 32.39 3.11
N LEU A 517 11.17 31.37 2.88
CA LEU A 517 10.84 30.89 1.55
C LEU A 517 9.34 30.99 1.33
N LEU A 518 8.95 31.65 0.24
CA LEU A 518 7.57 31.90 -0.14
C LEU A 518 7.52 32.01 -1.64
N HIS A 519 6.32 32.06 -2.21
CA HIS A 519 6.15 32.27 -3.66
C HIS A 519 6.49 33.71 -4.04
N ALA A 520 6.57 34.56 -3.01
CA ALA A 520 6.83 35.97 -3.14
C ALA A 520 8.16 36.10 -3.85
N PRO A 521 8.36 37.11 -4.68
CA PRO A 521 9.57 37.25 -5.44
C PRO A 521 10.73 37.40 -4.51
N ALA A 522 11.81 36.71 -4.81
CA ALA A 522 12.98 36.81 -4.00
C ALA A 522 13.52 38.20 -4.01
N THR A 523 13.94 38.66 -2.83
CA THR A 523 14.51 39.97 -2.70
C THR A 523 16.01 39.80 -2.40
N VAL A 524 16.40 38.58 -2.02
CA VAL A 524 17.78 38.21 -1.71
C VAL A 524 18.19 36.98 -2.54
N CYS A 525 19.32 37.03 -3.28
CA CYS A 525 19.85 35.90 -4.08
C CYS A 525 21.34 35.83 -3.91
N GLY A 526 21.93 34.69 -4.23
CA GLY A 526 23.37 34.53 -4.12
C GLY A 526 24.10 35.18 -5.29
N PRO A 527 25.43 35.03 -5.32
CA PRO A 527 26.36 35.63 -6.26
C PRO A 527 26.39 34.90 -7.58
N LYS A 528 25.29 34.92 -8.28
CA LYS A 528 25.21 34.22 -9.54
C LYS A 528 25.26 35.22 -10.66
N LYS A 529 25.72 34.80 -11.81
CA LYS A 529 25.73 35.68 -12.95
C LYS A 529 24.66 35.26 -13.91
N SER A 530 24.02 36.23 -14.51
CA SER A 530 23.01 35.94 -15.48
C SER A 530 23.61 35.61 -16.82
N THR A 531 22.76 35.05 -17.66
CA THR A 531 23.05 34.70 -19.03
C THR A 531 22.03 35.35 -19.89
N ASN A 532 22.22 35.26 -21.20
CA ASN A 532 21.24 35.78 -22.11
C ASN A 532 20.07 34.85 -22.15
N LEU A 533 18.91 35.41 -22.39
CA LEU A 533 17.70 34.65 -22.52
C LEU A 533 17.61 34.08 -23.92
N VAL A 534 17.20 32.83 -24.07
CA VAL A 534 16.99 32.31 -25.41
C VAL A 534 15.62 31.73 -25.48
N LYS A 535 15.08 31.70 -26.67
CA LYS A 535 13.75 31.18 -26.91
C LYS A 535 13.74 30.07 -27.94
N ASN A 536 12.70 29.25 -27.83
CA ASN A 536 12.42 28.12 -28.71
C ASN A 536 13.49 27.04 -28.71
N LYS A 537 14.12 26.82 -27.57
CA LYS A 537 15.11 25.79 -27.35
C LYS A 537 14.77 25.11 -26.04
N CYS A 538 15.22 23.84 -25.83
CA CYS A 538 15.06 23.13 -24.56
C CYS A 538 16.26 23.48 -23.68
N VAL A 539 15.92 24.12 -22.56
CA VAL A 539 16.93 24.61 -21.65
C VAL A 539 16.69 24.29 -20.19
N ASN A 540 17.76 24.37 -19.43
CA ASN A 540 17.71 24.27 -17.99
C ASN A 540 17.63 25.69 -17.47
N PHE A 541 16.54 26.08 -16.85
CA PHE A 541 16.42 27.48 -16.45
C PHE A 541 16.27 27.74 -14.96
N ASN A 542 16.63 28.97 -14.58
CA ASN A 542 16.46 29.54 -13.25
C ASN A 542 16.06 31.01 -13.29
N PHE A 543 14.80 31.31 -13.01
CA PHE A 543 14.33 32.69 -13.03
C PHE A 543 14.13 33.23 -11.63
N ASN A 544 15.09 33.99 -11.15
CA ASN A 544 15.08 34.56 -9.81
C ASN A 544 14.78 33.49 -8.76
N GLY A 545 15.41 32.32 -8.90
CA GLY A 545 15.23 31.23 -7.97
C GLY A 545 14.20 30.17 -8.39
N LEU A 546 13.39 30.44 -9.40
CA LEU A 546 12.40 29.46 -9.86
C LEU A 546 12.94 28.64 -11.01
N THR A 547 13.14 27.36 -10.75
CA THR A 547 13.78 26.51 -11.73
C THR A 547 12.89 25.49 -12.39
N GLY A 548 13.41 24.95 -13.48
CA GLY A 548 12.77 23.88 -14.23
C GLY A 548 13.48 23.65 -15.55
N THR A 549 12.97 22.71 -16.32
CA THR A 549 13.53 22.39 -17.62
C THR A 549 12.40 22.54 -18.60
N GLY A 550 12.63 23.22 -19.70
CA GLY A 550 11.56 23.41 -20.66
C GLY A 550 11.92 24.32 -21.80
N VAL A 551 10.93 24.65 -22.58
CA VAL A 551 11.08 25.50 -23.74
C VAL A 551 10.38 26.80 -23.49
N LEU A 552 11.08 27.90 -23.64
CA LEU A 552 10.48 29.18 -23.36
C LEU A 552 10.05 29.86 -24.64
N THR A 553 8.85 30.42 -24.62
CA THR A 553 8.35 31.18 -25.76
C THR A 553 7.75 32.47 -25.25
N GLU A 554 7.50 33.43 -26.12
CA GLU A 554 6.85 34.65 -25.63
C GLU A 554 5.38 34.36 -25.43
N SER A 555 4.81 34.85 -24.33
CA SER A 555 3.40 34.62 -24.08
C SER A 555 2.56 35.69 -24.73
N ASN A 556 1.26 35.44 -24.80
CA ASN A 556 0.32 36.42 -25.30
C ASN A 556 -0.75 36.70 -24.26
N LYS A 557 -0.40 36.53 -23.00
CA LYS A 557 -1.34 36.74 -21.91
C LYS A 557 -0.92 37.89 -21.06
N LYS A 558 -1.85 38.46 -20.31
CA LYS A 558 -1.47 39.58 -19.48
C LYS A 558 -1.49 39.26 -18.01
N PHE A 559 -0.41 39.61 -17.35
CA PHE A 559 -0.30 39.49 -15.91
C PHE A 559 -0.70 40.79 -15.30
N LEU A 560 -1.22 40.74 -14.11
CA LEU A 560 -1.50 41.96 -13.42
C LEU A 560 -0.11 42.50 -13.05
N PRO A 561 0.07 43.80 -12.82
CA PRO A 561 1.33 44.45 -12.50
C PRO A 561 2.10 43.89 -11.32
N PHE A 562 1.44 43.17 -10.44
CA PHE A 562 2.09 42.63 -9.28
C PHE A 562 2.39 41.14 -9.36
N GLN A 563 1.89 40.45 -10.40
CA GLN A 563 2.05 39.02 -10.48
C GLN A 563 3.41 38.66 -11.02
N GLN A 564 4.01 37.62 -10.44
CA GLN A 564 5.38 37.24 -10.81
C GLN A 564 5.52 36.04 -11.72
N PHE A 565 4.56 35.16 -11.64
CA PHE A 565 4.56 33.93 -12.40
C PHE A 565 3.14 33.48 -12.44
N GLY A 566 2.83 32.55 -13.30
CA GLY A 566 1.50 31.99 -13.31
C GLY A 566 1.54 30.49 -13.24
N ARG A 567 0.37 29.92 -13.01
CA ARG A 567 0.19 28.48 -12.93
C ARG A 567 -1.02 27.99 -13.68
N ASP A 568 -0.99 26.72 -14.05
CA ASP A 568 -2.08 26.09 -14.78
C ASP A 568 -3.06 25.37 -13.83
N ILE A 569 -3.97 24.62 -14.42
CA ILE A 569 -5.01 23.86 -13.73
C ILE A 569 -4.46 22.77 -12.79
N ALA A 570 -3.25 22.31 -13.07
CA ALA A 570 -2.56 21.26 -12.33
C ALA A 570 -1.72 21.87 -11.23
N ASP A 571 -1.80 23.18 -11.13
CA ASP A 571 -1.03 23.99 -10.22
C ASP A 571 0.47 23.85 -10.49
N THR A 572 0.87 23.80 -11.76
CA THR A 572 2.30 23.78 -12.00
C THR A 572 2.67 25.08 -12.65
N THR A 573 3.96 25.34 -12.84
CA THR A 573 4.32 26.63 -13.40
C THR A 573 3.93 26.66 -14.86
N ASP A 574 3.21 27.70 -15.24
CA ASP A 574 2.75 27.89 -16.60
C ASP A 574 3.58 28.93 -17.33
N ALA A 575 3.91 29.99 -16.60
CA ALA A 575 4.59 31.13 -17.19
C ALA A 575 5.37 31.89 -16.15
N VAL A 576 6.37 32.64 -16.58
CA VAL A 576 7.13 33.48 -15.66
C VAL A 576 7.35 34.90 -16.16
N ARG A 577 7.61 35.80 -15.24
CA ARG A 577 8.01 37.14 -15.59
C ARG A 577 9.52 37.23 -15.53
N ASP A 578 10.14 37.58 -16.64
CA ASP A 578 11.59 37.70 -16.63
C ASP A 578 11.97 38.86 -15.71
N PRO A 579 12.93 38.69 -14.78
CA PRO A 579 13.35 39.71 -13.87
C PRO A 579 14.11 40.90 -14.45
N GLN A 580 14.67 40.83 -15.67
CA GLN A 580 15.40 42.00 -16.15
C GLN A 580 14.56 42.76 -17.15
N THR A 581 13.86 42.03 -17.98
CA THR A 581 12.99 42.64 -18.95
C THR A 581 11.66 42.21 -18.46
N LEU A 582 10.77 43.12 -18.17
CA LEU A 582 9.58 42.64 -17.53
C LEU A 582 8.51 42.21 -18.53
N GLU A 583 8.79 41.07 -19.14
CA GLU A 583 8.00 40.44 -20.17
C GLU A 583 7.60 39.07 -19.69
N ILE A 584 6.51 38.54 -20.22
CA ILE A 584 6.05 37.25 -19.79
C ILE A 584 6.33 36.16 -20.80
N LEU A 585 6.94 35.11 -20.30
CA LEU A 585 7.31 33.93 -21.08
C LEU A 585 6.47 32.75 -20.68
N ASP A 586 6.09 31.94 -21.66
CA ASP A 586 5.36 30.71 -21.39
C ASP A 586 6.31 29.54 -21.32
N ILE A 587 6.03 28.58 -20.46
CA ILE A 587 6.90 27.42 -20.39
C ILE A 587 6.23 26.17 -20.92
N THR A 588 6.81 25.63 -21.96
CA THR A 588 6.29 24.44 -22.60
C THR A 588 7.21 23.27 -22.22
N PRO A 589 6.72 22.12 -21.78
CA PRO A 589 7.55 20.97 -21.48
C PRO A 589 8.30 20.56 -22.72
N CYS A 590 9.54 20.02 -22.60
CA CYS A 590 10.35 19.53 -23.72
C CYS A 590 9.68 18.23 -24.22
N SER A 591 9.62 18.07 -25.52
CA SER A 591 8.91 16.94 -26.13
C SER A 591 9.43 15.59 -25.70
N PHE A 592 8.51 14.68 -25.54
CA PHE A 592 8.82 13.32 -25.16
C PHE A 592 7.75 12.39 -25.64
N GLY A 593 8.05 11.10 -25.67
CA GLY A 593 7.03 10.10 -25.97
C GLY A 593 7.60 8.69 -26.01
N GLY A 594 6.75 7.69 -26.11
CA GLY A 594 7.23 6.32 -26.13
C GLY A 594 7.82 5.96 -27.48
N VAL A 595 8.62 4.92 -27.49
CA VAL A 595 9.22 4.45 -28.71
C VAL A 595 8.91 2.99 -28.93
N SER A 596 8.37 2.69 -30.09
CA SER A 596 8.04 1.31 -30.38
C SER A 596 8.60 0.82 -31.70
N VAL A 597 8.85 -0.47 -31.73
CA VAL A 597 9.42 -1.12 -32.88
C VAL A 597 8.43 -1.99 -33.59
N ILE A 598 8.29 -1.72 -34.86
CA ILE A 598 7.36 -2.36 -35.76
C ILE A 598 8.10 -3.40 -36.55
N THR A 599 7.72 -4.65 -36.40
CA THR A 599 8.50 -5.66 -37.07
C THR A 599 7.72 -6.85 -37.58
N PRO A 600 8.12 -7.47 -38.70
CA PRO A 600 7.65 -8.73 -39.19
C PRO A 600 8.29 -9.67 -38.24
N GLY A 601 7.89 -10.91 -38.16
CA GLY A 601 8.63 -11.71 -37.21
C GLY A 601 10.02 -12.00 -37.74
N THR A 602 10.88 -12.44 -36.82
CA THR A 602 12.29 -12.77 -37.14
C THR A 602 12.48 -14.02 -38.00
N ASN A 603 11.40 -14.81 -38.20
CA ASN A 603 11.36 -15.97 -39.08
C ASN A 603 11.29 -15.53 -40.57
N THR A 604 11.03 -14.22 -40.85
CA THR A 604 10.92 -13.61 -42.17
C THR A 604 12.02 -12.59 -42.41
N SER A 605 12.21 -11.66 -41.48
CA SER A 605 13.19 -10.60 -41.71
C SER A 605 13.73 -9.95 -40.45
N ASN A 606 14.88 -9.31 -40.58
CA ASN A 606 15.47 -8.56 -39.47
C ASN A 606 15.39 -7.06 -39.72
N GLN A 607 14.56 -6.66 -40.66
CA GLN A 607 14.34 -5.26 -40.96
C GLN A 607 13.26 -4.74 -40.05
N VAL A 608 13.46 -3.59 -39.43
CA VAL A 608 12.44 -3.04 -38.56
C VAL A 608 12.15 -1.58 -38.86
N ALA A 609 11.00 -1.09 -38.42
CA ALA A 609 10.66 0.33 -38.51
C ALA A 609 10.43 0.85 -37.11
N VAL A 610 10.74 2.12 -36.85
CA VAL A 610 10.54 2.64 -35.51
C VAL A 610 9.63 3.84 -35.43
N LEU A 611 8.68 3.78 -34.51
CA LEU A 611 7.73 4.85 -34.29
C LEU A 611 8.00 5.66 -33.02
N TYR A 612 8.05 6.97 -33.18
CA TYR A 612 8.20 7.89 -32.05
C TYR A 612 6.83 8.53 -31.86
N GLN A 613 6.15 8.07 -30.82
CA GLN A 613 4.72 8.28 -30.65
C GLN A 613 4.18 9.69 -30.54
N ASP A 614 4.87 10.56 -29.84
CA ASP A 614 4.36 11.92 -29.65
C ASP A 614 5.22 13.00 -30.21
N VAL A 615 6.07 12.70 -31.19
CA VAL A 615 6.95 13.77 -31.61
C VAL A 615 6.93 14.07 -33.10
N ASN A 616 7.49 15.25 -33.44
CA ASN A 616 7.71 15.76 -34.79
C ASN A 616 8.95 15.06 -35.39
N CYS A 617 8.92 14.80 -36.69
CA CYS A 617 10.05 14.24 -37.42
C CYS A 617 11.20 15.24 -37.49
N THR A 618 10.91 16.50 -37.19
CA THR A 618 11.93 17.52 -37.14
C THR A 618 12.64 17.54 -35.78
N GLU A 619 12.06 16.90 -34.78
CA GLU A 619 12.62 16.85 -33.42
C GLU A 619 13.55 15.64 -33.18
N VAL A 620 13.24 14.49 -33.82
CA VAL A 620 13.98 13.24 -33.68
C VAL A 620 14.86 13.06 -34.91
N ASN A 641 13.61 8.30 -45.72
CA ASN A 641 12.51 7.34 -45.63
C ASN A 641 11.77 7.56 -44.28
N VAL A 642 11.25 8.80 -44.09
CA VAL A 642 10.55 9.27 -42.89
C VAL A 642 9.16 9.78 -43.20
N PHE A 643 8.19 9.28 -42.45
CA PHE A 643 6.79 9.63 -42.62
C PHE A 643 6.14 10.18 -41.36
N GLN A 644 5.54 11.35 -41.44
CA GLN A 644 4.90 11.94 -40.27
C GLN A 644 3.43 11.60 -40.24
N THR A 645 2.97 11.00 -39.16
CA THR A 645 1.56 10.72 -39.03
C THR A 645 0.99 11.16 -37.70
N ARG A 646 -0.30 10.98 -37.53
CA ARG A 646 -0.96 11.42 -36.29
C ARG A 646 -0.65 10.55 -35.12
N ALA A 647 -0.11 9.38 -35.42
CA ALA A 647 0.27 8.41 -34.44
C ALA A 647 1.72 8.58 -34.02
N GLY A 648 2.43 9.56 -34.60
CA GLY A 648 3.84 9.75 -34.29
C GLY A 648 4.68 9.81 -35.57
N CYS A 649 6.02 9.90 -35.42
CA CYS A 649 6.96 9.96 -36.54
C CYS A 649 7.44 8.53 -36.81
N LEU A 650 7.18 8.06 -38.01
CA LEU A 650 7.53 6.72 -38.39
C LEU A 650 8.74 6.69 -39.28
N ILE A 651 9.79 6.05 -38.81
CA ILE A 651 11.03 6.02 -39.54
C ILE A 651 11.42 4.63 -40.03
N GLY A 652 11.70 4.53 -41.32
CA GLY A 652 12.12 3.27 -41.94
C GLY A 652 11.05 2.55 -42.76
N ALA A 653 9.80 2.91 -42.59
CA ALA A 653 8.75 2.31 -43.39
C ALA A 653 8.52 3.16 -44.62
N GLU A 654 8.23 2.54 -45.74
CA GLU A 654 7.94 3.31 -46.94
C GLU A 654 6.47 3.56 -47.09
N HIS A 655 6.07 4.81 -47.08
CA HIS A 655 4.67 5.10 -47.23
C HIS A 655 4.23 4.97 -48.67
N VAL A 656 3.09 4.33 -48.87
CA VAL A 656 2.54 4.21 -50.20
C VAL A 656 1.12 4.73 -50.16
N ASN A 657 0.51 5.10 -51.32
CA ASN A 657 -0.87 5.60 -51.37
C ASN A 657 -1.90 4.56 -51.89
N ASN A 658 -1.55 3.25 -51.77
CA ASN A 658 -2.43 2.12 -52.07
C ASN A 658 -3.25 1.81 -50.81
N SER A 659 -4.11 0.83 -50.89
CA SER A 659 -4.93 0.51 -49.73
C SER A 659 -5.00 -0.98 -49.55
N TYR A 660 -4.70 -1.41 -48.35
CA TYR A 660 -4.61 -2.84 -48.07
C TYR A 660 -5.27 -3.21 -46.78
N GLU A 661 -5.58 -4.46 -46.61
CA GLU A 661 -6.10 -4.92 -45.34
C GLU A 661 -5.01 -4.68 -44.30
N CYS A 662 -5.39 -4.36 -43.06
CA CYS A 662 -4.49 -4.09 -41.94
C CYS A 662 -3.78 -5.36 -41.48
N ASP A 663 -2.49 -5.22 -41.20
CA ASP A 663 -1.71 -6.31 -40.68
C ASP A 663 -1.18 -5.83 -39.32
N ILE A 664 -0.12 -5.02 -39.30
CA ILE A 664 0.34 -4.54 -38.02
C ILE A 664 -0.22 -3.13 -37.83
N PRO A 665 -1.11 -2.87 -36.88
CA PRO A 665 -1.74 -1.59 -36.70
C PRO A 665 -0.79 -0.57 -36.16
N ILE A 666 -0.88 0.66 -36.61
CA ILE A 666 -0.10 1.75 -36.04
C ILE A 666 -0.98 2.72 -35.29
N GLY A 667 -2.06 3.15 -35.93
CA GLY A 667 -3.00 4.08 -35.32
C GLY A 667 -3.49 5.15 -36.28
N ALA A 668 -4.64 5.74 -35.97
CA ALA A 668 -5.21 6.81 -36.75
C ALA A 668 -5.37 6.47 -38.24
N GLY A 669 -5.83 5.26 -38.53
CA GLY A 669 -6.07 4.83 -39.89
C GLY A 669 -4.89 4.16 -40.59
N ILE A 670 -3.72 4.16 -39.96
CA ILE A 670 -2.51 3.61 -40.54
C ILE A 670 -2.07 2.26 -39.96
N CYS A 671 -1.70 1.33 -40.88
CA CYS A 671 -1.15 -0.01 -40.63
C CYS A 671 0.15 -0.18 -41.43
N ALA A 672 0.87 -1.24 -41.11
CA ALA A 672 2.10 -1.56 -41.83
C ALA A 672 2.23 -3.04 -42.08
N SER A 673 3.00 -3.37 -43.10
CA SER A 673 3.25 -4.75 -43.47
C SER A 673 4.56 -4.91 -44.19
N TYR A 674 5.02 -6.15 -44.33
CA TYR A 674 6.26 -6.44 -45.03
C TYR A 674 5.94 -7.11 -46.35
N GLN A 675 6.33 -6.48 -47.45
CA GLN A 675 6.01 -7.05 -48.76
C GLN A 675 6.97 -6.49 -49.83
N THR A 676 6.85 -6.93 -51.11
CA THR A 676 7.66 -6.52 -52.27
C THR A 676 7.87 -4.97 -52.32
N SER A 689 13.88 -7.43 -52.55
CA SER A 689 12.82 -6.47 -52.89
C SER A 689 11.69 -6.33 -51.83
N GLN A 690 11.77 -7.08 -50.70
CA GLN A 690 10.77 -7.09 -49.62
C GLN A 690 11.15 -6.10 -48.52
N SER A 691 10.26 -5.17 -48.23
CA SER A 691 10.49 -4.12 -47.25
C SER A 691 9.23 -3.71 -46.49
N ILE A 692 9.43 -3.01 -45.39
CA ILE A 692 8.30 -2.54 -44.60
C ILE A 692 7.66 -1.32 -45.22
N ILE A 693 6.33 -1.36 -45.37
CA ILE A 693 5.59 -0.26 -45.92
C ILE A 693 4.52 0.20 -44.96
N ALA A 694 4.07 1.43 -45.14
CA ALA A 694 2.98 2.00 -44.37
C ALA A 694 1.84 2.39 -45.28
N TYR A 695 0.62 2.18 -44.84
CA TYR A 695 -0.53 2.49 -45.66
C TYR A 695 -1.80 2.76 -44.89
N THR A 696 -2.75 3.39 -45.56
CA THR A 696 -4.08 3.54 -45.01
C THR A 696 -4.76 2.20 -45.20
N MET A 697 -5.41 1.73 -44.16
CA MET A 697 -6.05 0.44 -44.27
C MET A 697 -7.36 0.51 -45.03
N SER A 698 -7.68 -0.58 -45.70
CA SER A 698 -8.93 -0.78 -46.38
C SER A 698 -9.96 -1.30 -45.43
N LEU A 699 -11.22 -0.92 -45.62
CA LEU A 699 -12.25 -1.47 -44.77
C LEU A 699 -12.95 -2.63 -45.46
N GLY A 700 -12.51 -2.96 -46.65
CA GLY A 700 -13.12 -4.02 -47.43
C GLY A 700 -13.42 -3.54 -48.85
N ALA A 701 -13.84 -4.48 -49.69
CA ALA A 701 -14.17 -4.21 -51.07
C ALA A 701 -15.49 -3.50 -51.12
N GLU A 702 -15.73 -2.73 -52.16
CA GLU A 702 -17.02 -2.08 -52.30
C GLU A 702 -18.02 -2.97 -53.02
N ASN A 703 -19.29 -2.80 -52.71
CA ASN A 703 -20.36 -3.55 -53.36
C ASN A 703 -21.63 -2.74 -53.60
N SER A 704 -21.88 -2.43 -54.86
CA SER A 704 -23.07 -1.69 -55.22
C SER A 704 -24.17 -2.71 -55.51
N VAL A 705 -25.19 -2.74 -54.69
CA VAL A 705 -26.27 -3.69 -54.81
C VAL A 705 -27.24 -3.21 -55.86
N ALA A 706 -27.64 -4.09 -56.76
CA ALA A 706 -28.54 -3.70 -57.84
C ALA A 706 -29.98 -3.59 -57.41
N TYR A 707 -30.23 -2.63 -56.57
CA TYR A 707 -31.54 -2.36 -56.02
C TYR A 707 -32.44 -1.70 -57.05
N SER A 708 -33.67 -2.13 -57.10
CA SER A 708 -34.69 -1.52 -57.92
C SER A 708 -35.98 -1.84 -57.22
N ASN A 709 -37.10 -1.24 -57.65
CA ASN A 709 -38.42 -1.47 -57.06
C ASN A 709 -39.12 -2.76 -57.55
N ASN A 710 -38.51 -3.54 -58.49
CA ASN A 710 -39.07 -4.77 -59.04
C ASN A 710 -38.07 -5.88 -59.29
N SER A 711 -36.97 -5.94 -58.54
CA SER A 711 -35.99 -7.00 -58.80
C SER A 711 -35.57 -7.68 -57.53
N ILE A 712 -35.61 -9.00 -57.55
CA ILE A 712 -35.25 -9.77 -56.39
C ILE A 712 -34.19 -10.80 -56.74
N ALA A 713 -33.20 -10.99 -55.88
CA ALA A 713 -32.24 -12.04 -56.16
C ALA A 713 -32.56 -13.24 -55.29
N ILE A 714 -32.55 -14.42 -55.90
CA ILE A 714 -32.89 -15.66 -55.20
C ILE A 714 -31.82 -16.73 -55.46
N PRO A 715 -31.25 -17.38 -54.44
CA PRO A 715 -30.25 -18.41 -54.58
C PRO A 715 -30.84 -19.62 -55.23
N THR A 716 -30.10 -20.24 -56.13
CA THR A 716 -30.53 -21.49 -56.75
C THR A 716 -29.77 -22.74 -56.25
N ASN A 717 -28.77 -22.53 -55.35
CA ASN A 717 -27.88 -23.53 -54.77
C ASN A 717 -27.43 -23.01 -53.41
N PHE A 718 -26.74 -23.86 -52.62
CA PHE A 718 -26.25 -23.58 -51.28
C PHE A 718 -25.05 -24.43 -50.93
N THR A 719 -24.34 -24.00 -49.91
CA THR A 719 -23.28 -24.79 -49.36
C THR A 719 -23.41 -24.98 -47.87
N ILE A 720 -22.68 -25.95 -47.37
CA ILE A 720 -22.63 -26.24 -45.96
C ILE A 720 -21.28 -25.84 -45.44
N SER A 721 -21.28 -25.02 -44.43
CA SER A 721 -20.06 -24.53 -43.83
C SER A 721 -19.92 -24.96 -42.41
N VAL A 722 -18.72 -25.32 -41.99
CA VAL A 722 -18.55 -25.65 -40.60
C VAL A 722 -17.45 -24.77 -40.07
N THR A 723 -17.74 -24.01 -39.03
CA THR A 723 -16.74 -23.10 -38.50
C THR A 723 -16.37 -23.43 -37.09
N THR A 724 -15.24 -22.92 -36.63
CA THR A 724 -14.79 -23.21 -35.28
C THR A 724 -14.78 -22.00 -34.37
N GLU A 725 -15.39 -22.15 -33.19
CA GLU A 725 -15.40 -21.10 -32.19
C GLU A 725 -14.76 -21.58 -30.90
N ILE A 726 -13.81 -20.82 -30.40
CA ILE A 726 -13.08 -21.24 -29.22
C ILE A 726 -13.29 -20.34 -28.02
N LEU A 727 -13.69 -20.92 -26.90
CA LEU A 727 -13.91 -20.15 -25.68
C LEU A 727 -13.16 -20.71 -24.47
N PRO A 728 -12.49 -19.89 -23.67
CA PRO A 728 -11.94 -20.25 -22.39
C PRO A 728 -13.04 -20.60 -21.44
N VAL A 729 -12.79 -21.55 -20.57
CA VAL A 729 -13.74 -21.91 -19.52
C VAL A 729 -13.14 -21.73 -18.13
N SER A 730 -11.87 -22.09 -17.97
CA SER A 730 -11.27 -22.09 -16.64
C SER A 730 -9.79 -21.76 -16.67
N MET A 731 -9.22 -21.57 -15.49
CA MET A 731 -7.78 -21.33 -15.33
C MET A 731 -7.24 -22.14 -14.18
N THR A 732 -5.93 -22.27 -14.12
CA THR A 732 -5.27 -23.04 -13.08
C THR A 732 -5.62 -22.58 -11.69
N LYS A 733 -5.97 -23.55 -10.86
CA LYS A 733 -6.36 -23.32 -9.48
C LYS A 733 -5.16 -23.16 -8.60
N THR A 734 -4.53 -22.01 -8.67
CA THR A 734 -3.34 -21.83 -7.88
C THR A 734 -3.73 -21.44 -6.48
N SER A 735 -2.77 -21.55 -5.58
CA SER A 735 -2.93 -21.14 -4.21
C SER A 735 -1.61 -20.66 -3.65
N VAL A 736 -1.65 -19.60 -2.86
CA VAL A 736 -0.44 -19.04 -2.28
C VAL A 736 -0.58 -18.93 -0.78
N ASP A 737 0.38 -19.46 -0.06
CA ASP A 737 0.43 -19.39 1.38
C ASP A 737 0.93 -18.00 1.82
N CYS A 738 0.05 -17.18 2.45
CA CYS A 738 0.32 -15.78 2.83
C CYS A 738 1.45 -15.63 3.86
N THR A 739 1.80 -16.70 4.55
CA THR A 739 2.86 -16.58 5.53
C THR A 739 4.12 -17.15 4.98
N MET A 740 4.03 -18.28 4.31
CA MET A 740 5.25 -18.88 3.82
C MET A 740 5.87 -18.02 2.74
N TYR A 741 5.07 -17.46 1.85
CA TYR A 741 5.64 -16.63 0.80
C TYR A 741 6.51 -15.55 1.38
N ILE A 742 5.99 -14.83 2.36
CA ILE A 742 6.70 -13.72 2.95
C ILE A 742 7.87 -14.10 3.88
N CYS A 743 7.67 -15.08 4.81
CA CYS A 743 8.62 -15.41 5.88
C CYS A 743 9.33 -16.75 5.74
N GLY A 744 8.94 -17.63 4.85
CA GLY A 744 9.59 -18.92 4.84
C GLY A 744 9.35 -19.58 6.19
N ASP A 745 10.42 -20.03 6.83
CA ASP A 745 10.36 -20.67 8.13
C ASP A 745 10.92 -19.79 9.26
N SER A 746 10.98 -18.48 9.03
CA SER A 746 11.49 -17.54 10.01
C SER A 746 10.48 -17.17 11.08
N THR A 747 10.85 -17.45 12.32
CA THR A 747 10.01 -17.18 13.47
C THR A 747 9.89 -15.71 13.71
N GLU A 748 10.99 -14.99 13.55
CA GLU A 748 10.96 -13.57 13.82
C GLU A 748 10.01 -12.83 12.88
N CYS A 749 10.02 -13.18 11.57
CA CYS A 749 9.17 -12.62 10.54
C CYS A 749 7.72 -12.98 10.82
N SER A 750 7.47 -14.23 11.16
CA SER A 750 6.11 -14.66 11.43
C SER A 750 5.52 -13.85 12.56
N ASN A 751 6.30 -13.60 13.61
CA ASN A 751 5.75 -12.81 14.69
C ASN A 751 5.53 -11.36 14.29
N LEU A 752 6.38 -10.80 13.45
CA LEU A 752 6.17 -9.43 13.02
C LEU A 752 4.89 -9.29 12.19
N LEU A 753 4.52 -10.33 11.46
CA LEU A 753 3.30 -10.28 10.65
C LEU A 753 2.03 -10.21 11.46
N LEU A 754 2.10 -10.44 12.76
CA LEU A 754 0.90 -10.40 13.56
C LEU A 754 0.44 -8.96 13.73
N GLN A 755 1.29 -8.03 13.39
CA GLN A 755 0.97 -6.63 13.53
C GLN A 755 0.03 -6.17 12.46
N TYR A 756 -0.18 -7.01 11.45
CA TYR A 756 -1.03 -6.69 10.33
C TYR A 756 -2.39 -7.35 10.41
N GLY A 757 -2.68 -7.98 11.53
CA GLY A 757 -4.01 -8.54 11.70
C GLY A 757 -4.44 -9.60 10.71
N SER A 758 -5.56 -9.34 10.07
CA SER A 758 -6.17 -10.26 9.13
C SER A 758 -5.69 -10.15 7.69
N PHE A 759 -4.78 -9.25 7.36
CA PHE A 759 -4.45 -9.20 5.93
C PHE A 759 -4.07 -10.55 5.33
N CYS A 760 -3.27 -11.36 6.05
CA CYS A 760 -2.76 -12.65 5.61
C CYS A 760 -3.95 -13.59 5.27
N THR A 761 -4.90 -13.72 6.20
CA THR A 761 -6.01 -14.62 5.94
C THR A 761 -6.94 -14.12 4.84
N GLN A 762 -7.07 -12.80 4.68
CA GLN A 762 -7.95 -12.31 3.64
C GLN A 762 -7.45 -12.72 2.28
N LEU A 763 -6.14 -12.68 2.10
CA LEU A 763 -5.56 -13.04 0.82
C LEU A 763 -5.78 -14.51 0.53
N ASN A 764 -5.66 -15.36 1.54
CA ASN A 764 -5.91 -16.76 1.24
C ASN A 764 -7.37 -17.04 0.99
N ARG A 765 -8.24 -16.31 1.63
CA ARG A 765 -9.65 -16.53 1.42
C ARG A 765 -10.02 -16.18 -0.01
N ALA A 766 -9.49 -15.06 -0.52
CA ALA A 766 -9.80 -14.64 -1.87
C ALA A 766 -9.33 -15.65 -2.91
N LEU A 767 -8.13 -16.19 -2.71
CA LEU A 767 -7.63 -17.14 -3.69
C LEU A 767 -8.41 -18.43 -3.63
N THR A 768 -8.82 -18.84 -2.44
CA THR A 768 -9.57 -20.05 -2.32
C THR A 768 -10.87 -19.90 -3.08
N GLY A 769 -11.53 -18.76 -2.94
CA GLY A 769 -12.78 -18.56 -3.62
C GLY A 769 -12.63 -18.67 -5.13
N ILE A 770 -11.52 -18.15 -5.66
CA ILE A 770 -11.32 -18.27 -7.10
C ILE A 770 -11.17 -19.71 -7.47
N ALA A 771 -10.36 -20.46 -6.74
CA ALA A 771 -10.14 -21.84 -7.11
C ALA A 771 -11.43 -22.64 -7.13
N VAL A 772 -12.33 -22.38 -6.20
CA VAL A 772 -13.58 -23.12 -6.19
C VAL A 772 -14.41 -22.78 -7.40
N GLU A 773 -14.47 -21.50 -7.72
CA GLU A 773 -15.23 -21.03 -8.85
C GLU A 773 -14.78 -21.68 -10.14
N GLN A 774 -13.50 -22.01 -10.26
CA GLN A 774 -13.04 -22.62 -11.48
C GLN A 774 -13.71 -23.97 -11.74
N ASP A 775 -14.09 -24.71 -10.70
CA ASP A 775 -14.74 -25.98 -10.96
C ASP A 775 -16.19 -25.72 -11.26
N LYS A 776 -16.74 -24.68 -10.66
CA LYS A 776 -18.11 -24.34 -10.91
C LYS A 776 -18.28 -24.01 -12.39
N ASN A 777 -17.31 -23.27 -12.95
CA ASN A 777 -17.39 -22.89 -14.34
C ASN A 777 -17.35 -24.09 -15.25
N THR A 778 -16.47 -25.05 -14.95
CA THR A 778 -16.37 -26.22 -15.78
C THR A 778 -17.63 -27.04 -15.73
N GLN A 779 -18.17 -27.19 -14.54
CA GLN A 779 -19.35 -27.99 -14.35
C GLN A 779 -20.52 -27.41 -15.12
N GLU A 780 -20.68 -26.10 -15.10
CA GLU A 780 -21.77 -25.48 -15.80
C GLU A 780 -21.69 -25.63 -17.31
N VAL A 781 -20.50 -25.58 -17.86
CA VAL A 781 -20.41 -25.71 -19.30
C VAL A 781 -20.64 -27.14 -19.77
N PHE A 782 -20.01 -28.13 -19.13
CA PHE A 782 -20.13 -29.48 -19.66
C PHE A 782 -21.12 -30.41 -19.00
N ALA A 783 -21.34 -30.29 -17.71
CA ALA A 783 -22.17 -31.26 -17.03
C ALA A 783 -23.63 -30.90 -17.08
N GLN A 784 -24.18 -30.90 -18.27
CA GLN A 784 -25.57 -30.52 -18.41
C GLN A 784 -26.37 -31.53 -19.17
N VAL A 785 -25.93 -32.76 -19.13
CA VAL A 785 -26.65 -33.85 -19.73
C VAL A 785 -27.01 -34.76 -18.59
N LYS A 786 -28.26 -35.16 -18.51
CA LYS A 786 -28.74 -36.00 -17.41
C LYS A 786 -28.26 -37.45 -17.40
N GLN A 787 -27.86 -37.94 -18.55
CA GLN A 787 -27.37 -39.30 -18.76
C GLN A 787 -26.20 -39.32 -19.68
N ILE A 788 -25.39 -40.36 -19.59
CA ILE A 788 -24.32 -40.50 -20.52
C ILE A 788 -24.80 -41.34 -21.67
N TYR A 789 -24.95 -40.70 -22.80
CA TYR A 789 -25.48 -41.33 -23.97
C TYR A 789 -24.39 -41.93 -24.79
N LYS A 790 -24.68 -43.06 -25.41
CA LYS A 790 -23.72 -43.68 -26.29
C LYS A 790 -24.27 -43.86 -27.67
N THR A 791 -23.38 -43.87 -28.66
CA THR A 791 -23.76 -44.10 -30.02
C THR A 791 -23.96 -45.58 -30.26
N PRO A 792 -24.67 -45.98 -31.31
CA PRO A 792 -24.84 -47.35 -31.71
C PRO A 792 -23.54 -47.87 -32.28
N PRO A 793 -23.34 -49.21 -32.30
CA PRO A 793 -22.22 -49.89 -32.92
C PRO A 793 -22.18 -49.74 -34.43
N ILE A 794 -23.33 -49.43 -35.04
CA ILE A 794 -23.37 -49.25 -36.47
C ILE A 794 -23.57 -47.79 -36.77
N LYS A 795 -22.56 -47.16 -37.33
CA LYS A 795 -22.61 -45.73 -37.55
C LYS A 795 -23.29 -45.36 -38.85
N ASP A 796 -24.60 -45.59 -38.92
CA ASP A 796 -25.35 -45.25 -40.12
C ASP A 796 -26.11 -43.96 -39.95
N PHE A 797 -25.55 -42.87 -40.46
CA PHE A 797 -26.17 -41.59 -40.27
C PHE A 797 -26.53 -40.99 -41.61
N GLY A 798 -26.87 -41.83 -42.57
CA GLY A 798 -27.34 -41.32 -43.84
C GLY A 798 -26.29 -40.68 -44.71
N GLY A 799 -25.03 -41.07 -44.54
CA GLY A 799 -23.95 -40.50 -45.31
C GLY A 799 -23.14 -39.46 -44.55
N PHE A 800 -23.62 -39.05 -43.38
CA PHE A 800 -22.87 -38.08 -42.61
C PHE A 800 -21.84 -38.82 -41.74
N ASN A 801 -20.55 -38.50 -41.95
CA ASN A 801 -19.40 -39.13 -41.30
C ASN A 801 -18.92 -38.29 -40.10
N PHE A 802 -19.14 -38.81 -38.87
CA PHE A 802 -18.82 -38.15 -37.61
C PHE A 802 -17.62 -38.79 -36.94
N SER A 803 -16.89 -39.62 -37.66
CA SER A 803 -15.79 -40.36 -37.04
C SER A 803 -14.66 -39.52 -36.50
N GLN A 804 -14.54 -38.27 -36.92
CA GLN A 804 -13.45 -37.45 -36.44
C GLN A 804 -13.81 -36.68 -35.20
N ILE A 805 -15.10 -36.69 -34.83
CA ILE A 805 -15.53 -35.96 -33.65
C ILE A 805 -15.98 -36.90 -32.54
N LEU A 806 -16.22 -38.16 -32.89
CA LEU A 806 -16.55 -39.21 -31.94
C LEU A 806 -15.26 -39.72 -31.30
N PRO A 807 -15.28 -40.22 -30.07
CA PRO A 807 -14.12 -40.71 -29.35
C PRO A 807 -13.57 -41.96 -29.99
N ASP A 808 -12.24 -42.10 -29.92
CA ASP A 808 -11.51 -43.26 -30.41
C ASP A 808 -11.29 -44.34 -29.33
N PRO A 809 -11.96 -45.52 -29.40
CA PRO A 809 -11.92 -46.60 -28.42
C PRO A 809 -10.54 -47.22 -28.20
N SER A 810 -9.60 -47.02 -29.12
CA SER A 810 -8.29 -47.65 -28.99
C SER A 810 -7.32 -46.89 -28.10
N LYS A 811 -7.66 -45.67 -27.73
CA LYS A 811 -6.74 -44.86 -26.96
C LYS A 811 -6.97 -44.99 -25.45
N PRO A 812 -5.95 -44.68 -24.60
CA PRO A 812 -6.01 -44.66 -23.14
C PRO A 812 -6.95 -43.59 -22.59
N SER A 813 -7.26 -42.62 -23.43
CA SER A 813 -8.14 -41.52 -23.11
C SER A 813 -9.04 -41.45 -24.30
N LYS A 814 -10.33 -41.62 -24.08
CA LYS A 814 -11.25 -41.71 -25.19
C LYS A 814 -11.62 -40.37 -25.76
N ARG A 815 -10.71 -39.84 -26.55
CA ARG A 815 -10.88 -38.54 -27.15
C ARG A 815 -10.99 -38.73 -28.64
N SER A 816 -11.61 -37.78 -29.29
CA SER A 816 -11.76 -37.82 -30.72
C SER A 816 -10.49 -37.39 -31.40
N PHE A 817 -10.40 -37.60 -32.70
CA PHE A 817 -9.24 -37.16 -33.44
C PHE A 817 -9.04 -35.66 -33.28
N ILE A 818 -10.12 -34.90 -33.47
CA ILE A 818 -9.98 -33.46 -33.33
C ILE A 818 -9.54 -33.09 -31.94
N GLU A 819 -10.09 -33.72 -30.91
CA GLU A 819 -9.67 -33.37 -29.57
C GLU A 819 -8.19 -33.64 -29.36
N ASP A 820 -7.65 -34.73 -29.89
CA ASP A 820 -6.22 -34.90 -29.71
C ASP A 820 -5.43 -33.76 -30.33
N LEU A 821 -5.90 -33.21 -31.44
CA LEU A 821 -5.14 -32.13 -32.03
C LEU A 821 -5.16 -30.93 -31.11
N LEU A 822 -6.31 -30.67 -30.51
CA LEU A 822 -6.45 -29.49 -29.66
C LEU A 822 -5.56 -29.60 -28.43
N PHE A 823 -5.47 -30.79 -27.88
CA PHE A 823 -4.65 -31.02 -26.71
C PHE A 823 -3.18 -30.98 -27.02
N ASN A 824 -2.79 -31.44 -28.20
CA ASN A 824 -1.38 -31.40 -28.53
C ASN A 824 -0.89 -29.98 -28.82
N LYS A 825 -1.77 -29.11 -29.33
CA LYS A 825 -1.35 -27.76 -29.67
C LYS A 825 -1.30 -26.75 -28.53
N VAL A 826 -2.19 -26.82 -27.54
CA VAL A 826 -2.08 -25.81 -26.49
C VAL A 826 -1.00 -26.29 -25.53
N THR A 827 0.02 -25.44 -25.24
CA THR A 827 1.18 -25.78 -24.39
C THR A 827 2.09 -24.58 -24.20
N LYS A 854 9.36 -20.18 -6.70
CA LYS A 854 8.62 -21.17 -7.49
C LYS A 854 7.90 -22.17 -6.55
N PHE A 855 8.60 -22.65 -5.50
CA PHE A 855 8.09 -23.58 -4.50
C PHE A 855 7.93 -22.88 -3.17
N ASN A 856 7.99 -21.56 -3.19
CA ASN A 856 7.91 -20.79 -1.96
C ASN A 856 6.48 -20.53 -1.51
N GLY A 857 5.82 -21.59 -1.08
CA GLY A 857 4.45 -21.50 -0.60
C GLY A 857 3.45 -21.46 -1.73
N LEU A 858 3.92 -21.77 -2.92
CA LEU A 858 3.10 -21.73 -4.11
C LEU A 858 2.70 -23.10 -4.54
N THR A 859 1.41 -23.35 -4.65
CA THR A 859 0.98 -24.66 -5.09
C THR A 859 -0.13 -24.60 -6.11
N VAL A 860 -0.45 -25.76 -6.66
CA VAL A 860 -1.54 -25.91 -7.62
C VAL A 860 -2.48 -27.01 -7.21
N LEU A 861 -3.75 -26.71 -7.22
CA LEU A 861 -4.71 -27.71 -6.85
C LEU A 861 -5.21 -28.34 -8.13
N PRO A 862 -5.50 -29.64 -8.16
CA PRO A 862 -6.04 -30.30 -9.31
C PRO A 862 -7.48 -29.88 -9.46
N PRO A 863 -8.05 -29.98 -10.66
CA PRO A 863 -9.44 -29.76 -10.98
C PRO A 863 -10.21 -30.91 -10.42
N LEU A 864 -11.49 -30.71 -10.17
CA LEU A 864 -12.32 -31.80 -9.74
C LEU A 864 -12.58 -32.80 -10.83
N LEU A 865 -12.84 -32.33 -12.04
CA LEU A 865 -13.08 -33.24 -13.13
C LEU A 865 -11.78 -33.42 -13.86
N THR A 866 -11.54 -34.61 -14.33
CA THR A 866 -10.34 -34.93 -15.07
C THR A 866 -10.61 -34.75 -16.53
N ASP A 867 -9.56 -34.77 -17.35
CA ASP A 867 -9.75 -34.62 -18.78
C ASP A 867 -10.57 -35.75 -19.36
N GLU A 868 -10.42 -36.95 -18.81
CA GLU A 868 -11.15 -38.09 -19.29
C GLU A 868 -12.63 -37.90 -19.01
N MET A 869 -12.95 -37.34 -17.85
CA MET A 869 -14.33 -37.11 -17.47
C MET A 869 -14.97 -36.05 -18.35
N ILE A 870 -14.19 -35.06 -18.75
CA ILE A 870 -14.70 -34.05 -19.63
C ILE A 870 -14.97 -34.69 -20.96
N ALA A 871 -14.06 -35.55 -21.42
CA ALA A 871 -14.29 -36.21 -22.68
C ALA A 871 -15.55 -37.03 -22.64
N GLN A 872 -15.87 -37.67 -21.51
CA GLN A 872 -17.10 -38.43 -21.44
C GLN A 872 -18.32 -37.54 -21.51
N TYR A 873 -18.29 -36.37 -20.88
CA TYR A 873 -19.46 -35.52 -21.00
C TYR A 873 -19.63 -35.04 -22.43
N THR A 874 -18.52 -34.72 -23.08
CA THR A 874 -18.57 -34.24 -24.43
C THR A 874 -19.12 -35.32 -25.33
N SER A 875 -18.68 -36.55 -25.12
CA SER A 875 -19.16 -37.66 -25.90
C SER A 875 -20.64 -37.85 -25.73
N ALA A 876 -21.13 -37.75 -24.49
CA ALA A 876 -22.56 -37.91 -24.26
C ALA A 876 -23.38 -36.86 -24.97
N LEU A 877 -22.92 -35.62 -24.95
CA LEU A 877 -23.66 -34.55 -25.61
C LEU A 877 -23.69 -34.78 -27.09
N LEU A 878 -22.57 -35.25 -27.62
CA LEU A 878 -22.48 -35.52 -29.03
C LEU A 878 -23.35 -36.69 -29.43
N ALA A 879 -23.35 -37.77 -28.65
CA ALA A 879 -24.15 -38.93 -28.98
C ALA A 879 -25.61 -38.56 -28.99
N GLY A 880 -26.01 -37.72 -28.05
CA GLY A 880 -27.39 -37.28 -27.94
C GLY A 880 -27.76 -36.49 -29.18
N THR A 881 -26.91 -35.54 -29.55
CA THR A 881 -27.17 -34.68 -30.69
C THR A 881 -27.35 -35.48 -31.95
N ILE A 882 -26.50 -36.47 -32.15
CA ILE A 882 -26.58 -37.27 -33.35
C ILE A 882 -27.80 -38.19 -33.41
N THR A 883 -28.15 -38.88 -32.33
CA THR A 883 -29.25 -39.83 -32.41
C THR A 883 -30.65 -39.39 -31.97
N SER A 884 -30.79 -38.31 -31.19
CA SER A 884 -32.12 -37.89 -30.72
C SER A 884 -32.40 -36.41 -30.93
N GLY A 885 -31.55 -35.78 -31.71
CA GLY A 885 -31.66 -34.37 -32.03
C GLY A 885 -31.59 -33.52 -30.79
N TRP A 886 -32.52 -32.59 -30.66
CA TRP A 886 -32.53 -31.71 -29.51
C TRP A 886 -33.46 -32.21 -28.44
N THR A 887 -34.11 -33.31 -28.71
CA THR A 887 -35.13 -33.79 -27.82
C THR A 887 -34.59 -34.13 -26.46
N PHE A 888 -33.42 -34.70 -26.41
CA PHE A 888 -32.81 -35.13 -25.16
C PHE A 888 -32.53 -33.96 -24.25
N GLY A 889 -32.46 -32.75 -24.79
CA GLY A 889 -32.17 -31.60 -23.98
C GLY A 889 -33.43 -31.07 -23.29
N ALA A 890 -34.60 -31.57 -23.67
CA ALA A 890 -35.86 -31.12 -23.08
C ALA A 890 -36.48 -32.20 -22.22
N GLY A 891 -36.39 -33.44 -22.67
CA GLY A 891 -37.00 -34.58 -21.99
C GLY A 891 -36.13 -35.83 -22.12
N ALA A 892 -36.76 -36.91 -22.53
CA ALA A 892 -36.11 -38.19 -22.74
C ALA A 892 -35.43 -38.16 -24.10
N ALA A 893 -34.38 -38.93 -24.28
CA ALA A 893 -33.83 -38.94 -25.62
C ALA A 893 -34.70 -39.83 -26.47
N LEU A 894 -35.24 -39.27 -27.52
CA LEU A 894 -36.10 -40.01 -28.44
C LEU A 894 -35.40 -40.19 -29.77
N GLN A 895 -35.21 -41.42 -30.17
CA GLN A 895 -34.48 -41.67 -31.40
C GLN A 895 -35.21 -41.14 -32.63
N ILE A 896 -34.42 -40.66 -33.58
CA ILE A 896 -34.91 -40.24 -34.88
C ILE A 896 -33.86 -40.57 -35.95
N PRO A 897 -34.19 -41.01 -37.17
CA PRO A 897 -33.21 -41.21 -38.22
C PRO A 897 -32.48 -39.92 -38.44
N PHE A 898 -31.19 -39.98 -38.70
CA PHE A 898 -30.44 -38.75 -38.85
C PHE A 898 -30.94 -37.89 -40.00
N ALA A 899 -31.25 -38.47 -41.14
CA ALA A 899 -31.69 -37.63 -42.25
C ALA A 899 -32.98 -36.88 -41.90
N MET A 900 -33.87 -37.50 -41.15
CA MET A 900 -35.09 -36.79 -40.79
C MET A 900 -34.76 -35.67 -39.84
N GLN A 901 -33.80 -35.88 -38.97
CA GLN A 901 -33.42 -34.82 -38.08
C GLN A 901 -32.96 -33.63 -38.86
N MET A 902 -32.18 -33.85 -39.91
CA MET A 902 -31.72 -32.74 -40.72
C MET A 902 -32.89 -32.07 -41.41
N ALA A 903 -33.89 -32.83 -41.81
CA ALA A 903 -35.04 -32.25 -42.47
C ALA A 903 -35.71 -31.25 -41.57
N TYR A 904 -35.74 -31.51 -40.27
CA TYR A 904 -36.40 -30.56 -39.41
C TYR A 904 -35.56 -29.33 -39.31
N ARG A 905 -34.25 -29.50 -39.24
CA ARG A 905 -33.33 -28.39 -39.14
C ARG A 905 -33.43 -27.50 -40.37
N PHE A 906 -33.68 -28.10 -41.54
CA PHE A 906 -33.89 -27.32 -42.76
C PHE A 906 -35.21 -26.56 -42.72
N ASN A 907 -36.28 -27.18 -42.24
CA ASN A 907 -37.54 -26.43 -42.17
C ASN A 907 -37.38 -25.27 -41.20
N GLY A 908 -36.55 -25.47 -40.20
CA GLY A 908 -36.25 -24.50 -39.17
C GLY A 908 -35.54 -23.26 -39.68
N ILE A 909 -34.99 -23.29 -40.88
CA ILE A 909 -34.33 -22.13 -41.44
C ILE A 909 -35.07 -21.62 -42.64
N GLY A 910 -36.30 -22.06 -42.82
CA GLY A 910 -37.07 -21.58 -43.95
C GLY A 910 -36.83 -22.29 -45.27
N VAL A 911 -36.33 -23.52 -45.25
CA VAL A 911 -36.11 -24.25 -46.48
C VAL A 911 -36.94 -25.51 -46.41
N THR A 912 -37.82 -25.70 -47.38
CA THR A 912 -38.70 -26.85 -47.35
C THR A 912 -37.89 -28.12 -47.39
N GLN A 913 -38.25 -29.07 -46.52
CA GLN A 913 -37.57 -30.36 -46.36
C GLN A 913 -37.33 -31.18 -47.61
N ASN A 914 -38.10 -31.02 -48.68
CA ASN A 914 -37.82 -31.85 -49.82
C ASN A 914 -36.46 -31.50 -50.39
N VAL A 915 -35.97 -30.30 -50.10
CA VAL A 915 -34.68 -29.85 -50.58
C VAL A 915 -33.60 -30.72 -49.98
N LEU A 916 -33.75 -31.11 -48.72
CA LEU A 916 -32.75 -31.97 -48.13
C LEU A 916 -32.75 -33.32 -48.76
N TYR A 917 -33.92 -33.91 -48.90
CA TYR A 917 -33.93 -35.29 -49.34
C TYR A 917 -33.48 -35.44 -50.78
N GLU A 918 -33.83 -34.48 -51.61
CA GLU A 918 -33.50 -34.55 -53.00
C GLU A 918 -32.03 -34.26 -53.25
N ASN A 919 -31.33 -33.77 -52.23
CA ASN A 919 -29.94 -33.45 -52.33
C ASN A 919 -29.21 -34.10 -51.17
N GLN A 920 -29.73 -35.20 -50.65
CA GLN A 920 -29.07 -35.76 -49.49
C GLN A 920 -27.62 -36.13 -49.71
N LYS A 921 -27.28 -36.68 -50.87
CA LYS A 921 -25.90 -37.08 -51.08
C LYS A 921 -24.99 -35.88 -51.13
N LEU A 922 -25.46 -34.80 -51.74
CA LEU A 922 -24.66 -33.61 -51.86
C LEU A 922 -24.40 -32.98 -50.53
N ILE A 923 -25.43 -32.92 -49.71
CA ILE A 923 -25.32 -32.29 -48.43
C ILE A 923 -24.39 -33.08 -47.55
N ALA A 924 -24.53 -34.40 -47.53
CA ALA A 924 -23.63 -35.20 -46.74
C ALA A 924 -22.20 -35.05 -47.21
N ASN A 925 -21.98 -34.96 -48.53
CA ASN A 925 -20.61 -34.83 -49.00
C ASN A 925 -20.02 -33.50 -48.63
N GLN A 926 -20.79 -32.42 -48.68
CA GLN A 926 -20.23 -31.14 -48.32
C GLN A 926 -19.88 -31.12 -46.84
N PHE A 927 -20.71 -31.74 -46.02
CA PHE A 927 -20.46 -31.79 -44.60
C PHE A 927 -19.17 -32.52 -44.32
N ASN A 928 -19.00 -33.67 -44.94
CA ASN A 928 -17.83 -34.47 -44.68
C ASN A 928 -16.56 -33.75 -45.11
N SER A 929 -16.65 -33.01 -46.22
CA SER A 929 -15.52 -32.25 -46.70
C SER A 929 -15.14 -31.17 -45.72
N ALA A 930 -16.14 -30.46 -45.18
CA ALA A 930 -15.88 -29.40 -44.23
C ALA A 930 -15.15 -29.90 -43.01
N ILE A 931 -15.48 -31.11 -42.55
CA ILE A 931 -14.78 -31.60 -41.39
C ILE A 931 -13.33 -31.83 -41.73
N GLY A 932 -13.05 -32.39 -42.90
CA GLY A 932 -11.66 -32.61 -43.28
C GLY A 932 -10.88 -31.28 -43.31
N LYS A 933 -11.52 -30.21 -43.73
CA LYS A 933 -10.84 -28.92 -43.74
C LYS A 933 -10.47 -28.47 -42.34
N ILE A 934 -11.33 -28.76 -41.38
CA ILE A 934 -11.08 -28.40 -40.00
C ILE A 934 -9.89 -29.14 -39.46
N GLN A 935 -9.78 -30.43 -39.79
CA GLN A 935 -8.63 -31.18 -39.31
C GLN A 935 -7.35 -30.55 -39.81
N ASP A 936 -7.32 -30.10 -41.07
CA ASP A 936 -6.11 -29.51 -41.60
C ASP A 936 -5.83 -28.14 -41.03
N SER A 937 -6.87 -27.36 -40.80
CA SER A 937 -6.65 -26.04 -40.26
C SER A 937 -6.03 -26.12 -38.88
N LEU A 938 -6.57 -26.99 -38.03
CA LEU A 938 -6.06 -27.12 -36.68
C LEU A 938 -4.69 -27.76 -36.65
N SER A 939 -4.44 -28.73 -37.52
CA SER A 939 -3.15 -29.39 -37.54
C SER A 939 -2.03 -28.44 -37.96
N SER A 940 -2.27 -27.62 -39.00
CA SER A 940 -1.25 -26.72 -39.50
C SER A 940 -1.11 -25.35 -38.81
N THR A 941 -2.18 -24.79 -38.23
CA THR A 941 -2.07 -23.46 -37.66
C THR A 941 -2.11 -23.46 -36.13
N ALA A 942 -0.96 -23.25 -35.50
CA ALA A 942 -0.86 -23.30 -34.04
C ALA A 942 -1.64 -22.18 -33.39
N SER A 943 -1.66 -21.04 -34.09
CA SER A 943 -2.29 -19.80 -33.64
C SER A 943 -3.80 -19.92 -33.55
N ALA A 944 -4.35 -21.00 -34.10
CA ALA A 944 -5.77 -21.22 -34.10
C ALA A 944 -6.32 -21.24 -32.69
N LEU A 945 -5.53 -21.71 -31.73
CA LEU A 945 -6.00 -21.83 -30.37
C LEU A 945 -5.45 -20.74 -29.46
N GLY A 946 -5.05 -19.61 -30.06
CA GLY A 946 -4.43 -18.52 -29.33
C GLY A 946 -5.23 -18.03 -28.13
N LYS A 947 -6.55 -18.09 -28.16
CA LYS A 947 -7.29 -17.62 -26.99
C LYS A 947 -7.01 -18.43 -25.74
N LEU A 948 -6.78 -19.73 -25.88
CA LEU A 948 -6.58 -20.55 -24.71
C LEU A 948 -5.15 -20.40 -24.27
N GLN A 949 -4.28 -20.23 -25.25
CA GLN A 949 -2.87 -20.08 -24.94
C GLN A 949 -2.66 -18.79 -24.19
N ASP A 950 -3.42 -17.76 -24.54
CA ASP A 950 -3.35 -16.45 -23.91
C ASP A 950 -3.72 -16.52 -22.46
N VAL A 951 -4.74 -17.28 -22.11
CA VAL A 951 -5.08 -17.39 -20.70
C VAL A 951 -3.94 -18.00 -19.94
N VAL A 952 -3.34 -19.03 -20.50
CA VAL A 952 -2.24 -19.68 -19.82
C VAL A 952 -1.06 -18.75 -19.66
N ASN A 953 -0.74 -18.01 -20.70
CA ASN A 953 0.43 -17.16 -20.64
C ASN A 953 0.26 -16.05 -19.62
N GLN A 954 -0.93 -15.48 -19.51
CA GLN A 954 -1.11 -14.41 -18.55
C GLN A 954 -1.01 -14.86 -17.13
N ASN A 955 -1.51 -16.05 -16.83
CA ASN A 955 -1.42 -16.46 -15.46
C ASN A 955 0.03 -16.82 -15.15
N ALA A 956 0.73 -17.40 -16.10
CA ALA A 956 2.11 -17.76 -15.87
C ALA A 956 2.96 -16.54 -15.62
N GLN A 957 2.68 -15.47 -16.36
CA GLN A 957 3.45 -14.27 -16.20
C GLN A 957 3.21 -13.64 -14.86
N ALA A 958 1.95 -13.61 -14.43
CA ALA A 958 1.64 -13.01 -13.16
C ALA A 958 2.31 -13.74 -12.02
N LEU A 959 2.36 -15.05 -12.12
CA LEU A 959 2.96 -15.83 -11.08
C LEU A 959 4.46 -15.67 -11.07
N ASN A 960 5.08 -15.61 -12.25
CA ASN A 960 6.52 -15.45 -12.26
C ASN A 960 6.92 -14.11 -11.70
N THR A 961 6.07 -13.11 -11.90
CA THR A 961 6.35 -11.80 -11.38
C THR A 961 6.33 -11.85 -9.86
N LEU A 962 5.34 -12.55 -9.29
CA LEU A 962 5.23 -12.67 -7.84
C LEU A 962 6.50 -13.29 -7.27
N VAL A 963 7.04 -14.26 -7.96
CA VAL A 963 8.26 -14.91 -7.53
C VAL A 963 9.46 -13.99 -7.62
N LYS A 964 9.61 -13.29 -8.73
CA LYS A 964 10.75 -12.41 -8.89
C LYS A 964 10.81 -11.32 -7.86
N GLN A 965 9.66 -10.87 -7.38
CA GLN A 965 9.62 -9.82 -6.38
C GLN A 965 10.30 -10.20 -5.09
N LEU A 966 10.50 -11.48 -4.83
CA LEU A 966 11.14 -11.90 -3.61
C LEU A 966 12.59 -11.50 -3.58
N SER A 967 13.15 -11.18 -4.74
CA SER A 967 14.54 -10.79 -4.82
C SER A 967 14.75 -9.30 -4.61
N SER A 968 13.67 -8.52 -4.53
CA SER A 968 13.83 -7.09 -4.34
C SER A 968 14.23 -6.81 -2.91
N ASN A 969 15.07 -5.81 -2.72
CA ASN A 969 15.45 -5.45 -1.38
C ASN A 969 14.47 -4.52 -0.68
N PHE A 970 13.78 -3.65 -1.39
CA PHE A 970 12.87 -2.72 -0.75
C PHE A 970 13.56 -1.89 0.33
N GLY A 971 14.83 -1.56 0.15
CA GLY A 971 15.57 -0.78 1.12
C GLY A 971 16.40 -1.62 2.10
N ALA A 972 16.21 -2.92 2.09
CA ALA A 972 16.92 -3.84 2.95
C ALA A 972 18.35 -4.06 2.50
N ILE A 973 19.17 -4.49 3.45
CA ILE A 973 20.55 -4.85 3.16
C ILE A 973 20.64 -6.08 2.28
N SER A 974 19.65 -6.94 2.37
CA SER A 974 19.57 -8.14 1.57
C SER A 974 18.15 -8.60 1.43
N SER A 975 17.84 -9.15 0.27
CA SER A 975 16.55 -9.72 -0.01
C SER A 975 16.38 -11.05 0.68
N VAL A 976 17.47 -11.64 1.13
CA VAL A 976 17.41 -12.94 1.75
C VAL A 976 17.22 -12.81 3.24
N LEU A 977 16.12 -13.36 3.70
CA LEU A 977 15.77 -13.25 5.09
C LEU A 977 16.81 -13.91 5.97
N ASN A 978 17.37 -15.00 5.48
CA ASN A 978 18.39 -15.71 6.22
C ASN A 978 19.71 -14.94 6.33
N ASP A 979 20.02 -14.02 5.40
CA ASP A 979 21.25 -13.28 5.50
C ASP A 979 21.09 -12.25 6.57
N ILE A 980 19.87 -11.78 6.75
CA ILE A 980 19.64 -10.81 7.79
C ILE A 980 19.74 -11.51 9.13
N LEU A 981 19.07 -12.63 9.25
CA LEU A 981 19.03 -13.37 10.50
C LEU A 981 20.35 -13.95 10.93
N SER A 982 21.18 -14.39 10.00
CA SER A 982 22.45 -15.00 10.34
C SER A 982 23.49 -13.97 10.71
N ARG A 983 23.23 -12.69 10.49
CA ARG A 983 24.23 -11.68 10.75
C ARG A 983 23.86 -10.67 11.79
N LEU A 984 22.61 -10.28 11.90
CA LEU A 984 22.26 -9.24 12.84
C LEU A 984 21.57 -9.73 14.10
N ASP A 985 21.83 -9.04 15.19
CA ASP A 985 21.13 -9.30 16.44
C ASP A 985 19.70 -8.81 16.24
N PRO A 986 18.68 -9.42 16.87
CA PRO A 986 17.28 -9.06 16.78
C PRO A 986 16.92 -7.56 16.78
N PRO A 987 17.49 -6.67 17.62
CA PRO A 987 17.13 -5.27 17.63
C PRO A 987 17.38 -4.58 16.29
N GLU A 988 18.26 -5.16 15.47
CA GLU A 988 18.56 -4.60 14.17
C GLU A 988 17.93 -5.44 13.09
N ALA A 989 17.88 -6.76 13.31
CA ALA A 989 17.36 -7.67 12.32
C ALA A 989 15.92 -7.33 12.05
N GLU A 990 15.20 -6.93 13.08
CA GLU A 990 13.80 -6.59 12.93
C GLU A 990 13.57 -5.41 12.02
N VAL A 991 14.50 -4.48 11.94
CA VAL A 991 14.29 -3.33 11.09
C VAL A 991 14.32 -3.77 9.65
N GLN A 992 15.29 -4.60 9.35
CA GLN A 992 15.46 -5.06 8.00
C GLN A 992 14.32 -5.99 7.59
N ILE A 993 13.84 -6.77 8.55
CA ILE A 993 12.77 -7.70 8.26
C ILE A 993 11.50 -6.95 8.01
N ASP A 994 11.22 -5.94 8.82
CA ASP A 994 10.00 -5.18 8.67
C ASP A 994 9.90 -4.54 7.30
N ARG A 995 11.00 -4.01 6.77
CA ARG A 995 10.84 -3.43 5.45
C ARG A 995 10.65 -4.52 4.38
N LEU A 996 11.24 -5.70 4.54
CA LEU A 996 10.98 -6.73 3.55
C LEU A 996 9.53 -7.17 3.61
N ILE A 997 8.95 -7.23 4.81
CA ILE A 997 7.56 -7.62 4.92
C ILE A 997 6.68 -6.65 4.22
N THR A 998 6.92 -5.36 4.41
CA THR A 998 6.03 -4.43 3.76
C THR A 998 6.05 -4.62 2.26
N GLY A 999 7.24 -4.77 1.69
CA GLY A 999 7.35 -4.93 0.25
C GLY A 999 6.72 -6.21 -0.27
N ARG A 1000 6.93 -7.31 0.43
CA ARG A 1000 6.40 -8.57 -0.02
C ARG A 1000 4.90 -8.63 0.13
N LEU A 1001 4.38 -8.02 1.18
CA LEU A 1001 2.97 -8.02 1.39
C LEU A 1001 2.29 -7.21 0.31
N GLN A 1002 2.85 -6.06 -0.04
CA GLN A 1002 2.25 -5.27 -1.10
C GLN A 1002 2.26 -6.01 -2.41
N SER A 1003 3.34 -6.74 -2.69
CA SER A 1003 3.44 -7.49 -3.95
C SER A 1003 2.40 -8.58 -4.01
N LEU A 1004 2.16 -9.24 -2.89
CA LEU A 1004 1.18 -10.29 -2.86
C LEU A 1004 -0.23 -9.74 -3.01
N GLN A 1005 -0.51 -8.59 -2.39
CA GLN A 1005 -1.83 -8.01 -2.51
C GLN A 1005 -2.09 -7.63 -3.95
N THR A 1006 -1.07 -7.14 -4.64
CA THR A 1006 -1.23 -6.78 -6.03
C THR A 1006 -1.59 -8.00 -6.85
N TYR A 1007 -0.89 -9.10 -6.61
CA TYR A 1007 -1.17 -10.34 -7.31
C TYR A 1007 -2.59 -10.80 -7.13
N VAL A 1008 -3.06 -10.81 -5.90
CA VAL A 1008 -4.39 -11.31 -5.66
C VAL A 1008 -5.42 -10.43 -6.34
N THR A 1009 -5.27 -9.12 -6.29
CA THR A 1009 -6.24 -8.26 -6.93
C THR A 1009 -6.31 -8.56 -8.41
N GLN A 1010 -5.16 -8.73 -9.05
CA GLN A 1010 -5.18 -9.01 -10.46
C GLN A 1010 -5.84 -10.32 -10.77
N GLN A 1011 -5.67 -11.32 -9.90
CA GLN A 1011 -6.31 -12.58 -10.17
C GLN A 1011 -7.80 -12.50 -10.00
N LEU A 1012 -8.30 -11.66 -9.11
CA LEU A 1012 -9.74 -11.54 -8.96
C LEU A 1012 -10.34 -10.93 -10.21
N ILE A 1013 -9.67 -9.94 -10.78
CA ILE A 1013 -10.17 -9.32 -11.98
C ILE A 1013 -10.14 -10.32 -13.13
N ARG A 1014 -9.03 -11.01 -13.30
CA ARG A 1014 -8.89 -12.00 -14.35
C ARG A 1014 -9.91 -13.11 -14.18
N ALA A 1015 -10.17 -13.53 -12.95
CA ALA A 1015 -11.12 -14.58 -12.73
C ALA A 1015 -12.49 -14.19 -13.21
N ALA A 1016 -12.86 -12.93 -13.01
CA ALA A 1016 -14.15 -12.47 -13.45
C ALA A 1016 -14.26 -12.54 -14.97
N GLU A 1017 -13.17 -12.26 -15.66
CA GLU A 1017 -13.22 -12.29 -17.11
C GLU A 1017 -13.47 -13.70 -17.62
N ILE A 1018 -12.82 -14.65 -16.98
CA ILE A 1018 -12.97 -16.03 -17.37
C ILE A 1018 -14.35 -16.51 -17.08
N ARG A 1019 -14.88 -16.17 -15.92
CA ARG A 1019 -16.23 -16.56 -15.59
C ARG A 1019 -17.19 -16.06 -16.63
N ALA A 1020 -17.05 -14.81 -17.05
CA ALA A 1020 -17.96 -14.31 -18.06
C ALA A 1020 -17.87 -15.16 -19.32
N SER A 1021 -16.66 -15.56 -19.69
CA SER A 1021 -16.52 -16.41 -20.86
C SER A 1021 -17.21 -17.74 -20.62
N ALA A 1022 -17.02 -18.33 -19.44
CA ALA A 1022 -17.64 -19.60 -19.13
C ALA A 1022 -19.15 -19.52 -19.19
N ASN A 1023 -19.72 -18.40 -18.80
CA ASN A 1023 -21.15 -18.25 -18.84
C ASN A 1023 -21.62 -18.22 -20.28
N LEU A 1024 -20.81 -17.65 -21.16
CA LEU A 1024 -21.18 -17.59 -22.55
C LEU A 1024 -21.09 -18.98 -23.14
N ALA A 1025 -20.05 -19.70 -22.76
CA ALA A 1025 -19.86 -21.03 -23.26
C ALA A 1025 -21.00 -21.92 -22.83
N ALA A 1026 -21.46 -21.77 -21.60
CA ALA A 1026 -22.54 -22.58 -21.12
C ALA A 1026 -23.79 -22.24 -21.89
N THR A 1027 -23.99 -20.95 -22.19
CA THR A 1027 -25.16 -20.55 -22.94
C THR A 1027 -25.13 -21.16 -24.32
N LYS A 1028 -23.97 -21.14 -24.98
CA LYS A 1028 -23.88 -21.71 -26.31
C LYS A 1028 -24.10 -23.19 -26.29
N MET A 1029 -23.63 -23.88 -25.27
CA MET A 1029 -23.89 -25.28 -25.25
C MET A 1029 -25.41 -25.49 -25.25
N SER A 1030 -26.11 -24.74 -24.40
CA SER A 1030 -27.56 -24.89 -24.31
C SER A 1030 -28.32 -24.48 -25.56
N GLU A 1031 -27.90 -23.40 -26.21
CA GLU A 1031 -28.64 -22.91 -27.37
C GLU A 1031 -28.18 -23.35 -28.76
N CYS A 1032 -26.89 -23.74 -28.93
CA CYS A 1032 -26.29 -24.15 -30.20
C CYS A 1032 -26.21 -25.68 -30.27
N VAL A 1033 -25.90 -26.34 -29.15
CA VAL A 1033 -25.76 -27.80 -29.18
C VAL A 1033 -27.07 -28.51 -28.84
N LEU A 1034 -27.78 -28.02 -27.85
CA LEU A 1034 -29.00 -28.68 -27.42
C LEU A 1034 -30.25 -28.13 -28.09
N GLY A 1035 -30.10 -27.38 -29.17
CA GLY A 1035 -31.22 -26.85 -29.91
C GLY A 1035 -30.75 -26.08 -31.13
N GLN A 1036 -31.69 -25.47 -31.83
CA GLN A 1036 -31.38 -24.73 -33.04
C GLN A 1036 -31.68 -23.26 -32.82
N SER A 1037 -30.65 -22.45 -32.78
CA SER A 1037 -30.74 -21.03 -32.47
C SER A 1037 -31.25 -20.15 -33.59
N LYS A 1038 -32.01 -19.12 -33.21
CA LYS A 1038 -32.50 -18.10 -34.14
C LYS A 1038 -31.74 -16.79 -34.00
N ARG A 1039 -30.75 -16.78 -33.15
CA ARG A 1039 -29.97 -15.58 -32.90
C ARG A 1039 -28.98 -15.51 -34.05
N VAL A 1040 -28.93 -14.37 -34.73
CA VAL A 1040 -28.23 -14.26 -36.00
C VAL A 1040 -26.77 -14.63 -36.10
N ASP A 1041 -25.93 -14.15 -35.21
CA ASP A 1041 -24.52 -14.53 -35.30
C ASP A 1041 -24.12 -15.30 -34.09
N PHE A 1042 -25.10 -15.82 -33.39
CA PHE A 1042 -24.77 -16.47 -32.14
C PHE A 1042 -24.01 -17.79 -32.27
N CYS A 1043 -24.39 -18.64 -33.25
CA CYS A 1043 -23.86 -19.99 -33.44
C CYS A 1043 -23.16 -20.05 -34.82
N GLY A 1044 -22.29 -19.09 -35.08
CA GLY A 1044 -21.55 -19.06 -36.34
C GLY A 1044 -22.29 -18.23 -37.38
N LYS A 1045 -21.61 -17.97 -38.50
CA LYS A 1045 -22.20 -17.19 -39.59
C LYS A 1045 -22.96 -18.09 -40.54
N GLY A 1046 -24.09 -17.58 -41.04
CA GLY A 1046 -24.95 -18.33 -41.94
C GLY A 1046 -26.15 -18.77 -41.14
N TYR A 1047 -27.03 -19.58 -41.70
CA TYR A 1047 -28.19 -19.96 -40.94
C TYR A 1047 -27.84 -21.18 -40.12
N HIS A 1048 -28.07 -21.16 -38.84
CA HIS A 1048 -27.64 -22.30 -38.05
C HIS A 1048 -28.47 -23.54 -38.22
N LEU A 1049 -27.80 -24.69 -38.37
CA LEU A 1049 -28.45 -25.97 -38.43
C LEU A 1049 -28.21 -26.76 -37.16
N MET A 1050 -26.94 -26.91 -36.76
CA MET A 1050 -26.57 -27.71 -35.58
C MET A 1050 -25.16 -27.45 -35.13
N SER A 1051 -24.81 -27.84 -33.92
CA SER A 1051 -23.42 -27.70 -33.47
C SER A 1051 -22.95 -28.90 -32.68
N PHE A 1052 -21.63 -29.08 -32.67
CA PHE A 1052 -21.03 -30.18 -31.92
C PHE A 1052 -19.88 -29.67 -31.06
N PRO A 1053 -19.86 -29.93 -29.76
CA PRO A 1053 -18.79 -29.55 -28.87
C PRO A 1053 -17.61 -30.49 -29.01
N GLN A 1054 -16.42 -29.99 -28.70
CA GLN A 1054 -15.18 -30.74 -28.53
C GLN A 1054 -14.48 -30.16 -27.31
N SER A 1055 -13.80 -30.97 -26.51
CA SER A 1055 -13.08 -30.43 -25.37
C SER A 1055 -11.73 -29.87 -25.76
N ALA A 1056 -11.14 -29.09 -24.88
CA ALA A 1056 -9.83 -28.48 -25.09
C ALA A 1056 -9.25 -28.15 -23.74
N PRO A 1057 -7.94 -28.00 -23.57
CA PRO A 1057 -7.38 -27.62 -22.31
C PRO A 1057 -8.01 -26.34 -21.86
N HIS A 1058 -8.53 -26.34 -20.66
CA HIS A 1058 -9.15 -25.17 -20.07
C HIS A 1058 -10.18 -24.47 -20.94
N GLY A 1059 -10.95 -25.22 -21.75
CA GLY A 1059 -11.90 -24.55 -22.59
C GLY A 1059 -12.75 -25.48 -23.43
N VAL A 1060 -13.56 -24.87 -24.27
CA VAL A 1060 -14.45 -25.64 -25.13
C VAL A 1060 -14.36 -25.12 -26.53
N VAL A 1061 -14.43 -26.04 -27.48
CA VAL A 1061 -14.43 -25.67 -28.86
C VAL A 1061 -15.71 -26.11 -29.53
N PHE A 1062 -16.37 -25.21 -30.21
CA PHE A 1062 -17.59 -25.58 -30.87
C PHE A 1062 -17.44 -25.61 -32.36
N LEU A 1063 -17.99 -26.64 -32.96
CA LEU A 1063 -18.03 -26.72 -34.40
C LEU A 1063 -19.45 -26.39 -34.81
N HIS A 1064 -19.62 -25.30 -35.52
CA HIS A 1064 -20.95 -24.83 -35.87
C HIS A 1064 -21.25 -25.11 -37.31
N VAL A 1065 -22.34 -25.81 -37.57
CA VAL A 1065 -22.70 -26.17 -38.92
C VAL A 1065 -23.80 -25.24 -39.39
N THR A 1066 -23.53 -24.51 -40.47
CA THR A 1066 -24.50 -23.56 -40.97
C THR A 1066 -24.78 -23.71 -42.46
N TYR A 1067 -25.94 -23.22 -42.85
CA TYR A 1067 -26.41 -23.21 -44.22
C TYR A 1067 -26.17 -21.87 -44.86
N VAL A 1068 -25.50 -21.86 -45.98
CA VAL A 1068 -25.20 -20.61 -46.66
C VAL A 1068 -25.70 -20.62 -48.10
N PRO A 1069 -26.60 -19.72 -48.52
CA PRO A 1069 -27.09 -19.60 -49.89
C PRO A 1069 -25.87 -19.38 -50.76
N ALA A 1070 -25.80 -19.97 -51.95
CA ALA A 1070 -24.55 -19.79 -52.69
C ALA A 1070 -24.56 -19.60 -54.21
N GLN A 1071 -25.62 -19.07 -54.81
CA GLN A 1071 -25.69 -18.88 -56.28
C GLN A 1071 -27.01 -18.18 -56.05
N GLU A 1072 -27.09 -16.93 -56.43
CA GLU A 1072 -28.26 -16.16 -56.81
C GLU A 1072 -28.38 -15.79 -58.27
N LYS A 1073 -29.63 -15.62 -58.67
CA LYS A 1073 -30.01 -15.15 -59.98
C LYS A 1073 -30.97 -13.96 -59.84
N ASN A 1074 -30.99 -13.06 -60.85
CA ASN A 1074 -31.85 -11.88 -60.96
C ASN A 1074 -33.23 -12.23 -61.55
N PHE A 1075 -34.31 -12.08 -60.74
CA PHE A 1075 -35.71 -12.36 -61.13
C PHE A 1075 -36.52 -11.07 -61.02
N THR A 1076 -37.55 -10.95 -61.82
CA THR A 1076 -38.45 -9.81 -61.70
C THR A 1076 -39.46 -10.16 -60.64
N THR A 1077 -39.87 -9.19 -59.83
CA THR A 1077 -40.88 -9.51 -58.82
C THR A 1077 -42.04 -8.56 -58.74
N ALA A 1078 -42.98 -8.90 -57.86
CA ALA A 1078 -44.17 -8.11 -57.59
C ALA A 1078 -44.71 -8.50 -56.23
N PRO A 1079 -45.30 -7.57 -55.47
CA PRO A 1079 -45.92 -7.82 -54.19
C PRO A 1079 -47.21 -8.60 -54.24
N ALA A 1080 -47.85 -8.62 -55.40
CA ALA A 1080 -49.14 -9.28 -55.53
C ALA A 1080 -49.48 -9.48 -56.99
N ILE A 1081 -50.39 -10.40 -57.25
CA ILE A 1081 -50.98 -10.60 -58.57
C ILE A 1081 -52.48 -10.42 -58.51
N CYS A 1082 -53.08 -9.61 -59.41
CA CYS A 1082 -54.53 -9.38 -59.45
C CYS A 1082 -55.14 -10.21 -60.59
N HIS A 1083 -56.14 -11.00 -60.24
CA HIS A 1083 -56.85 -11.87 -61.17
C HIS A 1083 -58.35 -11.66 -61.07
N ASP A 1084 -58.96 -11.18 -62.14
CA ASP A 1084 -60.38 -10.88 -62.20
C ASP A 1084 -60.80 -9.92 -61.11
N GLY A 1085 -59.95 -8.96 -60.82
CA GLY A 1085 -60.24 -7.94 -59.85
C GLY A 1085 -59.83 -8.28 -58.42
N LYS A 1086 -59.46 -9.53 -58.14
CA LYS A 1086 -59.09 -9.93 -56.79
C LYS A 1086 -57.60 -9.88 -56.56
N ALA A 1087 -57.16 -9.36 -55.43
CA ALA A 1087 -55.72 -9.32 -55.17
C ALA A 1087 -55.24 -10.57 -54.45
N HIS A 1088 -54.34 -11.31 -55.10
CA HIS A 1088 -53.78 -12.56 -54.59
C HIS A 1088 -52.36 -12.41 -54.05
N PHE A 1089 -52.15 -12.88 -52.83
CA PHE A 1089 -50.87 -12.81 -52.17
C PHE A 1089 -50.41 -14.22 -51.88
N PRO A 1090 -49.12 -14.54 -51.89
CA PRO A 1090 -48.66 -15.88 -51.61
C PRO A 1090 -48.82 -16.18 -50.15
N ARG A 1091 -49.09 -17.43 -49.80
CA ARG A 1091 -49.11 -17.81 -48.41
C ARG A 1091 -47.68 -17.91 -47.90
N GLU A 1092 -46.82 -18.43 -48.74
CA GLU A 1092 -45.41 -18.59 -48.47
C GLU A 1092 -44.67 -18.26 -49.73
N GLY A 1093 -43.49 -17.71 -49.62
CA GLY A 1093 -42.72 -17.44 -50.81
C GLY A 1093 -43.07 -16.12 -51.44
N VAL A 1094 -42.53 -15.90 -52.62
CA VAL A 1094 -42.68 -14.68 -53.39
C VAL A 1094 -43.07 -14.96 -54.80
N PHE A 1095 -43.61 -13.95 -55.46
CA PHE A 1095 -43.88 -14.12 -56.88
C PHE A 1095 -42.67 -13.67 -57.66
N VAL A 1096 -42.30 -14.44 -58.66
CA VAL A 1096 -41.19 -14.12 -59.52
C VAL A 1096 -41.50 -14.28 -60.98
N SER A 1097 -40.71 -13.64 -61.81
CA SER A 1097 -40.83 -13.82 -63.23
C SER A 1097 -39.50 -13.99 -63.92
N ASN A 1098 -39.47 -14.94 -64.88
CA ASN A 1098 -38.32 -15.27 -65.74
C ASN A 1098 -38.30 -14.47 -67.06
N GLY A 1099 -39.22 -13.48 -67.21
CA GLY A 1099 -39.42 -12.60 -68.34
C GLY A 1099 -40.66 -12.94 -69.15
N THR A 1100 -41.16 -14.17 -69.07
CA THR A 1100 -42.39 -14.48 -69.80
C THR A 1100 -43.48 -15.07 -68.92
N HIS A 1101 -43.08 -15.74 -67.85
CA HIS A 1101 -44.06 -16.38 -66.97
C HIS A 1101 -43.81 -16.12 -65.51
N TRP A 1102 -44.90 -16.00 -64.78
CA TRP A 1102 -44.87 -15.80 -63.34
C TRP A 1102 -45.08 -17.09 -62.58
N PHE A 1103 -44.27 -17.24 -61.55
CA PHE A 1103 -44.23 -18.39 -60.66
C PHE A 1103 -44.17 -17.98 -59.22
N VAL A 1104 -44.52 -18.88 -58.33
CA VAL A 1104 -44.36 -18.60 -56.90
C VAL A 1104 -43.30 -19.51 -56.36
N THR A 1105 -42.40 -18.98 -55.53
CA THR A 1105 -41.36 -19.84 -55.01
C THR A 1105 -40.93 -19.53 -53.59
N GLN A 1106 -40.39 -20.52 -52.90
CA GLN A 1106 -39.90 -20.30 -51.54
C GLN A 1106 -38.75 -19.32 -51.55
N ARG A 1107 -38.67 -18.50 -50.53
CA ARG A 1107 -37.67 -17.45 -50.48
C ARG A 1107 -36.22 -17.83 -50.47
N ASN A 1108 -35.87 -18.93 -49.83
CA ASN A 1108 -34.48 -19.25 -49.67
C ASN A 1108 -33.91 -20.24 -50.66
N PHE A 1109 -34.67 -20.62 -51.66
CA PHE A 1109 -34.16 -21.60 -52.60
C PHE A 1109 -35.01 -21.60 -53.85
N TYR A 1110 -34.44 -21.30 -55.00
CA TYR A 1110 -35.30 -21.21 -56.14
C TYR A 1110 -35.89 -22.53 -56.53
N GLU A 1111 -37.20 -22.56 -56.58
CA GLU A 1111 -38.00 -23.73 -56.91
C GLU A 1111 -39.36 -23.26 -57.41
N PRO A 1112 -39.50 -22.86 -58.66
CA PRO A 1112 -40.68 -22.22 -59.17
C PRO A 1112 -41.83 -23.17 -59.23
N GLN A 1113 -43.01 -22.68 -58.90
CA GLN A 1113 -44.24 -23.45 -59.01
C GLN A 1113 -45.32 -22.68 -59.72
N ILE A 1114 -46.24 -23.38 -60.32
CA ILE A 1114 -47.38 -22.74 -60.97
C ILE A 1114 -48.20 -22.09 -59.90
N ILE A 1115 -48.63 -20.87 -60.13
CA ILE A 1115 -49.40 -20.17 -59.15
C ILE A 1115 -50.83 -20.63 -59.21
N THR A 1116 -51.30 -21.16 -58.09
CA THR A 1116 -52.63 -21.69 -57.97
C THR A 1116 -53.32 -21.13 -56.75
N THR A 1117 -54.59 -21.46 -56.61
CA THR A 1117 -55.38 -21.03 -55.47
C THR A 1117 -54.93 -21.70 -54.17
N ASP A 1118 -54.09 -22.72 -54.26
CA ASP A 1118 -53.59 -23.39 -53.09
C ASP A 1118 -52.28 -22.76 -52.66
N ASN A 1119 -51.78 -21.79 -53.43
CA ASN A 1119 -50.56 -21.11 -53.11
C ASN A 1119 -50.84 -19.74 -52.57
N THR A 1120 -51.95 -19.14 -53.01
CA THR A 1120 -52.27 -17.78 -52.64
C THR A 1120 -53.55 -17.60 -51.84
N PHE A 1121 -53.67 -16.45 -51.21
CA PHE A 1121 -54.87 -16.07 -50.49
C PHE A 1121 -55.36 -14.76 -51.04
N VAL A 1122 -56.63 -14.45 -50.85
CA VAL A 1122 -57.17 -13.22 -51.40
C VAL A 1122 -57.63 -12.20 -50.40
N SER A 1123 -57.19 -10.97 -50.62
CA SER A 1123 -57.62 -9.84 -49.81
C SER A 1123 -57.57 -8.56 -50.61
N GLY A 1124 -58.68 -7.85 -50.68
CA GLY A 1124 -58.69 -6.60 -51.43
C GLY A 1124 -58.77 -6.85 -52.94
N ASN A 1125 -58.40 -5.83 -53.71
CA ASN A 1125 -58.57 -5.84 -55.15
C ASN A 1125 -57.42 -5.09 -55.87
N CYS A 1126 -57.49 -5.02 -57.23
CA CYS A 1126 -56.51 -4.42 -58.13
C CYS A 1126 -56.20 -2.94 -57.85
N ASP A 1127 -57.08 -2.24 -57.14
CA ASP A 1127 -56.87 -0.81 -56.94
C ASP A 1127 -56.14 -0.41 -55.67
N VAL A 1128 -55.73 -1.36 -54.85
CA VAL A 1128 -55.11 -0.98 -53.58
C VAL A 1128 -53.60 -1.17 -53.50
N VAL A 1129 -53.10 -2.28 -53.98
CA VAL A 1129 -51.69 -2.62 -53.86
C VAL A 1129 -50.87 -1.90 -54.91
N ILE A 1130 -49.79 -1.29 -54.48
CA ILE A 1130 -48.92 -0.58 -55.38
C ILE A 1130 -48.02 -1.55 -56.12
N GLY A 1131 -48.03 -1.49 -57.44
CA GLY A 1131 -47.19 -2.40 -58.22
C GLY A 1131 -47.75 -3.79 -58.40
N ILE A 1132 -49.06 -3.93 -58.35
CA ILE A 1132 -49.69 -5.23 -58.53
C ILE A 1132 -49.71 -5.62 -59.99
N VAL A 1133 -49.32 -6.87 -60.25
CA VAL A 1133 -49.24 -7.46 -61.58
C VAL A 1133 -50.54 -8.08 -62.10
N ASN A 1134 -50.81 -7.88 -63.40
CA ASN A 1134 -51.95 -8.39 -64.16
C ASN A 1134 -51.66 -9.82 -64.66
N ASN A 1135 -52.27 -10.87 -64.07
CA ASN A 1135 -52.00 -12.29 -64.40
C ASN A 1135 -53.14 -13.17 -63.93
N THR A 1136 -53.05 -14.48 -64.15
CA THR A 1136 -54.10 -15.37 -63.70
C THR A 1136 -53.62 -16.36 -62.67
N VAL A 1137 -54.56 -16.89 -61.89
CA VAL A 1137 -54.29 -17.91 -60.89
C VAL A 1137 -55.07 -19.18 -61.22
N TYR A 1138 -54.40 -20.31 -61.24
CA TYR A 1138 -55.06 -21.55 -61.59
C TYR A 1138 -55.82 -22.22 -60.45
N ASP A 1139 -57.06 -22.63 -60.73
CA ASP A 1139 -57.89 -23.33 -59.75
C ASP A 1139 -58.09 -24.80 -60.13
N PRO A 1140 -57.41 -25.76 -59.47
CA PRO A 1140 -57.40 -27.19 -59.74
C PRO A 1140 -58.76 -27.84 -59.72
N LEU A 1141 -59.72 -27.22 -59.07
CA LEU A 1141 -61.05 -27.81 -59.00
C LEU A 1141 -61.78 -27.76 -60.33
N GLN A 1142 -61.59 -26.71 -61.10
CA GLN A 1142 -62.37 -26.58 -62.30
C GLN A 1142 -62.43 -27.85 -63.17
N PRO A 1143 -61.30 -28.45 -63.63
CA PRO A 1143 -61.32 -29.64 -64.44
C PRO A 1143 -61.83 -30.87 -63.73
N GLU A 1144 -61.84 -30.87 -62.40
CA GLU A 1144 -62.31 -32.04 -61.68
C GLU A 1144 -63.82 -32.07 -61.75
N LEU A 1145 -64.42 -30.89 -61.72
CA LEU A 1145 -65.87 -30.76 -61.81
C LEU A 1145 -66.32 -31.13 -63.21
N ASP A 1146 -65.52 -30.72 -64.20
CA ASP A 1146 -65.84 -30.99 -65.61
C ASP A 1146 -65.59 -32.44 -66.09
N SER A 1147 -64.53 -33.10 -65.58
CA SER A 1147 -64.14 -34.47 -65.93
C SER A 1147 -64.99 -35.45 -65.11
N VAL B 2 28.74 25.25 41.20
CA VAL B 2 29.86 24.34 41.50
C VAL B 2 31.20 25.08 41.72
N GLN B 3 31.39 26.24 41.06
CA GLN B 3 32.61 27.06 41.10
C GLN B 3 32.62 27.98 42.32
N LEU B 4 32.64 27.33 43.49
CA LEU B 4 32.64 27.95 44.81
C LEU B 4 33.54 27.27 45.80
N VAL B 5 34.19 28.08 46.62
CA VAL B 5 34.98 27.56 47.73
C VAL B 5 34.55 28.18 49.05
N GLU B 6 34.34 27.35 50.07
CA GLU B 6 33.98 27.87 51.39
C GLU B 6 35.16 27.79 52.34
N SER B 7 35.16 28.66 53.34
CA SER B 7 36.13 28.63 54.41
C SER B 7 35.62 29.30 55.68
N GLY B 8 36.49 29.35 56.68
CA GLY B 8 36.17 30.01 57.95
C GLY B 8 35.41 29.16 58.99
N GLY B 9 35.39 27.84 58.85
CA GLY B 9 34.66 27.06 59.84
C GLY B 9 35.54 26.81 61.06
N GLY B 10 35.12 25.92 61.94
CA GLY B 10 35.89 25.66 63.15
C GLY B 10 35.01 25.59 64.40
N LEU B 11 35.64 25.22 65.51
CA LEU B 11 35.00 25.10 66.80
C LEU B 11 35.18 26.31 67.67
N VAL B 12 34.07 26.85 68.14
CA VAL B 12 34.07 27.98 69.03
C VAL B 12 33.20 27.71 70.23
N GLN B 13 33.43 28.43 71.30
CA GLN B 13 32.56 28.38 72.46
C GLN B 13 31.42 29.33 72.20
N ALA B 14 30.23 28.99 72.65
CA ALA B 14 29.08 29.86 72.49
C ALA B 14 29.38 31.25 73.00
N GLY B 15 28.93 32.23 72.24
CA GLY B 15 29.17 33.63 72.51
C GLY B 15 30.25 34.09 71.54
N GLY B 16 30.76 35.29 71.72
CA GLY B 16 31.75 35.80 70.79
C GLY B 16 31.20 35.84 69.37
N SER B 17 32.01 35.39 68.41
CA SER B 17 31.61 35.36 67.01
C SER B 17 32.49 34.49 66.12
N LEU B 18 31.99 34.16 64.92
CA LEU B 18 32.76 33.48 63.87
C LEU B 18 32.49 34.09 62.49
N ARG B 19 33.55 34.28 61.71
CA ARG B 19 33.41 34.80 60.34
C ARG B 19 33.49 33.73 59.27
N LEU B 20 32.45 33.59 58.46
CA LEU B 20 32.47 32.67 57.32
C LEU B 20 32.66 33.44 56.07
N SER B 21 33.30 32.82 55.10
CA SER B 21 33.43 33.46 53.82
C SER B 21 33.52 32.43 52.71
N CYS B 22 33.24 32.88 51.48
CA CYS B 22 33.39 32.08 50.26
C CYS B 22 33.76 32.98 49.09
N ALA B 23 34.30 32.34 48.07
CA ALA B 23 34.65 33.02 46.84
C ALA B 23 33.94 32.35 45.71
N ALA B 24 33.60 33.14 44.70
CA ALA B 24 32.89 32.64 43.56
C ALA B 24 33.46 33.08 42.25
N SER B 25 33.28 32.24 41.24
CA SER B 25 33.61 32.65 39.90
C SER B 25 32.56 33.66 39.48
N GLY B 26 32.83 34.42 38.41
CA GLY B 26 31.86 35.41 37.95
C GLY B 26 30.53 34.78 37.61
N TYR B 27 30.56 33.54 37.13
CA TYR B 27 29.35 32.82 36.76
C TYR B 27 28.34 32.77 37.91
N ILE B 28 28.82 32.55 39.12
CA ILE B 28 27.94 32.45 40.27
C ILE B 28 27.78 33.81 40.93
N PHE B 29 28.85 34.58 41.00
CA PHE B 29 28.83 35.86 41.67
C PHE B 29 27.86 36.83 40.98
N GLY B 30 27.65 36.62 39.68
CA GLY B 30 26.76 37.37 38.83
C GLY B 30 25.28 37.00 38.99
N ARG B 31 24.98 35.99 39.81
CA ARG B 31 23.60 35.55 40.00
C ARG B 31 22.85 36.62 40.73
N ASN B 32 21.53 36.65 40.57
CA ASN B 32 20.72 37.69 41.18
C ASN B 32 20.96 37.87 42.67
N ALA B 33 21.21 36.79 43.38
CA ALA B 33 21.46 36.85 44.79
C ALA B 33 22.23 35.62 45.28
N MET B 34 23.00 35.79 46.35
CA MET B 34 23.74 34.71 47.00
C MET B 34 23.61 34.72 48.50
N GLY B 35 23.72 33.54 49.10
CA GLY B 35 23.64 33.48 50.53
C GLY B 35 24.20 32.22 51.15
N TRP B 36 23.95 32.09 52.44
CA TRP B 36 24.44 30.97 53.18
C TRP B 36 23.31 30.10 53.61
N TYR B 37 23.57 28.83 53.50
CA TYR B 37 22.67 27.76 53.87
C TYR B 37 23.32 26.91 54.93
N ARG B 38 22.54 26.25 55.76
CA ARG B 38 23.17 25.33 56.69
C ARG B 38 22.39 24.04 56.84
N GLN B 39 23.11 22.97 57.12
CA GLN B 39 22.45 21.70 57.38
C GLN B 39 22.99 21.07 58.65
N ALA B 40 22.11 20.91 59.62
CA ALA B 40 22.48 20.29 60.88
C ALA B 40 22.26 18.80 60.70
N PRO B 41 22.95 17.91 61.40
CA PRO B 41 22.72 16.49 61.31
C PRO B 41 21.27 16.17 61.59
N GLY B 42 20.66 15.36 60.73
CA GLY B 42 19.27 14.94 60.89
C GLY B 42 18.26 15.98 60.40
N LYS B 43 18.73 17.09 59.86
CA LYS B 43 17.87 18.18 59.42
C LYS B 43 17.96 18.42 57.92
N GLU B 44 16.95 19.10 57.40
CA GLU B 44 16.92 19.52 56.02
C GLU B 44 17.82 20.74 55.91
N ARG B 45 18.39 20.98 54.75
CA ARG B 45 19.19 22.18 54.59
C ARG B 45 18.26 23.38 54.50
N GLU B 46 18.63 24.47 55.17
CA GLU B 46 17.84 25.69 55.14
C GLU B 46 18.66 26.92 54.79
N LEU B 47 18.00 27.94 54.25
CA LEU B 47 18.67 29.21 53.98
C LEU B 47 18.74 30.01 55.25
N VAL B 48 19.92 30.47 55.59
CA VAL B 48 20.16 31.23 56.80
C VAL B 48 20.07 32.72 56.55
N ALA B 49 20.79 33.15 55.52
CA ALA B 49 20.81 34.58 55.21
C ALA B 49 21.14 34.79 53.74
N GLY B 50 20.67 35.89 53.18
CA GLY B 50 21.00 36.18 51.79
C GLY B 50 21.16 37.65 51.49
N ILE B 51 21.98 37.93 50.49
CA ILE B 51 22.23 39.28 49.99
C ILE B 51 22.10 39.36 48.46
N THR B 52 21.36 40.34 47.96
CA THR B 52 21.21 40.44 46.53
C THR B 52 22.40 41.09 45.87
N ARG B 53 22.49 40.92 44.56
CA ARG B 53 23.52 41.54 43.76
C ARG B 53 23.20 42.99 43.50
N ARG B 54 21.92 43.28 43.30
CA ARG B 54 21.48 44.61 42.99
C ARG B 54 20.77 45.21 44.19
N GLY B 55 21.31 46.30 44.69
CA GLY B 55 20.75 47.01 45.83
C GLY B 55 21.29 46.53 47.16
N SER B 56 22.06 45.45 47.15
CA SER B 56 22.63 44.87 48.36
C SER B 56 21.54 44.68 49.41
N ILE B 57 20.42 44.14 48.97
CA ILE B 57 19.29 43.89 49.84
C ILE B 57 19.56 42.68 50.66
N THR B 58 19.40 42.78 51.96
CA THR B 58 19.65 41.61 52.77
C THR B 58 18.42 41.18 53.49
N TYR B 59 18.40 39.91 53.79
CA TYR B 59 17.34 39.33 54.57
C TYR B 59 17.87 38.15 55.35
N TYR B 60 17.20 37.84 56.45
CA TYR B 60 17.64 36.76 57.32
C TYR B 60 16.50 35.88 57.77
N ALA B 61 16.80 34.62 58.05
CA ALA B 61 15.83 33.71 58.63
C ALA B 61 15.50 34.20 60.03
N ASP B 62 14.26 34.04 60.49
CA ASP B 62 13.89 34.54 61.81
C ASP B 62 14.79 34.07 62.94
N SER B 63 15.24 32.84 62.87
CA SER B 63 16.04 32.26 63.93
C SER B 63 17.40 32.90 64.15
N VAL B 64 17.88 33.70 63.19
CA VAL B 64 19.17 34.38 63.25
C VAL B 64 19.06 35.92 63.10
N LYS B 65 17.83 36.46 63.08
CA LYS B 65 17.71 37.91 62.85
C LYS B 65 18.38 38.78 63.89
N GLY B 66 18.47 38.31 65.11
CA GLY B 66 19.07 39.13 66.15
C GLY B 66 20.59 38.99 66.27
N ARG B 67 21.23 38.18 65.42
CA ARG B 67 22.67 38.03 65.60
C ARG B 67 23.53 37.84 64.33
N PHE B 68 22.95 37.56 63.16
CA PHE B 68 23.81 37.38 61.97
C PHE B 68 23.77 38.59 61.03
N THR B 69 24.92 38.87 60.41
CA THR B 69 25.03 39.90 59.37
C THR B 69 25.63 39.34 58.08
N ILE B 70 24.98 39.58 56.95
CA ILE B 70 25.50 39.10 55.67
C ILE B 70 25.90 40.28 54.81
N SER B 71 27.01 40.14 54.10
CA SER B 71 27.50 41.20 53.23
C SER B 71 28.28 40.61 52.06
N ARG B 72 28.55 41.44 51.05
CA ARG B 72 29.34 41.00 49.91
C ARG B 72 30.34 42.06 49.51
N ASP B 73 31.41 41.63 48.84
CA ASP B 73 32.42 42.56 48.35
C ASP B 73 32.75 42.23 46.92
N ASN B 74 32.23 43.06 46.03
CA ASN B 74 32.32 42.79 44.63
C ASN B 74 33.74 42.84 44.12
N ALA B 75 34.61 43.58 44.79
CA ALA B 75 35.96 43.72 44.29
C ALA B 75 36.70 42.40 44.16
N LYS B 76 36.39 41.45 45.05
CA LYS B 76 37.08 40.17 45.06
C LYS B 76 36.17 39.02 44.69
N ASN B 77 34.97 39.34 44.25
CA ASN B 77 33.94 38.34 43.98
C ASN B 77 33.69 37.42 45.20
N THR B 78 33.57 38.01 46.41
CA THR B 78 33.34 37.22 47.63
C THR B 78 32.06 37.58 48.39
N VAL B 79 31.63 36.64 49.22
CA VAL B 79 30.45 36.77 50.11
C VAL B 79 30.86 36.39 51.53
N TYR B 80 30.37 37.17 52.51
CA TYR B 80 30.69 36.95 53.91
C TYR B 80 29.48 36.80 54.81
N LEU B 81 29.62 36.01 55.86
CA LEU B 81 28.59 35.93 56.88
C LEU B 81 29.23 36.05 58.25
N GLN B 82 28.83 37.05 58.98
CA GLN B 82 29.35 37.28 60.31
C GLN B 82 28.34 36.77 61.32
N MET B 83 28.71 35.73 62.05
CA MET B 83 27.77 35.16 62.98
C MET B 83 28.14 35.51 64.40
N ASN B 84 27.37 36.39 65.01
CA ASN B 84 27.68 36.85 66.35
C ASN B 84 26.86 36.08 67.35
N SER B 85 27.32 36.04 68.59
CA SER B 85 26.56 35.43 69.67
C SER B 85 26.11 34.02 69.33
N LEU B 86 27.02 33.23 68.78
CA LEU B 86 26.70 31.87 68.42
C LEU B 86 26.30 31.03 69.60
N LYS B 87 25.26 30.23 69.39
CA LYS B 87 24.74 29.32 70.40
C LYS B 87 24.93 27.89 69.92
N PRO B 88 24.92 26.85 70.79
CA PRO B 88 25.05 25.45 70.41
C PRO B 88 24.07 25.02 69.31
N GLU B 89 22.91 25.68 69.25
CA GLU B 89 21.88 25.42 68.25
C GLU B 89 22.32 25.76 66.83
N ASP B 90 23.39 26.54 66.69
CA ASP B 90 23.89 26.98 65.41
C ASP B 90 24.90 25.98 64.83
N THR B 91 25.13 24.86 65.51
CA THR B 91 26.04 23.87 64.94
C THR B 91 25.43 23.29 63.67
N ALA B 92 26.19 23.36 62.58
CA ALA B 92 25.73 22.90 61.27
C ALA B 92 26.85 22.94 60.25
N VAL B 93 26.67 22.29 59.11
CA VAL B 93 27.60 22.54 58.03
C VAL B 93 27.05 23.70 57.24
N TYR B 94 27.87 24.71 57.01
CA TYR B 94 27.46 25.89 56.28
C TYR B 94 27.90 25.80 54.84
N TYR B 95 27.05 26.23 53.92
CA TYR B 95 27.31 26.18 52.49
C TYR B 95 27.07 27.54 51.81
N CYS B 96 27.88 27.84 50.78
CA CYS B 96 27.76 29.02 49.93
C CYS B 96 27.00 28.61 48.67
N ALA B 97 25.92 29.28 48.36
CA ALA B 97 25.15 28.94 47.15
C ALA B 97 24.24 30.09 46.74
N ALA B 98 23.75 30.04 45.51
CA ALA B 98 22.82 31.04 45.01
C ALA B 98 21.53 31.05 45.84
N ASP B 99 20.94 32.22 46.03
CA ASP B 99 19.69 32.24 46.79
C ASP B 99 18.63 31.34 46.13
N PRO B 100 18.44 31.34 44.79
CA PRO B 100 17.62 30.37 44.10
C PRO B 100 18.50 29.16 43.79
N ALA B 101 19.10 28.51 44.78
CA ALA B 101 19.98 27.40 44.43
C ALA B 101 19.18 26.21 44.00
N SER B 102 19.62 25.56 42.93
CA SER B 102 18.96 24.34 42.49
C SER B 102 19.73 23.57 41.41
N PRO B 103 19.74 22.24 41.45
CA PRO B 103 20.23 21.37 40.38
C PRO B 103 19.53 21.72 39.06
N ALA B 104 18.32 22.26 39.15
CA ALA B 104 17.51 22.67 38.01
C ALA B 104 18.17 23.79 37.21
N TYR B 105 19.06 24.53 37.85
CA TYR B 105 19.76 25.64 37.24
C TYR B 105 21.21 25.28 37.02
N GLY B 106 21.57 24.02 37.24
CA GLY B 106 22.94 23.58 37.12
C GLY B 106 23.80 23.85 38.35
N ASP B 107 23.20 24.06 39.52
CA ASP B 107 23.98 24.32 40.71
C ASP B 107 24.40 23.03 41.37
N TYR B 108 25.49 23.09 42.09
CA TYR B 108 26.00 22.00 42.88
C TYR B 108 26.34 22.51 44.25
N TRP B 109 26.26 21.65 45.23
CA TRP B 109 26.65 22.02 46.57
C TRP B 109 28.13 21.73 46.70
N GLY B 110 28.83 22.56 47.45
CA GLY B 110 30.25 22.38 47.68
C GLY B 110 30.47 21.51 48.89
N GLN B 111 31.66 21.58 49.46
CA GLN B 111 31.95 20.74 50.61
C GLN B 111 31.25 21.31 51.83
N GLY B 112 31.16 22.64 51.87
CA GLY B 112 30.59 23.31 53.00
C GLY B 112 31.65 23.37 54.06
N THR B 113 31.37 24.03 55.16
CA THR B 113 32.34 24.04 56.22
C THR B 113 31.64 23.84 57.55
N GLN B 114 32.22 23.02 58.41
CA GLN B 114 31.60 22.74 59.69
C GLN B 114 31.87 23.78 60.73
N VAL B 115 30.78 24.26 61.32
CA VAL B 115 30.83 25.20 62.42
C VAL B 115 30.23 24.53 63.62
N THR B 116 31.00 24.45 64.68
CA THR B 116 30.54 23.79 65.88
C THR B 116 30.57 24.74 67.03
N VAL B 117 29.50 24.78 67.78
CA VAL B 117 29.46 25.70 68.89
C VAL B 117 29.27 24.93 70.20
N SER B 118 30.21 25.07 71.12
CA SER B 118 30.18 24.37 72.39
C SER B 118 29.57 25.21 73.52
N SER B 119 29.23 24.58 74.68
CA SER B 119 28.67 25.24 75.86
C SER B 119 29.55 26.43 76.33
N ALA C 27 -25.58 52.53 13.78
CA ALA C 27 -25.90 52.34 12.37
C ALA C 27 -25.06 51.18 11.81
N TYR C 28 -25.73 50.22 11.14
CA TYR C 28 -25.12 49.02 10.54
C TYR C 28 -25.66 48.80 9.16
N THR C 29 -24.87 48.16 8.30
CA THR C 29 -25.36 47.79 6.98
C THR C 29 -24.75 46.53 6.43
N ASN C 30 -25.48 45.86 5.56
CA ASN C 30 -25.05 44.60 4.97
C ASN C 30 -23.84 44.80 4.09
N SER C 31 -22.86 43.90 4.17
CA SER C 31 -21.66 43.97 3.36
C SER C 31 -21.87 43.71 1.87
N PHE C 32 -22.94 43.01 1.51
CA PHE C 32 -23.26 42.70 0.12
C PHE C 32 -22.14 42.10 -0.74
N THR C 33 -21.45 41.10 -0.23
CA THR C 33 -20.38 40.36 -0.91
C THR C 33 -19.25 41.23 -1.46
N ARG C 34 -18.58 41.94 -0.55
CA ARG C 34 -17.47 42.85 -0.82
C ARG C 34 -16.32 42.41 0.06
N GLY C 35 -15.08 42.79 -0.24
CA GLY C 35 -13.97 42.45 0.65
C GLY C 35 -13.09 41.29 0.17
N VAL C 36 -13.31 40.87 -1.06
CA VAL C 36 -12.52 39.86 -1.73
C VAL C 36 -11.32 40.52 -2.33
N TYR C 37 -10.19 39.88 -2.24
CA TYR C 37 -8.93 40.38 -2.74
C TYR C 37 -8.11 39.25 -3.28
N TYR C 38 -7.13 39.58 -4.11
CA TYR C 38 -6.25 38.56 -4.65
C TYR C 38 -5.34 38.05 -3.54
N PRO C 39 -5.45 36.77 -3.13
CA PRO C 39 -4.72 36.21 -2.01
C PRO C 39 -3.22 36.03 -2.22
N ASP C 40 -2.77 36.00 -3.47
CA ASP C 40 -1.36 35.81 -3.74
C ASP C 40 -0.96 36.52 -5.02
N LYS C 41 0.28 36.36 -5.45
CA LYS C 41 0.78 37.03 -6.63
C LYS C 41 0.95 36.07 -7.80
N VAL C 42 0.13 35.02 -7.83
CA VAL C 42 0.20 34.03 -8.88
C VAL C 42 -0.87 34.26 -9.94
N PHE C 43 -0.46 34.32 -11.18
CA PHE C 43 -1.40 34.48 -12.25
C PHE C 43 -2.13 33.19 -12.53
N ARG C 44 -3.43 33.27 -12.60
CA ARG C 44 -4.26 32.12 -12.92
C ARG C 44 -5.27 32.61 -13.87
N SER C 45 -5.81 31.77 -14.73
CA SER C 45 -6.90 32.22 -15.58
C SER C 45 -7.83 31.09 -15.92
N SER C 46 -9.07 31.45 -16.24
CA SER C 46 -10.11 30.49 -16.64
C SER C 46 -10.18 29.31 -15.68
N VAL C 47 -10.23 29.62 -14.38
CA VAL C 47 -10.21 28.57 -13.38
C VAL C 47 -10.94 28.88 -12.09
N LEU C 48 -11.49 27.85 -11.46
CA LEU C 48 -12.08 28.05 -10.16
C LEU C 48 -11.09 27.54 -9.12
N HIS C 49 -10.63 28.43 -8.28
CA HIS C 49 -9.60 28.10 -7.29
C HIS C 49 -10.08 28.21 -5.86
N SER C 50 -9.89 27.16 -5.09
CA SER C 50 -10.32 27.17 -3.68
C SER C 50 -9.22 27.55 -2.72
N THR C 51 -9.51 28.51 -1.84
CA THR C 51 -8.52 28.94 -0.84
C THR C 51 -9.10 29.34 0.51
N GLN C 52 -8.30 29.07 1.56
CA GLN C 52 -8.59 29.39 2.96
C GLN C 52 -7.80 30.61 3.44
N ASP C 53 -8.49 31.70 3.73
CA ASP C 53 -7.79 32.94 4.12
C ASP C 53 -8.73 33.85 4.89
N LEU C 54 -8.25 35.00 5.30
CA LEU C 54 -9.10 35.92 6.03
C LEU C 54 -9.88 36.82 5.08
N PHE C 55 -11.19 36.68 5.11
CA PHE C 55 -12.06 37.43 4.23
C PHE C 55 -13.23 38.00 4.97
N LEU C 56 -13.84 39.04 4.44
CA LEU C 56 -15.05 39.54 5.08
C LEU C 56 -16.16 38.55 4.70
N PRO C 57 -16.88 37.92 5.64
CA PRO C 57 -17.92 36.96 5.35
C PRO C 57 -19.00 37.58 4.52
N PHE C 58 -19.57 36.80 3.62
CA PHE C 58 -20.61 37.35 2.82
C PHE C 58 -21.84 37.58 3.64
N PHE C 59 -22.45 38.70 3.37
CA PHE C 59 -23.67 39.19 3.96
C PHE C 59 -23.65 39.43 5.46
N SER C 60 -22.48 39.51 6.08
CA SER C 60 -22.47 39.92 7.47
C SER C 60 -22.66 41.42 7.36
N ASN C 61 -23.04 42.14 8.45
CA ASN C 61 -23.10 43.62 8.40
C ASN C 61 -21.86 44.23 9.05
N VAL C 62 -21.59 45.49 8.66
CA VAL C 62 -20.46 46.30 9.10
C VAL C 62 -20.98 47.53 9.80
N THR C 63 -20.13 48.14 10.62
CA THR C 63 -20.55 49.30 11.37
C THR C 63 -20.39 50.53 10.52
N TRP C 64 -21.44 51.35 10.47
CA TRP C 64 -21.46 52.55 9.66
C TRP C 64 -21.22 53.81 10.47
N PHE C 65 -20.11 54.46 10.21
CA PHE C 65 -19.73 55.63 10.95
C PHE C 65 -19.95 56.87 10.12
N HIS C 66 -20.34 57.94 10.78
CA HIS C 66 -20.53 59.21 10.08
C HIS C 66 -19.53 60.20 10.60
N ALA C 67 -18.89 60.90 9.65
CA ALA C 67 -17.88 61.93 9.92
C ALA C 67 -18.50 63.28 10.18
N ILE C 68 -19.78 63.41 9.85
CA ILE C 68 -20.46 64.68 9.91
C ILE C 68 -21.45 64.72 11.08
N HIS C 69 -21.17 65.58 12.08
CA HIS C 69 -21.93 65.78 13.34
C HIS C 69 -22.07 64.46 14.11
N ASP C 80 -17.32 61.52 13.44
CA ASP C 80 -16.77 61.02 14.68
C ASP C 80 -15.38 60.38 14.41
N ASN C 81 -14.71 59.89 15.49
CA ASN C 81 -13.37 59.26 15.42
C ASN C 81 -13.07 58.33 16.59
N PRO C 82 -13.82 57.24 16.77
CA PRO C 82 -13.67 56.27 17.84
C PRO C 82 -12.47 55.39 17.63
N VAL C 83 -11.97 54.79 18.69
CA VAL C 83 -10.93 53.80 18.55
C VAL C 83 -11.62 52.46 18.44
N LEU C 84 -11.31 51.72 17.40
CA LEU C 84 -11.94 50.45 17.12
C LEU C 84 -10.94 49.33 17.29
N PRO C 85 -11.36 48.11 17.61
CA PRO C 85 -10.50 46.95 17.68
C PRO C 85 -10.06 46.59 16.29
N PHE C 86 -8.91 45.95 16.17
CA PHE C 86 -8.40 45.47 14.90
C PHE C 86 -8.77 44.00 14.69
N ASN C 87 -8.88 43.27 15.79
CA ASN C 87 -9.15 41.85 15.79
C ASN C 87 -8.18 41.07 14.90
N ASP C 88 -8.70 40.32 13.92
CA ASP C 88 -7.84 39.51 13.08
C ASP C 88 -7.54 40.15 11.75
N GLY C 89 -7.97 41.37 11.58
CA GLY C 89 -7.80 42.07 10.32
C GLY C 89 -9.03 42.90 10.08
N VAL C 90 -8.84 43.96 9.33
CA VAL C 90 -9.88 44.91 9.09
C VAL C 90 -10.28 45.21 7.68
N TYR C 91 -11.59 45.19 7.47
CA TYR C 91 -12.13 45.63 6.21
C TYR C 91 -12.57 47.05 6.40
N PHE C 92 -12.05 47.94 5.58
CA PHE C 92 -12.39 49.35 5.70
C PHE C 92 -12.87 49.92 4.41
N ALA C 93 -13.90 50.73 4.46
CA ALA C 93 -14.33 51.36 3.23
C ALA C 93 -14.87 52.74 3.47
N SER C 94 -14.77 53.59 2.48
CA SER C 94 -15.35 54.91 2.62
C SER C 94 -15.89 55.47 1.34
N THR C 95 -16.82 56.41 1.49
CA THR C 95 -17.42 57.07 0.35
C THR C 95 -17.24 58.56 0.47
N GLU C 96 -16.79 59.16 -0.63
CA GLU C 96 -16.47 60.57 -0.68
C GLU C 96 -16.79 61.43 -1.90
N LYS C 97 -16.79 62.72 -1.62
CA LYS C 97 -16.88 63.85 -2.55
C LYS C 97 -15.72 64.82 -2.30
N SER C 98 -15.33 64.98 -1.01
CA SER C 98 -14.34 65.99 -0.61
C SER C 98 -13.02 65.40 -0.11
N ASN C 99 -12.99 64.10 0.12
CA ASN C 99 -11.81 63.39 0.61
C ASN C 99 -11.31 63.89 1.97
N ILE C 100 -12.22 63.97 2.95
CA ILE C 100 -11.87 64.44 4.29
C ILE C 100 -11.06 63.39 5.06
N ILE C 101 -11.21 62.10 4.71
CA ILE C 101 -10.43 61.07 5.40
C ILE C 101 -9.03 61.13 4.83
N ARG C 102 -8.05 61.26 5.72
CA ARG C 102 -6.66 61.42 5.31
C ARG C 102 -5.82 60.19 5.60
N GLY C 103 -6.21 59.44 6.60
CA GLY C 103 -5.37 58.32 6.98
C GLY C 103 -5.86 57.60 8.21
N TRP C 104 -4.93 56.92 8.85
CA TRP C 104 -5.18 56.10 10.02
C TRP C 104 -3.96 55.72 10.84
N ILE C 105 -4.24 55.36 12.08
CA ILE C 105 -3.28 54.91 13.06
C ILE C 105 -3.53 53.51 13.55
N PHE C 106 -2.51 52.67 13.53
CA PHE C 106 -2.65 51.33 14.05
C PHE C 106 -1.68 51.13 15.21
N GLY C 107 -2.08 50.37 16.21
CA GLY C 107 -1.17 50.10 17.31
C GLY C 107 -1.87 49.33 18.41
N THR C 108 -1.33 49.42 19.62
CA THR C 108 -1.85 48.72 20.77
C THR C 108 -2.35 49.73 21.78
N THR C 109 -1.45 50.20 22.62
CA THR C 109 -1.81 51.14 23.65
C THR C 109 -1.81 52.59 23.19
N LEU C 110 -1.06 52.91 22.12
CA LEU C 110 -1.02 54.26 21.56
C LEU C 110 -0.68 55.32 22.63
N ASP C 111 0.26 54.97 23.51
CA ASP C 111 0.71 55.79 24.64
C ASP C 111 2.14 56.31 24.65
N SER C 112 2.80 56.34 23.49
CA SER C 112 4.20 56.79 23.36
C SER C 112 5.19 55.82 24.01
N LYS C 113 4.74 54.64 24.45
CA LYS C 113 5.65 53.70 25.07
C LYS C 113 6.11 52.62 24.11
N THR C 114 5.30 52.36 23.09
CA THR C 114 5.63 51.31 22.14
C THR C 114 5.45 51.76 20.72
N GLN C 115 5.74 50.89 19.77
CA GLN C 115 5.65 51.32 18.38
C GLN C 115 4.22 51.43 17.93
N SER C 116 3.94 52.46 17.17
CA SER C 116 2.65 52.66 16.55
C SER C 116 2.87 53.01 15.09
N LEU C 117 1.96 52.58 14.24
CA LEU C 117 2.00 52.81 12.81
C LEU C 117 1.11 53.92 12.33
N LEU C 118 1.71 54.93 11.75
CA LEU C 118 0.98 56.08 11.26
C LEU C 118 1.02 56.21 9.76
N ILE C 119 -0.14 56.19 9.12
CA ILE C 119 -0.21 56.32 7.67
C ILE C 119 -0.99 57.56 7.28
N VAL C 120 -0.33 58.52 6.61
CA VAL C 120 -1.04 59.74 6.22
C VAL C 120 -0.86 60.18 4.77
N ASN C 121 -2.00 60.47 4.11
CA ASN C 121 -2.04 60.99 2.75
C ASN C 121 -2.00 62.52 2.84
N ASN C 122 -0.92 63.14 2.36
CA ASN C 122 -0.72 64.58 2.49
C ASN C 122 0.01 65.19 1.30
N ALA C 123 -0.50 66.33 0.83
CA ALA C 123 0.09 67.03 -0.29
C ALA C 123 0.09 66.12 -1.50
N THR C 124 1.27 65.76 -1.98
CA THR C 124 1.37 64.94 -3.18
C THR C 124 1.89 63.53 -2.90
N ASN C 125 1.96 63.12 -1.64
CA ASN C 125 2.51 61.78 -1.37
C ASN C 125 1.90 61.13 -0.13
N VAL C 126 2.34 59.91 0.16
CA VAL C 126 1.87 59.17 1.32
C VAL C 126 3.05 58.78 2.19
N VAL C 127 2.97 59.18 3.44
CA VAL C 127 4.06 58.96 4.36
C VAL C 127 3.71 57.98 5.45
N ILE C 128 4.53 56.94 5.56
CA ILE C 128 4.31 55.90 6.55
C ILE C 128 5.45 55.83 7.56
N LYS C 129 5.10 55.96 8.82
CA LYS C 129 6.12 55.89 9.88
C LYS C 129 5.75 54.98 11.02
N VAL C 130 6.75 54.32 11.58
CA VAL C 130 6.51 53.52 12.79
C VAL C 130 7.43 54.05 13.87
N CYS C 131 6.83 54.59 14.97
CA CYS C 131 7.52 55.29 16.05
C CYS C 131 6.75 55.21 17.35
N GLU C 132 7.39 55.65 18.43
CA GLU C 132 6.80 55.76 19.75
C GLU C 132 6.08 57.10 19.79
N PHE C 133 5.04 57.19 18.99
CA PHE C 133 4.34 58.42 18.78
C PHE C 133 3.45 58.84 19.91
N GLN C 134 3.42 60.15 20.12
CA GLN C 134 2.49 60.72 21.07
C GLN C 134 1.26 61.12 20.32
N PHE C 135 0.16 60.55 20.72
CA PHE C 135 -1.08 60.82 20.06
C PHE C 135 -2.00 61.67 20.91
N CYS C 136 -2.88 62.36 20.22
CA CYS C 136 -3.94 63.13 20.83
C CYS C 136 -5.01 62.11 21.13
N ASN C 137 -5.94 62.38 22.03
CA ASN C 137 -7.01 61.42 22.23
C ASN C 137 -7.90 61.36 20.98
N ASP C 138 -7.97 62.49 20.28
CA ASP C 138 -8.73 62.68 19.08
C ASP C 138 -7.91 63.34 17.96
N PRO C 139 -6.88 62.69 17.39
CA PRO C 139 -5.96 63.27 16.43
C PRO C 139 -6.73 63.73 15.23
N PHE C 140 -6.30 64.82 14.62
CA PHE C 140 -6.96 65.30 13.41
C PHE C 140 -6.03 66.16 12.60
N LEU C 141 -6.43 66.44 11.37
CA LEU C 141 -5.66 67.32 10.50
C LEU C 141 -6.44 68.59 10.19
N GLY C 142 -6.01 69.74 10.67
CA GLY C 142 -6.86 70.90 10.37
C GLY C 142 -6.79 71.22 8.86
N VAL C 143 -7.91 71.72 8.28
CA VAL C 143 -8.02 72.15 6.88
C VAL C 143 -7.47 73.58 6.78
N ASN C 165 12.33 57.93 19.02
CA ASN C 165 13.37 57.01 18.56
C ASN C 165 13.13 56.60 17.09
N CYS C 166 11.97 55.93 16.81
CA CYS C 166 11.51 55.41 15.51
C CYS C 166 12.24 54.15 15.04
N THR C 167 11.52 53.33 14.27
CA THR C 167 12.08 52.11 13.71
C THR C 167 11.96 51.97 12.19
N PHE C 168 10.89 52.52 11.63
CA PHE C 168 10.61 52.34 10.20
C PHE C 168 10.07 53.58 9.55
N GLU C 169 10.52 53.83 8.32
CA GLU C 169 9.95 54.90 7.54
C GLU C 169 9.94 54.54 6.06
N TYR C 170 8.83 54.84 5.43
CA TYR C 170 8.61 54.62 4.02
C TYR C 170 7.77 55.70 3.38
N VAL C 171 8.12 56.12 2.18
CA VAL C 171 7.30 57.08 1.47
C VAL C 171 6.97 56.52 0.08
N SER C 172 5.67 56.54 -0.33
CA SER C 172 5.20 56.06 -1.64
C SER C 172 5.50 57.11 -2.70
N PHE C 186 -22.43 60.11 -3.50
CA PHE C 186 -21.00 60.33 -3.44
C PHE C 186 -20.49 60.03 -4.85
N LYS C 187 -19.17 60.23 -5.09
CA LYS C 187 -18.51 59.99 -6.39
C LYS C 187 -17.42 58.93 -6.31
N ASN C 188 -16.75 58.84 -5.17
CA ASN C 188 -15.59 57.98 -5.04
C ASN C 188 -15.64 56.95 -3.92
N LEU C 189 -15.56 55.68 -4.30
CA LEU C 189 -15.55 54.59 -3.32
C LEU C 189 -14.18 54.03 -3.18
N ARG C 190 -13.70 53.96 -1.95
CA ARG C 190 -12.41 53.36 -1.74
C ARG C 190 -12.52 52.25 -0.72
N GLU C 191 -11.93 51.11 -1.05
CA GLU C 191 -11.95 49.97 -0.16
C GLU C 191 -10.56 49.48 0.13
N PHE C 192 -10.34 49.11 1.39
CA PHE C 192 -9.06 48.61 1.86
C PHE C 192 -9.16 47.40 2.77
N VAL C 193 -8.16 46.55 2.70
CA VAL C 193 -8.01 45.45 3.63
C VAL C 193 -6.69 45.48 4.33
N PHE C 194 -6.74 45.43 5.64
CA PHE C 194 -5.54 45.46 6.47
C PHE C 194 -5.33 44.20 7.28
N LYS C 195 -4.24 43.48 7.05
CA LYS C 195 -4.00 42.30 7.88
C LYS C 195 -2.53 42.14 8.27
N ASN C 196 -2.28 41.54 9.45
CA ASN C 196 -0.92 41.30 9.93
C ASN C 196 -0.43 39.87 9.87
N ILE C 197 0.45 39.59 8.92
CA ILE C 197 0.94 38.23 8.80
C ILE C 197 2.45 38.17 8.80
N ASP C 198 2.99 37.42 9.74
CA ASP C 198 4.43 37.22 9.87
C ASP C 198 5.19 38.54 9.90
N GLY C 199 4.64 39.52 10.59
CA GLY C 199 5.30 40.80 10.73
C GLY C 199 4.95 41.79 9.62
N TYR C 200 4.24 41.36 8.60
CA TYR C 200 3.92 42.28 7.53
C TYR C 200 2.57 42.91 7.63
N PHE C 201 2.53 44.21 7.41
CA PHE C 201 1.28 44.89 7.38
C PHE C 201 0.88 44.93 5.92
N LYS C 202 -0.05 44.08 5.57
CA LYS C 202 -0.44 43.92 4.19
C LYS C 202 -1.64 44.75 3.86
N ILE C 203 -1.51 45.58 2.82
CA ILE C 203 -2.61 46.44 2.44
C ILE C 203 -3.06 46.14 1.03
N TYR C 204 -4.36 45.92 0.88
CA TYR C 204 -4.98 45.69 -0.42
C TYR C 204 -5.93 46.83 -0.65
N SER C 205 -6.16 47.20 -1.90
CA SER C 205 -7.12 48.26 -2.14
C SER C 205 -7.74 48.31 -3.53
N LYS C 206 -8.84 49.06 -3.61
CA LYS C 206 -9.50 49.34 -4.88
C LYS C 206 -10.19 50.71 -4.84
N HIS C 207 -10.15 51.42 -5.95
CA HIS C 207 -10.85 52.69 -6.11
C HIS C 207 -11.79 52.62 -7.30
N THR C 208 -13.10 52.75 -7.06
CA THR C 208 -14.10 52.69 -8.11
C THR C 208 -15.03 53.89 -8.02
N PRO C 209 -15.66 54.33 -9.12
CA PRO C 209 -16.68 55.37 -9.14
C PRO C 209 -17.99 54.86 -8.58
N ILE C 210 -18.70 55.73 -7.89
CA ILE C 210 -20.04 55.48 -7.36
C ILE C 210 -21.04 56.61 -7.60
N ASN C 211 -22.32 56.30 -7.41
CA ASN C 211 -23.40 57.27 -7.45
C ASN C 211 -24.38 57.11 -6.26
N LEU C 212 -23.89 56.51 -5.18
CA LEU C 212 -24.74 56.21 -4.02
C LEU C 212 -24.36 56.92 -2.72
N VAL C 213 -25.33 57.60 -2.10
CA VAL C 213 -25.11 58.31 -0.83
C VAL C 213 -25.60 57.56 0.42
N ARG C 214 -26.82 57.07 0.35
CA ARG C 214 -27.53 56.46 1.47
C ARG C 214 -27.05 55.09 1.96
N ASP C 215 -26.23 54.38 1.20
CA ASP C 215 -25.84 53.05 1.65
C ASP C 215 -24.51 52.60 1.03
N LEU C 216 -24.08 51.40 1.40
CA LEU C 216 -22.86 50.78 0.90
C LEU C 216 -23.19 50.18 -0.50
N PRO C 217 -22.44 50.49 -1.56
CA PRO C 217 -22.63 49.99 -2.92
C PRO C 217 -22.57 48.48 -3.03
N GLN C 218 -23.39 47.93 -3.92
CA GLN C 218 -23.45 46.50 -4.20
C GLN C 218 -22.72 46.15 -5.49
N GLY C 219 -22.33 44.88 -5.62
CA GLY C 219 -21.68 44.38 -6.82
C GLY C 219 -20.37 43.71 -6.44
N PHE C 220 -19.75 42.98 -7.34
CA PHE C 220 -18.51 42.30 -6.97
C PHE C 220 -17.29 42.95 -7.58
N SER C 221 -16.27 43.13 -6.77
CA SER C 221 -14.98 43.64 -7.21
C SER C 221 -13.91 43.14 -6.26
N ALA C 222 -12.77 42.71 -6.79
CA ALA C 222 -11.68 42.23 -5.94
C ALA C 222 -10.64 43.33 -5.75
N LEU C 223 -10.02 43.37 -4.58
CA LEU C 223 -8.97 44.34 -4.28
C LEU C 223 -7.63 43.78 -4.69
N GLU C 224 -6.70 44.65 -5.08
CA GLU C 224 -5.36 44.22 -5.46
C GLU C 224 -4.40 44.61 -4.37
N PRO C 225 -3.28 43.92 -4.17
CA PRO C 225 -2.30 44.31 -3.19
C PRO C 225 -1.75 45.65 -3.58
N LEU C 226 -1.56 46.50 -2.61
CA LEU C 226 -1.03 47.83 -2.81
C LEU C 226 0.39 47.94 -2.32
N VAL C 227 0.59 47.49 -1.11
CA VAL C 227 1.88 47.57 -0.45
C VAL C 227 1.98 46.48 0.60
N ASP C 228 3.18 46.02 0.86
CA ASP C 228 3.38 45.00 1.88
C ASP C 228 4.57 45.47 2.73
N LEU C 229 4.26 45.96 3.93
CA LEU C 229 5.26 46.62 4.78
C LEU C 229 5.95 45.73 5.83
N PRO C 230 7.29 45.58 5.78
CA PRO C 230 8.11 44.74 6.66
C PRO C 230 8.37 45.41 7.99
N ILE C 231 7.33 45.56 8.77
CA ILE C 231 7.44 46.30 10.01
C ILE C 231 7.70 45.50 11.28
N GLY C 232 6.98 44.39 11.51
CA GLY C 232 7.14 43.66 12.76
C GLY C 232 6.39 44.30 13.94
N ILE C 233 5.30 45.00 13.64
CA ILE C 233 4.52 45.70 14.66
C ILE C 233 3.26 44.93 15.10
N ASN C 234 3.06 44.88 16.44
CA ASN C 234 1.91 44.31 17.14
C ASN C 234 0.78 45.36 17.14
N ILE C 235 -0.38 45.04 16.52
CA ILE C 235 -1.57 45.90 16.37
C ILE C 235 -2.81 45.22 16.94
N THR C 236 -3.50 45.89 17.85
CA THR C 236 -4.73 45.34 18.42
C THR C 236 -5.91 46.29 18.23
N ARG C 237 -5.62 47.57 18.01
CA ARG C 237 -6.61 48.65 17.87
C ARG C 237 -6.21 49.63 16.77
N PHE C 238 -7.18 50.37 16.24
CA PHE C 238 -6.86 51.42 15.29
C PHE C 238 -7.84 52.58 15.37
N GLN C 239 -7.43 53.72 14.83
CA GLN C 239 -8.28 54.91 14.79
C GLN C 239 -8.06 55.61 13.48
N THR C 240 -9.11 56.16 12.86
CA THR C 240 -8.91 56.87 11.61
C THR C 240 -8.48 58.31 11.82
N LEU C 241 -8.00 58.93 10.75
CA LEU C 241 -7.62 60.34 10.75
C LEU C 241 -8.38 61.12 9.72
N LEU C 242 -9.12 62.10 10.20
CA LEU C 242 -9.92 62.96 9.36
C LEU C 242 -9.46 64.37 9.48
N ALA C 243 -9.58 65.12 8.40
CA ALA C 243 -9.29 66.52 8.47
C ALA C 243 -10.52 67.29 8.97
N LEU C 244 -10.31 68.42 9.63
CA LEU C 244 -11.46 69.19 10.12
C LEU C 244 -11.61 70.61 9.56
N HIS C 245 -12.87 70.99 9.26
CA HIS C 245 -13.28 72.31 8.78
C HIS C 245 -13.63 73.19 9.99
N ALA C 263 -16.43 61.71 5.10
CA ALA C 263 -17.87 61.93 5.09
C ALA C 263 -18.59 60.76 5.80
N ALA C 264 -18.30 59.52 5.39
CA ALA C 264 -18.82 58.28 5.97
C ALA C 264 -17.87 57.14 5.69
N TYR C 265 -17.82 56.19 6.60
CA TYR C 265 -17.00 55.02 6.42
C TYR C 265 -17.57 53.79 7.11
N TYR C 266 -17.11 52.63 6.70
CA TYR C 266 -17.60 51.40 7.23
C TYR C 266 -16.48 50.52 7.74
N VAL C 267 -16.71 49.82 8.85
CA VAL C 267 -15.72 48.89 9.34
C VAL C 267 -16.25 47.49 9.61
N GLY C 268 -15.59 46.50 9.02
CA GLY C 268 -15.94 45.11 9.21
C GLY C 268 -14.73 44.34 9.67
N TYR C 269 -14.91 43.06 9.93
CA TYR C 269 -13.77 42.25 10.36
C TYR C 269 -13.67 41.00 9.55
N LEU C 270 -12.44 40.55 9.36
CA LEU C 270 -12.19 39.37 8.56
C LEU C 270 -12.24 38.11 9.37
N GLN C 271 -12.59 37.00 8.72
CA GLN C 271 -12.61 35.71 9.35
C GLN C 271 -11.91 34.64 8.51
N PRO C 272 -11.34 33.61 9.13
CA PRO C 272 -10.61 32.52 8.51
C PRO C 272 -11.48 31.47 7.86
N ARG C 273 -11.99 31.78 6.67
CA ARG C 273 -12.87 30.83 6.00
C ARG C 273 -12.51 30.62 4.53
N THR C 274 -12.97 29.50 3.98
CA THR C 274 -12.74 29.16 2.59
C THR C 274 -13.73 29.75 1.61
N PHE C 275 -13.16 30.21 0.51
CA PHE C 275 -13.83 30.73 -0.66
C PHE C 275 -13.45 30.03 -1.94
N LEU C 276 -14.41 29.93 -2.84
CA LEU C 276 -14.12 29.44 -4.17
C LEU C 276 -14.06 30.68 -5.06
N LEU C 277 -12.90 30.96 -5.66
CA LEU C 277 -12.74 32.17 -6.45
C LEU C 277 -12.74 31.88 -7.93
N LYS C 278 -13.47 32.70 -8.69
CA LYS C 278 -13.54 32.53 -10.12
C LYS C 278 -12.70 33.51 -10.90
N TYR C 279 -11.71 32.99 -11.63
CA TYR C 279 -10.81 33.78 -12.47
C TYR C 279 -11.24 33.71 -13.92
N ASN C 280 -11.33 34.87 -14.57
CA ASN C 280 -11.72 34.92 -15.99
C ASN C 280 -10.51 34.69 -16.87
N GLU C 281 -10.66 34.81 -18.19
CA GLU C 281 -9.53 34.52 -19.08
C GLU C 281 -8.30 35.45 -18.98
N ASN C 282 -8.45 36.65 -18.36
CA ASN C 282 -7.38 37.63 -18.15
C ASN C 282 -6.82 37.57 -16.72
N GLY C 283 -7.27 36.59 -15.89
CA GLY C 283 -6.87 36.38 -14.51
C GLY C 283 -7.51 37.32 -13.52
N THR C 284 -8.65 37.90 -13.87
CA THR C 284 -9.31 38.81 -12.97
C THR C 284 -10.33 38.03 -12.19
N ILE C 285 -10.40 38.25 -10.89
CA ILE C 285 -11.41 37.55 -10.13
C ILE C 285 -12.72 38.24 -10.43
N THR C 286 -13.70 37.51 -10.91
CA THR C 286 -14.98 38.10 -11.26
C THR C 286 -16.08 37.65 -10.33
N ASP C 287 -15.88 36.54 -9.63
CA ASP C 287 -16.92 36.11 -8.71
C ASP C 287 -16.33 35.32 -7.55
N ALA C 288 -17.18 34.93 -6.60
CA ALA C 288 -16.73 34.13 -5.47
C ALA C 288 -17.86 33.44 -4.70
N VAL C 289 -17.56 32.31 -4.08
CA VAL C 289 -18.51 31.64 -3.21
C VAL C 289 -18.01 31.54 -1.79
N ASP C 290 -18.82 32.01 -0.86
CA ASP C 290 -18.49 31.89 0.57
C ASP C 290 -18.99 30.52 0.99
N CYS C 291 -18.06 29.57 1.22
CA CYS C 291 -18.33 28.15 1.40
C CYS C 291 -19.02 27.86 2.73
N ALA C 292 -19.15 28.86 3.60
CA ALA C 292 -19.82 28.60 4.86
C ALA C 292 -21.03 29.49 5.04
N LEU C 293 -21.51 30.10 3.97
CA LEU C 293 -22.67 30.97 4.07
C LEU C 293 -23.99 30.25 4.29
N ASP C 294 -24.25 29.19 3.52
CA ASP C 294 -25.48 28.43 3.62
C ASP C 294 -25.25 27.08 2.92
N PRO C 295 -26.18 26.11 2.94
CA PRO C 295 -26.08 24.82 2.29
C PRO C 295 -25.97 24.84 0.77
N LEU C 296 -26.36 25.93 0.10
CA LEU C 296 -26.25 25.88 -1.34
C LEU C 296 -24.83 26.22 -1.68
N SER C 297 -24.27 27.15 -0.93
CA SER C 297 -22.90 27.52 -1.14
C SER C 297 -22.02 26.32 -0.80
N GLU C 298 -22.39 25.55 0.23
CA GLU C 298 -21.59 24.39 0.53
C GLU C 298 -21.60 23.44 -0.63
N THR C 299 -22.75 23.27 -1.27
CA THR C 299 -22.84 22.40 -2.42
C THR C 299 -21.97 22.93 -3.55
N LYS C 300 -22.03 24.22 -3.81
CA LYS C 300 -21.21 24.80 -4.88
C LYS C 300 -19.71 24.58 -4.69
N CYS C 301 -19.20 24.74 -3.44
CA CYS C 301 -17.79 24.53 -3.11
C CYS C 301 -17.43 23.05 -3.23
N THR C 302 -18.32 22.19 -2.78
CA THR C 302 -18.10 20.75 -2.82
C THR C 302 -17.91 20.27 -4.24
N LEU C 303 -18.73 20.79 -5.14
CA LEU C 303 -18.72 20.41 -6.52
C LEU C 303 -17.80 21.24 -7.42
N LYS C 304 -17.10 22.23 -6.85
CA LYS C 304 -16.25 23.11 -7.63
C LYS C 304 -16.99 23.73 -8.79
N SER C 305 -18.16 24.28 -8.52
CA SER C 305 -18.94 24.90 -9.59
C SER C 305 -19.81 26.03 -9.12
N PHE C 306 -20.03 27.01 -9.97
CA PHE C 306 -20.94 28.09 -9.63
C PHE C 306 -22.35 27.78 -10.10
N THR C 307 -22.49 26.64 -10.77
CA THR C 307 -23.76 26.14 -11.28
C THR C 307 -24.01 24.74 -10.75
N VAL C 308 -25.19 24.52 -10.19
CA VAL C 308 -25.51 23.22 -9.62
C VAL C 308 -26.73 22.59 -10.27
N GLU C 309 -26.57 21.34 -10.63
CA GLU C 309 -27.58 20.52 -11.25
C GLU C 309 -28.61 20.03 -10.25
N LYS C 310 -29.75 19.62 -10.75
CA LYS C 310 -30.77 19.05 -9.89
C LYS C 310 -30.34 17.72 -9.33
N GLY C 311 -30.60 17.50 -8.05
CA GLY C 311 -30.26 16.23 -7.40
C GLY C 311 -29.85 16.37 -5.95
N ILE C 312 -29.25 15.31 -5.40
CA ILE C 312 -28.83 15.33 -4.01
C ILE C 312 -27.35 15.18 -3.91
N TYR C 313 -26.74 16.08 -3.18
CA TYR C 313 -25.31 16.01 -3.03
C TYR C 313 -24.97 15.87 -1.57
N GLN C 314 -23.98 15.05 -1.23
CA GLN C 314 -23.58 14.93 0.15
C GLN C 314 -22.43 15.86 0.36
N THR C 315 -22.61 16.82 1.25
CA THR C 315 -21.61 17.86 1.43
C THR C 315 -20.96 17.88 2.80
N SER C 316 -21.61 17.32 3.79
CA SER C 316 -21.04 17.44 5.12
C SER C 316 -21.33 16.26 6.02
N ASN C 317 -20.96 16.44 7.28
CA ASN C 317 -21.07 15.45 8.34
C ASN C 317 -21.55 16.04 9.64
N PHE C 318 -22.65 15.50 10.13
CA PHE C 318 -23.26 15.95 11.36
C PHE C 318 -22.73 15.16 12.52
N ARG C 319 -22.32 15.87 13.56
CA ARG C 319 -21.83 15.21 14.76
C ARG C 319 -22.38 15.86 16.00
N VAL C 320 -22.96 15.06 16.89
CA VAL C 320 -23.40 15.58 18.15
C VAL C 320 -22.21 15.83 19.02
N GLN C 321 -22.15 17.00 19.62
CA GLN C 321 -21.02 17.34 20.45
C GLN C 321 -21.34 17.07 21.90
N PRO C 322 -20.35 16.71 22.71
CA PRO C 322 -20.49 16.55 24.12
C PRO C 322 -20.75 17.89 24.71
N THR C 323 -21.59 17.93 25.72
CA THR C 323 -21.88 19.19 26.41
C THR C 323 -21.34 19.22 27.80
N GLU C 324 -21.05 18.06 28.36
CA GLU C 324 -20.56 17.99 29.73
C GLU C 324 -19.48 16.93 29.82
N SER C 325 -18.92 16.76 31.00
CA SER C 325 -17.92 15.74 31.22
C SER C 325 -18.18 15.07 32.55
N ILE C 326 -17.78 13.82 32.64
CA ILE C 326 -17.93 13.02 33.82
C ILE C 326 -16.65 12.41 34.30
N VAL C 327 -16.31 12.65 35.55
CA VAL C 327 -15.11 12.05 36.10
C VAL C 327 -15.45 11.22 37.32
N ARG C 328 -15.16 9.93 37.28
CA ARG C 328 -15.54 9.10 38.42
C ARG C 328 -14.40 8.22 38.91
N PHE C 329 -14.14 8.31 40.21
CA PHE C 329 -13.11 7.52 40.86
C PHE C 329 -13.65 6.90 42.14
N PRO C 330 -13.08 5.79 42.61
CA PRO C 330 -13.43 5.14 43.86
C PRO C 330 -13.00 6.04 45.00
N ASN C 331 -13.54 5.82 46.22
CA ASN C 331 -13.28 6.64 47.41
C ASN C 331 -11.91 6.34 48.04
N ILE C 332 -10.84 6.77 47.36
CA ILE C 332 -9.46 6.62 47.82
C ILE C 332 -8.99 7.97 48.29
N THR C 333 -8.71 8.07 49.57
CA THR C 333 -8.26 9.30 50.17
C THR C 333 -6.80 9.20 50.56
N ASN C 334 -6.34 7.97 50.68
CA ASN C 334 -4.99 7.61 51.06
C ASN C 334 -3.99 8.13 50.04
N LEU C 335 -2.94 8.79 50.51
CA LEU C 335 -1.94 9.28 49.57
C LEU C 335 -0.86 8.22 49.41
N CYS C 336 -0.27 8.10 48.20
CA CYS C 336 0.78 7.12 47.90
C CYS C 336 2.06 7.48 48.63
N PRO C 337 2.69 6.51 49.32
CA PRO C 337 3.86 6.66 50.15
C PRO C 337 5.14 6.81 49.35
N PHE C 338 5.20 7.86 48.54
CA PHE C 338 6.39 8.07 47.76
C PHE C 338 7.49 8.55 48.67
N GLY C 339 7.14 9.30 49.72
CA GLY C 339 8.14 9.83 50.63
C GLY C 339 8.94 8.72 51.30
N GLU C 340 8.30 7.60 51.55
CA GLU C 340 8.95 6.47 52.21
C GLU C 340 10.00 5.79 51.34
N VAL C 341 9.96 6.03 50.04
CA VAL C 341 10.91 5.42 49.15
C VAL C 341 11.94 6.47 48.80
N PHE C 342 11.43 7.62 48.43
CA PHE C 342 12.15 8.78 47.97
C PHE C 342 13.05 9.50 49.00
N ASN C 343 12.53 9.74 50.24
CA ASN C 343 13.18 10.47 51.33
C ASN C 343 13.74 9.53 52.42
N ALA C 344 14.03 8.25 52.06
CA ALA C 344 14.57 7.21 52.94
C ALA C 344 15.97 7.56 53.42
N THR C 345 16.29 7.13 54.63
CA THR C 345 17.60 7.40 55.17
C THR C 345 18.65 6.48 54.60
N ARG C 346 18.23 5.31 54.15
CA ARG C 346 19.14 4.35 53.58
C ARG C 346 18.61 3.77 52.30
N PHE C 347 19.49 3.71 51.34
CA PHE C 347 19.25 3.13 50.05
C PHE C 347 20.04 1.87 49.90
N ALA C 348 19.54 0.98 49.09
CA ALA C 348 20.21 -0.26 48.81
C ALA C 348 21.37 -0.10 47.88
N SER C 349 22.27 -1.06 47.98
CA SER C 349 23.34 -1.23 47.06
C SER C 349 22.70 -1.57 45.75
N VAL C 350 23.29 -1.16 44.65
CA VAL C 350 22.66 -1.47 43.39
C VAL C 350 22.60 -2.94 43.10
N TYR C 351 23.57 -3.72 43.56
CA TYR C 351 23.52 -5.15 43.27
C TYR C 351 22.32 -5.84 43.93
N ALA C 352 21.79 -5.22 44.99
CA ALA C 352 20.70 -5.77 45.76
C ALA C 352 19.68 -4.69 45.99
N TRP C 353 19.11 -4.22 44.89
CA TRP C 353 18.20 -3.09 44.86
C TRP C 353 16.89 -3.38 45.57
N ASN C 354 16.27 -2.36 46.17
CA ASN C 354 15.02 -2.56 46.88
C ASN C 354 13.83 -2.40 45.98
N ARG C 355 12.72 -3.02 46.37
CA ARG C 355 11.45 -2.82 45.69
C ARG C 355 10.28 -2.72 46.63
N LYS C 356 9.38 -1.78 46.34
CA LYS C 356 8.14 -1.64 47.09
C LYS C 356 6.93 -1.47 46.16
N ARG C 357 5.79 -2.01 46.59
CA ARG C 357 4.57 -1.81 45.82
C ARG C 357 3.72 -0.67 46.36
N ILE C 358 3.20 0.09 45.42
CA ILE C 358 2.30 1.20 45.68
C ILE C 358 0.90 0.86 45.15
N SER C 359 -0.09 0.89 46.04
CA SER C 359 -1.48 0.57 45.69
C SER C 359 -2.48 1.24 46.62
N ASN C 360 -3.75 1.31 46.19
CA ASN C 360 -4.87 1.82 47.01
C ASN C 360 -4.59 3.20 47.55
N CYS C 361 -4.18 4.10 46.62
CA CYS C 361 -3.75 5.45 46.93
C CYS C 361 -3.87 6.44 45.76
N VAL C 362 -3.69 7.70 46.14
CA VAL C 362 -3.66 8.82 45.23
C VAL C 362 -2.22 9.19 44.97
N ALA C 363 -1.85 9.12 43.72
CA ALA C 363 -0.48 9.33 43.32
C ALA C 363 -0.24 10.71 42.79
N ASP C 364 0.39 11.52 43.60
CA ASP C 364 0.70 12.88 43.23
C ASP C 364 2.03 12.84 42.53
N TYR C 365 2.05 13.11 41.24
CA TYR C 365 3.28 13.05 40.49
C TYR C 365 3.88 14.42 40.32
N SER C 366 3.05 15.48 40.40
CA SER C 366 3.56 16.85 40.26
C SER C 366 4.53 17.16 41.40
N VAL C 367 4.29 16.56 42.55
CA VAL C 367 5.17 16.79 43.67
C VAL C 367 6.60 16.33 43.36
N LEU C 368 6.77 15.33 42.49
CA LEU C 368 8.10 14.89 42.15
C LEU C 368 8.57 15.65 40.93
N TYR C 369 7.70 15.77 39.94
CA TYR C 369 8.08 16.38 38.67
C TYR C 369 8.56 17.79 38.79
N ASN C 370 7.87 18.60 39.57
CA ASN C 370 8.22 19.99 39.69
C ASN C 370 9.21 20.25 40.81
N SER C 371 9.77 19.21 41.42
CA SER C 371 10.73 19.46 42.46
C SER C 371 12.07 19.87 41.90
N ALA C 372 12.62 20.89 42.51
CA ALA C 372 13.88 21.47 42.13
C ALA C 372 15.08 20.58 42.43
N SER C 373 14.89 19.61 43.30
CA SER C 373 15.99 18.78 43.74
C SER C 373 16.47 17.73 42.75
N PHE C 374 15.74 17.47 41.67
CA PHE C 374 16.18 16.40 40.78
C PHE C 374 17.27 16.80 39.81
N SER C 375 18.23 15.89 39.60
CA SER C 375 19.26 16.13 38.60
C SER C 375 18.77 15.62 37.26
N THR C 376 17.88 14.62 37.33
CA THR C 376 17.28 14.06 36.14
C THR C 376 15.90 13.49 36.42
N PHE C 377 15.04 13.57 35.41
CA PHE C 377 13.70 13.03 35.50
C PHE C 377 13.26 12.62 34.10
N LYS C 378 13.50 11.38 33.74
CA LYS C 378 13.19 10.92 32.40
C LYS C 378 12.13 9.82 32.37
N CYS C 379 11.03 10.05 31.61
CA CYS C 379 9.93 9.09 31.47
C CYS C 379 9.94 8.45 30.10
N TYR C 380 9.68 7.17 30.10
CA TYR C 380 9.62 6.33 28.93
C TYR C 380 8.23 5.80 28.70
N GLY C 381 7.67 6.12 27.55
CA GLY C 381 6.35 5.65 27.16
C GLY C 381 5.23 6.56 27.63
N VAL C 382 5.55 7.52 28.45
CA VAL C 382 4.57 8.46 28.96
C VAL C 382 5.20 9.81 29.19
N SER C 383 4.46 10.87 28.93
CA SER C 383 4.92 12.20 29.23
C SER C 383 4.92 12.43 30.72
N PRO C 384 5.96 13.04 31.31
CA PRO C 384 6.07 13.31 32.72
C PRO C 384 5.04 14.30 33.20
N THR C 385 4.41 15.03 32.29
CA THR C 385 3.45 16.02 32.71
C THR C 385 2.02 15.52 32.60
N LYS C 386 1.82 14.30 32.14
CA LYS C 386 0.47 13.76 32.03
C LYS C 386 0.22 12.70 33.07
N LEU C 387 1.20 12.47 33.92
CA LEU C 387 1.11 11.39 34.90
C LEU C 387 -0.01 11.56 35.88
N ASN C 388 -0.35 12.79 36.22
CA ASN C 388 -1.38 13.02 37.22
C ASN C 388 -2.76 12.69 36.68
N ASP C 389 -2.89 12.52 35.37
CA ASP C 389 -4.17 12.22 34.79
C ASP C 389 -4.35 10.74 34.50
N LEU C 390 -3.36 9.93 34.83
CA LEU C 390 -3.41 8.52 34.50
C LEU C 390 -3.64 7.63 35.71
N CYS C 391 -4.27 6.46 35.46
CA CYS C 391 -4.48 5.39 36.42
C CYS C 391 -3.63 4.19 36.06
N PHE C 392 -3.23 3.47 37.08
CA PHE C 392 -2.37 2.30 36.99
C PHE C 392 -2.97 1.14 37.75
N THR C 393 -2.59 -0.07 37.37
CA THR C 393 -3.02 -1.20 38.15
C THR C 393 -2.33 -0.95 39.46
N ASN C 394 -1.00 -0.90 39.38
CA ASN C 394 -0.16 -0.54 40.50
C ASN C 394 1.13 0.11 40.02
N VAL C 395 1.93 0.55 40.98
CA VAL C 395 3.20 1.14 40.68
C VAL C 395 4.32 0.47 41.48
N TYR C 396 5.39 0.11 40.80
CA TYR C 396 6.52 -0.49 41.50
C TYR C 396 7.63 0.51 41.63
N ALA C 397 8.12 0.69 42.84
CA ALA C 397 9.21 1.64 43.03
C ALA C 397 10.50 0.94 43.41
N ASP C 398 11.47 0.97 42.49
CA ASP C 398 12.75 0.32 42.72
C ASP C 398 13.71 1.38 43.23
N SER C 399 14.56 1.03 44.20
CA SER C 399 15.48 2.03 44.78
C SER C 399 16.91 1.58 45.10
N PHE C 400 17.87 2.38 44.63
CA PHE C 400 19.30 2.09 44.80
C PHE C 400 20.28 3.26 44.64
N VAL C 401 21.53 3.07 45.08
CA VAL C 401 22.62 4.04 44.84
C VAL C 401 23.68 3.57 43.86
N ILE C 402 23.94 4.43 42.88
CA ILE C 402 24.95 4.26 41.83
C ILE C 402 25.85 5.46 41.66
N ARG C 403 26.90 5.30 40.85
CA ARG C 403 27.84 6.37 40.57
C ARG C 403 27.28 7.29 39.48
N GLY C 404 27.57 8.59 39.54
CA GLY C 404 27.05 9.54 38.55
C GLY C 404 27.27 9.22 37.06
N ASP C 405 28.43 8.69 36.69
CA ASP C 405 28.66 8.39 35.26
C ASP C 405 27.85 7.23 34.72
N GLU C 406 27.24 6.44 35.59
CA GLU C 406 26.49 5.29 35.14
C GLU C 406 25.00 5.50 35.30
N VAL C 407 24.58 6.73 35.60
CA VAL C 407 23.16 7.01 35.75
C VAL C 407 22.45 6.74 34.44
N ARG C 408 23.11 7.06 33.34
CA ARG C 408 22.56 6.88 32.00
C ARG C 408 22.29 5.42 31.65
N GLN C 409 22.80 4.46 32.42
CA GLN C 409 22.53 3.07 32.12
C GLN C 409 21.17 2.65 32.64
N ILE C 410 20.52 3.48 33.46
CA ILE C 410 19.24 3.04 33.96
C ILE C 410 18.22 3.50 32.96
N ALA C 411 18.10 2.71 31.92
CA ALA C 411 17.23 3.01 30.82
C ALA C 411 17.04 1.73 30.00
N PRO C 412 15.91 1.59 29.32
CA PRO C 412 15.64 0.47 28.46
C PRO C 412 16.61 0.49 27.32
N GLY C 413 17.06 -0.68 26.92
CA GLY C 413 17.93 -0.82 25.78
C GLY C 413 19.39 -0.56 26.08
N GLN C 414 19.74 -0.28 27.34
CA GLN C 414 21.13 0.02 27.61
C GLN C 414 21.91 -1.17 28.05
N THR C 415 23.22 -1.09 27.85
CA THR C 415 24.16 -2.12 28.26
C THR C 415 25.23 -1.50 29.14
N GLY C 416 25.97 -2.32 29.86
CA GLY C 416 27.02 -1.78 30.73
C GLY C 416 27.03 -2.56 32.03
N LYS C 417 27.88 -2.19 32.95
CA LYS C 417 27.96 -3.04 34.14
C LYS C 417 26.74 -2.99 35.02
N ILE C 418 26.01 -1.90 35.03
CA ILE C 418 24.83 -1.90 35.86
C ILE C 418 23.75 -2.55 35.06
N ALA C 419 23.61 -2.11 33.82
CA ALA C 419 22.55 -2.62 32.99
C ALA C 419 22.60 -4.14 32.82
N ASP C 420 23.80 -4.72 32.78
CA ASP C 420 23.92 -6.15 32.62
C ASP C 420 24.06 -6.95 33.92
N TYR C 421 24.68 -6.42 34.99
CA TYR C 421 24.85 -7.27 36.16
C TYR C 421 24.15 -6.85 37.45
N ASN C 422 23.61 -5.65 37.53
CA ASN C 422 23.03 -5.20 38.78
C ASN C 422 21.55 -4.89 38.72
N TYR C 423 21.15 -4.20 37.67
CA TYR C 423 19.77 -3.77 37.54
C TYR C 423 19.43 -3.53 36.10
N LYS C 424 18.42 -4.22 35.62
CA LYS C 424 18.08 -4.11 34.23
C LYS C 424 16.63 -3.79 33.96
N LEU C 425 16.43 -2.85 33.05
CA LEU C 425 15.11 -2.50 32.59
C LEU C 425 14.89 -3.15 31.24
N PRO C 426 13.67 -3.60 30.93
CA PRO C 426 13.27 -4.22 29.69
C PRO C 426 13.19 -3.21 28.57
N ASP C 427 13.33 -3.67 27.34
CA ASP C 427 13.26 -2.79 26.18
C ASP C 427 11.91 -2.09 26.03
N ASP C 428 10.84 -2.72 26.51
CA ASP C 428 9.50 -2.18 26.45
C ASP C 428 9.06 -1.53 27.77
N PHE C 429 10.02 -1.14 28.60
CA PHE C 429 9.75 -0.50 29.86
C PHE C 429 8.88 0.72 29.78
N THR C 430 7.90 0.79 30.67
CA THR C 430 7.05 1.95 30.79
C THR C 430 7.25 2.42 32.20
N GLY C 431 7.62 3.67 32.34
CA GLY C 431 7.90 4.17 33.67
C GLY C 431 8.79 5.38 33.64
N CYS C 432 9.20 5.87 34.83
CA CYS C 432 10.05 7.06 34.99
C CYS C 432 11.27 6.76 35.85
N VAL C 433 12.40 7.26 35.42
CA VAL C 433 13.64 7.12 36.14
C VAL C 433 14.05 8.47 36.67
N ILE C 434 14.12 8.60 37.98
CA ILE C 434 14.42 9.88 38.56
C ILE C 434 15.64 9.76 39.45
N ALA C 435 16.46 10.81 39.50
CA ALA C 435 17.65 10.70 40.33
C ALA C 435 18.15 12.03 40.83
N TRP C 436 18.90 11.98 41.93
CA TRP C 436 19.50 13.17 42.48
C TRP C 436 20.81 12.88 43.20
N ASN C 437 21.64 13.92 43.32
CA ASN C 437 22.95 13.85 43.96
C ASN C 437 22.87 13.66 45.48
N SER C 438 23.70 12.76 46.02
CA SER C 438 23.76 12.50 47.47
C SER C 438 25.19 12.64 48.04
N ASN C 439 25.94 13.57 47.50
CA ASN C 439 27.31 13.76 47.93
C ASN C 439 27.39 14.22 49.40
N ASN C 440 26.33 14.82 49.94
CA ASN C 440 26.35 15.23 51.33
C ASN C 440 25.72 14.19 52.26
N LEU C 441 25.37 13.03 51.72
CA LEU C 441 24.72 12.00 52.51
C LEU C 441 25.47 10.69 52.47
N ASP C 442 25.71 10.20 51.26
CA ASP C 442 26.32 8.90 51.09
C ASP C 442 27.82 8.97 51.03
N SER C 443 28.37 10.04 50.50
CA SER C 443 29.84 10.12 50.45
C SER C 443 30.38 10.39 51.85
N LYS C 444 31.56 9.84 52.18
CA LYS C 444 32.16 10.19 53.47
C LYS C 444 33.67 10.26 53.40
N VAL C 445 34.28 10.90 54.38
CA VAL C 445 35.72 11.02 54.35
C VAL C 445 36.37 9.67 54.56
N GLY C 446 37.28 9.36 53.65
CA GLY C 446 38.03 8.11 53.60
C GLY C 446 37.39 7.14 52.61
N GLY C 447 36.14 7.41 52.24
CA GLY C 447 35.38 6.60 51.30
C GLY C 447 34.29 5.76 51.97
N ASN C 448 33.11 5.79 51.37
CA ASN C 448 31.99 4.99 51.81
C ASN C 448 32.03 3.71 51.02
N TYR C 449 32.42 2.63 51.67
CA TYR C 449 32.60 1.36 50.97
C TYR C 449 31.43 0.42 51.19
N ASN C 450 30.36 0.94 51.78
CA ASN C 450 29.16 0.15 52.06
C ASN C 450 28.32 -0.10 50.83
N TYR C 451 28.37 0.80 49.85
CA TYR C 451 27.54 0.57 48.68
C TYR C 451 28.30 -0.29 47.71
N LEU C 452 27.67 -1.40 47.34
CA LEU C 452 28.32 -2.36 46.46
C LEU C 452 27.66 -2.55 45.11
N TYR C 453 28.47 -2.94 44.15
CA TYR C 453 27.98 -3.28 42.83
C TYR C 453 28.66 -4.53 42.32
N ARG C 454 27.99 -5.23 41.43
CA ARG C 454 28.55 -6.41 40.81
C ARG C 454 29.29 -5.98 39.56
N LEU C 455 30.54 -6.42 39.45
CA LEU C 455 31.36 -6.06 38.32
C LEU C 455 31.37 -7.17 37.31
N PHE C 456 31.24 -8.38 37.81
CA PHE C 456 31.21 -9.52 36.93
C PHE C 456 30.35 -10.64 37.44
N ARG C 457 29.86 -11.41 36.48
CA ARG C 457 28.95 -12.52 36.64
C ARG C 457 29.14 -13.47 35.47
N LYS C 458 28.65 -14.70 35.61
CA LYS C 458 28.71 -15.72 34.57
C LYS C 458 27.88 -15.39 33.31
N SER C 459 26.76 -14.71 33.50
CA SER C 459 25.86 -14.36 32.42
C SER C 459 25.09 -13.09 32.77
N ASN C 460 24.41 -12.50 31.80
CA ASN C 460 23.69 -11.25 32.04
C ASN C 460 22.33 -11.47 32.69
N LEU C 461 21.85 -10.42 33.35
CA LEU C 461 20.53 -10.42 34.00
C LEU C 461 19.41 -10.19 33.02
N LYS C 462 18.25 -10.70 33.37
CA LYS C 462 17.04 -10.45 32.63
C LYS C 462 16.37 -9.29 33.35
N PRO C 463 15.39 -8.61 32.76
CA PRO C 463 14.73 -7.50 33.37
C PRO C 463 14.19 -7.83 34.74
N PHE C 464 14.44 -6.91 35.64
CA PHE C 464 14.06 -6.94 37.05
C PHE C 464 14.58 -8.10 37.86
N GLU C 465 15.67 -8.72 37.44
CA GLU C 465 16.31 -9.75 38.25
C GLU C 465 17.26 -9.15 39.28
N ARG C 466 17.49 -9.90 40.35
CA ARG C 466 18.42 -9.50 41.39
C ARG C 466 19.36 -10.66 41.67
N ASP C 467 20.64 -10.38 41.84
CA ASP C 467 21.64 -11.40 42.15
C ASP C 467 22.42 -11.04 43.39
N ILE C 468 22.22 -11.80 44.46
CA ILE C 468 22.86 -11.50 45.73
C ILE C 468 23.85 -12.58 46.15
N SER C 469 24.29 -13.38 45.19
CA SER C 469 25.27 -14.42 45.41
C SER C 469 26.63 -13.87 45.79
N THR C 470 27.31 -14.61 46.65
CA THR C 470 28.63 -14.28 47.15
C THR C 470 29.69 -15.28 46.70
N GLU C 471 29.34 -16.08 45.70
CA GLU C 471 30.22 -17.12 45.16
C GLU C 471 31.46 -16.50 44.50
N ILE C 472 32.63 -17.11 44.71
CA ILE C 472 33.85 -16.62 44.06
C ILE C 472 33.82 -17.01 42.61
N TYR C 473 34.04 -16.03 41.76
CA TYR C 473 34.00 -16.19 40.34
C TYR C 473 35.30 -16.74 39.82
N GLN C 474 35.18 -17.77 39.00
CA GLN C 474 36.33 -18.38 38.38
C GLN C 474 36.57 -17.70 37.06
N ALA C 475 37.80 -17.27 36.84
CA ALA C 475 38.21 -16.58 35.65
C ALA C 475 39.52 -17.16 35.18
N GLY C 476 39.50 -18.47 34.96
CA GLY C 476 40.63 -19.30 34.60
C GLY C 476 40.18 -20.75 34.62
N SER C 477 41.11 -21.68 34.54
CA SER C 477 40.80 -23.11 34.50
C SER C 477 40.72 -23.81 35.86
N THR C 478 41.34 -23.23 36.88
CA THR C 478 41.41 -23.87 38.19
C THR C 478 40.22 -23.51 39.08
N PRO C 479 39.48 -24.49 39.66
CA PRO C 479 38.37 -24.28 40.58
C PRO C 479 38.87 -23.43 41.75
N CYS C 480 38.05 -22.45 42.19
CA CYS C 480 38.40 -21.51 43.27
C CYS C 480 38.12 -22.11 44.64
N ASN C 481 37.08 -22.90 44.72
CA ASN C 481 36.67 -23.51 45.98
C ASN C 481 36.49 -22.48 47.09
N GLY C 482 35.94 -21.32 46.75
CA GLY C 482 35.69 -20.26 47.74
C GLY C 482 36.88 -19.38 48.08
N VAL C 483 38.03 -19.56 47.42
CA VAL C 483 39.20 -18.78 47.76
C VAL C 483 39.71 -17.89 46.62
N GLU C 484 39.94 -16.62 46.94
CA GLU C 484 40.46 -15.64 46.00
C GLU C 484 41.95 -15.85 45.76
N GLY C 485 42.44 -15.44 44.60
CA GLY C 485 43.84 -15.65 44.25
C GLY C 485 44.02 -15.49 42.75
N PHE C 486 45.08 -16.06 42.17
CA PHE C 486 45.19 -15.88 40.74
C PHE C 486 43.97 -16.51 40.12
N ASN C 487 43.37 -15.81 39.17
CA ASN C 487 42.19 -16.27 38.43
C ASN C 487 40.90 -16.52 39.26
N CYS C 488 40.83 -16.02 40.53
CA CYS C 488 39.67 -16.15 41.43
C CYS C 488 39.35 -14.82 42.05
N TYR C 489 38.11 -14.39 41.82
CA TYR C 489 37.73 -13.08 42.32
C TYR C 489 36.34 -13.00 42.95
N PHE C 490 36.21 -12.21 44.01
CA PHE C 490 34.89 -11.94 44.58
C PHE C 490 34.17 -10.92 43.65
N PRO C 491 32.95 -11.20 43.17
CA PRO C 491 32.19 -10.40 42.20
C PRO C 491 31.71 -9.01 42.56
N LEU C 492 31.64 -8.70 43.86
CA LEU C 492 31.16 -7.38 44.28
C LEU C 492 32.29 -6.47 44.66
N GLN C 493 32.16 -5.23 44.24
CA GLN C 493 33.13 -4.19 44.46
C GLN C 493 32.50 -3.08 45.27
N SER C 494 33.29 -2.35 46.05
CA SER C 494 32.74 -1.19 46.75
C SER C 494 32.89 0.06 45.92
N TYR C 495 32.03 1.03 46.13
CA TYR C 495 32.23 2.31 45.46
C TYR C 495 33.26 3.18 46.17
N GLY C 496 33.25 3.24 47.51
CA GLY C 496 34.26 4.06 48.17
C GLY C 496 34.00 5.53 47.93
N PHE C 497 32.74 5.93 47.93
CA PHE C 497 32.41 7.32 47.61
C PHE C 497 33.04 8.32 48.56
N GLN C 498 33.66 9.37 48.02
CA GLN C 498 34.33 10.41 48.80
C GLN C 498 33.80 11.80 48.44
N PRO C 499 33.69 12.74 49.40
CA PRO C 499 33.22 14.10 49.23
C PRO C 499 33.92 14.91 48.16
N THR C 500 35.19 14.61 47.92
CA THR C 500 35.96 15.35 46.96
C THR C 500 36.06 14.72 45.60
N ASN C 501 35.32 13.65 45.37
CA ASN C 501 35.32 13.05 44.05
C ASN C 501 34.72 14.02 43.07
N GLY C 502 35.11 13.92 41.80
CA GLY C 502 34.51 14.80 40.81
C GLY C 502 33.10 14.31 40.61
N VAL C 503 32.28 15.04 39.88
CA VAL C 503 30.86 14.72 39.78
C VAL C 503 30.57 13.33 39.26
N GLY C 504 31.30 12.87 38.27
CA GLY C 504 31.04 11.54 37.70
C GLY C 504 31.26 10.43 38.73
N TYR C 505 32.00 10.74 39.78
CA TYR C 505 32.33 9.80 40.83
C TYR C 505 31.56 10.06 42.12
N GLN C 506 30.59 10.96 42.08
CA GLN C 506 29.77 11.22 43.25
C GLN C 506 28.61 10.24 43.18
N PRO C 507 28.04 9.85 44.32
CA PRO C 507 26.88 9.01 44.40
C PRO C 507 25.62 9.72 44.01
N TYR C 508 24.71 8.95 43.43
CA TYR C 508 23.36 9.37 43.12
C TYR C 508 22.32 8.39 43.60
N ARG C 509 21.25 8.93 44.11
CA ARG C 509 20.13 8.14 44.55
C ARG C 509 19.16 8.03 43.41
N VAL C 510 18.80 6.80 43.09
CA VAL C 510 17.94 6.53 41.97
C VAL C 510 16.68 5.80 42.35
N VAL C 511 15.58 6.32 41.87
CA VAL C 511 14.28 5.71 42.06
C VAL C 511 13.62 5.45 40.72
N VAL C 512 13.17 4.24 40.51
CA VAL C 512 12.53 3.93 39.25
C VAL C 512 11.08 3.54 39.46
N LEU C 513 10.19 4.25 38.81
CA LEU C 513 8.77 3.94 38.92
C LEU C 513 8.30 3.22 37.70
N SER C 514 7.99 1.95 37.88
CA SER C 514 7.53 1.10 36.79
C SER C 514 6.02 1.10 36.82
N PHE C 515 5.41 1.47 35.71
CA PHE C 515 3.97 1.61 35.65
C PHE C 515 3.31 0.43 35.00
N GLU C 516 2.45 -0.26 35.73
CA GLU C 516 1.79 -1.40 35.16
C GLU C 516 0.40 -1.03 34.65
N LEU C 517 0.16 -1.34 33.39
CA LEU C 517 -1.11 -1.06 32.73
C LEU C 517 -1.73 -2.36 32.25
N LEU C 518 -2.98 -2.58 32.65
CA LEU C 518 -3.75 -3.78 32.33
C LEU C 518 -5.21 -3.40 32.32
N HIS C 519 -6.08 -4.32 31.89
CA HIS C 519 -7.53 -4.10 31.92
C HIS C 519 -8.04 -4.16 33.36
N ALA C 520 -7.20 -4.69 34.23
CA ALA C 520 -7.50 -4.87 35.64
C ALA C 520 -7.85 -3.52 36.20
N PRO C 521 -8.76 -3.41 37.16
CA PRO C 521 -9.17 -2.16 37.69
C PRO C 521 -8.01 -1.45 38.31
N ALA C 522 -7.91 -0.17 38.05
CA ALA C 522 -6.84 0.60 38.62
C ALA C 522 -6.96 0.61 40.11
N THR C 523 -5.81 0.48 40.77
CA THR C 523 -5.76 0.51 42.21
C THR C 523 -5.04 1.81 42.63
N VAL C 524 -4.36 2.44 41.65
CA VAL C 524 -3.64 3.70 41.85
C VAL C 524 -4.11 4.73 40.80
N CYS C 525 -4.51 5.94 41.22
CA CYS C 525 -4.94 7.04 40.31
C CYS C 525 -4.37 8.34 40.82
N GLY C 526 -4.33 9.35 39.96
CA GLY C 526 -3.82 10.65 40.34
C GLY C 526 -4.84 11.45 41.14
N PRO C 527 -4.50 12.69 41.50
CA PRO C 527 -5.26 13.61 42.32
C PRO C 527 -6.37 14.30 41.56
N LYS C 528 -7.33 13.52 41.12
CA LYS C 528 -8.43 14.06 40.36
C LYS C 528 -9.65 14.12 41.23
N LYS C 529 -10.55 15.04 40.93
CA LYS C 529 -11.78 15.10 41.68
C LYS C 529 -12.89 14.58 40.82
N SER C 530 -13.81 13.88 41.44
CA SER C 530 -14.94 13.37 40.73
C SER C 530 -16.00 14.42 40.56
N THR C 531 -16.91 14.11 39.66
CA THR C 531 -18.07 14.91 39.35
C THR C 531 -19.28 14.04 39.52
N ASN C 532 -20.44 14.64 39.42
CA ASN C 532 -21.67 13.87 39.48
C ASN C 532 -21.85 13.16 38.18
N LEU C 533 -22.48 12.01 38.25
CA LEU C 533 -22.79 11.22 37.08
C LEU C 533 -24.03 11.77 36.44
N VAL C 534 -24.06 11.85 35.11
CA VAL C 534 -25.30 12.26 34.47
C VAL C 534 -25.63 11.25 33.42
N LYS C 535 -26.90 11.15 33.11
CA LYS C 535 -27.38 10.21 32.11
C LYS C 535 -28.16 10.88 31.01
N ASN C 536 -28.20 10.20 29.88
CA ASN C 536 -28.90 10.58 28.66
C ASN C 536 -28.43 11.90 28.05
N LYS C 537 -27.14 12.18 28.16
CA LYS C 537 -26.49 13.35 27.59
C LYS C 537 -25.22 12.86 26.92
N CYS C 538 -24.68 13.62 25.93
CA CYS C 538 -23.40 13.33 25.30
C CYS C 538 -22.31 14.00 26.14
N VAL C 539 -21.43 13.16 26.67
CA VAL C 539 -20.40 13.60 27.56
C VAL C 539 -19.03 13.04 27.28
N ASN C 540 -18.04 13.74 27.80
CA ASN C 540 -16.66 13.28 27.79
C ASN C 540 -16.43 12.58 29.11
N PHE C 541 -16.21 11.28 29.12
CA PHE C 541 -16.11 10.59 30.39
C PHE C 541 -14.78 9.91 30.69
N ASN C 542 -14.54 9.71 31.98
CA ASN C 542 -13.41 8.96 32.55
C ASN C 542 -13.83 8.13 33.75
N PHE C 543 -13.93 6.81 33.58
CA PHE C 543 -14.32 5.94 34.68
C PHE C 543 -13.14 5.15 35.21
N ASN C 544 -12.56 5.61 36.30
CA ASN C 544 -11.40 4.99 36.92
C ASN C 544 -10.30 4.77 35.89
N GLY C 545 -10.05 5.74 35.03
CA GLY C 545 -9.03 5.66 34.02
C GLY C 545 -9.51 5.23 32.62
N LEU C 546 -10.75 4.73 32.51
CA LEU C 546 -11.26 4.32 31.21
C LEU C 546 -12.06 5.43 30.56
N THR C 547 -11.54 5.94 29.47
CA THR C 547 -12.15 7.10 28.85
C THR C 547 -12.83 6.85 27.53
N GLY C 548 -13.63 7.83 27.15
CA GLY C 548 -14.33 7.85 25.86
C GLY C 548 -15.35 8.96 25.83
N THR C 549 -16.05 9.05 24.71
CA THR C 549 -17.08 10.07 24.53
C THR C 549 -18.33 9.31 24.18
N GLY C 550 -19.44 9.64 24.82
CA GLY C 550 -20.66 8.90 24.53
C GLY C 550 -21.81 9.27 25.44
N VAL C 551 -22.87 8.52 25.33
CA VAL C 551 -24.08 8.74 26.09
C VAL C 551 -24.25 7.59 27.05
N LEU C 552 -24.40 7.91 28.32
CA LEU C 552 -24.52 6.86 29.31
C LEU C 552 -25.97 6.64 29.69
N THR C 553 -26.35 5.38 29.77
CA THR C 553 -27.71 5.04 30.20
C THR C 553 -27.61 3.92 31.22
N GLU C 554 -28.66 3.65 31.95
CA GLU C 554 -28.58 2.51 32.87
C GLU C 554 -28.73 1.23 32.08
N SER C 555 -27.92 0.23 32.40
CA SER C 555 -28.02 -1.03 31.69
C SER C 555 -29.05 -1.93 32.31
N ASN C 556 -29.41 -2.99 31.61
CA ASN C 556 -30.30 -4.01 32.14
C ASN C 556 -29.65 -5.38 32.07
N LYS C 557 -28.33 -5.40 32.13
CA LYS C 557 -27.58 -6.64 32.05
C LYS C 557 -26.85 -6.90 33.34
N LYS C 558 -26.49 -8.15 33.57
CA LYS C 558 -25.80 -8.44 34.80
C LYS C 558 -24.36 -8.80 34.60
N PHE C 559 -23.51 -8.16 35.36
CA PHE C 559 -22.09 -8.47 35.39
C PHE C 559 -21.85 -9.44 36.49
N LEU C 560 -20.84 -10.26 36.34
CA LEU C 560 -20.48 -11.13 37.42
C LEU C 560 -19.86 -10.18 38.45
N PRO C 561 -19.83 -10.53 39.74
CA PRO C 561 -19.31 -9.71 40.83
C PRO C 561 -17.88 -9.20 40.68
N PHE C 562 -17.09 -9.83 39.83
CA PHE C 562 -15.73 -9.41 39.65
C PHE C 562 -15.46 -8.63 38.36
N GLN C 563 -16.46 -8.53 37.48
CA GLN C 563 -16.24 -7.90 36.20
C GLN C 563 -16.33 -6.39 36.33
N GLN C 564 -15.44 -5.69 35.63
CA GLN C 564 -15.37 -4.23 35.76
C GLN C 564 -15.98 -3.43 34.64
N PHE C 565 -16.00 -4.01 33.47
CA PHE C 565 -16.51 -3.37 32.28
C PHE C 565 -16.84 -4.48 31.33
N GLY C 566 -17.58 -4.18 30.29
CA GLY C 566 -17.84 -5.18 29.28
C GLY C 566 -17.50 -4.67 27.92
N ARG C 567 -17.49 -5.59 26.97
CA ARG C 567 -17.21 -5.30 25.58
C ARG C 567 -18.15 -5.98 24.63
N ASP C 568 -18.28 -5.41 23.44
CA ASP C 568 -19.14 -5.96 22.39
C ASP C 568 -18.37 -6.88 21.43
N ILE C 569 -19.04 -7.26 20.36
CA ILE C 569 -18.52 -8.15 19.32
C ILE C 569 -17.31 -7.59 18.58
N ALA C 570 -17.16 -6.27 18.58
CA ALA C 570 -16.11 -5.54 17.91
C ALA C 570 -14.95 -5.33 18.86
N ASP C 571 -15.09 -5.86 20.06
CA ASP C 571 -14.17 -5.73 21.15
C ASP C 571 -14.00 -4.27 21.56
N THR C 572 -15.11 -3.50 21.57
CA THR C 572 -14.95 -2.14 22.07
C THR C 572 -15.70 -2.04 23.36
N THR C 573 -15.59 -0.92 24.06
CA THR C 573 -16.24 -0.86 25.35
C THR C 573 -17.73 -0.76 25.14
N ASP C 574 -18.47 -1.64 25.80
CA ASP C 574 -19.92 -1.68 25.73
C ASP C 574 -20.57 -1.06 26.94
N ALA C 575 -19.98 -1.34 28.10
CA ALA C 575 -20.56 -0.93 29.36
C ALA C 575 -19.50 -0.82 30.43
N VAL C 576 -19.78 -0.03 31.46
CA VAL C 576 -18.85 0.07 32.59
C VAL C 576 -19.51 -0.04 33.95
N ARG C 577 -18.73 -0.41 34.94
CA ARG C 577 -19.20 -0.37 36.31
C ARG C 577 -18.76 0.92 36.95
N ASP C 578 -19.71 1.71 37.43
CA ASP C 578 -19.34 2.95 38.08
C ASP C 578 -18.56 2.62 39.36
N PRO C 579 -17.40 3.24 39.61
CA PRO C 579 -16.59 3.00 40.78
C PRO C 579 -17.16 3.47 42.13
N GLN C 580 -18.16 4.37 42.18
CA GLN C 580 -18.63 4.77 43.49
C GLN C 580 -19.93 4.09 43.83
N THR C 581 -20.78 3.96 42.83
CA THR C 581 -22.03 3.27 43.00
C THR C 581 -21.85 2.09 42.15
N LEU C 582 -21.96 0.90 42.69
CA LEU C 582 -21.59 -0.20 41.84
C LEU C 582 -22.73 -0.70 40.99
N GLU C 583 -23.05 0.11 39.99
CA GLU C 583 -24.12 -0.07 39.04
C GLU C 583 -23.53 -0.12 37.65
N ILE C 584 -24.23 -0.76 36.74
CA ILE C 584 -23.70 -0.87 35.39
C ILE C 584 -24.40 0.05 34.41
N LEU C 585 -23.59 0.80 33.70
CA LEU C 585 -24.03 1.75 32.70
C LEU C 585 -23.66 1.28 31.31
N ASP C 586 -24.54 1.50 30.36
CA ASP C 586 -24.26 1.17 28.96
C ASP C 586 -23.75 2.39 28.24
N ILE C 587 -22.83 2.20 27.30
CA ILE C 587 -22.33 3.34 26.56
C ILE C 587 -22.80 3.32 25.11
N THR C 588 -23.54 4.34 24.75
CA THR C 588 -24.08 4.47 23.41
C THR C 588 -23.27 5.57 22.69
N PRO C 589 -22.77 5.37 21.48
CA PRO C 589 -22.07 6.39 20.74
C PRO C 589 -22.98 7.58 20.56
N CYS C 590 -22.44 8.83 20.52
CA CYS C 590 -23.21 10.06 20.28
C CYS C 590 -23.63 10.04 18.80
N SER C 591 -24.85 10.45 18.53
CA SER C 591 -25.42 10.38 17.20
C SER C 591 -24.64 11.16 16.17
N PHE C 592 -24.57 10.59 14.98
CA PHE C 592 -23.89 11.21 13.87
C PHE C 592 -24.47 10.71 12.57
N GLY C 593 -24.18 11.40 11.49
CA GLY C 593 -24.57 10.93 10.17
C GLY C 593 -24.21 11.90 9.07
N GLY C 594 -24.34 11.51 7.82
CA GLY C 594 -24.00 12.41 6.72
C GLY C 594 -25.06 13.46 6.52
N VAL C 595 -24.67 14.54 5.84
CA VAL C 595 -25.60 15.60 5.54
C VAL C 595 -25.63 15.88 4.07
N SER C 596 -26.83 15.86 3.51
CA SER C 596 -26.94 16.10 2.10
C SER C 596 -27.95 17.17 1.75
N VAL C 597 -27.70 17.84 0.63
CA VAL C 597 -28.52 18.92 0.17
C VAL C 597 -29.31 18.53 -1.05
N ILE C 598 -30.60 18.72 -0.93
CA ILE C 598 -31.58 18.38 -1.94
C ILE C 598 -31.95 19.62 -2.68
N THR C 599 -31.69 19.65 -3.97
CA THR C 599 -31.95 20.89 -4.65
C THR C 599 -32.42 20.74 -6.10
N PRO C 600 -33.27 21.65 -6.59
CA PRO C 600 -33.63 21.80 -7.98
C PRO C 600 -32.39 22.39 -8.55
N GLY C 601 -32.21 22.42 -9.83
CA GLY C 601 -30.97 23.05 -10.23
C GLY C 601 -31.05 24.55 -10.03
N THR C 602 -29.89 25.19 -10.05
CA THR C 602 -29.77 26.65 -9.86
C THR C 602 -30.31 27.50 -11.01
N ASN C 603 -30.65 26.86 -12.15
CA ASN C 603 -31.29 27.48 -13.31
C ASN C 603 -32.80 27.73 -13.03
N THR C 604 -33.37 27.15 -11.93
CA THR C 604 -34.76 27.25 -11.49
C THR C 604 -34.87 27.97 -10.16
N SER C 605 -34.10 27.54 -9.17
CA SER C 605 -34.24 28.13 -7.84
C SER C 605 -33.02 28.01 -6.95
N ASN C 606 -32.95 28.87 -5.94
CA ASN C 606 -31.88 28.81 -4.94
C ASN C 606 -32.40 28.30 -3.61
N GLN C 607 -33.58 27.72 -3.62
CA GLN C 607 -34.17 27.16 -2.42
C GLN C 607 -33.67 25.74 -2.26
N VAL C 608 -33.24 25.36 -1.08
CA VAL C 608 -32.78 23.98 -0.88
C VAL C 608 -33.40 23.34 0.34
N ALA C 609 -33.37 22.01 0.40
CA ALA C 609 -33.80 21.28 1.59
C ALA C 609 -32.62 20.45 2.09
N VAL C 610 -32.51 20.23 3.38
CA VAL C 610 -31.39 19.47 3.89
C VAL C 610 -31.76 18.23 4.67
N LEU C 611 -31.12 17.12 4.32
CA LEU C 611 -31.35 15.86 4.99
C LEU C 611 -30.22 15.43 5.92
N TYR C 612 -30.59 15.08 7.15
CA TYR C 612 -29.64 14.58 8.13
C TYR C 612 -29.92 13.08 8.23
N GLN C 613 -29.03 12.31 7.62
CA GLN C 613 -29.29 10.91 7.30
C GLN C 613 -29.57 9.93 8.42
N ASP C 614 -28.88 10.04 9.52
CA ASP C 614 -29.07 9.08 10.60
C ASP C 614 -29.57 9.66 11.89
N VAL C 615 -30.22 10.81 11.85
CA VAL C 615 -30.58 11.37 13.15
C VAL C 615 -32.05 11.71 13.32
N ASN C 616 -32.43 11.92 14.59
CA ASN C 616 -33.74 12.38 15.05
C ASN C 616 -33.86 13.89 14.82
N CYS C 617 -35.06 14.36 14.48
CA CYS C 617 -35.36 15.78 14.32
C CYS C 617 -35.29 16.49 15.67
N THR C 618 -35.31 15.72 16.75
CA THR C 618 -35.18 16.27 18.09
C THR C 618 -33.70 16.47 18.46
N GLU C 619 -32.79 15.86 17.71
CA GLU C 619 -31.34 15.97 17.97
C GLU C 619 -30.66 17.11 17.21
N VAL C 620 -31.14 17.42 15.99
CA VAL C 620 -30.61 18.46 15.10
C VAL C 620 -31.51 19.68 15.18
N ASN C 641 -41.25 23.48 9.56
CA ASN C 641 -41.28 22.79 8.27
C ASN C 641 -40.24 21.63 8.30
N VAL C 642 -40.41 20.71 9.27
CA VAL C 642 -39.54 19.56 9.54
C VAL C 642 -40.29 18.24 9.46
N PHE C 643 -39.75 17.32 8.69
CA PHE C 643 -40.34 15.99 8.50
C PHE C 643 -39.40 14.85 8.85
N GLN C 644 -39.85 13.95 9.71
CA GLN C 644 -39.01 12.82 10.09
C GLN C 644 -39.31 11.62 9.24
N THR C 645 -38.30 11.07 8.59
CA THR C 645 -38.50 9.87 7.82
C THR C 645 -37.46 8.82 8.11
N ARG C 646 -37.61 7.66 7.48
CA ARG C 646 -36.70 6.54 7.73
C ARG C 646 -35.34 6.75 7.12
N ALA C 647 -35.28 7.71 6.22
CA ALA C 647 -34.08 8.07 5.52
C ALA C 647 -33.33 9.18 6.24
N GLY C 648 -33.86 9.66 7.38
CA GLY C 648 -33.23 10.76 8.09
C GLY C 648 -34.23 11.89 8.36
N CYS C 649 -33.75 13.00 8.96
CA CYS C 649 -34.57 14.17 9.27
C CYS C 649 -34.47 15.15 8.11
N LEU C 650 -35.59 15.44 7.50
CA LEU C 650 -35.62 16.32 6.37
C LEU C 650 -36.15 17.69 6.72
N ILE C 651 -35.31 18.69 6.55
CA ILE C 651 -35.67 20.03 6.92
C ILE C 651 -35.79 20.99 5.76
N GLY C 652 -36.93 21.67 5.65
CA GLY C 652 -37.17 22.65 4.61
C GLY C 652 -38.11 22.20 3.49
N ALA C 653 -38.35 20.90 3.38
CA ALA C 653 -39.26 20.41 2.37
C ALA C 653 -40.64 20.31 2.99
N GLU C 654 -41.68 20.59 2.24
CA GLU C 654 -43.02 20.45 2.76
C GLU C 654 -43.60 19.10 2.43
N HIS C 655 -43.91 18.34 3.45
CA HIS C 655 -44.48 17.04 3.20
C HIS C 655 -45.93 17.13 2.81
N VAL C 656 -46.31 16.39 1.79
CA VAL C 656 -47.70 16.35 1.37
C VAL C 656 -48.12 14.89 1.34
N ASN C 657 -49.45 14.59 1.38
CA ASN C 657 -49.95 13.20 1.33
C ASN C 657 -50.52 12.80 -0.05
N ASN C 658 -50.10 13.50 -1.12
CA ASN C 658 -50.40 13.19 -2.52
C ASN C 658 -49.37 12.18 -3.02
N SER C 659 -49.51 11.76 -4.25
CA SER C 659 -48.57 10.77 -4.79
C SER C 659 -48.16 11.15 -6.17
N TYR C 660 -46.86 11.19 -6.38
CA TYR C 660 -46.32 11.66 -7.65
C TYR C 660 -45.21 10.79 -8.14
N GLU C 661 -44.91 10.88 -9.41
CA GLU C 661 -43.76 10.19 -9.94
C GLU C 661 -42.53 10.75 -9.24
N CYS C 662 -41.51 9.92 -8.99
CA CYS C 662 -40.26 10.29 -8.34
C CYS C 662 -39.41 11.20 -9.23
N ASP C 663 -38.83 12.22 -8.61
CA ASP C 663 -37.94 13.13 -9.27
C ASP C 663 -36.60 13.02 -8.55
N ILE C 664 -36.44 13.68 -7.41
CA ILE C 664 -35.19 13.53 -6.70
C ILE C 664 -35.40 12.50 -5.58
N PRO C 665 -34.78 11.34 -5.61
CA PRO C 665 -35.00 10.30 -4.65
C PRO C 665 -34.41 10.64 -3.31
N ILE C 666 -35.08 10.29 -2.23
CA ILE C 666 -34.52 10.44 -0.91
C ILE C 666 -34.22 9.10 -0.27
N GLY C 667 -35.18 8.20 -0.32
CA GLY C 667 -35.02 6.87 0.24
C GLY C 667 -36.25 6.37 0.98
N ALA C 668 -36.36 5.06 1.13
CA ALA C 668 -37.43 4.43 1.85
C ALA C 668 -38.82 4.85 1.38
N GLY C 669 -39.00 4.94 0.06
CA GLY C 669 -40.29 5.29 -0.52
C GLY C 669 -40.52 6.77 -0.75
N ILE C 670 -39.62 7.62 -0.27
CA ILE C 670 -39.76 9.07 -0.37
C ILE C 670 -38.86 9.73 -1.42
N CYS C 671 -39.47 10.66 -2.21
CA CYS C 671 -38.85 11.52 -3.23
C CYS C 671 -39.24 12.97 -2.97
N ALA C 672 -38.56 13.87 -3.65
CA ALA C 672 -38.86 15.28 -3.56
C ALA C 672 -38.80 15.97 -4.90
N SER C 673 -39.51 17.09 -4.99
CA SER C 673 -39.55 17.88 -6.21
C SER C 673 -39.86 19.33 -5.92
N TYR C 674 -39.66 20.18 -6.91
CA TYR C 674 -39.95 21.60 -6.77
C TYR C 674 -41.17 21.95 -7.59
N GLN C 675 -42.22 22.43 -6.95
CA GLN C 675 -43.45 22.74 -7.68
C GLN C 675 -44.30 23.73 -6.88
N THR C 676 -45.47 24.17 -7.42
CA THR C 676 -46.44 25.10 -6.82
C THR C 676 -46.69 24.80 -5.32
N SER C 689 -44.90 31.04 -5.37
CA SER C 689 -45.68 29.89 -4.91
C SER C 689 -44.99 28.51 -5.11
N GLN C 690 -43.77 28.48 -5.71
CA GLN C 690 -43.00 27.26 -6.03
C GLN C 690 -42.03 26.93 -4.89
N SER C 691 -42.16 25.73 -4.34
CA SER C 691 -41.36 25.29 -3.21
C SER C 691 -41.03 23.80 -3.24
N ILE C 692 -40.06 23.41 -2.44
CA ILE C 692 -39.69 22.00 -2.37
C ILE C 692 -40.66 21.20 -1.52
N ILE C 693 -41.14 20.09 -2.06
CA ILE C 693 -42.05 19.22 -1.35
C ILE C 693 -41.50 17.82 -1.25
N ALA C 694 -42.02 17.08 -0.28
CA ALA C 694 -41.66 15.67 -0.11
C ALA C 694 -42.90 14.82 -0.23
N TYR C 695 -42.76 13.67 -0.84
CA TYR C 695 -43.90 12.78 -1.03
C TYR C 695 -43.55 11.32 -1.20
N THR C 696 -44.55 10.47 -1.00
CA THR C 696 -44.40 9.07 -1.32
C THR C 696 -44.52 8.97 -2.83
N MET C 697 -43.62 8.22 -3.43
CA MET C 697 -43.67 8.12 -4.88
C MET C 697 -44.75 7.16 -5.35
N SER C 698 -45.27 7.44 -6.52
CA SER C 698 -46.22 6.60 -7.20
C SER C 698 -45.50 5.56 -8.01
N LEU C 699 -46.07 4.37 -8.13
CA LEU C 699 -45.44 3.37 -8.97
C LEU C 699 -46.07 3.34 -10.35
N GLY C 700 -47.03 4.22 -10.57
CA GLY C 700 -47.75 4.25 -11.83
C GLY C 700 -49.26 4.27 -11.60
N ALA C 701 -50.00 4.47 -12.68
CA ALA C 701 -51.45 4.52 -12.65
C ALA C 701 -51.96 3.12 -12.48
N GLU C 702 -53.15 2.96 -11.93
CA GLU C 702 -53.73 1.65 -11.81
C GLU C 702 -54.53 1.28 -13.06
N ASN C 703 -54.59 -0.02 -13.35
CA ASN C 703 -55.36 -0.52 -14.47
C ASN C 703 -56.07 -1.84 -14.21
N SER C 704 -57.37 -1.78 -14.11
CA SER C 704 -58.16 -2.98 -13.89
C SER C 704 -58.55 -3.52 -15.25
N VAL C 705 -58.03 -4.69 -15.60
CA VAL C 705 -58.26 -5.29 -16.90
C VAL C 705 -59.60 -6.00 -16.87
N ALA C 706 -60.41 -5.79 -17.90
CA ALA C 706 -61.73 -6.37 -17.94
C ALA C 706 -61.73 -7.83 -18.36
N TYR C 707 -61.16 -8.64 -17.50
CA TYR C 707 -61.04 -10.06 -17.70
C TYR C 707 -62.36 -10.75 -17.48
N SER C 708 -62.65 -11.71 -18.34
CA SER C 708 -63.82 -12.55 -18.20
C SER C 708 -63.43 -13.82 -18.93
N ASN C 709 -64.24 -14.88 -18.81
CA ASN C 709 -63.98 -16.17 -19.46
C ASN C 709 -64.40 -16.21 -20.95
N ASN C 710 -65.01 -15.12 -21.51
CA ASN C 710 -65.45 -15.04 -22.91
C ASN C 710 -65.23 -13.70 -23.58
N SER C 711 -64.22 -12.93 -23.19
CA SER C 711 -64.02 -11.63 -23.82
C SER C 711 -62.59 -11.42 -24.21
N ILE C 712 -62.39 -11.01 -25.44
CA ILE C 712 -61.06 -10.79 -25.95
C ILE C 712 -60.93 -9.40 -26.54
N ALA C 713 -59.82 -8.73 -26.29
CA ALA C 713 -59.65 -7.43 -26.93
C ALA C 713 -58.69 -7.58 -28.10
N ILE C 714 -59.07 -7.00 -29.23
CA ILE C 714 -58.28 -7.09 -30.45
C ILE C 714 -58.05 -5.72 -31.07
N PRO C 715 -56.82 -5.29 -31.39
CA PRO C 715 -56.51 -4.02 -31.99
C PRO C 715 -57.08 -3.95 -33.38
N THR C 716 -57.63 -2.81 -33.74
CA THR C 716 -58.11 -2.58 -35.10
C THR C 716 -57.20 -1.64 -35.94
N ASN C 717 -56.13 -1.10 -35.32
CA ASN C 717 -55.18 -0.15 -35.87
C ASN C 717 -53.85 -0.35 -35.13
N PHE C 718 -52.78 0.30 -35.61
CA PHE C 718 -51.42 0.24 -35.07
C PHE C 718 -50.63 1.48 -35.40
N THR C 719 -49.55 1.65 -34.67
CA THR C 719 -48.62 2.70 -34.96
C THR C 719 -47.20 2.18 -35.09
N ILE C 720 -46.37 3.00 -35.68
CA ILE C 720 -44.96 2.70 -35.84
C ILE C 720 -44.18 3.62 -34.93
N SER C 721 -43.36 3.03 -34.11
CA SER C 721 -42.57 3.77 -33.15
C SER C 721 -41.10 3.60 -33.40
N VAL C 722 -40.33 4.67 -33.27
CA VAL C 722 -38.90 4.50 -33.42
C VAL C 722 -38.26 5.02 -32.16
N THR C 723 -37.49 4.20 -31.48
CA THR C 723 -36.88 4.61 -30.24
C THR C 723 -35.38 4.61 -30.32
N THR C 724 -34.74 5.31 -29.39
CA THR C 724 -33.29 5.39 -29.40
C THR C 724 -32.64 4.72 -28.21
N GLU C 725 -31.66 3.87 -28.49
CA GLU C 725 -30.89 3.19 -27.46
C GLU C 725 -29.42 3.53 -27.58
N ILE C 726 -28.82 3.96 -26.49
CA ILE C 726 -27.44 4.39 -26.52
C ILE C 726 -26.51 3.54 -25.68
N LEU C 727 -25.45 3.03 -26.29
CA LEU C 727 -24.50 2.21 -25.58
C LEU C 727 -23.05 2.69 -25.74
N PRO C 728 -22.25 2.76 -24.67
CA PRO C 728 -20.83 2.98 -24.72
C PRO C 728 -20.16 1.82 -25.39
N VAL C 729 -19.10 2.10 -26.11
CA VAL C 729 -18.29 1.05 -26.72
C VAL C 729 -16.85 1.09 -26.24
N SER C 730 -16.30 2.29 -26.10
CA SER C 730 -14.88 2.41 -25.78
C SER C 730 -14.57 3.63 -24.93
N MET C 731 -13.34 3.72 -24.46
CA MET C 731 -12.86 4.86 -23.70
C MET C 731 -11.48 5.27 -24.18
N THR C 732 -11.06 6.46 -23.80
CA THR C 732 -9.77 6.99 -24.21
C THR C 732 -8.62 6.09 -23.82
N LYS C 733 -7.76 5.85 -24.79
CA LYS C 733 -6.60 5.00 -24.62
C LYS C 733 -5.47 5.75 -23.96
N THR C 734 -5.58 5.96 -22.68
CA THR C 734 -4.55 6.71 -22.01
C THR C 734 -3.40 5.81 -21.68
N SER C 735 -2.27 6.41 -21.36
CA SER C 735 -1.09 5.71 -20.94
C SER C 735 -0.29 6.56 -19.98
N VAL C 736 0.27 5.92 -18.96
CA VAL C 736 1.05 6.63 -17.96
C VAL C 736 2.41 6.01 -17.82
N ASP C 737 3.45 6.83 -17.91
CA ASP C 737 4.82 6.40 -17.73
C ASP C 737 5.12 6.24 -16.23
N CYS C 738 5.36 4.99 -15.74
CA CYS C 738 5.53 4.66 -14.33
C CYS C 738 6.78 5.29 -13.70
N THR C 739 7.72 5.74 -14.50
CA THR C 739 8.91 6.34 -13.93
C THR C 739 8.81 7.83 -14.04
N MET C 740 8.35 8.33 -15.17
CA MET C 740 8.30 9.76 -15.30
C MET C 740 7.29 10.37 -14.36
N TYR C 741 6.14 9.74 -14.19
CA TYR C 741 5.15 10.30 -13.29
C TYR C 741 5.75 10.54 -11.91
N ILE C 742 6.41 9.53 -11.38
CA ILE C 742 6.97 9.61 -10.05
C ILE C 742 8.22 10.49 -9.90
N CYS C 743 9.22 10.36 -10.82
CA CYS C 743 10.54 10.97 -10.70
C CYS C 743 10.84 12.11 -11.68
N GLY C 744 10.04 12.33 -12.71
CA GLY C 744 10.43 13.34 -13.67
C GLY C 744 11.76 12.93 -14.27
N ASP C 745 12.73 13.83 -14.24
CA ASP C 745 14.06 13.58 -14.77
C ASP C 745 15.12 13.46 -13.67
N SER C 746 14.69 13.14 -12.45
CA SER C 746 15.59 12.97 -11.33
C SER C 746 16.28 11.63 -11.29
N THR C 747 17.61 11.67 -11.33
CA THR C 747 18.43 10.48 -11.30
C THR C 747 18.36 9.80 -9.96
N GLU C 748 18.37 10.59 -8.91
CA GLU C 748 18.38 10.01 -7.58
C GLU C 748 17.09 9.21 -7.30
N CYS C 749 15.92 9.74 -7.73
CA CYS C 749 14.62 9.12 -7.58
C CYS C 749 14.58 7.85 -8.43
N SER C 750 15.05 7.94 -9.67
CA SER C 750 15.01 6.79 -10.54
C SER C 750 15.79 5.65 -9.92
N ASN C 751 16.94 5.93 -9.34
CA ASN C 751 17.70 4.85 -8.75
C ASN C 751 17.01 4.29 -7.51
N LEU C 752 16.33 5.13 -6.73
CA LEU C 752 15.62 4.61 -5.56
C LEU C 752 14.48 3.68 -5.97
N LEU C 753 13.87 3.92 -7.12
CA LEU C 753 12.77 3.06 -7.58
C LEU C 753 13.20 1.66 -7.92
N LEU C 754 14.48 1.40 -8.02
CA LEU C 754 14.92 0.07 -8.38
C LEU C 754 14.72 -0.87 -7.20
N GLN C 755 14.45 -0.31 -6.04
CA GLN C 755 14.25 -1.10 -4.85
C GLN C 755 12.92 -1.77 -4.86
N TYR C 756 12.05 -1.36 -5.78
CA TYR C 756 10.70 -1.88 -5.87
C TYR C 756 10.53 -2.90 -6.98
N GLY C 757 11.64 -3.31 -7.59
CA GLY C 757 11.54 -4.35 -8.58
C GLY C 757 10.68 -4.07 -9.80
N SER C 758 9.73 -4.96 -10.02
CA SER C 758 8.84 -4.91 -11.16
C SER C 758 7.58 -4.08 -10.98
N PHE C 759 7.36 -3.46 -9.84
CA PHE C 759 6.08 -2.74 -9.76
C PHE C 759 5.84 -1.77 -10.92
N CYS C 760 6.87 -1.01 -11.33
CA CYS C 760 6.81 0.01 -12.37
C CYS C 760 6.34 -0.64 -13.70
N THR C 761 7.00 -1.73 -14.10
CA THR C 761 6.63 -2.34 -15.37
C THR C 761 5.25 -2.99 -15.32
N GLN C 762 4.83 -3.49 -14.15
CA GLN C 762 3.52 -4.13 -14.09
C GLN C 762 2.43 -3.13 -14.38
N LEU C 763 2.60 -1.91 -13.88
CA LEU C 763 1.61 -0.88 -14.08
C LEU C 763 1.52 -0.49 -15.54
N ASN C 764 2.67 -0.41 -16.23
CA ASN C 764 2.56 -0.09 -17.63
C ASN C 764 1.98 -1.21 -18.44
N ARG C 765 2.24 -2.44 -18.04
CA ARG C 765 1.70 -3.55 -18.78
C ARG C 765 0.19 -3.56 -18.70
N ALA C 766 -0.35 -3.30 -17.50
CA ALA C 766 -1.78 -3.29 -17.32
C ALA C 766 -2.47 -2.23 -18.15
N LEU C 767 -1.87 -1.04 -18.20
CA LEU C 767 -2.50 0.01 -18.95
C LEU C 767 -2.43 -0.26 -20.43
N THR C 768 -1.34 -0.87 -20.88
CA THR C 768 -1.21 -1.16 -22.28
C THR C 768 -2.29 -2.13 -22.68
N GLY C 769 -2.53 -3.15 -21.85
CA GLY C 769 -3.55 -4.12 -22.17
C GLY C 769 -4.91 -3.48 -22.31
N ILE C 770 -5.22 -2.49 -21.47
CA ILE C 770 -6.51 -1.84 -21.60
C ILE C 770 -6.58 -1.11 -22.92
N ALA C 771 -5.53 -0.37 -23.25
CA ALA C 771 -5.59 0.40 -24.47
C ALA C 771 -5.81 -0.48 -25.69
N VAL C 772 -5.20 -1.65 -25.72
CA VAL C 772 -5.40 -2.51 -26.87
C VAL C 772 -6.82 -3.00 -26.94
N GLU C 773 -7.36 -3.38 -25.80
CA GLU C 773 -8.71 -3.87 -25.72
C GLU C 773 -9.70 -2.85 -26.25
N GLN C 774 -9.43 -1.57 -26.09
CA GLN C 774 -10.36 -0.58 -26.56
C GLN C 774 -10.54 -0.64 -28.09
N ASP C 775 -9.53 -1.06 -28.84
CA ASP C 775 -9.72 -1.14 -30.28
C ASP C 775 -10.43 -2.42 -30.60
N LYS C 776 -10.18 -3.43 -29.79
CA LYS C 776 -10.84 -4.70 -30.00
C LYS C 776 -12.35 -4.50 -29.85
N ASN C 777 -12.75 -3.72 -28.86
CA ASN C 777 -14.17 -3.48 -28.63
C ASN C 777 -14.81 -2.76 -29.79
N THR C 778 -14.12 -1.76 -30.33
CA THR C 778 -14.68 -1.02 -31.43
C THR C 778 -14.82 -1.88 -32.66
N GLN C 779 -13.80 -2.69 -32.91
CA GLN C 779 -13.80 -3.54 -34.08
C GLN C 779 -14.94 -4.53 -34.02
N GLU C 780 -15.18 -5.11 -32.87
CA GLU C 780 -16.25 -6.08 -32.74
C GLU C 780 -17.63 -5.50 -32.96
N VAL C 781 -17.85 -4.28 -32.50
CA VAL C 781 -19.17 -3.71 -32.69
C VAL C 781 -19.42 -3.30 -34.14
N PHE C 782 -18.49 -2.60 -34.77
CA PHE C 782 -18.78 -2.10 -36.10
C PHE C 782 -18.25 -2.88 -37.28
N ALA C 783 -17.11 -3.50 -37.17
CA ALA C 783 -16.51 -4.14 -38.33
C ALA C 783 -17.00 -5.54 -38.54
N GLN C 784 -18.28 -5.67 -38.82
CA GLN C 784 -18.84 -6.99 -38.99
C GLN C 784 -19.60 -7.14 -40.27
N VAL C 785 -19.23 -6.35 -41.25
CA VAL C 785 -19.80 -6.44 -42.57
C VAL C 785 -18.64 -6.80 -43.46
N LYS C 786 -18.83 -7.81 -44.29
CA LYS C 786 -17.77 -8.30 -45.17
C LYS C 786 -17.37 -7.40 -46.33
N GLN C 787 -18.28 -6.52 -46.72
CA GLN C 787 -18.10 -5.57 -47.83
C GLN C 787 -18.67 -4.23 -47.47
N ILE C 788 -18.19 -3.20 -48.12
CA ILE C 788 -18.78 -1.90 -47.92
C ILE C 788 -19.84 -1.70 -48.96
N TYR C 789 -21.06 -1.70 -48.50
CA TYR C 789 -22.21 -1.61 -49.37
C TYR C 789 -22.59 -0.18 -49.58
N LYS C 790 -23.05 0.12 -50.76
CA LYS C 790 -23.52 1.46 -51.06
C LYS C 790 -24.96 1.46 -51.51
N THR C 791 -25.65 2.55 -51.26
CA THR C 791 -27.01 2.71 -51.72
C THR C 791 -27.03 3.10 -53.17
N PRO C 792 -28.14 2.93 -53.88
CA PRO C 792 -28.33 3.35 -55.24
C PRO C 792 -28.42 4.87 -55.29
N PRO C 793 -28.17 5.48 -56.45
CA PRO C 793 -28.33 6.90 -56.71
C PRO C 793 -29.79 7.35 -56.66
N ILE C 794 -30.71 6.41 -56.84
CA ILE C 794 -32.12 6.77 -56.78
C ILE C 794 -32.71 6.18 -55.52
N LYS C 795 -33.09 7.06 -54.61
CA LYS C 795 -33.55 6.60 -53.31
C LYS C 795 -35.04 6.27 -53.31
N ASP C 796 -35.41 5.21 -54.01
CA ASP C 796 -36.80 4.80 -54.05
C ASP C 796 -37.07 3.64 -53.13
N PHE C 797 -37.60 3.92 -51.96
CA PHE C 797 -37.82 2.89 -50.98
C PHE C 797 -39.27 2.78 -50.65
N GLY C 798 -40.12 3.06 -51.62
CA GLY C 798 -41.54 2.85 -51.40
C GLY C 798 -42.20 3.85 -50.49
N GLY C 799 -41.64 5.05 -50.37
CA GLY C 799 -42.19 6.06 -49.49
C GLY C 799 -41.43 6.19 -48.19
N PHE C 800 -40.54 5.26 -47.90
CA PHE C 800 -39.77 5.38 -46.67
C PHE C 800 -38.56 6.28 -46.92
N ASN C 801 -38.46 7.38 -46.16
CA ASN C 801 -37.44 8.41 -46.29
C ASN C 801 -36.31 8.20 -45.25
N PHE C 802 -35.12 7.79 -45.73
CA PHE C 802 -33.95 7.48 -44.90
C PHE C 802 -32.89 8.57 -45.02
N SER C 803 -33.24 9.70 -45.57
CA SER C 803 -32.23 10.74 -45.81
C SER C 803 -31.58 11.31 -44.56
N GLN C 804 -32.19 11.15 -43.41
CA GLN C 804 -31.61 11.70 -42.21
C GLN C 804 -30.63 10.75 -41.54
N ILE C 805 -30.62 9.49 -41.99
CA ILE C 805 -29.73 8.50 -41.39
C ILE C 805 -28.62 8.05 -42.35
N LEU C 806 -28.80 8.36 -43.64
CA LEU C 806 -27.80 8.12 -44.66
C LEU C 806 -26.76 9.23 -44.61
N PRO C 807 -25.51 8.99 -44.99
CA PRO C 807 -24.44 9.97 -44.97
C PRO C 807 -24.66 11.07 -45.97
N ASP C 808 -24.22 12.27 -45.60
CA ASP C 808 -24.31 13.47 -46.43
C ASP C 808 -23.03 13.69 -47.29
N PRO C 809 -23.06 13.51 -48.62
CA PRO C 809 -21.94 13.61 -49.54
C PRO C 809 -21.25 14.97 -49.60
N SER C 810 -21.92 16.03 -49.12
CA SER C 810 -21.34 17.36 -49.22
C SER C 810 -20.37 17.70 -48.09
N LYS C 811 -20.33 16.88 -47.06
CA LYS C 811 -19.49 17.19 -45.92
C LYS C 811 -18.09 16.56 -46.02
N PRO C 812 -17.07 17.10 -45.30
CA PRO C 812 -15.71 16.59 -45.21
C PRO C 812 -15.63 15.23 -44.52
N SER C 813 -16.67 14.89 -43.80
CA SER C 813 -16.80 13.65 -43.09
C SER C 813 -18.18 13.19 -43.44
N LYS C 814 -18.28 12.02 -44.04
CA LYS C 814 -19.55 11.58 -44.55
C LYS C 814 -20.42 10.98 -43.49
N ARG C 815 -21.03 11.86 -42.71
CA ARG C 815 -21.86 11.47 -41.61
C ARG C 815 -23.28 11.89 -41.92
N SER C 816 -24.22 11.22 -41.33
CA SER C 816 -25.62 11.54 -41.51
C SER C 816 -25.98 12.74 -40.69
N PHE C 817 -27.15 13.30 -40.94
CA PHE C 817 -27.61 14.42 -40.15
C PHE C 817 -27.69 14.04 -38.67
N ILE C 818 -28.28 12.89 -38.38
CA ILE C 818 -28.37 12.49 -37.00
C ILE C 818 -27.00 12.32 -36.39
N GLU C 819 -26.06 11.72 -37.10
CA GLU C 819 -24.74 11.57 -36.54
C GLU C 819 -24.11 12.91 -36.22
N ASP C 820 -24.28 13.91 -37.06
CA ASP C 820 -23.69 15.19 -36.68
C ASP C 820 -24.28 15.71 -35.38
N LEU C 821 -25.55 15.45 -35.12
CA LEU C 821 -26.10 15.95 -33.88
C LEU C 821 -25.44 15.26 -32.71
N LEU C 822 -25.22 13.96 -32.84
CA LEU C 822 -24.66 13.18 -31.76
C LEU C 822 -23.25 13.62 -31.44
N PHE C 823 -22.49 13.93 -32.48
CA PHE C 823 -21.13 14.38 -32.31
C PHE C 823 -21.03 15.78 -31.75
N ASN C 824 -21.97 16.64 -32.11
CA ASN C 824 -21.94 17.99 -31.58
C ASN C 824 -22.32 18.04 -30.11
N LYS C 825 -23.19 17.13 -29.66
CA LYS C 825 -23.64 17.15 -28.27
C LYS C 825 -22.72 16.52 -27.24
N VAL C 826 -22.01 15.44 -27.56
CA VAL C 826 -21.16 14.87 -26.50
C VAL C 826 -19.88 15.71 -26.49
N THR C 827 -19.48 16.25 -25.31
CA THR C 827 -18.31 17.12 -25.14
C THR C 827 -18.11 17.48 -23.67
N LYS C 854 -0.37 17.12 -15.72
CA LYS C 854 -1.12 17.03 -16.97
C LYS C 854 -0.25 16.43 -18.09
N PHE C 855 1.02 16.88 -18.20
CA PHE C 855 2.00 16.43 -19.19
C PHE C 855 3.09 15.64 -18.49
N ASN C 856 2.85 15.26 -17.25
CA ASN C 856 3.85 14.55 -16.50
C ASN C 856 3.87 13.06 -16.74
N GLY C 857 4.29 12.69 -17.94
CA GLY C 857 4.37 11.29 -18.32
C GLY C 857 3.02 10.73 -18.74
N LEU C 858 2.07 11.63 -18.93
CA LEU C 858 0.72 11.25 -19.27
C LEU C 858 0.45 11.47 -20.74
N THR C 859 0.04 10.43 -21.44
CA THR C 859 -0.26 10.62 -22.85
C THR C 859 -1.53 9.93 -23.28
N VAL C 860 -1.93 10.20 -24.50
CA VAL C 860 -3.09 9.58 -25.11
C VAL C 860 -2.77 8.98 -26.44
N LEU C 861 -3.16 7.75 -26.64
CA LEU C 861 -2.88 7.11 -27.89
C LEU C 861 -4.12 7.28 -28.76
N PRO C 862 -4.00 7.46 -30.06
CA PRO C 862 -5.12 7.54 -30.96
C PRO C 862 -5.71 6.17 -31.11
N PRO C 863 -6.98 6.06 -31.49
CA PRO C 863 -7.68 4.85 -31.82
C PRO C 863 -7.16 4.37 -33.13
N LEU C 864 -7.29 3.09 -33.40
CA LEU C 864 -6.90 2.57 -34.70
C LEU C 864 -7.84 3.00 -35.80
N LEU C 865 -9.14 3.00 -35.53
CA LEU C 865 -10.08 3.42 -36.54
C LEU C 865 -10.40 4.86 -36.28
N THR C 866 -10.57 5.63 -37.33
CA THR C 866 -10.90 7.02 -37.22
C THR C 866 -12.39 7.18 -37.27
N ASP C 867 -12.88 8.37 -36.96
CA ASP C 867 -14.31 8.59 -36.99
C ASP C 867 -14.88 8.41 -38.37
N GLU C 868 -14.11 8.78 -39.39
CA GLU C 868 -14.55 8.64 -40.75
C GLU C 868 -14.71 7.18 -41.10
N MET C 869 -13.80 6.35 -40.62
CA MET C 869 -13.84 4.93 -40.89
C MET C 869 -15.02 4.28 -40.21
N ILE C 870 -15.37 4.77 -39.03
CA ILE C 870 -16.52 4.24 -38.33
C ILE C 870 -17.75 4.63 -39.12
N ALA C 871 -17.80 5.87 -39.61
CA ALA C 871 -18.93 6.29 -40.39
C ALA C 871 -19.08 5.41 -41.62
N GLN C 872 -17.98 4.99 -42.25
CA GLN C 872 -18.10 4.13 -43.41
C GLN C 872 -18.65 2.76 -43.04
N TYR C 873 -18.25 2.20 -41.90
CA TYR C 873 -18.82 0.91 -41.54
C TYR C 873 -20.30 1.05 -41.27
N THR C 874 -20.68 2.14 -40.61
CA THR C 874 -22.07 2.34 -40.28
C THR C 874 -22.86 2.48 -41.55
N SER C 875 -22.34 3.22 -42.51
CA SER C 875 -23.01 3.43 -43.76
C SER C 875 -23.20 2.10 -44.47
N ALA C 876 -22.18 1.25 -44.47
CA ALA C 876 -22.31 -0.04 -45.13
C ALA C 876 -23.38 -0.90 -44.51
N LEU C 877 -23.47 -0.91 -43.19
CA LEU C 877 -24.46 -1.72 -42.52
C LEU C 877 -25.84 -1.21 -42.85
N LEU C 878 -25.97 0.10 -42.91
CA LEU C 878 -27.23 0.70 -43.22
C LEU C 878 -27.63 0.45 -44.66
N ALA C 879 -26.71 0.57 -45.60
CA ALA C 879 -27.02 0.33 -46.99
C ALA C 879 -27.47 -1.09 -47.19
N GLY C 880 -26.84 -2.02 -46.49
CA GLY C 880 -27.18 -3.42 -46.58
C GLY C 880 -28.59 -3.64 -46.08
N THR C 881 -28.89 -3.08 -44.91
CA THR C 881 -30.18 -3.25 -44.29
C THR C 881 -31.29 -2.75 -45.19
N ILE C 882 -31.08 -1.60 -45.80
CA ILE C 882 -32.09 -1.04 -46.66
C ILE C 882 -32.31 -1.81 -47.96
N THR C 883 -31.25 -2.22 -48.66
CA THR C 883 -31.46 -2.86 -49.96
C THR C 883 -31.49 -4.38 -50.02
N SER C 884 -30.98 -5.11 -49.03
CA SER C 884 -30.95 -6.58 -49.09
C SER C 884 -31.49 -7.26 -47.83
N GLY C 885 -32.11 -6.48 -46.99
CA GLY C 885 -32.69 -6.94 -45.75
C GLY C 885 -31.65 -7.54 -44.84
N TRP C 886 -31.93 -8.71 -44.32
CA TRP C 886 -31.00 -9.37 -43.43
C TRP C 886 -30.14 -10.36 -44.16
N THR C 887 -30.37 -10.50 -45.44
CA THR C 887 -29.72 -11.52 -46.20
C THR C 887 -28.22 -11.35 -46.22
N PHE C 888 -27.77 -10.12 -46.31
CA PHE C 888 -26.35 -9.83 -46.39
C PHE C 888 -25.62 -10.24 -45.15
N GLY C 889 -26.33 -10.42 -44.03
CA GLY C 889 -25.68 -10.78 -42.82
C GLY C 889 -25.44 -12.30 -42.73
N ALA C 890 -26.02 -13.07 -43.66
CA ALA C 890 -25.88 -14.52 -43.66
C ALA C 890 -25.03 -14.98 -44.84
N GLY C 891 -25.22 -14.35 -45.99
CA GLY C 891 -24.53 -14.73 -47.21
C GLY C 891 -24.20 -13.50 -48.06
N ALA C 892 -24.58 -13.58 -49.32
CA ALA C 892 -24.39 -12.50 -50.28
C ALA C 892 -25.49 -11.49 -50.10
N ALA C 893 -25.26 -10.24 -50.44
CA ALA C 893 -26.38 -9.34 -50.34
C ALA C 893 -27.26 -9.55 -51.54
N LEU C 894 -28.50 -9.90 -51.30
CA LEU C 894 -29.47 -10.13 -52.35
C LEU C 894 -30.50 -9.05 -52.36
N GLN C 895 -30.63 -8.33 -53.46
CA GLN C 895 -31.56 -7.23 -53.51
C GLN C 895 -33.01 -7.66 -53.38
N ILE C 896 -33.78 -6.84 -52.70
CA ILE C 896 -35.23 -7.01 -52.60
C ILE C 896 -35.91 -5.63 -52.59
N PRO C 897 -37.07 -5.40 -53.21
CA PRO C 897 -37.78 -4.15 -53.10
C PRO C 897 -38.02 -3.85 -51.65
N PHE C 898 -37.92 -2.59 -51.24
CA PHE C 898 -38.08 -2.29 -49.83
C PHE C 898 -39.45 -2.67 -49.29
N ALA C 899 -40.51 -2.40 -50.02
CA ALA C 899 -41.82 -2.73 -49.49
C ALA C 899 -41.96 -4.24 -49.24
N MET C 900 -41.37 -5.06 -50.09
CA MET C 900 -41.48 -6.49 -49.86
C MET C 900 -40.68 -6.87 -48.64
N GLN C 901 -39.57 -6.20 -48.43
CA GLN C 901 -38.81 -6.49 -47.23
C GLN C 901 -39.65 -6.24 -46.01
N MET C 902 -40.39 -5.14 -46.01
CA MET C 902 -41.23 -4.85 -44.87
C MET C 902 -42.32 -5.89 -44.72
N ALA C 903 -42.82 -6.42 -45.83
CA ALA C 903 -43.85 -7.44 -45.75
C ALA C 903 -43.36 -8.64 -45.01
N TYR C 904 -42.09 -8.99 -45.18
CA TYR C 904 -41.60 -10.15 -44.48
C TYR C 904 -41.51 -9.84 -43.01
N ARG C 905 -41.07 -8.63 -42.69
CA ARG C 905 -40.92 -8.22 -41.32
C ARG C 905 -42.27 -8.23 -40.61
N PHE C 906 -43.34 -7.89 -41.33
CA PHE C 906 -44.69 -7.95 -40.79
C PHE C 906 -45.13 -9.40 -40.56
N ASN C 907 -44.85 -10.30 -41.50
CA ASN C 907 -45.25 -11.69 -41.26
C ASN C 907 -44.49 -12.23 -40.06
N GLY C 908 -43.28 -11.73 -39.86
CA GLY C 908 -42.40 -12.11 -38.79
C GLY C 908 -42.91 -11.74 -37.41
N ILE C 909 -43.90 -10.87 -37.32
CA ILE C 909 -44.46 -10.48 -36.04
C ILE C 909 -45.89 -10.95 -35.92
N GLY C 910 -46.31 -11.84 -36.81
CA GLY C 910 -47.67 -12.33 -36.71
C GLY C 910 -48.73 -11.48 -37.38
N VAL C 911 -48.36 -10.63 -38.33
CA VAL C 911 -49.35 -9.81 -39.01
C VAL C 911 -49.28 -10.16 -40.48
N THR C 912 -50.39 -10.58 -41.05
CA THR C 912 -50.39 -10.99 -42.44
C THR C 912 -49.99 -9.84 -43.32
N GLN C 913 -49.09 -10.10 -44.27
CA GLN C 913 -48.54 -9.12 -45.20
C GLN C 913 -49.53 -8.25 -45.95
N ASN C 914 -50.76 -8.66 -46.16
CA ASN C 914 -51.63 -7.78 -46.91
C ASN C 914 -51.88 -6.51 -46.13
N VAL C 915 -51.68 -6.56 -44.81
CA VAL C 915 -51.87 -5.41 -43.95
C VAL C 915 -50.88 -4.35 -44.31
N LEU C 916 -49.65 -4.74 -44.65
CA LEU C 916 -48.67 -3.75 -45.03
C LEU C 916 -49.03 -3.10 -46.33
N TYR C 917 -49.37 -3.91 -47.32
CA TYR C 917 -49.55 -3.32 -48.64
C TYR C 917 -50.77 -2.43 -48.70
N GLU C 918 -51.81 -2.80 -48.00
CA GLU C 918 -53.04 -2.05 -48.04
C GLU C 918 -52.94 -0.76 -47.25
N ASN C 919 -51.88 -0.61 -46.46
CA ASN C 919 -51.67 0.55 -45.65
C ASN C 919 -50.26 1.06 -45.91
N GLN C 920 -49.71 0.80 -47.08
CA GLN C 920 -48.33 1.21 -47.29
C GLN C 920 -48.10 2.70 -47.11
N LYS C 921 -49.01 3.53 -47.56
CA LYS C 921 -48.78 4.97 -47.44
C LYS C 921 -48.80 5.40 -46.00
N LEU C 922 -49.68 4.81 -45.22
CA LEU C 922 -49.80 5.17 -43.82
C LEU C 922 -48.58 4.77 -43.06
N ILE C 923 -48.08 3.58 -43.32
CA ILE C 923 -46.95 3.07 -42.60
C ILE C 923 -45.73 3.90 -42.94
N ALA C 924 -45.52 4.21 -44.21
CA ALA C 924 -44.39 5.03 -44.57
C ALA C 924 -44.49 6.40 -43.93
N ASN C 925 -45.69 6.97 -43.86
CA ASN C 925 -45.81 8.30 -43.26
C ASN C 925 -45.53 8.28 -41.78
N GLN C 926 -45.97 7.22 -41.07
CA GLN C 926 -45.71 7.21 -39.66
C GLN C 926 -44.22 7.05 -39.40
N PHE C 927 -43.55 6.25 -40.23
CA PHE C 927 -42.13 6.07 -40.09
C PHE C 927 -41.39 7.38 -40.27
N ASN C 928 -41.74 8.10 -41.32
CA ASN C 928 -41.03 9.33 -41.61
C ASN C 928 -41.24 10.34 -40.50
N SER C 929 -42.44 10.37 -39.93
CA SER C 929 -42.74 11.26 -38.84
C SER C 929 -41.90 10.94 -37.63
N ALA C 930 -41.78 9.65 -37.31
CA ALA C 930 -40.99 9.23 -36.16
C ALA C 930 -39.55 9.69 -36.27
N ILE C 931 -38.99 9.65 -37.48
CA ILE C 931 -37.62 10.07 -37.60
C ILE C 931 -37.51 11.56 -37.30
N GLY C 932 -38.45 12.35 -37.79
CA GLY C 932 -38.41 13.77 -37.49
C GLY C 932 -38.46 14.05 -35.99
N LYS C 933 -39.23 13.24 -35.26
CA LYS C 933 -39.30 13.43 -33.82
C LYS C 933 -37.95 13.17 -33.16
N ILE C 934 -37.21 12.20 -33.68
CA ILE C 934 -35.89 11.88 -33.16
C ILE C 934 -34.95 13.03 -33.36
N GLN C 935 -34.99 13.66 -34.53
CA GLN C 935 -34.11 14.79 -34.77
C GLN C 935 -34.37 15.89 -33.75
N ASP C 936 -35.64 16.14 -33.43
CA ASP C 936 -35.94 17.18 -32.48
C ASP C 936 -35.55 16.81 -31.06
N SER C 937 -35.73 15.56 -30.70
CA SER C 937 -35.39 15.14 -29.36
C SER C 937 -33.91 15.30 -29.12
N LEU C 938 -33.10 14.84 -30.06
CA LEU C 938 -31.66 14.92 -29.91
C LEU C 938 -31.15 16.34 -29.99
N SER C 939 -31.74 17.16 -30.85
CA SER C 939 -31.31 18.53 -30.99
C SER C 939 -31.58 19.34 -29.72
N SER C 940 -32.76 19.17 -29.13
CA SER C 940 -33.13 19.94 -27.94
C SER C 940 -32.67 19.39 -26.58
N THR C 941 -32.50 18.08 -26.42
CA THR C 941 -32.16 17.57 -25.10
C THR C 941 -30.73 17.05 -25.01
N ALA C 942 -29.87 17.82 -24.35
CA ALA C 942 -28.44 17.47 -24.27
C ALA C 942 -28.24 16.20 -23.46
N SER C 943 -29.10 16.02 -22.46
CA SER C 943 -29.05 14.91 -21.52
C SER C 943 -29.34 13.58 -22.18
N ALA C 944 -29.81 13.61 -23.42
CA ALA C 944 -30.16 12.42 -24.15
C ALA C 944 -28.96 11.50 -24.27
N LEU C 945 -27.76 12.06 -24.34
CA LEU C 945 -26.57 11.26 -24.54
C LEU C 945 -25.76 11.12 -23.26
N GLY C 946 -26.41 11.29 -22.11
CA GLY C 946 -25.74 11.24 -20.83
C GLY C 946 -24.91 10.00 -20.59
N LYS C 947 -25.27 8.84 -21.12
CA LYS C 947 -24.44 7.67 -20.88
C LYS C 947 -23.03 7.81 -21.45
N LEU C 948 -22.88 8.48 -22.57
CA LEU C 948 -21.57 8.57 -23.18
C LEU C 948 -20.81 9.66 -22.49
N GLN C 949 -21.53 10.69 -22.07
CA GLN C 949 -20.90 11.81 -21.40
C GLN C 949 -20.35 11.33 -20.06
N ASP C 950 -21.08 10.41 -19.41
CA ASP C 950 -20.68 9.85 -18.13
C ASP C 950 -19.38 9.09 -18.22
N VAL C 951 -19.19 8.33 -19.29
CA VAL C 951 -17.93 7.63 -19.41
C VAL C 951 -16.80 8.61 -19.51
N VAL C 952 -17.00 9.66 -20.29
CA VAL C 952 -15.95 10.65 -20.43
C VAL C 952 -15.64 11.34 -19.13
N ASN C 953 -16.66 11.71 -18.39
CA ASN C 953 -16.46 12.44 -17.18
C ASN C 953 -15.73 11.61 -16.14
N GLN C 954 -16.04 10.32 -16.04
CA GLN C 954 -15.37 9.51 -15.05
C GLN C 954 -13.91 9.31 -15.33
N ASN C 955 -13.55 9.17 -16.60
CA ASN C 955 -12.15 8.98 -16.84
C ASN C 955 -11.41 10.26 -16.63
N ALA C 956 -12.02 11.39 -16.97
CA ALA C 956 -11.37 12.66 -16.77
C ALA C 956 -11.14 12.94 -15.31
N GLN C 957 -12.10 12.57 -14.48
CA GLN C 957 -11.96 12.82 -13.07
C GLN C 957 -10.86 11.96 -12.49
N ALA C 958 -10.79 10.70 -12.89
CA ALA C 958 -9.77 9.83 -12.36
C ALA C 958 -8.39 10.32 -12.70
N LEU C 959 -8.25 10.84 -13.91
CA LEU C 959 -6.97 11.31 -14.34
C LEU C 959 -6.60 12.60 -13.63
N ASN C 960 -7.55 13.49 -13.43
CA ASN C 960 -7.21 14.73 -12.76
C ASN C 960 -6.82 14.47 -11.34
N THR C 961 -7.39 13.45 -10.73
CA THR C 961 -7.05 13.09 -9.37
C THR C 961 -5.61 12.63 -9.33
N LEU C 962 -5.21 11.80 -10.30
CA LEU C 962 -3.85 11.29 -10.34
C LEU C 962 -2.86 12.44 -10.42
N VAL C 963 -3.21 13.47 -11.17
CA VAL C 963 -2.35 14.63 -11.29
C VAL C 963 -2.29 15.43 -10.01
N LYS C 964 -3.43 15.68 -9.38
CA LYS C 964 -3.44 16.46 -8.15
C LYS C 964 -2.63 15.83 -7.04
N GLN C 965 -2.56 14.50 -7.02
CA GLN C 965 -1.80 13.80 -5.99
C GLN C 965 -0.33 14.14 -6.01
N LEU C 966 0.19 14.66 -7.11
CA LEU C 966 1.60 15.00 -7.18
C LEU C 966 1.93 16.14 -6.26
N SER C 967 0.93 16.90 -5.84
CA SER C 967 1.14 18.04 -4.97
C SER C 967 1.13 17.66 -3.49
N SER C 968 0.79 16.42 -3.17
CA SER C 968 0.77 16.02 -1.78
C SER C 968 2.17 15.85 -1.26
N ASN C 969 2.39 16.21 0.00
CA ASN C 969 3.71 16.01 0.56
C ASN C 969 3.95 14.61 1.10
N PHE C 970 2.94 13.93 1.60
CA PHE C 970 3.16 12.61 2.16
C PHE C 970 4.21 12.61 3.28
N GLY C 971 4.31 13.70 4.04
CA GLY C 971 5.29 13.80 5.11
C GLY C 971 6.58 14.50 4.70
N ALA C 972 6.75 14.77 3.42
CA ALA C 972 7.92 15.45 2.88
C ALA C 972 7.91 16.93 3.18
N ILE C 973 9.10 17.51 3.14
CA ILE C 973 9.25 18.95 3.31
C ILE C 973 8.65 19.72 2.14
N SER C 974 8.63 19.10 0.98
CA SER C 974 8.07 19.67 -0.22
C SER C 974 7.64 18.60 -1.16
N SER C 975 6.55 18.85 -1.86
CA SER C 975 6.04 17.98 -2.91
C SER C 975 6.89 18.06 -4.16
N VAL C 976 7.70 19.09 -4.27
CA VAL C 976 8.50 19.28 -5.45
C VAL C 976 9.84 18.61 -5.29
N LEU C 977 10.09 17.67 -6.18
CA LEU C 977 11.30 16.89 -6.11
C LEU C 977 12.52 17.77 -6.28
N ASN C 978 12.39 18.78 -7.11
CA ASN C 978 13.48 19.70 -7.34
C ASN C 978 13.81 20.57 -6.13
N ASP C 979 12.85 20.83 -5.24
CA ASP C 979 13.12 21.66 -4.07
C ASP C 979 13.93 20.84 -3.11
N ILE C 980 13.69 19.54 -3.11
CA ILE C 980 14.45 18.69 -2.23
C ILE C 980 15.86 18.62 -2.76
N LEU C 981 15.99 18.34 -4.04
CA LEU C 981 17.29 18.17 -4.66
C LEU C 981 18.16 19.41 -4.66
N SER C 982 17.56 20.58 -4.83
CA SER C 982 18.34 21.80 -4.90
C SER C 982 18.80 22.27 -3.53
N ARG C 983 18.29 21.67 -2.46
CA ARG C 983 18.66 22.14 -1.15
C ARG C 983 19.39 21.15 -0.29
N LEU C 984 19.06 19.88 -0.38
CA LEU C 984 19.68 18.91 0.51
C LEU C 984 20.74 18.05 -0.15
N ASP C 985 21.73 17.66 0.64
CA ASP C 985 22.73 16.70 0.19
C ASP C 985 22.08 15.33 0.17
N PRO C 986 22.52 14.39 -0.68
CA PRO C 986 21.99 13.04 -0.79
C PRO C 986 21.65 12.28 0.51
N PRO C 987 22.45 12.31 1.59
CA PRO C 987 22.13 11.57 2.79
C PRO C 987 20.80 12.00 3.41
N GLU C 988 20.35 13.21 3.09
CA GLU C 988 19.10 13.71 3.62
C GLU C 988 18.06 13.75 2.51
N ALA C 989 18.50 14.06 1.30
CA ALA C 989 17.59 14.20 0.18
C ALA C 989 16.88 12.91 -0.07
N GLU C 990 17.60 11.80 0.12
CA GLU C 990 17.03 10.49 -0.12
C GLU C 990 15.90 10.17 0.83
N VAL C 991 15.91 10.73 2.03
CA VAL C 991 14.85 10.42 2.96
C VAL C 991 13.57 11.03 2.47
N GLN C 992 13.69 12.28 2.03
CA GLN C 992 12.52 13.00 1.56
C GLN C 992 12.01 12.41 0.26
N ILE C 993 12.93 11.94 -0.58
CA ILE C 993 12.54 11.39 -1.85
C ILE C 993 11.83 10.08 -1.63
N ASP C 994 12.35 9.24 -0.76
CA ASP C 994 11.75 7.96 -0.52
C ASP C 994 10.32 8.08 -0.05
N ARG C 995 10.02 9.05 0.81
CA ARG C 995 8.61 9.12 1.19
C ARG C 995 7.74 9.64 0.05
N LEU C 996 8.26 10.51 -0.83
CA LEU C 996 7.43 10.92 -1.96
C LEU C 996 7.19 9.76 -2.88
N ILE C 997 8.18 8.89 -3.07
CA ILE C 997 7.99 7.75 -3.94
C ILE C 997 6.92 6.86 -3.40
N THR C 998 6.94 6.58 -2.12
CA THR C 998 5.93 5.69 -1.62
C THR C 998 4.55 6.23 -1.90
N GLY C 999 4.34 7.52 -1.63
CA GLY C 999 3.04 8.11 -1.84
C GLY C 999 2.60 8.13 -3.30
N ARG C 1000 3.51 8.46 -4.19
CA ARG C 1000 3.16 8.55 -5.59
C ARG C 1000 2.93 7.19 -6.18
N LEU C 1001 3.68 6.20 -5.73
CA LEU C 1001 3.51 4.88 -6.24
C LEU C 1001 2.16 4.34 -5.82
N GLN C 1002 1.76 4.57 -4.58
CA GLN C 1002 0.47 4.10 -4.13
C GLN C 1002 -0.65 4.76 -4.89
N SER C 1003 -0.49 6.05 -5.20
CA SER C 1003 -1.53 6.77 -5.94
C SER C 1003 -1.67 6.23 -7.35
N LEU C 1004 -0.55 5.89 -7.97
CA LEU C 1004 -0.59 5.35 -9.30
C LEU C 1004 -1.21 3.96 -9.32
N GLN C 1005 -0.90 3.14 -8.32
CA GLN C 1005 -1.48 1.81 -8.27
C GLN C 1005 -2.97 1.89 -8.13
N THR C 1006 -3.44 2.86 -7.34
CA THR C 1006 -4.86 3.03 -7.16
C THR C 1006 -5.52 3.36 -8.48
N TYR C 1007 -4.92 4.27 -9.23
CA TYR C 1007 -5.43 4.66 -10.52
C TYR C 1007 -5.55 3.48 -11.46
N VAL C 1008 -4.50 2.69 -11.56
CA VAL C 1008 -4.54 1.58 -12.49
C VAL C 1008 -5.61 0.60 -12.11
N THR C 1009 -5.75 0.28 -10.83
CA THR C 1009 -6.77 -0.68 -10.44
C THR C 1009 -8.13 -0.19 -10.84
N GLN C 1010 -8.41 1.09 -10.62
CA GLN C 1010 -9.71 1.60 -10.98
C GLN C 1010 -9.94 1.54 -12.46
N GLN C 1011 -8.91 1.77 -13.26
CA GLN C 1011 -9.10 1.70 -14.70
C GLN C 1011 -9.36 0.28 -15.15
N LEU C 1012 -8.77 -0.71 -14.49
CA LEU C 1012 -9.05 -2.08 -14.91
C LEU C 1012 -10.49 -2.44 -14.65
N ILE C 1013 -11.03 -1.99 -13.53
CA ILE C 1013 -12.40 -2.28 -13.22
C ILE C 1013 -13.31 -1.56 -14.22
N ARG C 1014 -13.06 -0.28 -14.45
CA ARG C 1014 -13.85 0.48 -15.38
C ARG C 1014 -13.76 -0.10 -16.79
N ALA C 1015 -12.59 -0.58 -17.19
CA ALA C 1015 -12.45 -1.14 -18.50
C ALA C 1015 -13.33 -2.35 -18.67
N ALA C 1016 -13.45 -3.16 -17.63
CA ALA C 1016 -14.30 -4.32 -17.71
C ALA C 1016 -15.76 -3.94 -17.92
N GLU C 1017 -16.18 -2.84 -17.30
CA GLU C 1017 -17.57 -2.42 -17.44
C GLU C 1017 -17.86 -2.03 -18.88
N ILE C 1018 -16.92 -1.33 -19.47
CA ILE C 1018 -17.09 -0.89 -20.84
C ILE C 1018 -17.08 -2.05 -21.78
N ARG C 1019 -16.19 -2.99 -21.57
CA ARG C 1019 -16.16 -4.16 -22.41
C ARG C 1019 -17.49 -4.87 -22.37
N ALA C 1020 -18.07 -5.03 -21.19
CA ALA C 1020 -19.35 -5.69 -21.14
C ALA C 1020 -20.38 -4.94 -21.97
N SER C 1021 -20.33 -3.61 -21.94
CA SER C 1021 -21.26 -2.85 -22.75
C SER C 1021 -20.97 -3.10 -24.22
N ALA C 1022 -19.71 -3.10 -24.60
CA ALA C 1022 -19.35 -3.32 -26.00
C ALA C 1022 -19.83 -4.67 -26.48
N ASN C 1023 -19.80 -5.68 -25.63
CA ASN C 1023 -20.25 -6.99 -26.02
C ASN C 1023 -21.74 -6.97 -26.27
N LEU C 1024 -22.45 -6.18 -25.49
CA LEU C 1024 -23.88 -6.09 -25.67
C LEU C 1024 -24.17 -5.37 -26.96
N ALA C 1025 -23.42 -4.32 -27.22
CA ALA C 1025 -23.60 -3.56 -28.43
C ALA C 1025 -23.34 -4.40 -29.64
N ALA C 1026 -22.32 -5.24 -29.58
CA ALA C 1026 -22.01 -6.09 -30.70
C ALA C 1026 -23.12 -7.09 -30.90
N THR C 1027 -23.69 -7.59 -29.80
CA THR C 1027 -24.78 -8.53 -29.91
C THR C 1027 -25.98 -7.87 -30.56
N LYS C 1028 -26.31 -6.65 -30.16
CA LYS C 1028 -27.44 -5.97 -30.76
C LYS C 1028 -27.21 -5.67 -32.21
N MET C 1029 -26.01 -5.34 -32.59
CA MET C 1029 -25.81 -5.12 -33.98
C MET C 1029 -26.17 -6.40 -34.74
N SER C 1030 -25.68 -7.54 -34.25
CA SER C 1030 -25.96 -8.81 -34.91
C SER C 1030 -27.41 -9.24 -34.89
N GLU C 1031 -28.09 -9.03 -33.80
CA GLU C 1031 -29.48 -9.49 -33.70
C GLU C 1031 -30.60 -8.49 -34.02
N CYS C 1032 -30.36 -7.17 -33.92
CA CYS C 1032 -31.34 -6.11 -34.16
C CYS C 1032 -31.11 -5.51 -35.55
N VAL C 1033 -29.85 -5.37 -35.98
CA VAL C 1033 -29.59 -4.75 -37.28
C VAL C 1033 -29.49 -5.77 -38.40
N LEU C 1034 -28.82 -6.88 -38.15
CA LEU C 1034 -28.62 -7.88 -39.19
C LEU C 1034 -29.68 -8.97 -39.18
N GLY C 1035 -30.79 -8.75 -38.49
CA GLY C 1035 -31.88 -9.70 -38.46
C GLY C 1035 -33.04 -9.16 -37.67
N GLN C 1036 -34.07 -9.98 -37.50
CA GLN C 1036 -35.26 -9.58 -36.77
C GLN C 1036 -35.39 -10.40 -35.51
N SER C 1037 -35.22 -9.76 -34.37
CA SER C 1037 -35.21 -10.41 -33.07
C SER C 1037 -36.56 -10.82 -32.52
N LYS C 1038 -36.58 -11.95 -31.81
CA LYS C 1038 -37.77 -12.44 -31.11
C LYS C 1038 -37.67 -12.24 -29.61
N ARG C 1039 -36.60 -11.62 -29.18
CA ARG C 1039 -36.38 -11.39 -27.76
C ARG C 1039 -37.21 -10.18 -27.42
N VAL C 1040 -38.04 -10.30 -26.39
CA VAL C 1040 -39.09 -9.33 -26.11
C VAL C 1040 -38.73 -7.88 -25.92
N ASP C 1041 -37.74 -7.56 -25.11
CA ASP C 1041 -37.40 -6.15 -24.94
C ASP C 1041 -36.01 -5.92 -25.43
N PHE C 1042 -35.51 -6.83 -26.22
CA PHE C 1042 -34.12 -6.70 -26.62
C PHE C 1042 -33.82 -5.54 -27.57
N CYS C 1043 -34.69 -5.31 -28.57
CA CYS C 1043 -34.50 -4.32 -29.64
C CYS C 1043 -35.60 -3.26 -29.53
N GLY C 1044 -35.79 -2.72 -28.34
CA GLY C 1044 -36.80 -1.69 -28.12
C GLY C 1044 -38.13 -2.29 -27.69
N LYS C 1045 -39.06 -1.44 -27.28
CA LYS C 1045 -40.39 -1.87 -26.85
C LYS C 1045 -41.34 -1.97 -28.03
N GLY C 1046 -42.18 -2.99 -28.02
CA GLY C 1046 -43.15 -3.22 -29.08
C GLY C 1046 -42.63 -4.40 -29.89
N TYR C 1047 -43.24 -4.73 -31.00
CA TYR C 1047 -42.75 -5.88 -31.73
C TYR C 1047 -41.67 -5.42 -32.67
N HIS C 1048 -40.52 -6.03 -32.65
CA HIS C 1048 -39.46 -5.50 -33.49
C HIS C 1048 -39.62 -5.78 -34.96
N LEU C 1049 -39.39 -4.75 -35.79
CA LEU C 1049 -39.39 -4.89 -37.22
C LEU C 1049 -37.98 -4.81 -37.77
N MET C 1050 -37.25 -3.75 -37.41
CA MET C 1050 -35.89 -3.52 -37.94
C MET C 1050 -35.14 -2.48 -37.15
N SER C 1051 -33.82 -2.42 -37.30
CA SER C 1051 -33.06 -1.36 -36.63
C SER C 1051 -31.98 -0.78 -37.51
N PHE C 1052 -31.58 0.44 -37.19
CA PHE C 1052 -30.53 1.11 -37.93
C PHE C 1052 -29.50 1.70 -36.98
N PRO C 1053 -28.21 1.41 -37.13
CA PRO C 1053 -27.15 1.96 -36.32
C PRO C 1053 -26.81 3.35 -36.76
N GLN C 1054 -26.30 4.16 -35.83
CA GLN C 1054 -25.68 5.46 -36.06
C GLN C 1054 -24.43 5.52 -35.18
N SER C 1055 -23.36 6.15 -35.63
CA SER C 1055 -22.17 6.27 -34.78
C SER C 1055 -22.30 7.40 -33.78
N ALA C 1056 -21.44 7.39 -32.78
CA ALA C 1056 -21.40 8.42 -31.76
C ALA C 1056 -20.02 8.42 -31.15
N PRO C 1057 -19.54 9.49 -30.51
CA PRO C 1057 -18.27 9.47 -29.86
C PRO C 1057 -18.22 8.35 -28.87
N HIS C 1058 -17.22 7.51 -28.98
CA HIS C 1058 -17.04 6.39 -28.08
C HIS C 1058 -18.26 5.51 -27.88
N GLY C 1059 -19.08 5.33 -28.91
CA GLY C 1059 -20.26 4.50 -28.71
C GLY C 1059 -21.11 4.32 -29.93
N VAL C 1060 -22.23 3.66 -29.73
CA VAL C 1060 -23.14 3.38 -30.83
C VAL C 1060 -24.55 3.73 -30.42
N VAL C 1061 -25.30 4.25 -31.35
CA VAL C 1061 -26.68 4.56 -31.11
C VAL C 1061 -27.57 3.77 -32.04
N PHE C 1062 -28.55 3.08 -31.49
CA PHE C 1062 -29.42 2.32 -32.34
C PHE C 1062 -30.80 2.93 -32.41
N LEU C 1063 -31.34 2.98 -33.61
CA LEU C 1063 -32.69 3.40 -33.80
C LEU C 1063 -33.51 2.15 -34.04
N HIS C 1064 -34.43 1.86 -33.14
CA HIS C 1064 -35.19 0.63 -33.23
C HIS C 1064 -36.58 0.89 -33.69
N VAL C 1065 -37.00 0.24 -34.75
CA VAL C 1065 -38.31 0.46 -35.32
C VAL C 1065 -39.20 -0.69 -34.90
N THR C 1066 -40.29 -0.36 -34.19
CA THR C 1066 -41.18 -1.39 -33.70
C THR C 1066 -42.64 -1.13 -34.05
N TYR C 1067 -43.40 -2.21 -34.05
CA TYR C 1067 -44.83 -2.21 -34.31
C TYR C 1067 -45.61 -2.24 -33.01
N VAL C 1068 -46.50 -1.29 -32.84
CA VAL C 1068 -47.28 -1.24 -31.63
C VAL C 1068 -48.78 -1.24 -31.92
N PRO C 1069 -49.57 -2.20 -31.44
CA PRO C 1069 -51.02 -2.26 -31.60
C PRO C 1069 -51.57 -0.98 -31.01
N ALA C 1070 -52.58 -0.35 -31.61
CA ALA C 1070 -52.98 0.94 -31.03
C ALA C 1070 -54.46 1.32 -30.96
N GLN C 1071 -55.40 0.39 -30.91
CA GLN C 1071 -56.85 0.71 -30.86
C GLN C 1071 -57.34 -0.70 -30.70
N GLU C 1072 -57.98 -0.99 -29.60
CA GLU C 1072 -58.50 -2.31 -29.32
C GLU C 1072 -59.98 -2.10 -29.12
N LYS C 1073 -60.71 -3.14 -29.45
CA LYS C 1073 -62.15 -3.23 -29.23
C LYS C 1073 -62.47 -4.53 -28.49
N ASN C 1074 -63.59 -4.54 -27.73
CA ASN C 1074 -64.14 -5.66 -26.96
C ASN C 1074 -64.99 -6.60 -27.84
N PHE C 1075 -64.54 -7.86 -28.05
CA PHE C 1075 -65.22 -8.89 -28.84
C PHE C 1075 -65.55 -10.07 -27.95
N THR C 1076 -66.61 -10.78 -28.28
CA THR C 1076 -66.93 -12.00 -27.54
C THR C 1076 -66.14 -13.12 -28.16
N THR C 1077 -65.64 -14.04 -27.37
CA THR C 1077 -64.89 -15.14 -27.95
C THR C 1077 -65.28 -16.53 -27.50
N ALA C 1078 -64.65 -17.52 -28.09
CA ALA C 1078 -64.83 -18.92 -27.79
C ALA C 1078 -63.62 -19.69 -28.24
N PRO C 1079 -63.21 -20.77 -27.55
CA PRO C 1079 -62.11 -21.63 -27.92
C PRO C 1079 -62.37 -22.50 -29.13
N ALA C 1080 -63.62 -22.72 -29.46
CA ALA C 1080 -63.98 -23.59 -30.55
C ALA C 1080 -65.42 -23.38 -30.97
N ILE C 1081 -65.74 -23.82 -32.18
CA ILE C 1081 -67.11 -23.87 -32.67
C ILE C 1081 -67.48 -25.29 -33.06
N CYS C 1082 -68.64 -25.81 -32.58
CA CYS C 1082 -69.09 -27.16 -32.92
C CYS C 1082 -70.19 -27.09 -33.97
N HIS C 1083 -69.99 -27.83 -35.06
CA HIS C 1083 -70.91 -27.87 -36.19
C HIS C 1083 -71.24 -29.31 -36.53
N ASP C 1084 -72.51 -29.67 -36.38
CA ASP C 1084 -72.99 -31.02 -36.65
C ASP C 1084 -72.23 -32.06 -35.83
N GLY C 1085 -71.91 -31.70 -34.61
CA GLY C 1085 -71.24 -32.61 -33.69
C GLY C 1085 -69.71 -32.58 -33.77
N LYS C 1086 -69.14 -31.91 -34.77
CA LYS C 1086 -67.68 -31.87 -34.92
C LYS C 1086 -67.08 -30.63 -34.30
N ALA C 1087 -65.98 -30.76 -33.57
CA ALA C 1087 -65.36 -29.56 -33.01
C ALA C 1087 -64.33 -28.94 -33.94
N HIS C 1088 -64.58 -27.69 -34.33
CA HIS C 1088 -63.73 -26.95 -35.25
C HIS C 1088 -62.87 -25.89 -34.54
N PHE C 1089 -61.58 -25.93 -34.81
CA PHE C 1089 -60.63 -25.01 -34.23
C PHE C 1089 -59.99 -24.22 -35.35
N PRO C 1090 -59.59 -22.96 -35.18
CA PRO C 1090 -58.98 -22.19 -36.22
C PRO C 1090 -57.58 -22.69 -36.47
N ARG C 1091 -57.11 -22.62 -37.70
CA ARG C 1091 -55.72 -22.94 -37.97
C ARG C 1091 -54.85 -21.81 -37.50
N GLU C 1092 -55.34 -20.60 -37.72
CA GLU C 1092 -54.67 -19.36 -37.33
C GLU C 1092 -55.73 -18.42 -36.84
N GLY C 1093 -55.40 -17.59 -35.88
CA GLY C 1093 -56.39 -16.62 -35.43
C GLY C 1093 -57.31 -17.18 -34.38
N VAL C 1094 -58.33 -16.40 -34.05
CA VAL C 1094 -59.30 -16.71 -33.03
C VAL C 1094 -60.70 -16.53 -33.53
N PHE C 1095 -61.65 -17.14 -32.84
CA PHE C 1095 -63.03 -16.89 -33.19
C PHE C 1095 -63.53 -15.73 -32.39
N VAL C 1096 -64.25 -14.83 -33.03
CA VAL C 1096 -64.83 -13.67 -32.39
C VAL C 1096 -66.26 -13.45 -32.75
N SER C 1097 -66.95 -12.69 -31.94
CA SER C 1097 -68.30 -12.28 -32.26
C SER C 1097 -68.58 -10.83 -31.95
N ASN C 1098 -69.33 -10.20 -32.87
CA ASN C 1098 -69.80 -8.80 -32.77
C ASN C 1098 -71.17 -8.67 -32.08
N GLY C 1099 -71.72 -9.80 -31.56
CA GLY C 1099 -73.01 -9.93 -30.89
C GLY C 1099 -74.05 -10.57 -31.79
N THR C 1100 -73.80 -10.63 -33.10
CA THR C 1100 -74.75 -11.25 -34.00
C THR C 1100 -74.12 -12.42 -34.73
N HIS C 1101 -72.92 -12.21 -35.26
CA HIS C 1101 -72.26 -13.21 -36.06
C HIS C 1101 -70.84 -13.50 -35.63
N TRP C 1102 -70.46 -14.77 -35.83
CA TRP C 1102 -69.13 -15.25 -35.55
C TRP C 1102 -68.24 -15.24 -36.77
N PHE C 1103 -67.01 -14.77 -36.55
CA PHE C 1103 -65.97 -14.63 -37.55
C PHE C 1103 -64.65 -15.16 -37.05
N VAL C 1104 -63.75 -15.44 -37.94
CA VAL C 1104 -62.40 -15.83 -37.54
C VAL C 1104 -61.44 -14.74 -37.95
N THR C 1105 -60.52 -14.37 -37.05
CA THR C 1105 -59.59 -13.32 -37.45
C THR C 1105 -58.19 -13.48 -36.90
N GLN C 1106 -57.21 -12.89 -37.57
CA GLN C 1106 -55.84 -12.94 -37.10
C GLN C 1106 -55.71 -12.23 -35.76
N ARG C 1107 -54.87 -12.75 -34.90
CA ARG C 1107 -54.75 -12.22 -33.55
C ARG C 1107 -54.27 -10.80 -33.38
N ASN C 1108 -53.39 -10.33 -34.22
CA ASN C 1108 -52.82 -9.03 -33.99
C ASN C 1108 -53.43 -7.89 -34.78
N PHE C 1109 -54.51 -8.13 -35.46
CA PHE C 1109 -55.11 -7.06 -36.25
C PHE C 1109 -56.51 -7.43 -36.65
N TYR C 1110 -57.50 -6.67 -36.24
CA TYR C 1110 -58.83 -7.12 -36.55
C TYR C 1110 -59.12 -7.09 -38.03
N GLU C 1111 -59.51 -8.23 -38.53
CA GLU C 1111 -59.83 -8.45 -39.93
C GLU C 1111 -60.74 -9.66 -40.04
N PRO C 1112 -62.04 -9.54 -39.81
CA PRO C 1112 -62.94 -10.65 -39.68
C PRO C 1112 -63.14 -11.35 -40.99
N GLN C 1113 -63.23 -12.66 -40.95
CA GLN C 1113 -63.51 -13.46 -42.12
C GLN C 1113 -64.60 -14.46 -41.85
N ILE C 1114 -65.31 -14.87 -42.90
CA ILE C 1114 -66.32 -15.89 -42.76
C ILE C 1114 -65.64 -17.17 -42.40
N ILE C 1115 -66.19 -17.88 -41.42
CA ILE C 1115 -65.57 -19.11 -41.00
C ILE C 1115 -65.92 -20.22 -41.95
N THR C 1116 -64.90 -20.80 -42.55
CA THR C 1116 -65.05 -21.85 -43.52
C THR C 1116 -64.16 -23.03 -43.17
N THR C 1117 -64.30 -24.09 -43.93
CA THR C 1117 -63.51 -25.29 -43.75
C THR C 1117 -62.03 -25.07 -44.11
N ASP C 1118 -61.72 -23.95 -44.75
CA ASP C 1118 -60.36 -23.64 -45.11
C ASP C 1118 -59.72 -22.80 -44.02
N ASN C 1119 -60.49 -22.46 -42.99
CA ASN C 1119 -59.99 -21.68 -41.88
C ASN C 1119 -59.79 -22.56 -40.67
N THR C 1120 -60.60 -23.61 -40.55
CA THR C 1120 -60.57 -24.47 -39.39
C THR C 1120 -60.18 -25.91 -39.64
N PHE C 1121 -59.82 -26.59 -38.57
CA PHE C 1121 -59.52 -28.01 -38.63
C PHE C 1121 -60.40 -28.71 -37.62
N VAL C 1122 -60.60 -30.01 -37.79
CA VAL C 1122 -61.48 -30.73 -36.88
C VAL C 1122 -60.83 -31.78 -36.04
N SER C 1123 -61.14 -31.74 -34.76
CA SER C 1123 -60.68 -32.74 -33.82
C SER C 1123 -61.65 -32.88 -32.67
N GLY C 1124 -62.14 -34.07 -32.42
CA GLY C 1124 -63.07 -34.26 -31.32
C GLY C 1124 -64.48 -33.80 -31.68
N ASN C 1125 -65.29 -33.57 -30.65
CA ASN C 1125 -66.70 -33.27 -30.82
C ASN C 1125 -67.22 -32.28 -29.74
N CYS C 1126 -68.53 -31.95 -29.81
CA CYS C 1126 -69.24 -30.97 -28.95
C CYS C 1126 -69.15 -31.29 -27.44
N ASP C 1127 -68.83 -32.52 -27.06
CA ASP C 1127 -68.83 -32.87 -25.65
C ASP C 1127 -67.50 -32.74 -24.92
N VAL C 1128 -66.45 -32.32 -25.61
CA VAL C 1128 -65.16 -32.29 -24.93
C VAL C 1128 -64.65 -30.90 -24.54
N VAL C 1129 -64.78 -29.93 -25.43
CA VAL C 1129 -64.23 -28.61 -25.21
C VAL C 1129 -65.14 -27.79 -24.32
N ILE C 1130 -64.54 -27.16 -23.31
CA ILE C 1130 -65.31 -26.35 -22.40
C ILE C 1130 -65.60 -25.00 -23.02
N GLY C 1131 -66.87 -24.61 -23.06
CA GLY C 1131 -67.22 -23.32 -23.64
C GLY C 1131 -67.31 -23.30 -25.15
N ILE C 1132 -67.58 -24.44 -25.76
CA ILE C 1132 -67.67 -24.51 -27.21
C ILE C 1132 -69.00 -23.94 -27.69
N VAL C 1133 -68.93 -23.11 -28.72
CA VAL C 1133 -70.06 -22.43 -29.33
C VAL C 1133 -70.79 -23.21 -30.42
N ASN C 1134 -72.12 -23.13 -30.41
CA ASN C 1134 -73.05 -23.76 -31.37
C ASN C 1134 -73.22 -22.85 -32.61
N ASN C 1135 -72.62 -23.24 -33.78
CA ASN C 1135 -72.62 -22.42 -35.01
C ASN C 1135 -72.33 -23.29 -36.22
N THR C 1136 -72.28 -22.71 -37.42
CA THR C 1136 -71.97 -23.48 -38.60
C THR C 1136 -70.68 -23.04 -39.26
N VAL C 1137 -70.11 -23.94 -40.06
CA VAL C 1137 -68.90 -23.67 -40.83
C VAL C 1137 -69.21 -23.85 -42.31
N TYR C 1138 -68.86 -22.88 -43.12
CA TYR C 1138 -69.13 -22.94 -44.54
C TYR C 1138 -68.14 -23.75 -45.36
N ASP C 1139 -68.65 -24.63 -46.22
CA ASP C 1139 -67.82 -25.44 -47.10
C ASP C 1139 -67.98 -25.01 -48.56
N PRO C 1140 -67.01 -24.28 -49.16
CA PRO C 1140 -67.01 -23.72 -50.50
C PRO C 1140 -67.22 -24.72 -51.60
N LEU C 1141 -66.98 -26.00 -51.34
CA LEU C 1141 -67.16 -26.99 -52.36
C LEU C 1141 -68.61 -27.26 -52.68
N GLN C 1142 -69.48 -27.19 -51.69
CA GLN C 1142 -70.86 -27.58 -51.95
C GLN C 1142 -71.47 -26.92 -53.20
N PRO C 1143 -71.51 -25.58 -53.37
CA PRO C 1143 -72.08 -24.96 -54.53
C PRO C 1143 -71.32 -25.22 -55.82
N GLU C 1144 -70.05 -25.64 -55.74
CA GLU C 1144 -69.29 -25.89 -56.94
C GLU C 1144 -69.75 -27.20 -57.53
N LEU C 1145 -70.09 -28.14 -56.65
CA LEU C 1145 -70.57 -29.45 -57.08
C LEU C 1145 -71.96 -29.30 -57.68
N ASP C 1146 -72.76 -28.41 -57.07
CA ASP C 1146 -74.13 -28.17 -57.53
C ASP C 1146 -74.27 -27.33 -58.82
N SER C 1147 -73.39 -26.32 -59.01
CA SER C 1147 -73.37 -25.40 -60.16
C SER C 1147 -72.65 -26.09 -61.32
N VAL D 2 42.18 4.57 36.85
CA VAL D 2 42.94 5.77 36.43
C VAL D 2 43.38 6.65 37.63
N GLN D 3 42.61 6.63 38.74
CA GLN D 3 42.83 7.43 39.96
C GLN D 3 43.83 6.75 40.88
N LEU D 4 45.05 6.62 40.37
CA LEU D 4 46.20 6.01 41.03
C LEU D 4 47.50 6.71 40.81
N VAL D 5 48.29 6.77 41.86
CA VAL D 5 49.65 7.32 41.74
C VAL D 5 50.68 6.33 42.26
N GLU D 6 51.75 6.09 41.48
CA GLU D 6 52.81 5.20 41.93
C GLU D 6 54.03 5.98 42.35
N SER D 7 54.83 5.38 43.23
CA SER D 7 56.11 5.93 43.63
C SER D 7 57.06 4.86 44.16
N GLY D 8 58.24 5.30 44.60
CA GLY D 8 59.24 4.41 45.18
C GLY D 8 60.16 3.68 44.20
N GLY D 9 60.27 4.14 42.96
CA GLY D 9 61.15 3.44 42.04
C GLY D 9 62.57 3.93 42.21
N GLY D 10 63.45 3.61 41.27
CA GLY D 10 64.84 4.00 41.38
C GLY D 10 65.82 2.86 41.08
N LEU D 11 67.09 3.20 41.06
CA LEU D 11 68.18 2.27 40.79
C LEU D 11 68.83 1.76 42.05
N VAL D 12 68.89 0.44 42.16
CA VAL D 12 69.54 -0.21 43.29
C VAL D 12 70.50 -1.26 42.79
N GLN D 13 71.45 -1.63 43.62
CA GLN D 13 72.33 -2.74 43.33
C GLN D 13 71.62 -3.99 43.77
N ALA D 14 71.79 -5.08 43.04
CA ALA D 14 71.17 -6.34 43.41
C ALA D 14 71.50 -6.69 44.84
N GLY D 15 70.49 -7.18 45.53
CA GLY D 15 70.56 -7.52 46.93
C GLY D 15 69.85 -6.42 47.69
N GLY D 16 69.94 -6.42 49.02
CA GLY D 16 69.23 -5.40 49.79
C GLY D 16 67.73 -5.48 49.52
N SER D 17 67.11 -4.31 49.33
CA SER D 17 65.68 -4.23 49.06
C SER D 17 65.23 -2.87 48.51
N LEU D 18 64.01 -2.83 47.96
CA LEU D 18 63.34 -1.61 47.52
C LEU D 18 61.85 -1.62 47.88
N ARG D 19 61.35 -0.51 48.41
CA ARG D 19 59.93 -0.37 48.74
C ARG D 19 59.12 0.39 47.71
N LEU D 20 58.11 -0.25 47.14
CA LEU D 20 57.20 0.41 46.21
C LEU D 20 55.91 0.72 46.91
N SER D 21 55.28 1.79 46.50
CA SER D 21 53.97 2.09 47.07
C SER D 21 53.14 2.85 46.06
N CYS D 22 51.80 2.84 46.28
CA CYS D 22 50.84 3.61 45.52
C CYS D 22 49.67 4.01 46.40
N ALA D 23 48.96 5.02 45.94
CA ALA D 23 47.77 5.48 46.61
C ALA D 23 46.62 5.42 45.65
N ALA D 24 45.43 5.16 46.19
CA ALA D 24 44.26 5.05 45.37
C ALA D 24 43.08 5.81 45.91
N SER D 25 42.23 6.23 45.00
CA SER D 25 40.96 6.80 45.40
C SER D 25 40.11 5.67 45.92
N GLY D 26 39.04 5.98 46.66
CA GLY D 26 38.17 4.94 47.19
C GLY D 26 37.61 4.06 46.08
N TYR D 27 37.37 4.64 44.91
CA TYR D 27 36.83 3.91 43.77
C TYR D 27 37.67 2.69 43.43
N ILE D 28 38.99 2.81 43.49
CA ILE D 28 39.85 1.70 43.14
C ILE D 28 40.20 0.90 44.39
N PHE D 29 40.41 1.58 45.50
CA PHE D 29 40.82 0.93 46.72
C PHE D 29 39.75 -0.04 47.22
N GLY D 30 38.49 0.25 46.86
CA GLY D 30 37.33 -0.53 47.18
C GLY D 30 37.15 -1.78 46.30
N ARG D 31 38.03 -1.98 45.31
CA ARG D 31 37.94 -3.13 44.42
C ARG D 31 38.25 -4.37 45.21
N ASN D 32 37.72 -5.50 44.78
CA ASN D 32 37.92 -6.76 45.47
C ASN D 32 39.36 -7.07 45.79
N ALA D 33 40.28 -6.72 44.91
CA ALA D 33 41.68 -6.95 45.15
C ALA D 33 42.55 -6.01 44.33
N MET D 34 43.74 -5.71 44.83
CA MET D 34 44.75 -4.88 44.15
C MET D 34 46.14 -5.46 44.21
N GLY D 35 46.95 -5.15 43.21
CA GLY D 35 48.30 -5.63 43.20
C GLY D 35 49.23 -4.89 42.28
N TRP D 36 50.41 -5.47 42.15
CA TRP D 36 51.43 -4.88 41.32
C TRP D 36 51.69 -5.72 40.12
N TYR D 37 51.87 -5.03 39.03
CA TYR D 37 52.17 -5.56 37.73
C TYR D 37 53.49 -5.05 37.26
N ARG D 38 54.20 -5.78 36.42
CA ARG D 38 55.42 -5.21 35.89
C ARG D 38 55.60 -5.52 34.41
N GLN D 39 56.27 -4.62 33.72
CA GLN D 39 56.60 -4.88 32.33
C GLN D 39 58.05 -4.55 32.03
N ALA D 40 58.76 -5.56 31.55
CA ALA D 40 60.15 -5.38 31.20
C ALA D 40 60.16 -5.14 29.68
N PRO D 41 61.12 -4.41 29.12
CA PRO D 41 61.19 -4.18 27.70
C PRO D 41 61.21 -5.50 26.96
N GLY D 42 60.37 -5.60 25.92
CA GLY D 42 60.29 -6.80 25.09
C GLY D 42 59.40 -7.89 25.67
N LYS D 43 58.82 -7.65 26.84
CA LYS D 43 58.00 -8.63 27.53
C LYS D 43 56.56 -8.18 27.66
N GLU D 44 55.68 -9.14 27.91
CA GLU D 44 54.28 -8.86 28.17
C GLU D 44 54.17 -8.42 29.63
N ARG D 45 53.18 -7.61 29.94
CA ARG D 45 52.98 -7.19 31.32
C ARG D 45 52.43 -8.36 32.14
N GLU D 46 52.92 -8.53 33.36
CA GLU D 46 52.44 -9.61 34.21
C GLU D 46 52.15 -9.19 35.64
N LEU D 47 51.25 -9.92 36.29
CA LEU D 47 50.97 -9.67 37.71
C LEU D 47 52.09 -10.27 38.53
N VAL D 48 52.65 -9.47 39.41
CA VAL D 48 53.73 -9.87 40.28
C VAL D 48 53.20 -10.38 41.59
N ALA D 49 52.35 -9.59 42.21
CA ALA D 49 51.79 -9.95 43.51
C ALA D 49 50.45 -9.28 43.71
N GLY D 50 49.60 -9.90 44.54
CA GLY D 50 48.32 -9.26 44.83
C GLY D 50 47.83 -9.54 46.23
N ILE D 51 47.02 -8.59 46.72
CA ILE D 51 46.37 -8.67 48.03
C ILE D 51 44.88 -8.33 47.95
N THR D 52 44.04 -9.16 48.56
CA THR D 52 42.62 -8.89 48.50
C THR D 52 42.21 -7.84 49.49
N ARG D 53 41.01 -7.30 49.30
CA ARG D 53 40.43 -6.34 50.20
C ARG D 53 39.83 -7.06 51.39
N ARG D 54 39.24 -8.21 51.13
CA ARG D 54 38.59 -8.97 52.16
C ARG D 54 39.45 -10.14 52.58
N GLY D 55 39.87 -10.12 53.84
CA GLY D 55 40.71 -11.17 54.41
C GLY D 55 42.20 -10.94 54.24
N SER D 56 42.57 -9.89 53.50
CA SER D 56 43.98 -9.58 53.25
C SER D 56 44.71 -10.84 52.76
N ILE D 57 44.09 -11.52 51.82
CA ILE D 57 44.64 -12.73 51.24
C ILE D 57 45.70 -12.35 50.27
N THR D 58 46.88 -12.94 50.38
CA THR D 58 47.91 -12.59 49.43
C THR D 58 48.35 -13.77 48.64
N TYR D 59 48.86 -13.45 47.47
CA TYR D 59 49.43 -14.44 46.61
C TYR D 59 50.52 -13.81 45.76
N TYR D 60 51.44 -14.64 45.30
CA TYR D 60 52.58 -14.15 44.52
C TYR D 60 52.85 -15.01 43.32
N ALA D 61 53.41 -14.41 42.28
CA ALA D 61 53.87 -15.16 41.12
C ALA D 61 55.03 -16.04 41.55
N ASP D 62 55.15 -17.24 40.97
CA ASP D 62 56.24 -18.14 41.39
C ASP D 62 57.62 -17.53 41.36
N SER D 63 57.89 -16.69 40.38
CA SER D 63 59.21 -16.12 40.21
C SER D 63 59.67 -15.19 41.32
N VAL D 64 58.74 -14.73 42.18
CA VAL D 64 59.02 -13.83 43.29
C VAL D 64 58.58 -14.39 44.66
N LYS D 65 58.14 -15.65 44.72
CA LYS D 65 57.63 -16.18 46.00
C LYS D 65 58.63 -16.18 47.12
N GLY D 66 59.91 -16.33 46.81
CA GLY D 66 60.91 -16.39 47.85
C GLY D 66 61.44 -15.03 48.29
N ARG D 67 60.95 -13.93 47.72
CA ARG D 67 61.52 -12.65 48.13
C ARG D 67 60.58 -11.42 48.19
N PHE D 68 59.37 -11.49 47.63
CA PHE D 68 58.49 -10.31 47.69
C PHE D 68 57.39 -10.44 48.74
N THR D 69 57.04 -9.32 49.38
CA THR D 69 55.90 -9.24 50.31
C THR D 69 54.93 -8.12 49.93
N ILE D 70 53.65 -8.43 49.83
CA ILE D 70 52.66 -7.43 49.47
C ILE D 70 51.74 -7.20 50.65
N SER D 71 51.38 -5.94 50.89
CA SER D 71 50.50 -5.58 51.99
C SER D 71 49.71 -4.33 51.67
N ARG D 72 48.67 -4.05 52.45
CA ARG D 72 47.87 -2.85 52.26
C ARG D 72 47.57 -2.19 53.58
N ASP D 73 47.30 -0.89 53.54
CA ASP D 73 46.93 -0.14 54.74
C ASP D 73 45.72 0.70 54.46
N ASN D 74 44.60 0.23 54.96
CA ASN D 74 43.33 0.83 54.64
C ASN D 74 43.21 2.24 55.19
N ALA D 75 43.94 2.57 56.24
CA ALA D 75 43.80 3.89 56.84
C ALA D 75 44.12 5.02 55.88
N LYS D 76 45.04 4.79 54.94
CA LYS D 76 45.46 5.82 54.01
C LYS D 76 45.06 5.50 52.60
N ASN D 77 44.27 4.45 52.41
CA ASN D 77 43.93 3.96 51.09
C ASN D 77 45.18 3.67 50.22
N THR D 78 46.19 3.00 50.81
CA THR D 78 47.43 2.67 50.07
C THR D 78 47.75 1.17 50.00
N VAL D 79 48.58 0.84 49.01
CA VAL D 79 49.09 -0.51 48.77
C VAL D 79 50.63 -0.47 48.66
N TYR D 80 51.28 -1.46 49.28
CA TYR D 80 52.73 -1.53 49.28
C TYR D 80 53.28 -2.85 48.76
N LEU D 81 54.47 -2.78 48.15
CA LEU D 81 55.18 -3.98 47.77
C LEU D 81 56.63 -3.88 48.19
N GLN D 82 57.04 -4.79 49.03
CA GLN D 82 58.39 -4.80 49.53
C GLN D 82 59.17 -5.85 48.77
N MET D 83 60.14 -5.40 47.98
CA MET D 83 60.88 -6.33 47.17
C MET D 83 62.27 -6.56 47.74
N ASN D 84 62.49 -7.74 48.31
CA ASN D 84 63.76 -8.02 48.94
C ASN D 84 64.63 -8.80 47.99
N SER D 85 65.93 -8.77 48.21
CA SER D 85 66.87 -9.57 47.44
C SER D 85 66.67 -9.39 45.95
N LEU D 86 66.53 -8.16 45.51
CA LEU D 86 66.34 -7.87 44.10
C LEU D 86 67.50 -8.32 43.27
N LYS D 87 67.17 -8.91 42.13
CA LYS D 87 68.16 -9.39 41.17
C LYS D 87 68.00 -8.59 39.88
N PRO D 88 69.00 -8.53 38.98
CA PRO D 88 68.94 -7.83 37.69
C PRO D 88 67.71 -8.22 36.86
N GLU D 89 67.23 -9.45 37.04
CA GLU D 89 66.07 -9.98 36.34
C GLU D 89 64.77 -9.26 36.73
N ASP D 90 64.78 -8.52 37.83
CA ASP D 90 63.61 -7.83 38.33
C ASP D 90 63.50 -6.42 37.75
N THR D 91 64.41 -6.04 36.85
CA THR D 91 64.28 -4.72 36.23
C THR D 91 63.02 -4.70 35.39
N ALA D 92 62.16 -3.72 35.65
CA ALA D 92 60.89 -3.58 34.95
C ALA D 92 60.22 -2.27 35.35
N VAL D 93 59.22 -1.85 34.61
CA VAL D 93 58.41 -0.76 35.13
C VAL D 93 57.28 -1.38 35.90
N TYR D 94 57.09 -0.93 37.14
CA TYR D 94 56.07 -1.45 38.00
C TYR D 94 54.84 -0.56 38.00
N TYR D 95 53.67 -1.18 38.00
CA TYR D 95 52.39 -0.50 37.97
C TYR D 95 51.43 -0.97 39.06
N CYS D 96 50.61 -0.03 39.58
CA CYS D 96 49.57 -0.28 40.58
C CYS D 96 48.23 -0.43 39.82
N ALA D 97 47.53 -1.53 40.03
CA ALA D 97 46.25 -1.72 39.36
C ALA D 97 45.43 -2.79 40.06
N ALA D 98 44.14 -2.85 39.76
CA ALA D 98 43.26 -3.86 40.32
C ALA D 98 43.69 -5.26 39.89
N ASP D 99 43.53 -6.25 40.76
CA ASP D 99 43.90 -7.60 40.36
C ASP D 99 43.16 -8.03 39.10
N PRO D 100 41.84 -7.78 38.94
CA PRO D 100 41.14 -7.96 37.69
C PRO D 100 41.29 -6.69 36.87
N ALA D 101 42.51 -6.24 36.55
CA ALA D 101 42.61 -4.99 35.83
C ALA D 101 42.19 -5.18 34.39
N SER D 102 41.43 -4.23 33.87
CA SER D 102 41.04 -4.29 32.47
C SER D 102 40.35 -3.02 31.96
N PRO D 103 40.61 -2.59 30.72
CA PRO D 103 39.88 -1.55 30.01
C PRO D 103 38.40 -1.88 29.98
N ALA D 104 38.06 -3.17 30.06
CA ALA D 104 36.70 -3.67 30.04
C ALA D 104 35.92 -3.22 31.27
N TYR D 105 36.62 -2.85 32.34
CA TYR D 105 36.02 -2.41 33.58
C TYR D 105 36.25 -0.92 33.75
N GLY D 106 36.78 -0.26 32.71
CA GLY D 106 37.09 1.15 32.79
C GLY D 106 38.43 1.47 33.44
N ASP D 107 39.35 0.51 33.51
CA ASP D 107 40.64 0.78 34.12
C ASP D 107 41.59 1.39 33.13
N TYR D 108 42.53 2.13 33.67
CA TYR D 108 43.62 2.74 32.92
C TYR D 108 44.89 2.47 33.66
N TRP D 109 45.97 2.39 32.93
CA TRP D 109 47.26 2.22 33.56
C TRP D 109 47.82 3.59 33.89
N GLY D 110 48.58 3.68 34.98
CA GLY D 110 49.20 4.93 35.38
C GLY D 110 50.56 5.06 34.73
N GLN D 111 51.40 5.91 35.28
CA GLN D 111 52.71 6.12 34.68
C GLN D 111 53.61 4.95 35.01
N GLY D 112 53.43 4.40 36.21
CA GLY D 112 54.26 3.31 36.67
C GLY D 112 55.55 3.89 37.16
N THR D 113 56.43 3.06 37.69
CA THR D 113 57.71 3.57 38.10
C THR D 113 58.79 2.58 37.73
N GLN D 114 59.91 3.08 37.26
CA GLN D 114 60.98 2.20 36.85
C GLN D 114 61.84 1.75 37.99
N VAL D 115 62.00 0.45 38.09
CA VAL D 115 62.89 -0.15 39.06
C VAL D 115 64.01 -0.81 38.28
N THR D 116 65.23 -0.41 38.57
CA THR D 116 66.38 -0.96 37.86
C THR D 116 67.30 -1.61 38.84
N VAL D 117 67.72 -2.82 38.53
CA VAL D 117 68.59 -3.50 39.44
C VAL D 117 69.92 -3.83 38.75
N SER D 118 71.01 -3.32 39.30
CA SER D 118 72.33 -3.51 38.72
C SER D 118 73.09 -4.68 39.35
N SER D 119 74.21 -5.13 38.72
CA SER D 119 75.08 -6.22 39.20
C SER D 119 75.54 -5.98 40.67
N ALA E 27 -2.87 -44.49 40.20
CA ALA E 27 -4.26 -44.28 39.81
C ALA E 27 -4.37 -42.97 39.02
N TYR E 28 -5.01 -43.03 37.83
CA TYR E 28 -5.20 -41.92 36.89
C TYR E 28 -6.62 -41.89 36.40
N THR E 29 -7.11 -40.71 36.04
CA THR E 29 -8.43 -40.62 35.42
C THR E 29 -8.56 -39.48 34.45
N ASN E 30 -9.45 -39.65 33.49
CA ASN E 30 -9.68 -38.66 32.43
C ASN E 30 -10.23 -37.38 33.01
N SER E 31 -9.73 -36.23 32.53
CA SER E 31 -10.19 -34.94 33.00
C SER E 31 -11.62 -34.59 32.58
N PHE E 32 -12.13 -35.20 31.52
CA PHE E 32 -13.48 -34.95 31.02
C PHE E 32 -13.91 -33.50 30.82
N THR E 33 -13.07 -32.72 30.17
CA THR E 33 -13.31 -31.30 29.84
C THR E 33 -13.69 -30.41 31.03
N ARG E 34 -12.76 -30.31 31.98
CA ARG E 34 -12.89 -29.55 33.21
C ARG E 34 -11.66 -28.64 33.29
N GLY E 35 -11.70 -27.57 34.08
CA GLY E 35 -10.50 -26.73 34.22
C GLY E 35 -10.53 -25.42 33.46
N VAL E 36 -11.68 -25.10 32.90
CA VAL E 36 -11.91 -23.85 32.20
C VAL E 36 -12.28 -22.81 33.23
N TYR E 37 -11.79 -21.62 33.05
CA TYR E 37 -12.02 -20.51 33.94
C TYR E 37 -12.12 -19.24 33.16
N TYR E 38 -12.71 -18.21 33.77
CA TYR E 38 -12.81 -16.92 33.11
C TYR E 38 -11.43 -16.29 33.05
N PRO E 39 -10.84 -16.09 31.85
CA PRO E 39 -9.49 -15.60 31.68
C PRO E 39 -9.26 -14.15 32.05
N ASP E 40 -10.31 -13.34 32.10
CA ASP E 40 -10.17 -11.94 32.42
C ASP E 40 -11.40 -11.44 33.15
N LYS E 41 -11.46 -10.14 33.42
CA LYS E 41 -12.57 -9.55 34.15
C LYS E 41 -13.47 -8.72 33.24
N VAL E 42 -13.52 -9.09 31.96
CA VAL E 42 -14.33 -8.38 31.01
C VAL E 42 -15.65 -9.08 30.75
N PHE E 43 -16.74 -8.36 30.87
CA PHE E 43 -18.03 -8.92 30.60
C PHE E 43 -18.26 -9.05 29.11
N ARG E 44 -18.68 -10.21 28.69
CA ARG E 44 -19.00 -10.47 27.31
C ARG E 44 -20.26 -11.26 27.33
N SER E 45 -21.06 -11.18 26.29
CA SER E 45 -22.25 -12.04 26.25
C SER E 45 -22.61 -12.39 24.83
N SER E 46 -23.30 -13.52 24.68
CA SER E 46 -23.80 -14.00 23.39
C SER E 46 -22.69 -13.97 22.34
N VAL E 47 -21.54 -14.52 22.68
CA VAL E 47 -20.38 -14.45 21.80
C VAL E 47 -19.42 -15.61 21.91
N LEU E 48 -18.79 -15.96 20.79
CA LEU E 48 -17.73 -16.95 20.85
C LEU E 48 -16.41 -16.22 20.80
N HIS E 49 -15.63 -16.36 21.85
CA HIS E 49 -14.38 -15.64 22.00
C HIS E 49 -13.16 -16.54 22.02
N SER E 50 -12.19 -16.26 21.17
CA SER E 50 -10.99 -17.08 21.10
C SER E 50 -9.85 -16.52 21.93
N THR E 51 -9.25 -17.37 22.77
CA THR E 51 -8.12 -16.95 23.59
C THR E 51 -7.05 -18.01 23.84
N GLN E 52 -5.80 -17.54 23.95
CA GLN E 52 -4.61 -18.34 24.23
C GLN E 52 -4.17 -18.19 25.67
N ASP E 53 -4.27 -19.26 26.45
CA ASP E 53 -3.93 -19.17 27.87
C ASP E 53 -3.59 -20.54 28.44
N LEU E 54 -3.26 -20.60 29.72
CA LEU E 54 -2.96 -21.88 30.31
C LEU E 54 -4.22 -22.59 30.80
N PHE E 55 -4.52 -23.71 30.20
CA PHE E 55 -5.73 -24.47 30.53
C PHE E 55 -5.42 -25.92 30.67
N LEU E 56 -6.26 -26.66 31.39
CA LEU E 56 -6.07 -28.09 31.45
C LEU E 56 -6.54 -28.64 30.09
N PRO E 57 -5.73 -29.36 29.31
CA PRO E 57 -6.11 -29.89 28.02
C PRO E 57 -7.30 -30.80 28.13
N PHE E 58 -8.16 -30.77 27.15
CA PHE E 58 -9.29 -31.64 27.21
C PHE E 58 -8.86 -33.06 27.02
N PHE E 59 -9.48 -33.90 27.81
CA PHE E 59 -9.31 -35.33 27.86
C PHE E 59 -7.94 -35.85 28.20
N SER E 60 -7.06 -35.02 28.75
CA SER E 60 -5.81 -35.59 29.22
C SER E 60 -6.23 -36.22 30.54
N ASN E 61 -5.42 -37.14 31.14
CA ASN E 61 -5.74 -37.67 32.48
C ASN E 61 -4.91 -36.96 33.55
N VAL E 62 -5.43 -37.02 34.80
CA VAL E 62 -4.85 -36.42 36.00
C VAL E 62 -4.55 -37.49 36.99
N THR E 63 -3.66 -37.20 37.93
CA THR E 63 -3.26 -38.18 38.90
C THR E 63 -4.24 -38.19 40.05
N TRP E 64 -4.70 -39.38 40.41
CA TRP E 64 -5.69 -39.54 41.46
C TRP E 64 -5.07 -40.01 42.77
N PHE E 65 -5.14 -39.16 43.77
CA PHE E 65 -4.54 -39.43 45.05
C PHE E 65 -5.61 -39.78 46.05
N HIS E 66 -5.28 -40.69 46.95
CA HIS E 66 -6.20 -41.06 47.99
C HIS E 66 -5.63 -40.69 49.32
N ALA E 67 -6.48 -40.04 50.15
CA ALA E 67 -6.13 -39.56 51.48
C ALA E 67 -6.26 -40.65 52.53
N ILE E 68 -6.94 -41.72 52.17
CA ILE E 68 -7.27 -42.76 53.11
C ILE E 68 -6.44 -44.02 52.85
N HIS E 69 -5.53 -44.36 53.80
CA HIS E 69 -4.58 -45.48 53.78
C HIS E 69 -3.69 -45.41 52.53
N ASP E 80 -2.58 -39.99 51.54
CA ASP E 80 -1.17 -39.73 51.35
C ASP E 80 -0.94 -38.20 51.27
N ASN E 81 0.34 -37.78 51.13
CA ASN E 81 0.74 -36.36 51.05
C ASN E 81 2.11 -36.13 50.37
N PRO E 82 2.26 -36.50 49.10
CA PRO E 82 3.47 -36.37 48.31
C PRO E 82 3.74 -34.93 47.94
N VAL E 83 4.99 -34.62 47.64
CA VAL E 83 5.30 -33.31 47.11
C VAL E 83 5.26 -33.45 45.59
N LEU E 84 4.48 -32.60 44.96
CA LEU E 84 4.27 -32.66 43.54
C LEU E 84 4.89 -31.44 42.86
N PRO E 85 5.30 -31.52 41.60
CA PRO E 85 5.79 -30.40 40.86
C PRO E 85 4.65 -29.44 40.59
N PHE E 86 4.96 -28.17 40.42
CA PHE E 86 3.97 -27.16 40.07
C PHE E 86 3.92 -26.95 38.56
N ASN E 87 5.06 -27.12 37.91
CA ASN E 87 5.24 -26.90 36.50
C ASN E 87 4.79 -25.51 36.07
N ASP E 88 3.86 -25.41 35.13
CA ASP E 88 3.42 -24.11 34.64
C ASP E 88 2.12 -23.66 35.25
N GLY E 89 1.64 -24.39 36.22
CA GLY E 89 0.37 -24.09 36.85
C GLY E 89 -0.33 -25.40 37.13
N VAL E 90 -1.18 -25.34 38.13
CA VAL E 90 -1.84 -26.52 38.61
C VAL E 90 -3.34 -26.55 38.64
N TYR E 91 -3.87 -27.63 38.12
CA TYR E 91 -5.29 -27.88 38.23
C TYR E 91 -5.49 -28.79 39.41
N PHE E 92 -6.27 -28.38 40.37
CA PHE E 92 -6.49 -29.17 41.56
C PHE E 92 -7.95 -29.40 41.82
N ALA E 93 -8.31 -30.60 42.20
CA ALA E 93 -9.70 -30.81 42.55
C ALA E 93 -9.86 -31.82 43.64
N SER E 94 -10.92 -31.72 44.39
CA SER E 94 -11.17 -32.71 45.41
C SER E 94 -12.63 -32.99 45.64
N THR E 95 -12.88 -34.17 46.17
CA THR E 95 -14.24 -34.58 46.49
C THR E 95 -14.35 -34.95 47.95
N GLU E 96 -15.38 -34.42 48.60
CA GLU E 96 -15.58 -34.57 50.03
C GLU E 96 -16.98 -34.76 50.60
N LYS E 97 -16.94 -35.28 51.83
CA LYS E 97 -18.04 -35.45 52.78
C LYS E 97 -17.68 -34.81 54.12
N SER E 98 -16.39 -34.92 54.50
CA SER E 98 -15.92 -34.49 55.82
C SER E 98 -15.00 -33.28 55.80
N ASN E 99 -14.54 -32.89 54.62
CA ASN E 99 -13.63 -31.76 54.44
C ASN E 99 -12.30 -31.89 55.18
N ILE E 100 -11.62 -33.03 54.98
CA ILE E 100 -10.34 -33.28 55.64
C ILE E 100 -9.21 -32.45 55.01
N ILE E 101 -9.36 -32.05 53.75
CA ILE E 101 -8.32 -31.22 53.13
C ILE E 101 -8.50 -29.81 53.67
N ARG E 102 -7.43 -29.25 54.21
CA ARG E 102 -7.49 -27.94 54.84
C ARG E 102 -6.77 -26.88 54.05
N GLY E 103 -5.78 -27.27 53.28
CA GLY E 103 -5.00 -26.27 52.58
C GLY E 103 -3.86 -26.86 51.82
N TRP E 104 -2.87 -26.01 51.57
CA TRP E 104 -1.69 -26.33 50.80
C TRP E 104 -0.53 -25.36 50.94
N ILE E 105 0.64 -25.88 50.59
CA ILE E 105 1.91 -25.17 50.59
C ILE E 105 2.55 -25.09 49.23
N PHE E 106 2.95 -23.90 48.85
CA PHE E 106 3.64 -23.73 47.59
C PHE E 106 5.03 -23.17 47.83
N GLY E 107 6.00 -23.59 47.05
CA GLY E 107 7.34 -23.03 47.21
C GLY E 107 8.34 -23.72 46.32
N THR E 108 9.59 -23.63 46.67
CA THR E 108 10.69 -24.20 45.93
C THR E 108 11.38 -25.26 46.76
N THR E 109 12.31 -24.84 47.60
CA THR E 109 13.07 -25.74 48.42
C THR E 109 12.34 -26.16 49.69
N LEU E 110 11.45 -25.30 50.20
CA LEU E 110 10.67 -25.59 51.40
C LEU E 110 11.56 -25.98 52.59
N ASP E 111 12.72 -25.31 52.73
CA ASP E 111 13.71 -25.58 53.77
C ASP E 111 14.04 -24.44 54.73
N SER E 112 13.15 -23.47 54.88
CA SER E 112 13.33 -22.30 55.75
C SER E 112 14.39 -21.32 55.24
N LYS E 113 14.94 -21.53 54.04
CA LYS E 113 15.93 -20.61 53.53
C LYS E 113 15.33 -19.55 52.61
N THR E 114 14.16 -19.83 52.06
CA THR E 114 13.54 -18.90 51.13
C THR E 114 12.06 -18.74 51.42
N GLN E 115 11.39 -17.88 50.66
CA GLN E 115 9.98 -17.67 50.95
C GLN E 115 9.14 -18.82 50.47
N SER E 116 8.16 -19.19 51.27
CA SER E 116 7.18 -20.20 50.92
C SER E 116 5.79 -19.67 51.23
N LEU E 117 4.82 -20.08 50.44
CA LEU E 117 3.44 -19.69 50.58
C LEU E 117 2.56 -20.71 51.24
N LEU E 118 1.97 -20.33 52.35
CA LEU E 118 1.13 -21.20 53.12
C LEU E 118 -0.32 -20.74 53.15
N ILE E 119 -1.23 -21.58 52.65
CA ILE E 119 -2.64 -21.24 52.65
C ILE E 119 -3.44 -22.22 53.48
N VAL E 120 -4.05 -21.75 54.58
CA VAL E 120 -4.84 -22.66 55.42
C VAL E 120 -6.25 -22.20 55.78
N ASN E 121 -7.22 -23.10 55.59
CA ASN E 121 -8.61 -22.89 55.98
C ASN E 121 -8.79 -23.41 57.42
N ASN E 122 -9.05 -22.49 58.36
CA ASN E 122 -9.15 -22.83 59.78
C ASN E 122 -10.18 -22.02 60.53
N ALA E 123 -10.96 -22.72 61.36
CA ALA E 123 -11.99 -22.08 62.15
C ALA E 123 -12.98 -21.39 61.22
N THR E 124 -13.07 -20.07 61.30
CA THR E 124 -14.03 -19.34 60.49
C THR E 124 -13.39 -18.49 59.39
N ASN E 125 -12.10 -18.68 59.12
CA ASN E 125 -11.47 -17.83 58.11
C ASN E 125 -10.33 -18.55 57.36
N VAL E 126 -9.73 -17.84 56.41
CA VAL E 126 -8.62 -18.36 55.63
C VAL E 126 -7.42 -17.45 55.76
N VAL E 127 -6.32 -18.04 56.20
CA VAL E 127 -5.11 -17.27 56.44
C VAL E 127 -4.01 -17.60 55.48
N ILE E 128 -3.50 -16.57 54.81
CA ILE E 128 -2.44 -16.72 53.84
C ILE E 128 -1.18 -16.00 54.26
N LYS E 129 -0.10 -16.73 54.34
CA LYS E 129 1.19 -16.14 54.73
C LYS E 129 2.33 -16.51 53.82
N VAL E 130 3.24 -15.58 53.63
CA VAL E 130 4.47 -15.88 52.90
C VAL E 130 5.65 -15.57 53.82
N CYS E 131 6.43 -16.62 54.16
CA CYS E 131 7.52 -16.56 55.14
C CYS E 131 8.56 -17.62 54.87
N GLU E 132 9.69 -17.53 55.58
CA GLU E 132 10.75 -18.51 55.53
C GLU E 132 10.37 -19.60 56.51
N PHE E 133 9.32 -20.31 56.17
CA PHE E 133 8.71 -21.29 57.03
C PHE E 133 9.50 -22.56 57.17
N GLN E 134 9.47 -23.09 58.38
CA GLN E 134 10.04 -24.39 58.63
C GLN E 134 8.95 -25.40 58.47
N PHE E 135 9.15 -26.30 57.57
CA PHE E 135 8.16 -27.30 57.30
C PHE E 135 8.57 -28.66 57.81
N CYS E 136 7.55 -29.45 58.07
CA CYS E 136 7.70 -30.84 58.42
C CYS E 136 7.83 -31.55 57.09
N ASN E 137 8.38 -32.75 57.06
CA ASN E 137 8.41 -33.48 55.79
C ASN E 137 7.00 -33.93 55.43
N ASP E 138 6.20 -34.16 56.46
CA ASP E 138 4.84 -34.61 56.37
C ASP E 138 3.90 -33.76 57.22
N PRO E 139 3.72 -32.46 56.93
CA PRO E 139 2.99 -31.54 57.75
C PRO E 139 1.54 -31.93 57.74
N PHE E 140 0.84 -31.69 58.82
CA PHE E 140 -0.57 -31.99 58.88
C PHE E 140 -1.25 -31.19 59.97
N LEU E 141 -2.57 -31.22 59.97
CA LEU E 141 -3.33 -30.56 61.01
C LEU E 141 -4.04 -31.58 61.89
N GLY E 142 -3.67 -31.73 63.13
CA GLY E 142 -4.36 -32.79 63.87
C GLY E 142 -5.83 -32.38 64.11
N VAL E 143 -6.75 -33.38 64.13
CA VAL E 143 -8.18 -33.22 64.39
C VAL E 143 -8.39 -33.16 65.92
N ASN E 165 11.28 -14.14 59.16
CA ASN E 165 11.15 -12.70 58.97
C ASN E 165 9.74 -12.32 58.46
N CYS E 166 9.26 -13.04 57.41
CA CYS E 166 7.98 -12.89 56.68
C CYS E 166 7.93 -11.65 55.76
N THR E 167 7.17 -11.80 54.68
CA THR E 167 7.02 -10.72 53.72
C THR E 167 5.56 -10.32 53.44
N PHE E 168 4.65 -11.30 53.51
CA PHE E 168 3.26 -11.05 53.13
C PHE E 168 2.28 -11.74 54.04
N GLU E 169 1.18 -11.06 54.35
CA GLU E 169 0.10 -11.68 55.08
C GLU E 169 -1.22 -11.12 54.63
N TYR E 170 -2.17 -12.01 54.45
CA TYR E 170 -3.53 -11.70 54.07
C TYR E 170 -4.55 -12.61 54.72
N VAL E 171 -5.66 -12.05 55.14
CA VAL E 171 -6.72 -12.89 55.69
C VAL E 171 -8.02 -12.56 54.95
N SER E 172 -8.75 -13.60 54.47
CA SER E 172 -10.04 -13.48 53.76
C SER E 172 -11.15 -13.22 54.76
N PHE E 186 -19.76 -38.86 47.20
CA PHE E 186 -19.36 -37.68 47.93
C PHE E 186 -20.51 -36.69 47.75
N LYS E 187 -20.42 -35.51 48.40
CA LYS E 187 -21.43 -34.44 48.34
C LYS E 187 -20.89 -33.13 47.77
N ASN E 188 -19.61 -32.86 48.01
CA ASN E 188 -19.03 -31.58 47.64
C ASN E 188 -17.80 -31.64 46.74
N LEU E 189 -17.92 -31.03 45.57
CA LEU E 189 -16.81 -30.96 44.64
C LEU E 189 -16.21 -29.59 44.63
N ARG E 190 -14.90 -29.52 44.82
CA ARG E 190 -14.26 -28.24 44.75
C ARG E 190 -13.12 -28.27 43.76
N GLU E 191 -13.08 -27.27 42.91
CA GLU E 191 -12.04 -27.19 41.89
C GLU E 191 -11.32 -25.87 41.97
N PHE E 192 -10.00 -25.94 41.80
CA PHE E 192 -9.13 -24.78 41.84
C PHE E 192 -8.08 -24.75 40.73
N VAL E 193 -7.73 -23.55 40.32
CA VAL E 193 -6.61 -23.35 39.42
C VAL E 193 -5.61 -22.40 39.99
N PHE E 194 -4.36 -22.83 40.02
CA PHE E 194 -3.27 -22.04 40.56
C PHE E 194 -2.21 -21.68 39.55
N LYS E 195 -2.00 -20.41 39.30
CA LYS E 195 -0.93 -20.04 38.35
C LYS E 195 -0.15 -18.79 38.76
N ASN E 196 1.14 -18.73 38.37
CA ASN E 196 1.99 -17.57 38.66
C ASN E 196 2.25 -16.64 37.51
N ILE E 197 1.64 -15.47 37.54
CA ILE E 197 1.84 -14.53 36.45
C ILE E 197 2.28 -13.17 36.92
N ASP E 198 3.44 -12.73 36.47
CA ASP E 198 3.96 -11.42 36.80
C ASP E 198 3.98 -11.17 38.31
N GLY E 199 4.34 -12.19 39.07
CA GLY E 199 4.42 -12.05 40.51
C GLY E 199 3.12 -12.34 41.24
N TYR E 200 2.03 -12.58 40.52
CA TYR E 200 0.78 -12.84 41.19
C TYR E 200 0.43 -14.29 41.28
N PHE E 201 -0.04 -14.68 42.46
CA PHE E 201 -0.50 -16.02 42.62
C PHE E 201 -1.99 -15.94 42.40
N LYS E 202 -2.43 -16.42 41.25
CA LYS E 202 -3.81 -16.28 40.87
C LYS E 202 -4.58 -17.53 41.17
N ILE E 203 -5.69 -17.37 41.90
CA ILE E 203 -6.50 -18.51 42.26
C ILE E 203 -7.90 -18.37 41.70
N TYR E 204 -8.34 -19.40 41.00
CA TYR E 204 -9.69 -19.48 40.47
C TYR E 204 -10.37 -20.62 41.16
N SER E 205 -11.68 -20.57 41.33
CA SER E 205 -12.35 -21.70 41.96
C SER E 205 -13.84 -21.85 41.66
N LYS E 206 -14.35 -23.04 41.96
CA LYS E 206 -15.76 -23.35 41.89
C LYS E 206 -16.14 -24.42 42.91
N HIS E 207 -17.33 -24.27 43.50
CA HIS E 207 -17.88 -25.28 44.41
C HIS E 207 -19.25 -25.73 43.92
N THR E 208 -19.38 -27.01 43.57
CA THR E 208 -20.64 -27.54 43.07
C THR E 208 -21.01 -28.82 43.85
N PRO E 209 -22.29 -29.18 43.96
CA PRO E 209 -22.76 -30.42 44.54
C PRO E 209 -22.49 -31.59 43.62
N ILE E 210 -22.18 -32.74 44.22
CA ILE E 210 -21.98 -34.01 43.53
C ILE E 210 -22.66 -35.20 44.19
N ASN E 211 -22.76 -36.29 43.43
CA ASN E 211 -23.25 -37.57 43.93
C ASN E 211 -22.36 -38.75 43.51
N LEU E 212 -21.09 -38.45 43.20
CA LEU E 212 -20.17 -39.47 42.69
C LEU E 212 -18.97 -39.76 43.57
N VAL E 213 -18.75 -41.05 43.87
CA VAL E 213 -17.60 -41.47 44.69
C VAL E 213 -16.41 -42.04 43.90
N ARG E 214 -16.71 -42.94 42.98
CA ARG E 214 -15.72 -43.71 42.23
C ARG E 214 -14.91 -42.99 41.16
N ASP E 215 -15.28 -41.79 40.77
CA ASP E 215 -14.55 -41.13 39.70
C ASP E 215 -14.68 -39.61 39.75
N LEU E 216 -14.03 -38.93 38.82
CA LEU E 216 -14.06 -37.48 38.67
C LEU E 216 -15.36 -37.11 37.90
N PRO E 217 -16.22 -36.24 38.42
CA PRO E 217 -17.49 -35.83 37.79
C PRO E 217 -17.31 -35.22 36.42
N GLN E 218 -18.26 -35.53 35.54
CA GLN E 218 -18.30 -35.03 34.17
C GLN E 218 -19.27 -33.87 34.02
N GLY E 219 -19.07 -33.07 32.98
CA GLY E 219 -19.96 -31.95 32.65
C GLY E 219 -19.12 -30.69 32.54
N PHE E 220 -19.69 -29.60 32.03
CA PHE E 220 -18.90 -28.39 31.89
C PHE E 220 -19.27 -27.33 32.90
N SER E 221 -18.25 -26.73 33.51
CA SER E 221 -18.43 -25.62 34.42
C SER E 221 -17.16 -24.78 34.42
N ALA E 222 -17.29 -23.46 34.39
CA ALA E 222 -16.11 -22.60 34.43
C ALA E 222 -15.85 -22.09 35.84
N LEU E 223 -14.58 -21.91 36.18
CA LEU E 223 -14.19 -21.39 37.49
C LEU E 223 -14.12 -19.87 37.44
N GLU E 224 -14.41 -19.22 38.56
CA GLU E 224 -14.34 -17.76 38.64
C GLU E 224 -13.11 -17.38 39.43
N PRO E 225 -12.51 -16.22 39.21
CA PRO E 225 -11.39 -15.77 40.00
C PRO E 225 -11.85 -15.61 41.41
N LEU E 226 -11.03 -16.02 42.34
CA LEU E 226 -11.31 -15.93 43.76
C LEU E 226 -10.49 -14.84 44.40
N VAL E 227 -9.20 -14.90 44.14
CA VAL E 227 -8.26 -13.98 44.73
C VAL E 227 -7.05 -13.84 43.82
N ASP E 228 -6.41 -12.68 43.86
CA ASP E 228 -5.22 -12.45 43.08
C ASP E 228 -4.19 -11.83 44.01
N LEU E 229 -3.21 -12.63 44.44
CA LEU E 229 -2.28 -12.25 45.48
C LEU E 229 -0.93 -11.65 45.00
N PRO E 230 -0.60 -10.39 45.35
CA PRO E 230 0.60 -9.66 44.95
C PRO E 230 1.80 -10.06 45.77
N ILE E 231 2.24 -11.28 45.57
CA ILE E 231 3.31 -11.80 46.38
C ILE E 231 4.74 -11.70 45.82
N GLY E 232 4.95 -12.03 44.54
CA GLY E 232 6.32 -12.03 44.00
C GLY E 232 7.12 -13.28 44.40
N ILE E 233 6.43 -14.40 44.61
CA ILE E 233 7.08 -15.64 45.03
C ILE E 233 7.29 -16.65 43.90
N ASN E 234 8.51 -17.22 43.85
CA ASN E 234 8.97 -18.28 42.94
C ASN E 234 8.51 -19.63 43.51
N ILE E 235 7.66 -20.38 42.75
CA ILE E 235 7.08 -21.69 43.11
C ILE E 235 7.42 -22.73 42.05
N THR E 236 7.98 -23.86 42.48
CA THR E 236 8.29 -24.95 41.57
C THR E 236 7.64 -26.25 41.99
N ARG E 237 7.28 -26.36 43.27
CA ARG E 237 6.69 -27.55 43.90
C ARG E 237 5.58 -27.18 44.88
N PHE E 238 4.70 -28.14 45.16
CA PHE E 238 3.69 -27.89 46.18
C PHE E 238 3.30 -29.18 46.90
N GLN E 239 2.70 -29.03 48.06
CA GLN E 239 2.24 -30.16 48.85
C GLN E 239 0.92 -29.81 49.50
N THR E 240 -0.03 -30.73 49.57
CA THR E 240 -1.30 -30.40 50.22
C THR E 240 -1.25 -30.59 51.72
N LEU E 241 -2.22 -30.01 52.40
CA LEU E 241 -2.37 -30.14 53.84
C LEU E 241 -3.70 -30.74 54.22
N LEU E 242 -3.61 -31.88 54.86
CA LEU E 242 -4.77 -32.61 55.31
C LEU E 242 -4.77 -32.69 56.81
N ALA E 243 -5.95 -32.73 57.40
CA ALA E 243 -6.04 -32.95 58.81
C ALA E 243 -6.02 -34.45 59.10
N LEU E 244 -5.51 -34.85 60.27
CA LEU E 244 -5.49 -36.28 60.58
C LEU E 244 -6.30 -36.70 61.83
N HIS E 245 -7.00 -37.86 61.71
CA HIS E 245 -7.78 -38.50 62.77
C HIS E 245 -6.86 -39.45 63.55
N ALA E 263 -10.29 -36.72 51.50
CA ALA E 263 -10.72 -38.07 51.16
C ALA E 263 -10.02 -38.54 49.88
N ALA E 264 -10.13 -37.74 48.79
CA ALA E 264 -9.49 -37.97 47.49
C ALA E 264 -9.31 -36.65 46.77
N TYR E 265 -8.27 -36.58 45.96
CA TYR E 265 -8.02 -35.40 45.16
C TYR E 265 -7.30 -35.71 43.87
N TYR E 266 -7.36 -34.78 42.94
CA TYR E 266 -6.76 -34.97 41.65
C TYR E 266 -5.84 -33.85 41.28
N VAL E 267 -4.73 -34.16 40.63
CA VAL E 267 -3.83 -33.12 40.15
C VAL E 267 -3.47 -33.21 38.68
N GLY E 268 -3.69 -32.10 37.97
CA GLY E 268 -3.35 -32.02 36.56
C GLY E 268 -2.47 -30.82 36.32
N TYR E 269 -2.04 -30.63 35.08
CA TYR E 269 -1.19 -29.48 34.79
C TYR E 269 -1.71 -28.73 33.61
N LEU E 270 -1.50 -27.43 33.63
CA LEU E 270 -1.99 -26.56 32.57
C LEU E 270 -1.01 -26.44 31.43
N GLN E 271 -1.53 -26.19 30.24
CA GLN E 271 -0.70 -25.97 29.07
C GLN E 271 -1.13 -24.75 28.29
N PRO E 272 -0.21 -24.07 27.59
CA PRO E 272 -0.43 -22.89 26.80
C PRO E 272 -1.09 -23.11 25.45
N ARG E 273 -2.41 -23.30 25.47
CA ARG E 273 -3.11 -23.56 24.21
C ARG E 273 -4.38 -22.72 24.06
N THR E 274 -4.82 -22.58 22.81
CA THR E 274 -6.02 -21.84 22.47
C THR E 274 -7.30 -22.61 22.60
N PHE E 275 -8.28 -21.92 23.17
CA PHE E 275 -9.65 -22.33 23.33
C PHE E 275 -10.65 -21.36 22.72
N LEU E 276 -11.74 -21.90 22.23
CA LEU E 276 -12.85 -21.08 21.79
C LEU E 276 -13.88 -21.15 22.91
N LEU E 277 -14.18 -20.03 23.54
CA LEU E 277 -15.11 -20.06 24.66
C LEU E 277 -16.47 -19.49 24.30
N LYS E 278 -17.51 -20.19 24.74
CA LYS E 278 -18.87 -19.74 24.46
C LYS E 278 -19.55 -19.09 25.63
N TYR E 279 -19.90 -17.81 25.45
CA TYR E 279 -20.59 -17.01 26.47
C TYR E 279 -22.08 -16.92 26.14
N ASN E 280 -22.92 -17.18 27.14
CA ASN E 280 -24.36 -17.11 26.95
C ASN E 280 -24.84 -15.68 27.12
N GLU E 281 -26.16 -15.45 27.09
CA GLU E 281 -26.66 -14.07 27.17
C GLU E 281 -26.40 -13.32 28.49
N ASN E 282 -26.06 -14.03 29.58
CA ASN E 282 -25.75 -13.45 30.90
C ASN E 282 -24.22 -13.38 31.15
N GLY E 283 -23.39 -13.72 30.13
CA GLY E 283 -21.95 -13.72 30.18
C GLY E 283 -21.34 -14.92 30.89
N THR E 284 -22.08 -16.01 31.00
CA THR E 284 -21.55 -17.18 31.65
C THR E 284 -20.95 -18.07 30.60
N ILE E 285 -19.77 -18.62 30.87
CA ILE E 285 -19.19 -19.51 29.89
C ILE E 285 -19.93 -20.81 30.04
N THR E 286 -20.53 -21.30 28.96
CA THR E 286 -21.29 -22.52 29.01
C THR E 286 -20.63 -23.64 28.26
N ASP E 287 -19.72 -23.31 27.35
CA ASP E 287 -19.04 -24.38 26.63
C ASP E 287 -17.65 -23.96 26.20
N ALA E 288 -16.90 -24.87 25.59
CA ALA E 288 -15.57 -24.56 25.09
C ALA E 288 -15.03 -25.58 24.08
N VAL E 289 -14.16 -25.13 23.19
CA VAL E 289 -13.46 -26.02 22.27
C VAL E 289 -11.97 -25.98 22.46
N ASP E 290 -11.37 -27.14 22.67
CA ASP E 290 -9.92 -27.25 22.77
C ASP E 290 -9.40 -27.37 21.36
N CYS E 291 -8.78 -26.30 20.84
CA CYS E 291 -8.42 -26.13 19.42
C CYS E 291 -7.29 -27.04 19.00
N ALA E 292 -6.68 -27.76 19.93
CA ALA E 292 -5.61 -28.66 19.54
C ALA E 292 -5.92 -30.09 19.92
N LEU E 293 -7.17 -30.39 20.24
CA LEU E 293 -7.53 -31.74 20.63
C LEU E 293 -7.53 -32.75 19.47
N ASP E 294 -8.16 -32.39 18.35
CA ASP E 294 -8.25 -33.27 17.19
C ASP E 294 -8.61 -32.40 15.99
N PRO E 295 -8.68 -32.92 14.74
CA PRO E 295 -9.05 -32.19 13.54
C PRO E 295 -10.46 -31.63 13.49
N LEU E 296 -11.38 -32.14 14.30
CA LEU E 296 -12.70 -31.57 14.21
C LEU E 296 -12.72 -30.33 15.02
N SER E 297 -12.03 -30.36 16.14
CA SER E 297 -11.93 -29.19 16.98
C SER E 297 -11.17 -28.12 16.22
N GLU E 298 -10.16 -28.51 15.44
CA GLU E 298 -9.44 -27.51 14.68
C GLU E 298 -10.38 -26.83 13.71
N THR E 299 -11.27 -27.61 13.09
CA THR E 299 -12.22 -27.05 12.16
C THR E 299 -13.16 -26.11 12.89
N LYS E 300 -13.65 -26.51 14.06
CA LYS E 300 -14.56 -25.64 14.82
C LYS E 300 -13.94 -24.29 15.20
N CYS E 301 -12.65 -24.26 15.61
CA CYS E 301 -11.93 -23.04 15.97
C CYS E 301 -11.69 -22.20 14.72
N THR E 302 -11.35 -22.84 13.61
CA THR E 302 -11.07 -22.15 12.36
C THR E 302 -12.29 -21.38 11.89
N LEU E 303 -13.44 -22.01 12.01
CA LEU E 303 -14.69 -21.44 11.57
C LEU E 303 -15.44 -20.64 12.61
N LYS E 304 -14.89 -20.51 13.81
CA LYS E 304 -15.56 -19.80 14.90
C LYS E 304 -16.97 -20.31 15.12
N SER E 305 -17.12 -21.62 15.23
CA SER E 305 -18.44 -22.19 15.44
C SER E 305 -18.42 -23.49 16.19
N PHE E 306 -19.46 -23.74 16.97
CA PHE E 306 -19.56 -25.03 17.65
C PHE E 306 -20.32 -26.04 16.80
N THR E 307 -20.81 -25.57 15.65
CA THR E 307 -21.55 -26.38 14.69
C THR E 307 -20.85 -26.29 13.33
N VAL E 308 -20.60 -27.44 12.74
CA VAL E 308 -19.91 -27.47 11.45
C VAL E 308 -20.73 -28.15 10.37
N GLU E 309 -20.82 -27.48 9.25
CA GLU E 309 -21.53 -27.92 8.07
C GLU E 309 -20.77 -28.97 7.30
N LYS E 310 -21.45 -29.71 6.47
CA LYS E 310 -20.82 -30.69 5.64
C LYS E 310 -19.93 -30.05 4.59
N GLY E 311 -18.74 -30.61 4.39
CA GLY E 311 -17.83 -30.07 3.38
C GLY E 311 -16.36 -30.22 3.75
N ILE E 312 -15.50 -29.49 3.03
CA ILE E 312 -14.07 -29.55 3.29
C ILE E 312 -13.56 -28.21 3.71
N TYR E 313 -12.87 -28.19 4.82
CA TYR E 313 -12.33 -26.94 5.29
C TYR E 313 -10.83 -27.04 5.38
N GLN E 314 -10.11 -25.99 5.02
CA GLN E 314 -8.67 -26.02 5.16
C GLN E 314 -8.33 -25.37 6.46
N THR E 315 -7.70 -26.14 7.34
CA THR E 315 -7.45 -25.64 8.67
C THR E 315 -5.99 -25.49 9.04
N SER E 316 -5.11 -26.19 8.33
CA SER E 316 -3.73 -26.12 8.76
C SER E 316 -2.74 -26.27 7.62
N ASN E 317 -1.47 -26.39 8.01
CA ASN E 317 -0.33 -26.48 7.13
C ASN E 317 0.68 -27.50 7.59
N PHE E 318 0.95 -28.47 6.72
CA PHE E 318 1.87 -29.54 6.98
C PHE E 318 3.25 -29.17 6.54
N ARG E 319 4.23 -29.34 7.42
CA ARG E 319 5.59 -29.05 7.07
C ARG E 319 6.51 -30.15 7.55
N VAL E 320 7.34 -30.66 6.65
CA VAL E 320 8.34 -31.62 7.06
C VAL E 320 9.43 -30.91 7.80
N GLN E 321 9.81 -31.44 8.94
CA GLN E 321 10.83 -30.80 9.73
C GLN E 321 12.18 -31.44 9.46
N PRO E 322 13.26 -30.68 9.55
CA PRO E 322 14.60 -31.20 9.43
C PRO E 322 14.86 -32.05 10.63
N THR E 323 15.59 -33.14 10.43
CA THR E 323 15.93 -34.02 11.52
C THR E 323 17.40 -33.98 11.86
N GLU E 324 18.20 -33.50 10.93
CA GLU E 324 19.66 -33.47 11.13
C GLU E 324 20.20 -32.18 10.56
N SER E 325 21.51 -32.00 10.69
CA SER E 325 22.15 -30.83 10.13
C SER E 325 23.46 -31.25 9.51
N ILE E 326 23.87 -30.50 8.50
CA ILE E 326 25.10 -30.73 7.79
C ILE E 326 25.99 -29.53 7.73
N VAL E 327 27.22 -29.70 8.16
CA VAL E 327 28.16 -28.61 8.09
C VAL E 327 29.38 -29.01 7.27
N ARG E 328 29.65 -28.30 6.17
CA ARG E 328 30.77 -28.72 5.36
C ARG E 328 31.69 -27.56 4.99
N PHE E 329 32.97 -27.76 5.25
CA PHE E 329 34.00 -26.78 4.95
C PHE E 329 35.18 -27.44 4.27
N PRO E 330 35.96 -26.72 3.48
CA PRO E 330 37.17 -27.19 2.83
C PRO E 330 38.22 -27.47 3.91
N ASN E 331 39.27 -28.26 3.57
CA ASN E 331 40.32 -28.66 4.52
C ASN E 331 41.34 -27.53 4.80
N ILE E 332 40.89 -26.51 5.54
CA ILE E 332 41.72 -25.37 5.94
C ILE E 332 42.04 -25.55 7.40
N THR E 333 43.33 -25.73 7.68
CA THR E 333 43.79 -25.93 9.04
C THR E 333 44.56 -24.71 9.50
N ASN E 334 45.02 -23.93 8.53
CA ASN E 334 45.79 -22.72 8.75
C ASN E 334 45.01 -21.68 9.51
N LEU E 335 45.61 -21.11 10.54
CA LEU E 335 44.89 -20.10 11.30
C LEU E 335 45.21 -18.74 10.71
N CYS E 336 44.24 -17.80 10.72
CA CYS E 336 44.39 -16.44 10.22
C CYS E 336 45.37 -15.66 11.09
N PRO E 337 46.34 -14.95 10.49
CA PRO E 337 47.41 -14.23 11.16
C PRO E 337 46.94 -12.92 11.75
N PHE E 338 46.01 -13.00 12.69
CA PHE E 338 45.55 -11.79 13.31
C PHE E 338 46.61 -11.31 14.26
N GLY E 339 47.36 -12.22 14.86
CA GLY E 339 48.38 -11.80 15.81
C GLY E 339 49.37 -10.87 15.15
N GLU E 340 49.65 -11.08 13.88
CA GLU E 340 50.59 -10.23 13.20
C GLU E 340 50.12 -8.78 13.09
N VAL E 341 48.81 -8.54 12.95
CA VAL E 341 48.37 -7.16 12.83
C VAL E 341 48.14 -6.56 14.22
N PHE E 342 47.61 -7.36 15.14
CA PHE E 342 47.29 -6.88 16.48
C PHE E 342 48.48 -6.73 17.47
N ASN E 343 49.47 -7.62 17.40
CA ASN E 343 50.65 -7.67 18.29
C ASN E 343 51.92 -7.14 17.58
N ALA E 344 51.78 -6.31 16.52
CA ALA E 344 52.85 -5.69 15.75
C ALA E 344 53.65 -4.72 16.61
N THR E 345 54.95 -4.63 16.37
CA THR E 345 55.78 -3.74 17.13
C THR E 345 55.63 -2.31 16.64
N ARG E 346 55.29 -2.16 15.37
CA ARG E 346 55.13 -0.86 14.80
C ARG E 346 53.88 -0.77 13.98
N PHE E 347 53.19 0.33 14.18
CA PHE E 347 52.00 0.70 13.46
C PHE E 347 52.29 1.87 12.57
N ALA E 348 51.54 1.97 11.50
CA ALA E 348 51.67 3.06 10.58
C ALA E 348 51.05 4.33 11.09
N SER E 349 51.57 5.41 10.54
CA SER E 349 51.00 6.71 10.72
C SER E 349 49.65 6.67 10.07
N VAL E 350 48.69 7.38 10.59
CA VAL E 350 47.38 7.32 9.98
C VAL E 350 47.34 7.85 8.57
N TYR E 351 48.17 8.82 8.25
CA TYR E 351 48.14 9.35 6.88
C TYR E 351 48.57 8.31 5.86
N ALA E 352 49.32 7.30 6.30
CA ALA E 352 49.87 6.27 5.44
C ALA E 352 49.63 4.93 6.08
N TRP E 353 48.36 4.61 6.23
CA TRP E 353 47.89 3.44 6.94
C TRP E 353 48.26 2.14 6.23
N ASN E 354 48.47 1.07 6.99
CA ASN E 354 48.85 -0.20 6.38
C ASN E 354 47.66 -1.05 6.02
N ARG E 355 47.84 -1.94 5.07
CA ARG E 355 46.83 -2.92 4.73
C ARG E 355 47.40 -4.29 4.45
N LYS E 356 46.72 -5.31 4.97
CA LYS E 356 47.08 -6.69 4.70
C LYS E 356 45.86 -7.55 4.36
N ARG E 357 46.05 -8.53 3.47
CA ARG E 357 44.97 -9.46 3.17
C ARG E 357 45.07 -10.75 3.95
N ILE E 358 43.92 -11.19 4.41
CA ILE E 358 43.73 -12.43 5.12
C ILE E 358 42.93 -13.41 4.24
N SER E 359 43.50 -14.58 3.98
CA SER E 359 42.86 -15.60 3.14
C SER E 359 43.38 -17.00 3.45
N ASN E 360 42.62 -18.03 3.02
CA ASN E 360 43.00 -19.44 3.13
C ASN E 360 43.34 -19.82 4.56
N CYS E 361 42.42 -19.46 5.47
CA CYS E 361 42.58 -19.63 6.90
C CYS E 361 41.27 -19.69 7.69
N VAL E 362 41.45 -20.06 8.95
CA VAL E 362 40.41 -20.13 9.95
C VAL E 362 40.47 -18.90 10.81
N ALA E 363 39.40 -18.14 10.78
CA ALA E 363 39.34 -16.87 11.46
C ALA E 363 38.65 -16.96 12.78
N ASP E 364 39.44 -16.92 13.83
CA ASP E 364 38.93 -16.98 15.17
C ASP E 364 38.60 -15.57 15.59
N TYR E 365 37.32 -15.26 15.76
CA TYR E 365 36.95 -13.91 16.11
C TYR E 365 36.68 -13.79 17.59
N SER E 366 36.36 -14.91 18.26
CA SER E 366 36.12 -14.87 19.71
C SER E 366 37.38 -14.44 20.43
N VAL E 367 38.53 -14.81 19.89
CA VAL E 367 39.79 -14.43 20.50
C VAL E 367 39.95 -12.91 20.54
N LEU E 368 39.30 -12.19 19.63
CA LEU E 368 39.42 -10.76 19.66
C LEU E 368 38.27 -10.18 20.45
N TYR E 369 37.08 -10.69 20.20
CA TYR E 369 35.87 -10.16 20.81
C TYR E 369 35.87 -10.22 22.30
N ASN E 370 36.29 -11.34 22.85
CA ASN E 370 36.27 -11.52 24.27
C ASN E 370 37.57 -11.09 24.94
N SER E 371 38.46 -10.43 24.21
CA SER E 371 39.67 -9.97 24.85
C SER E 371 39.40 -8.75 25.67
N ALA E 372 39.89 -8.80 26.88
CA ALA E 372 39.72 -7.75 27.86
C ALA E 372 40.49 -6.49 27.54
N SER E 373 41.48 -6.62 26.66
CA SER E 373 42.35 -5.50 26.36
C SER E 373 41.77 -4.44 25.44
N PHE E 374 40.65 -4.69 24.77
CA PHE E 374 40.21 -3.67 23.83
C PHE E 374 39.38 -2.58 24.51
N SER E 375 39.58 -1.32 24.10
CA SER E 375 38.79 -0.23 24.66
C SER E 375 37.49 -0.09 23.89
N THR E 376 37.54 -0.51 22.63
CA THR E 376 36.35 -0.49 21.79
C THR E 376 36.37 -1.61 20.78
N PHE E 377 35.19 -2.10 20.45
CA PHE E 377 35.01 -3.14 19.46
C PHE E 377 33.65 -2.95 18.83
N LYS E 378 33.57 -2.12 17.81
CA LYS E 378 32.29 -1.82 17.19
C LYS E 378 32.16 -2.40 15.79
N CYS E 379 31.12 -3.22 15.55
CA CYS E 379 30.87 -3.85 14.25
C CYS E 379 29.68 -3.20 13.56
N TYR E 380 29.84 -3.01 12.27
CA TYR E 380 28.87 -2.42 11.40
C TYR E 380 28.39 -3.41 10.37
N GLY E 381 27.09 -3.66 10.37
CA GLY E 381 26.48 -4.56 9.40
C GLY E 381 26.46 -6.00 9.85
N VAL E 382 27.16 -6.29 10.92
CA VAL E 382 27.22 -7.63 11.45
C VAL E 382 27.36 -7.59 12.97
N SER E 383 26.72 -8.51 13.64
CA SER E 383 26.88 -8.66 15.07
C SER E 383 28.24 -9.21 15.43
N PRO E 384 28.95 -8.68 16.41
CA PRO E 384 30.26 -9.10 16.83
C PRO E 384 30.27 -10.50 17.41
N THR E 385 29.10 -11.01 17.78
CA THR E 385 29.06 -12.32 18.38
C THR E 385 28.68 -13.40 17.39
N LYS E 386 28.41 -13.03 16.14
CA LYS E 386 28.04 -14.02 15.13
C LYS E 386 29.16 -14.24 14.15
N LEU E 387 30.27 -13.55 14.34
CA LEU E 387 31.36 -13.58 13.39
C LEU E 387 31.99 -14.93 13.21
N ASN E 388 31.99 -15.76 14.23
CA ASN E 388 32.63 -17.05 14.13
C ASN E 388 31.83 -18.00 13.27
N ASP E 389 30.58 -17.65 12.97
CA ASP E 389 29.74 -18.52 12.17
C ASP E 389 29.69 -18.09 10.71
N LEU E 390 30.42 -17.03 10.37
CA LEU E 390 30.33 -16.50 9.01
C LEU E 390 31.58 -16.77 8.18
N CYS E 391 31.38 -16.87 6.86
CA CYS E 391 32.43 -17.00 5.86
C CYS E 391 32.52 -15.73 5.02
N PHE E 392 33.73 -15.45 4.59
CA PHE E 392 34.06 -14.27 3.82
C PHE E 392 34.84 -14.65 2.58
N THR E 393 34.79 -13.79 1.56
CA THR E 393 35.63 -14.04 0.41
C THR E 393 37.00 -13.91 0.98
N ASN E 394 37.27 -12.73 1.53
CA ASN E 394 38.48 -12.44 2.25
C ASN E 394 38.25 -11.36 3.31
N VAL E 395 39.30 -11.10 4.07
CA VAL E 395 39.24 -10.06 5.08
C VAL E 395 40.41 -9.10 4.92
N TYR E 396 40.12 -7.81 4.95
CA TYR E 396 41.20 -6.84 4.88
C TYR E 396 41.44 -6.21 6.23
N ALA E 397 42.68 -6.20 6.65
CA ALA E 397 42.98 -5.60 7.94
C ALA E 397 43.79 -4.32 7.76
N ASP E 398 43.15 -3.20 8.07
CA ASP E 398 43.80 -1.91 7.93
C ASP E 398 44.35 -1.52 9.28
N SER E 399 45.54 -0.93 9.34
CA SER E 399 46.12 -0.58 10.64
C SER E 399 46.91 0.73 10.76
N PHE E 400 46.61 1.44 11.85
CA PHE E 400 47.20 2.75 12.14
C PHE E 400 47.11 3.26 13.59
N VAL E 401 47.88 4.30 13.89
CA VAL E 401 47.78 5.00 15.18
C VAL E 401 47.21 6.42 15.08
N ILE E 402 46.20 6.66 15.91
CA ILE E 402 45.49 7.94 16.05
C ILE E 402 45.36 8.40 17.48
N ARG E 403 44.89 9.64 17.66
CA ARG E 403 44.69 10.20 18.98
C ARG E 403 43.35 9.73 19.56
N GLY E 404 43.26 9.54 20.88
CA GLY E 404 42.02 9.06 21.50
C GLY E 404 40.73 9.83 21.17
N ASP E 405 40.76 11.15 21.10
CA ASP E 405 39.53 11.89 20.81
C ASP E 405 39.00 11.72 19.39
N GLU E 406 39.80 11.18 18.50
CA GLU E 406 39.37 11.03 17.12
C GLU E 406 39.10 9.58 16.77
N VAL E 407 39.06 8.71 17.77
CA VAL E 407 38.78 7.30 17.51
C VAL E 407 37.40 7.17 16.92
N ARG E 408 36.47 7.98 17.37
CA ARG E 408 35.10 7.96 16.90
C ARG E 408 34.94 8.33 15.43
N GLN E 409 35.98 8.85 14.79
CA GLN E 409 35.86 9.18 13.38
C GLN E 409 36.07 7.95 12.53
N ILE E 410 36.54 6.85 13.11
CA ILE E 410 36.75 5.69 12.28
C ILE E 410 35.45 4.93 12.25
N ALA E 411 34.57 5.41 11.40
CA ALA E 411 33.25 4.88 11.27
C ALA E 411 32.65 5.37 9.96
N PRO E 412 31.73 4.64 9.37
CA PRO E 412 31.04 5.02 8.17
C PRO E 412 30.21 6.23 8.47
N GLY E 413 30.15 7.15 7.51
CA GLY E 413 29.31 8.32 7.62
C GLY E 413 29.95 9.44 8.44
N GLN E 414 31.19 9.27 8.90
CA GLN E 414 31.75 10.32 9.72
C GLN E 414 32.58 11.29 8.92
N THR E 415 32.72 12.49 9.46
CA THR E 415 33.54 13.54 8.88
C THR E 415 34.54 14.01 9.93
N GLY E 416 35.57 14.73 9.48
CA GLY E 416 36.57 15.22 10.42
C GLY E 416 37.95 15.09 9.81
N LYS E 417 38.98 15.44 10.53
CA LYS E 417 40.28 15.43 9.87
C LYS E 417 40.78 14.04 9.51
N ILE E 418 40.41 13.03 10.26
CA ILE E 418 40.89 11.73 9.87
C ILE E 418 39.96 11.21 8.83
N ALA E 419 38.67 11.33 9.09
CA ALA E 419 37.69 10.80 8.17
C ALA E 419 37.81 11.41 6.77
N ASP E 420 38.18 12.69 6.67
CA ASP E 420 38.31 13.32 5.38
C ASP E 420 39.72 13.31 4.77
N TYR E 421 40.81 13.34 5.57
CA TYR E 421 42.11 13.42 4.93
C TYR E 421 43.08 12.27 5.14
N ASN E 422 42.81 11.36 6.07
CA ASN E 422 43.77 10.30 6.35
C ASN E 422 43.26 8.90 6.10
N TYR E 423 42.03 8.64 6.51
CA TYR E 423 41.47 7.31 6.39
C TYR E 423 39.98 7.36 6.38
N LYS E 424 39.38 6.84 5.33
CA LYS E 424 37.95 6.93 5.21
C LYS E 424 37.26 5.62 4.96
N LEU E 425 36.19 5.40 5.70
CA LEU E 425 35.35 4.25 5.50
C LEU E 425 34.12 4.69 4.72
N PRO E 426 33.58 3.84 3.83
CA PRO E 426 32.41 4.07 3.03
C PRO E 426 31.15 4.02 3.86
N ASP E 427 30.09 4.66 3.40
CA ASP E 427 28.83 4.66 4.12
C ASP E 427 28.21 3.28 4.26
N ASP E 428 28.50 2.38 3.32
CA ASP E 428 27.99 1.02 3.34
C ASP E 428 29.01 0.01 3.85
N PHE E 429 29.99 0.49 4.63
CA PHE E 429 31.00 -0.36 5.21
C PHE E 429 30.50 -1.50 6.04
N THR E 430 31.06 -2.67 5.80
CA THR E 430 30.76 -3.85 6.57
C THR E 430 32.06 -4.27 7.19
N GLY E 431 32.09 -4.37 8.49
CA GLY E 431 33.33 -4.69 9.16
C GLY E 431 33.33 -4.28 10.61
N CYS E 432 34.47 -4.44 11.30
CA CYS E 432 34.63 -4.13 12.71
C CYS E 432 35.82 -3.20 12.96
N VAL E 433 35.60 -2.21 13.82
CA VAL E 433 36.63 -1.28 14.21
C VAL E 433 37.04 -1.57 15.63
N ILE E 434 38.28 -1.99 15.79
CA ILE E 434 38.80 -2.43 17.05
C ILE E 434 39.93 -1.54 17.50
N ALA E 435 39.92 -1.09 18.75
CA ALA E 435 41.01 -0.22 19.16
C ALA E 435 41.37 -0.35 20.62
N TRP E 436 42.62 0.01 20.93
CA TRP E 436 43.09 -0.01 22.30
C TRP E 436 44.17 1.02 22.58
N ASN E 437 44.31 1.37 23.85
CA ASN E 437 45.28 2.35 24.32
C ASN E 437 46.74 1.85 24.22
N SER E 438 47.63 2.72 23.73
CA SER E 438 49.06 2.39 23.60
C SER E 438 49.96 3.42 24.29
N ASN E 439 49.50 3.95 25.42
CA ASN E 439 50.26 4.97 26.13
C ASN E 439 51.58 4.41 26.65
N ASN E 440 51.68 3.10 26.87
CA ASN E 440 52.94 2.52 27.34
C ASN E 440 53.83 2.05 26.19
N LEU E 441 53.43 2.30 24.95
CA LEU E 441 54.20 1.84 23.82
C LEU E 441 54.57 2.96 22.89
N ASP E 442 53.58 3.73 22.45
CA ASP E 442 53.81 4.76 21.46
C ASP E 442 54.14 6.09 22.10
N SER E 443 53.59 6.38 23.26
CA SER E 443 53.93 7.67 23.87
C SER E 443 55.35 7.65 24.43
N LYS E 444 56.06 8.78 24.38
CA LYS E 444 57.39 8.80 25.01
C LYS E 444 57.70 10.15 25.64
N VAL E 445 58.68 10.18 26.52
CA VAL E 445 59.01 11.43 27.16
C VAL E 445 59.62 12.39 26.16
N GLY E 446 59.04 13.58 26.15
CA GLY E 446 59.41 14.67 25.26
C GLY E 446 58.49 14.74 24.05
N GLY E 447 57.75 13.65 23.81
CA GLY E 447 56.82 13.52 22.72
C GLY E 447 57.31 12.64 21.57
N ASN E 448 56.44 11.76 21.12
CA ASN E 448 56.70 10.89 20.00
C ASN E 448 56.19 11.59 18.76
N TYR E 449 57.10 12.10 17.95
CA TYR E 449 56.71 12.90 16.80
C TYR E 449 56.76 12.10 15.50
N ASN E 450 56.95 10.79 15.64
CA ASN E 450 57.03 9.90 14.49
C ASN E 450 55.69 9.62 13.85
N TYR E 451 54.61 9.66 14.64
CA TYR E 451 53.33 9.37 14.04
C TYR E 451 52.76 10.63 13.45
N LEU E 452 52.44 10.56 12.17
CA LEU E 452 51.95 11.72 11.46
C LEU E 452 50.52 11.61 10.96
N TYR E 453 49.89 12.76 10.82
CA TYR E 453 48.56 12.84 10.24
C TYR E 453 48.47 14.02 9.30
N ARG E 454 47.58 13.94 8.35
CA ARG E 454 47.34 15.01 7.41
C ARG E 454 46.28 15.91 7.99
N LEU E 455 46.58 17.20 8.04
CA LEU E 455 45.66 18.16 8.60
C LEU E 455 44.90 18.83 7.49
N PHE E 456 45.55 18.96 6.36
CA PHE E 456 44.89 19.58 5.22
C PHE E 456 45.35 19.02 3.91
N ARG E 457 44.45 19.14 2.96
CA ARG E 457 44.56 18.65 1.60
C ARG E 457 43.67 19.50 0.71
N LYS E 458 43.90 19.43 -0.61
CA LYS E 458 43.10 20.15 -1.60
C LYS E 458 41.64 19.69 -1.68
N SER E 459 41.39 18.41 -1.47
CA SER E 459 40.07 17.82 -1.54
C SER E 459 39.98 16.61 -0.61
N ASN E 460 38.78 16.10 -0.39
CA ASN E 460 38.59 14.97 0.52
C ASN E 460 38.90 13.64 -0.13
N LEU E 461 39.22 12.65 0.70
CA LEU E 461 39.49 11.28 0.26
C LEU E 461 38.21 10.50 0.00
N LYS E 462 38.34 9.53 -0.89
CA LYS E 462 37.26 8.60 -1.15
C LYS E 462 37.58 7.39 -0.27
N PRO E 463 36.64 6.47 -0.04
CA PRO E 463 36.84 5.33 0.79
C PRO E 463 38.06 4.55 0.38
N PHE E 464 38.83 4.18 1.39
CA PHE E 464 40.05 3.42 1.30
C PHE E 464 41.17 4.02 0.47
N GLU E 465 41.17 5.33 0.28
CA GLU E 465 42.29 5.98 -0.40
C GLU E 465 43.42 6.31 0.59
N ARG E 466 44.61 6.45 0.05
CA ARG E 466 45.78 6.82 0.84
C ARG E 466 46.50 7.96 0.13
N ASP E 467 46.95 8.95 0.88
CA ASP E 467 47.68 10.09 0.32
C ASP E 467 48.99 10.29 1.03
N ILE E 468 50.09 10.02 0.32
CA ILE E 468 51.41 10.10 0.91
C ILE E 468 52.27 11.20 0.31
N SER E 469 51.60 12.16 -0.33
CA SER E 469 52.25 13.32 -0.91
C SER E 469 52.89 14.22 0.12
N THR E 470 54.03 14.80 -0.25
CA THR E 470 54.78 15.72 0.59
C THR E 470 54.81 17.13 0.02
N GLU E 471 53.91 17.41 -0.92
CA GLU E 471 53.80 18.70 -1.58
C GLU E 471 53.40 19.79 -0.61
N ILE E 472 54.01 20.98 -0.73
CA ILE E 472 53.65 22.10 0.15
C ILE E 472 52.33 22.66 -0.34
N TYR E 473 51.41 22.79 0.58
CA TYR E 473 50.07 23.25 0.30
C TYR E 473 50.00 24.75 0.23
N GLN E 474 49.38 25.23 -0.82
CA GLN E 474 49.20 26.65 -1.00
C GLN E 474 47.88 27.05 -0.37
N ALA E 475 47.93 28.06 0.47
CA ALA E 475 46.78 28.57 1.19
C ALA E 475 46.77 30.08 1.10
N GLY E 476 46.78 30.56 -0.14
CA GLY E 476 46.88 31.96 -0.52
C GLY E 476 47.04 32.02 -2.03
N SER E 477 47.37 33.20 -2.55
CA SER E 477 47.50 33.39 -3.99
C SER E 477 48.89 33.15 -4.57
N THR E 478 49.92 33.19 -3.74
CA THR E 478 51.29 33.06 -4.22
C THR E 478 51.77 31.60 -4.27
N PRO E 479 52.29 31.09 -5.40
CA PRO E 479 52.84 29.75 -5.53
C PRO E 479 53.93 29.56 -4.49
N CYS E 480 53.97 28.36 -3.85
CA CYS E 480 54.92 28.03 -2.79
C CYS E 480 56.25 27.57 -3.35
N ASN E 481 56.20 26.87 -4.47
CA ASN E 481 57.40 26.34 -5.09
C ASN E 481 58.23 25.48 -4.14
N GLY E 482 57.55 24.71 -3.28
CA GLY E 482 58.25 23.83 -2.34
C GLY E 482 58.72 24.50 -1.04
N VAL E 483 58.41 25.78 -0.83
CA VAL E 483 58.91 26.45 0.36
C VAL E 483 57.81 26.96 1.29
N GLU E 484 57.94 26.64 2.57
CA GLU E 484 57.02 27.07 3.62
C GLU E 484 57.22 28.56 3.95
N GLY E 485 56.17 29.21 4.43
CA GLY E 485 56.24 30.64 4.73
C GLY E 485 54.85 31.21 4.83
N PHE E 486 54.68 32.52 4.64
CA PHE E 486 53.32 33.00 4.75
C PHE E 486 52.52 32.32 3.66
N ASN E 487 51.33 31.83 4.03
CA ASN E 487 50.40 31.16 3.12
C ASN E 487 50.91 29.83 2.47
N CYS E 488 52.00 29.22 3.00
CA CYS E 488 52.57 27.96 2.51
C CYS E 488 52.85 27.03 3.67
N TYR E 489 52.22 25.85 3.60
CA TYR E 489 52.36 24.92 4.70
C TYR E 489 52.58 23.46 4.30
N PHE E 490 53.41 22.75 5.04
CA PHE E 490 53.53 21.31 4.85
C PHE E 490 52.30 20.64 5.48
N PRO E 491 51.55 19.78 4.75
CA PRO E 491 50.29 19.16 5.15
C PRO E 491 50.27 18.16 6.30
N LEU E 492 51.43 17.59 6.66
CA LEU E 492 51.47 16.60 7.72
C LEU E 492 51.98 17.19 9.02
N GLN E 493 51.31 16.82 10.08
CA GLN E 493 51.62 17.27 11.42
C GLN E 493 52.03 16.07 12.26
N SER E 494 52.85 16.28 13.28
CA SER E 494 53.17 15.19 14.20
C SER E 494 52.20 15.16 15.34
N TYR E 495 52.00 13.99 15.94
CA TYR E 495 51.19 13.97 17.15
C TYR E 495 51.99 14.36 18.39
N GLY E 496 53.25 13.93 18.51
CA GLY E 496 54.00 14.34 19.69
C GLY E 496 53.46 13.68 20.94
N PHE E 497 53.06 12.42 20.85
CA PHE E 497 52.42 11.79 21.99
C PHE E 497 53.33 11.71 23.21
N GLN E 498 52.79 12.12 24.37
CA GLN E 498 53.51 12.11 25.64
C GLN E 498 52.78 11.28 26.67
N PRO E 499 53.48 10.58 27.57
CA PRO E 499 52.93 9.69 28.57
C PRO E 499 52.06 10.36 29.60
N THR E 500 52.20 11.66 29.76
CA THR E 500 51.45 12.42 30.73
C THR E 500 50.27 13.15 30.13
N ASN E 501 50.00 12.91 28.85
CA ASN E 501 48.84 13.54 28.23
C ASN E 501 47.58 12.97 28.83
N GLY E 502 46.50 13.75 28.81
CA GLY E 502 45.24 13.23 29.31
C GLY E 502 44.76 12.21 28.31
N VAL E 503 43.72 11.47 28.64
CA VAL E 503 43.31 10.35 27.79
C VAL E 503 42.96 10.72 26.37
N GLY E 504 42.30 11.84 26.14
CA GLY E 504 41.93 12.22 24.79
C GLY E 504 43.16 12.46 23.90
N TYR E 505 44.30 12.70 24.53
CA TYR E 505 45.54 12.98 23.85
C TYR E 505 46.52 11.80 23.89
N GLN E 506 46.06 10.64 24.37
CA GLN E 506 46.91 9.48 24.38
C GLN E 506 46.72 8.80 23.03
N PRO E 507 47.71 8.06 22.54
CA PRO E 507 47.63 7.28 21.33
C PRO E 507 46.80 6.05 21.49
N TYR E 508 46.15 5.68 20.40
CA TYR E 508 45.42 4.44 20.26
C TYR E 508 45.77 3.70 19.01
N ARG E 509 45.88 2.39 19.15
CA ARG E 509 46.15 1.52 18.04
C ARG E 509 44.83 1.04 17.50
N VAL E 510 44.66 1.18 16.21
CA VAL E 510 43.41 0.83 15.57
C VAL E 510 43.56 -0.17 14.46
N VAL E 511 42.75 -1.21 14.51
CA VAL E 511 42.70 -2.21 13.47
C VAL E 511 41.29 -2.29 12.92
N VAL E 512 41.15 -2.17 11.62
CA VAL E 512 39.85 -2.24 11.01
C VAL E 512 39.73 -3.46 10.15
N LEU E 513 38.76 -4.30 10.45
CA LEU E 513 38.57 -5.51 9.67
C LEU E 513 37.40 -5.32 8.73
N SER E 514 37.72 -5.24 7.45
CA SER E 514 36.71 -5.03 6.42
C SER E 514 36.33 -6.38 5.83
N PHE E 515 35.05 -6.69 5.88
CA PHE E 515 34.59 -8.00 5.45
C PHE E 515 34.01 -7.99 4.06
N GLU E 516 34.60 -8.73 3.16
CA GLU E 516 34.09 -8.77 1.80
C GLU E 516 33.18 -9.97 1.60
N LEU E 517 31.98 -9.69 1.12
CA LEU E 517 30.97 -10.71 0.86
C LEU E 517 30.58 -10.68 -0.61
N LEU E 518 30.66 -11.84 -1.26
CA LEU E 518 30.38 -12.04 -2.68
C LEU E 518 29.91 -13.46 -2.85
N HIS E 519 29.44 -13.79 -4.05
CA HIS E 519 29.04 -15.18 -4.37
C HIS E 519 30.28 -16.06 -4.52
N ALA E 520 31.43 -15.42 -4.65
CA ALA E 520 32.70 -16.05 -4.84
C ALA E 520 32.91 -16.98 -3.66
N PRO E 521 33.55 -18.13 -3.84
CA PRO E 521 33.73 -19.08 -2.78
C PRO E 521 34.50 -18.47 -1.65
N ALA E 522 34.06 -18.72 -0.45
CA ALA E 522 34.75 -18.20 0.69
C ALA E 522 36.13 -18.77 0.77
N THR E 523 37.08 -17.90 1.12
CA THR E 523 38.45 -18.31 1.26
C THR E 523 38.82 -18.24 2.76
N VAL E 524 37.95 -17.54 3.53
CA VAL E 524 38.11 -17.37 4.98
C VAL E 524 36.81 -17.81 5.68
N CYS E 525 36.88 -18.71 6.69
CA CYS E 525 35.71 -19.16 7.49
C CYS E 525 36.11 -19.24 8.94
N GLY E 526 35.13 -19.28 9.82
CA GLY E 526 35.40 -19.38 11.24
C GLY E 526 35.74 -20.81 11.67
N PRO E 527 35.96 -21.02 12.96
CA PRO E 527 36.38 -22.26 13.59
C PRO E 527 35.25 -23.24 13.76
N LYS E 528 34.72 -23.71 12.66
CA LYS E 528 33.62 -24.63 12.71
C LYS E 528 34.11 -26.01 12.37
N LYS E 529 33.43 -27.02 12.86
CA LYS E 529 33.80 -28.37 12.52
C LYS E 529 32.79 -28.92 11.57
N SER E 530 33.26 -29.70 10.62
CA SER E 530 32.38 -30.31 9.68
C SER E 530 31.74 -31.56 10.25
N THR E 531 30.72 -32.00 9.57
CA THR E 531 29.97 -33.19 9.86
C THR E 531 29.96 -34.04 8.63
N ASN E 532 29.46 -35.24 8.75
CA ASN E 532 29.33 -36.09 7.59
C ASN E 532 28.17 -35.62 6.77
N LEU E 533 28.27 -35.83 5.48
CA LEU E 533 27.22 -35.48 4.55
C LEU E 533 26.19 -36.57 4.55
N VAL E 534 24.91 -36.21 4.53
CA VAL E 534 23.90 -37.25 4.41
C VAL E 534 22.99 -36.88 3.28
N LYS E 535 22.39 -37.89 2.69
CA LYS E 535 21.47 -37.70 1.58
C LYS E 535 20.11 -38.28 1.83
N ASN E 536 19.15 -37.74 1.12
CA ASN E 536 17.74 -38.12 1.13
C ASN E 536 17.05 -37.94 2.48
N LYS E 537 17.45 -36.92 3.22
CA LYS E 537 16.87 -36.55 4.50
C LYS E 537 16.66 -35.06 4.47
N CYS E 538 15.73 -34.52 5.31
CA CYS E 538 15.52 -33.09 5.47
C CYS E 538 16.48 -32.59 6.55
N VAL E 539 17.37 -31.71 6.13
CA VAL E 539 18.40 -31.19 6.98
C VAL E 539 18.59 -29.70 6.95
N ASN E 540 19.22 -29.21 8.01
CA ASN E 540 19.66 -27.83 8.08
C ASN E 540 21.09 -27.80 7.61
N PHE E 541 21.38 -27.17 6.49
CA PHE E 541 22.74 -27.25 5.98
C PHE E 541 23.49 -25.93 5.85
N ASN E 542 24.82 -26.05 5.84
CA ASN E 542 25.78 -24.97 5.61
C ASN E 542 26.97 -25.43 4.76
N PHE E 543 27.01 -25.04 3.49
CA PHE E 543 28.10 -25.43 2.62
C PHE E 543 29.05 -24.28 2.35
N ASN E 544 30.15 -24.25 3.07
CA ASN E 544 31.15 -23.20 2.97
C ASN E 544 30.51 -21.83 3.10
N GLY E 545 29.58 -21.67 4.04
CA GLY E 545 28.91 -20.41 4.26
C GLY E 545 27.53 -20.28 3.59
N LEU E 546 27.19 -21.16 2.66
CA LEU E 546 25.89 -21.08 2.00
C LEU E 546 24.88 -21.98 2.68
N THR E 547 23.88 -21.35 3.29
CA THR E 547 22.93 -22.07 4.08
C THR E 547 21.54 -22.20 3.52
N GLY E 548 20.80 -23.13 4.11
CA GLY E 548 19.41 -23.34 3.77
C GLY E 548 18.89 -24.62 4.43
N THR E 549 17.63 -24.94 4.17
CA THR E 549 17.02 -26.13 4.72
C THR E 549 16.50 -26.90 3.54
N GLY E 550 16.75 -28.18 3.47
CA GLY E 550 16.28 -28.93 2.33
C GLY E 550 16.77 -30.36 2.31
N VAL E 551 16.52 -31.02 1.21
CA VAL E 551 16.88 -32.41 1.02
C VAL E 551 17.96 -32.48 -0.04
N LEU E 552 19.07 -33.11 0.28
CA LEU E 552 20.15 -33.17 -0.66
C LEU E 552 20.17 -34.51 -1.37
N THR E 553 20.37 -34.46 -2.68
CA THR E 553 20.49 -35.68 -3.47
C THR E 553 21.67 -35.53 -4.40
N GLU E 554 22.14 -36.61 -4.99
CA GLU E 554 23.22 -36.46 -5.96
C GLU E 554 22.66 -35.91 -7.24
N SER E 555 23.35 -34.96 -7.86
CA SER E 555 22.88 -34.41 -9.10
C SER E 555 23.36 -35.22 -10.28
N ASN E 556 22.78 -34.98 -11.44
CA ASN E 556 23.22 -35.59 -12.68
C ASN E 556 23.57 -34.53 -13.71
N LYS E 557 23.98 -33.37 -13.23
CA LYS E 557 24.32 -32.25 -14.12
C LYS E 557 25.78 -31.93 -14.01
N LYS E 558 26.32 -31.26 -15.01
CA LYS E 558 27.72 -30.93 -14.95
C LYS E 558 27.96 -29.46 -14.77
N PHE E 559 28.80 -29.15 -13.80
CA PHE E 559 29.25 -27.80 -13.56
C PHE E 559 30.53 -27.60 -14.30
N LEU E 560 30.79 -26.38 -14.70
CA LEU E 560 32.07 -26.09 -15.29
C LEU E 560 33.04 -26.18 -14.11
N PRO E 561 34.34 -26.43 -14.32
CA PRO E 561 35.37 -26.57 -13.32
C PRO E 561 35.51 -25.43 -12.33
N PHE E 562 35.01 -24.25 -12.67
CA PHE E 562 35.13 -23.12 -11.80
C PHE E 562 33.84 -22.74 -11.07
N GLN E 563 32.73 -23.39 -11.40
CA GLN E 563 31.46 -23.02 -10.81
C GLN E 563 31.29 -23.64 -9.44
N GLN E 564 30.74 -22.86 -8.51
CA GLN E 564 30.63 -23.32 -7.13
C GLN E 564 29.26 -23.78 -6.68
N PHE E 565 28.25 -23.26 -7.31
CA PHE E 565 26.88 -23.56 -6.99
C PHE E 565 26.09 -23.19 -8.21
N GLY E 566 24.85 -23.62 -8.27
CA GLY E 566 24.00 -23.21 -9.36
C GLY E 566 22.70 -22.66 -8.86
N ARG E 567 21.97 -22.05 -9.77
CA ARG E 567 20.67 -21.46 -9.50
C ARG E 567 19.64 -21.79 -10.54
N ASP E 568 18.38 -21.72 -10.14
CA ASP E 568 17.26 -21.99 -11.04
C ASP E 568 16.72 -20.70 -11.68
N ILE E 569 15.58 -20.84 -12.35
CA ILE E 569 14.89 -19.76 -13.06
C ILE E 569 14.40 -18.63 -12.14
N ALA E 570 14.22 -18.95 -10.86
CA ALA E 570 13.73 -18.03 -9.84
C ALA E 570 14.90 -17.37 -9.15
N ASP E 571 16.09 -17.69 -9.62
CA ASP E 571 17.34 -17.25 -9.07
C ASP E 571 17.52 -17.72 -7.63
N THR E 572 17.11 -18.95 -7.33
CA THR E 572 17.39 -19.42 -5.97
C THR E 572 18.39 -20.52 -6.07
N THR E 573 18.89 -21.00 -4.94
CA THR E 573 19.93 -22.01 -5.04
C THR E 573 19.32 -23.31 -5.52
N ASP E 574 19.92 -23.88 -6.55
CA ASP E 574 19.47 -25.12 -7.14
C ASP E 574 20.34 -26.29 -6.72
N ALA E 575 21.64 -26.02 -6.68
CA ALA E 575 22.61 -27.07 -6.42
C ALA E 575 23.88 -26.50 -5.85
N VAL E 576 24.66 -27.32 -5.16
CA VAL E 576 25.95 -26.89 -4.64
C VAL E 576 27.08 -27.85 -4.89
N ARG E 577 28.30 -27.34 -4.88
CA ARG E 577 29.47 -28.18 -4.92
C ARG E 577 29.97 -28.42 -3.52
N ASP E 578 30.03 -29.68 -3.11
CA ASP E 578 30.53 -29.96 -1.77
C ASP E 578 31.99 -29.56 -1.71
N PRO E 579 32.44 -28.81 -0.68
CA PRO E 579 33.80 -28.37 -0.53
C PRO E 579 34.84 -29.44 -0.22
N GLN E 580 34.47 -30.64 0.25
CA GLN E 580 35.53 -31.60 0.55
C GLN E 580 35.63 -32.64 -0.55
N THR E 581 34.48 -33.05 -1.04
CA THR E 581 34.43 -33.99 -2.13
C THR E 581 33.88 -33.17 -3.22
N LEU E 582 34.56 -33.04 -4.32
CA LEU E 582 34.06 -32.08 -5.26
C LEU E 582 33.03 -32.68 -6.21
N GLU E 583 31.86 -32.91 -5.64
CA GLU E 583 30.71 -33.51 -6.27
C GLU E 583 29.55 -32.55 -6.19
N ILE E 584 28.61 -32.68 -7.11
CA ILE E 584 27.49 -31.76 -7.11
C ILE E 584 26.23 -32.38 -6.58
N LEU E 585 25.62 -31.68 -5.63
CA LEU E 585 24.40 -32.08 -4.99
C LEU E 585 23.26 -31.17 -5.38
N ASP E 586 22.09 -31.74 -5.57
CA ASP E 586 20.89 -30.95 -5.86
C ASP E 586 20.13 -30.67 -4.60
N ILE E 587 19.52 -29.50 -4.51
CA ILE E 587 18.74 -29.20 -3.32
C ILE E 587 17.25 -29.18 -3.60
N THR E 588 16.53 -30.05 -2.96
CA THR E 588 15.10 -30.17 -3.12
C THR E 588 14.44 -29.58 -1.86
N PRO E 589 13.45 -28.71 -1.94
CA PRO E 589 12.76 -28.18 -0.79
C PRO E 589 12.13 -29.35 -0.03
N CYS E 590 12.02 -29.26 1.32
CA CYS E 590 11.38 -30.28 2.16
C CYS E 590 9.86 -30.20 1.89
N SER E 591 9.22 -31.35 1.80
CA SER E 591 7.81 -31.41 1.43
C SER E 591 6.90 -30.66 2.37
N PHE E 592 5.89 -30.04 1.78
CA PHE E 592 4.91 -29.30 2.53
C PHE E 592 3.63 -29.25 1.76
N GLY E 593 2.54 -28.89 2.44
CA GLY E 593 1.27 -28.67 1.76
C GLY E 593 0.15 -28.33 2.73
N GLY E 594 -0.99 -27.94 2.22
CA GLY E 594 -2.09 -27.58 3.11
C GLY E 594 -2.76 -28.82 3.68
N VAL E 595 -3.49 -28.62 4.77
CA VAL E 595 -4.21 -29.70 5.40
C VAL E 595 -5.66 -29.37 5.54
N SER E 596 -6.50 -30.26 5.05
CA SER E 596 -7.92 -30.00 5.13
C SER E 596 -8.70 -31.16 5.72
N VAL E 597 -9.80 -30.81 6.35
CA VAL E 597 -10.65 -31.75 7.02
C VAL E 597 -11.96 -31.95 6.29
N ILE E 598 -12.22 -33.20 5.99
CA ILE E 598 -13.37 -33.65 5.25
C ILE E 598 -14.39 -34.16 6.22
N THR E 599 -15.56 -33.54 6.25
CA THR E 599 -16.48 -33.96 7.27
C THR E 599 -17.95 -33.92 6.86
N PRO E 600 -18.79 -34.83 7.37
CA PRO E 600 -20.22 -34.81 7.26
C PRO E 600 -20.54 -33.72 8.23
N GLY E 601 -21.71 -33.15 8.21
CA GLY E 601 -21.88 -32.12 9.23
C GLY E 601 -21.97 -32.75 10.61
N THR E 602 -21.80 -31.91 11.63
CA THR E 602 -21.85 -32.34 13.04
C THR E 602 -23.24 -32.74 13.55
N ASN E 603 -24.29 -32.49 12.74
CA ASN E 603 -25.67 -32.92 13.00
C ASN E 603 -25.85 -34.43 12.70
N THR E 604 -24.84 -35.08 12.03
CA THR E 604 -24.82 -36.48 11.65
C THR E 604 -23.71 -37.24 12.36
N SER E 605 -22.49 -36.72 12.32
CA SER E 605 -21.37 -37.45 12.91
C SER E 605 -20.18 -36.60 13.30
N ASN E 606 -19.36 -37.13 14.20
CA ASN E 606 -18.12 -36.46 14.59
C ASN E 606 -16.89 -37.18 14.03
N GLN E 607 -17.12 -38.03 13.05
CA GLN E 607 -16.04 -38.74 12.40
C GLN E 607 -15.51 -37.86 11.28
N VAL E 608 -14.20 -37.72 11.16
CA VAL E 608 -13.66 -36.91 10.07
C VAL E 608 -12.55 -37.63 9.33
N ALA E 609 -12.26 -37.19 8.12
CA ALA E 609 -11.11 -37.68 7.36
C ALA E 609 -10.18 -36.51 7.07
N VAL E 610 -8.88 -36.75 6.99
CA VAL E 610 -7.98 -35.63 6.73
C VAL E 610 -7.12 -35.81 5.50
N LEU E 611 -7.08 -34.76 4.69
CA LEU E 611 -6.30 -34.75 3.47
C LEU E 611 -5.05 -33.89 3.56
N TYR E 612 -3.91 -34.47 3.20
CA TYR E 612 -2.64 -33.77 3.14
C TYR E 612 -2.35 -33.55 1.66
N GLN E 613 -2.56 -32.32 1.23
CA GLN E 613 -2.69 -31.98 -0.19
C GLN E 613 -1.52 -32.25 -1.13
N ASP E 614 -0.31 -32.01 -0.70
CA ASP E 614 0.83 -32.20 -1.58
C ASP E 614 1.80 -33.24 -1.14
N VAL E 615 1.40 -34.18 -0.31
CA VAL E 615 2.44 -35.09 0.17
C VAL E 615 2.16 -36.56 -0.05
N ASN E 616 3.23 -37.37 0.09
CA ASN E 616 3.24 -38.82 0.06
C ASN E 616 2.73 -39.35 1.41
N CYS E 617 2.00 -40.49 1.37
CA CYS E 617 1.53 -41.17 2.57
C CYS E 617 2.70 -41.77 3.34
N THR E 618 3.85 -41.86 2.70
CA THR E 618 5.06 -42.34 3.36
C THR E 618 5.77 -41.21 4.11
N GLU E 619 5.41 -39.96 3.83
CA GLU E 619 6.01 -38.78 4.47
C GLU E 619 5.27 -38.32 5.74
N VAL E 620 3.92 -38.48 5.77
CA VAL E 620 3.05 -38.06 6.86
C VAL E 620 2.67 -39.30 7.67
N ASN E 641 -5.89 -47.51 7.20
CA ASN E 641 -7.00 -46.92 6.46
C ASN E 641 -6.50 -45.61 5.79
N VAL E 642 -5.46 -45.75 4.92
CA VAL E 642 -4.78 -44.69 4.20
C VAL E 642 -4.81 -44.90 2.69
N PHE E 643 -5.24 -43.86 1.98
CA PHE E 643 -5.35 -43.89 0.54
C PHE E 643 -4.57 -42.79 -0.16
N GLN E 644 -3.71 -43.16 -1.10
CA GLN E 644 -2.93 -42.14 -1.81
C GLN E 644 -3.60 -41.75 -3.09
N THR E 645 -3.86 -40.47 -3.28
CA THR E 645 -4.44 -40.01 -4.52
C THR E 645 -3.70 -38.83 -5.09
N ARG E 646 -4.14 -38.37 -6.26
CA ARG E 646 -3.45 -37.27 -6.94
C ARG E 646 -3.73 -35.95 -6.28
N ALA E 647 -4.73 -35.93 -5.44
CA ALA E 647 -5.14 -34.75 -4.72
C ALA E 647 -4.45 -34.68 -3.35
N GLY E 648 -3.60 -35.67 -3.03
CA GLY E 648 -2.94 -35.69 -1.73
C GLY E 648 -3.15 -37.04 -1.03
N CYS E 649 -2.65 -37.16 0.21
CA CYS E 649 -2.78 -38.38 1.02
C CYS E 649 -4.02 -38.25 1.88
N LEU E 650 -4.95 -39.16 1.70
CA LEU E 650 -6.19 -39.13 2.42
C LEU E 650 -6.23 -40.16 3.52
N ILE E 651 -6.35 -39.70 4.75
CA ILE E 651 -6.32 -40.58 5.88
C ILE E 651 -7.63 -40.64 6.65
N GLY E 652 -8.13 -41.85 6.85
CA GLY E 652 -9.37 -42.08 7.60
C GLY E 652 -10.60 -42.42 6.75
N ALA E 653 -10.54 -42.17 5.46
CA ALA E 653 -11.65 -42.52 4.60
C ALA E 653 -11.40 -43.89 4.04
N GLU E 654 -12.44 -44.68 3.86
CA GLU E 654 -12.28 -45.99 3.27
C GLU E 654 -12.50 -45.97 1.79
N HIS E 655 -11.48 -46.29 1.03
CA HIS E 655 -11.65 -46.29 -0.40
C HIS E 655 -12.42 -47.50 -0.87
N VAL E 656 -13.35 -47.28 -1.77
CA VAL E 656 -14.11 -48.37 -2.35
C VAL E 656 -14.00 -48.25 -3.86
N ASN E 657 -14.25 -49.35 -4.62
CA ASN E 657 -14.19 -49.31 -6.09
C ASN E 657 -15.58 -49.27 -6.78
N ASN E 658 -16.61 -48.79 -6.04
CA ASN E 658 -17.95 -48.54 -6.54
C ASN E 658 -17.99 -47.13 -7.14
N SER E 659 -19.12 -46.72 -7.65
CA SER E 659 -19.20 -45.40 -8.27
C SER E 659 -20.47 -44.73 -7.86
N TYR E 660 -20.33 -43.52 -7.36
CA TYR E 660 -21.48 -42.81 -6.81
C TYR E 660 -21.50 -41.37 -7.23
N GLU E 661 -22.65 -40.75 -7.13
CA GLU E 661 -22.73 -39.32 -7.39
C GLU E 661 -21.84 -38.63 -6.36
N CYS E 662 -21.19 -37.52 -6.74
CA CYS E 662 -20.30 -36.74 -5.89
C CYS E 662 -21.08 -36.00 -4.80
N ASP E 663 -20.51 -36.02 -3.60
CA ASP E 663 -21.07 -35.32 -2.46
C ASP E 663 -20.01 -34.31 -2.03
N ILE E 664 -19.00 -34.74 -1.26
CA ILE E 664 -17.98 -33.80 -0.90
C ILE E 664 -16.80 -33.99 -1.85
N PRO E 665 -16.45 -33.03 -2.71
CA PRO E 665 -15.41 -33.17 -3.69
C PRO E 665 -14.06 -33.19 -3.06
N ILE E 666 -13.15 -34.00 -3.56
CA ILE E 666 -11.76 -33.97 -3.12
C ILE E 666 -10.85 -33.44 -4.21
N GLY E 667 -10.98 -33.99 -5.41
CA GLY E 667 -10.18 -33.57 -6.54
C GLY E 667 -9.72 -34.73 -7.40
N ALA E 668 -9.37 -34.44 -8.65
CA ALA E 668 -8.86 -35.41 -9.58
C ALA E 668 -9.75 -36.65 -9.73
N GLY E 669 -11.06 -36.43 -9.80
CA GLY E 669 -12.00 -37.52 -9.99
C GLY E 669 -12.55 -38.15 -8.72
N ILE E 670 -12.00 -37.77 -7.57
CA ILE E 670 -12.40 -38.34 -6.29
C ILE E 670 -13.28 -37.43 -5.41
N CYS E 671 -14.34 -38.03 -4.84
CA CYS E 671 -15.29 -37.46 -3.89
C CYS E 671 -15.41 -38.36 -2.66
N ALA E 672 -16.03 -37.85 -1.62
CA ALA E 672 -16.27 -38.62 -0.42
C ALA E 672 -17.65 -38.38 0.15
N SER E 673 -18.11 -39.36 0.91
CA SER E 673 -19.42 -39.28 1.56
C SER E 673 -19.49 -40.14 2.80
N TYR E 674 -20.53 -39.93 3.60
CA TYR E 674 -20.71 -40.71 4.81
C TYR E 674 -21.88 -41.64 4.63
N GLN E 675 -21.62 -42.95 4.74
CA GLN E 675 -22.69 -43.92 4.52
C GLN E 675 -22.34 -45.26 5.18
N THR E 676 -23.24 -46.28 5.11
CA THR E 676 -23.07 -47.63 5.67
C THR E 676 -21.67 -48.23 5.40
N SER E 689 -22.36 -48.67 11.84
CA SER E 689 -21.91 -49.12 10.53
C SER E 689 -21.68 -47.98 9.48
N GLN E 690 -21.92 -46.71 9.86
CA GLN E 690 -21.80 -45.53 8.99
C GLN E 690 -20.41 -44.90 9.12
N SER E 691 -19.71 -44.78 8.00
CA SER E 691 -18.36 -44.27 7.96
C SER E 691 -18.03 -43.48 6.70
N ILE E 692 -16.94 -42.73 6.74
CA ILE E 692 -16.54 -41.95 5.58
C ILE E 692 -15.85 -42.81 4.55
N ILE E 693 -16.29 -42.71 3.30
CA ILE E 693 -15.70 -43.45 2.21
C ILE E 693 -15.22 -42.53 1.12
N ALA E 694 -14.31 -43.04 0.31
CA ALA E 694 -13.80 -42.31 -0.85
C ALA E 694 -14.09 -43.09 -2.10
N TYR E 695 -14.43 -42.40 -3.17
CA TYR E 695 -14.76 -43.06 -4.42
C TYR E 695 -14.58 -42.21 -5.65
N THR E 696 -14.50 -42.88 -6.80
CA THR E 696 -14.52 -42.18 -8.07
C THR E 696 -15.96 -41.80 -8.31
N MET E 697 -16.16 -40.56 -8.71
CA MET E 697 -17.53 -40.12 -8.93
C MET E 697 -18.10 -40.62 -10.24
N SER E 698 -19.39 -40.81 -10.26
CA SER E 698 -20.15 -41.17 -11.43
C SER E 698 -20.54 -39.93 -12.19
N LEU E 699 -20.60 -40.01 -13.50
CA LEU E 699 -21.05 -38.86 -14.25
C LEU E 699 -22.52 -38.99 -14.61
N GLY E 700 -23.14 -40.07 -14.17
CA GLY E 700 -24.52 -40.33 -14.48
C GLY E 700 -24.71 -41.75 -15.01
N ALA E 701 -25.96 -42.14 -15.17
CA ALA E 701 -26.33 -43.46 -15.66
C ALA E 701 -26.05 -43.51 -17.14
N GLU E 702 -25.82 -44.69 -17.68
CA GLU E 702 -25.62 -44.81 -19.11
C GLU E 702 -26.95 -45.01 -19.83
N ASN E 703 -27.02 -44.55 -21.08
CA ASN E 703 -28.20 -44.72 -21.90
C ASN E 703 -27.90 -44.99 -23.37
N SER E 704 -28.15 -46.21 -23.80
CA SER E 704 -27.94 -46.57 -25.18
C SER E 704 -29.25 -46.32 -25.91
N VAL E 705 -29.23 -45.37 -26.82
CA VAL E 705 -30.42 -44.97 -27.56
C VAL E 705 -30.62 -45.93 -28.70
N ALA E 706 -31.84 -46.41 -28.88
CA ALA E 706 -32.14 -47.40 -29.92
C ALA E 706 -32.27 -46.78 -31.29
N TYR E 707 -31.16 -46.26 -31.77
CA TYR E 707 -31.08 -45.62 -33.06
C TYR E 707 -31.10 -46.63 -34.19
N SER E 708 -31.84 -46.31 -35.22
CA SER E 708 -31.86 -47.10 -36.44
C SER E 708 -32.26 -46.12 -37.52
N ASN E 709 -32.14 -46.51 -38.81
CA ASN E 709 -32.48 -45.65 -39.95
C ASN E 709 -34.01 -45.52 -40.22
N ASN E 710 -34.87 -46.34 -39.56
CA ASN E 710 -36.32 -46.33 -39.72
C ASN E 710 -37.12 -46.36 -38.42
N SER E 711 -36.61 -45.82 -37.32
CA SER E 711 -37.38 -45.87 -36.08
C SER E 711 -37.40 -44.55 -35.37
N ILE E 712 -38.60 -44.13 -35.00
CA ILE E 712 -38.77 -42.85 -34.33
C ILE E 712 -39.54 -43.02 -33.03
N ALA E 713 -39.14 -42.33 -31.98
CA ALA E 713 -39.93 -42.41 -30.76
C ALA E 713 -40.76 -41.14 -30.63
N ILE E 714 -42.03 -41.33 -30.30
CA ILE E 714 -42.97 -40.21 -30.17
C ILE E 714 -43.74 -40.28 -28.86
N PRO E 715 -43.79 -39.22 -28.04
CA PRO E 715 -44.50 -39.18 -26.79
C PRO E 715 -45.98 -39.28 -27.02
N THR E 716 -46.68 -40.04 -26.19
CA THR E 716 -48.12 -40.12 -26.26
C THR E 716 -48.85 -39.37 -25.10
N ASN E 717 -48.07 -38.78 -24.16
CA ASN E 717 -48.51 -38.08 -22.97
C ASN E 717 -47.43 -37.06 -22.62
N PHE E 718 -47.72 -36.17 -21.64
CA PHE E 718 -46.84 -35.11 -21.16
C PHE E 718 -47.15 -34.71 -19.75
N THR E 719 -46.21 -34.02 -19.13
CA THR E 719 -46.43 -33.45 -17.84
C THR E 719 -46.08 -31.98 -17.82
N ILE E 720 -46.58 -31.32 -16.78
CA ILE E 720 -46.30 -29.93 -16.55
C ILE E 720 -45.39 -29.82 -15.35
N SER E 721 -44.29 -29.15 -15.54
CA SER E 721 -43.31 -28.97 -14.49
C SER E 721 -43.13 -27.54 -14.13
N VAL E 722 -42.99 -27.24 -12.85
CA VAL E 722 -42.73 -25.87 -12.49
C VAL E 722 -41.45 -25.86 -11.68
N THR E 723 -40.46 -25.10 -12.11
CA THR E 723 -39.19 -25.08 -11.42
C THR E 723 -38.87 -23.73 -10.87
N THR E 724 -37.94 -23.68 -9.93
CA THR E 724 -37.59 -22.40 -9.31
C THR E 724 -36.17 -21.96 -9.61
N GLU E 725 -36.03 -20.72 -10.06
CA GLU E 725 -34.74 -20.12 -10.33
C GLU E 725 -34.52 -18.89 -9.48
N ILE E 726 -33.40 -18.84 -8.79
CA ILE E 726 -33.15 -17.74 -7.88
C ILE E 726 -31.96 -16.89 -8.27
N LEU E 727 -32.17 -15.58 -8.40
CA LEU E 727 -31.09 -14.68 -8.75
C LEU E 727 -30.95 -13.50 -7.79
N PRO E 728 -29.74 -13.15 -7.35
CA PRO E 728 -29.45 -11.94 -6.63
C PRO E 728 -29.70 -10.74 -7.50
N VAL E 729 -30.16 -9.66 -6.91
CA VAL E 729 -30.35 -8.42 -7.62
C VAL E 729 -29.52 -7.29 -7.01
N SER E 730 -29.45 -7.24 -5.69
CA SER E 730 -28.80 -6.12 -5.03
C SER E 730 -28.12 -6.52 -3.73
N MET E 731 -27.37 -5.58 -3.15
CA MET E 731 -26.73 -5.77 -1.87
C MET E 731 -26.88 -4.53 -1.01
N THR E 732 -26.63 -4.66 0.27
CA THR E 732 -26.76 -3.57 1.20
C THR E 732 -25.93 -2.36 0.83
N LYS E 733 -26.58 -1.21 0.85
CA LYS E 733 -25.97 0.05 0.51
C LYS E 733 -25.18 0.61 1.66
N THR E 734 -24.02 0.04 1.90
CA THR E 734 -23.25 0.50 3.03
C THR E 734 -22.48 1.72 2.64
N SER E 735 -21.99 2.43 3.64
CA SER E 735 -21.16 3.60 3.45
C SER E 735 -20.18 3.72 4.60
N VAL E 736 -18.96 4.12 4.29
CA VAL E 736 -17.93 4.28 5.29
C VAL E 736 -17.33 5.65 5.23
N ASP E 737 -17.28 6.33 6.37
CA ASP E 737 -16.67 7.64 6.48
C ASP E 737 -15.15 7.50 6.56
N CYS E 738 -14.40 7.97 5.52
CA CYS E 738 -12.96 7.80 5.37
C CYS E 738 -12.14 8.51 6.46
N THR E 739 -12.74 9.45 7.18
CA THR E 739 -11.98 10.12 8.21
C THR E 739 -12.38 9.59 9.54
N MET E 740 -13.66 9.36 9.76
CA MET E 740 -14.05 8.88 11.07
C MET E 740 -13.53 7.48 11.31
N TYR E 741 -13.55 6.62 10.31
CA TYR E 741 -13.06 5.27 10.53
C TYR E 741 -11.64 5.30 11.07
N ILE E 742 -10.78 6.06 10.41
CA ILE E 742 -9.38 6.12 10.78
C ILE E 742 -9.07 6.91 12.07
N CYS E 743 -9.65 8.12 12.25
CA CYS E 743 -9.31 9.05 13.33
C CYS E 743 -10.36 9.25 14.41
N GLY E 744 -11.58 8.78 14.25
CA GLY E 744 -12.56 9.09 15.27
C GLY E 744 -12.71 10.59 15.34
N ASP E 745 -12.59 11.15 16.53
CA ASP E 745 -12.70 12.58 16.76
C ASP E 745 -11.36 13.23 17.11
N SER E 746 -10.26 12.58 16.75
CA SER E 746 -8.92 13.09 16.99
C SER E 746 -8.46 14.13 16.00
N THR E 747 -8.16 15.31 16.53
CA THR E 747 -7.71 16.44 15.73
C THR E 747 -6.35 16.18 15.18
N GLU E 748 -5.48 15.61 15.98
CA GLU E 748 -4.11 15.39 15.54
C GLU E 748 -4.05 14.44 14.34
N CYS E 749 -4.85 13.34 14.37
CA CYS E 749 -4.95 12.34 13.33
C CYS E 749 -5.54 12.99 12.07
N SER E 750 -6.61 13.77 12.25
CA SER E 750 -7.24 14.38 11.10
C SER E 750 -6.25 15.26 10.37
N ASN E 751 -5.45 16.02 11.10
CA ASN E 751 -4.49 16.87 10.42
C ASN E 751 -3.41 16.05 9.73
N LEU E 752 -2.99 14.94 10.32
CA LEU E 752 -1.98 14.11 9.66
C LEU E 752 -2.50 13.54 8.34
N LEU E 753 -3.79 13.26 8.26
CA LEU E 753 -4.37 12.71 7.03
C LEU E 753 -4.34 13.66 5.86
N LEU E 754 -4.05 14.92 6.09
CA LEU E 754 -4.03 15.86 4.99
C LEU E 754 -2.81 15.63 4.13
N GLN E 755 -1.88 14.85 4.62
CA GLN E 755 -0.66 14.58 3.90
C GLN E 755 -0.90 13.59 2.79
N TYR E 756 -2.07 12.98 2.78
CA TYR E 756 -2.42 11.98 1.79
C TYR E 756 -3.34 12.51 0.72
N GLY E 757 -3.56 13.81 0.70
CA GLY E 757 -4.35 14.39 -0.37
C GLY E 757 -5.77 13.89 -0.51
N SER E 758 -6.08 13.41 -1.70
CA SER E 758 -7.40 12.94 -2.05
C SER E 758 -7.71 11.49 -1.73
N PHE E 759 -6.80 10.74 -1.17
CA PHE E 759 -7.18 9.33 -0.97
C PHE E 759 -8.51 9.16 -0.24
N CYS E 760 -8.76 9.96 0.82
CA CYS E 760 -9.94 9.88 1.68
C CYS E 760 -11.21 10.09 0.81
N THR E 761 -11.24 11.16 0.01
CA THR E 761 -12.43 11.42 -0.78
C THR E 761 -12.63 10.39 -1.89
N GLN E 762 -11.55 9.83 -2.43
CA GLN E 762 -11.72 8.86 -3.50
C GLN E 762 -12.46 7.64 -2.99
N LEU E 763 -12.15 7.24 -1.77
CA LEU E 763 -12.79 6.07 -1.19
C LEU E 763 -14.26 6.32 -0.97
N ASN E 764 -14.62 7.52 -0.52
CA ASN E 764 -16.04 7.75 -0.35
C ASN E 764 -16.77 7.86 -1.66
N ARG E 765 -16.10 8.36 -2.68
CA ARG E 765 -16.75 8.49 -3.96
C ARG E 765 -17.07 7.12 -4.52
N ALA E 766 -16.12 6.19 -4.40
CA ALA E 766 -16.32 4.85 -4.91
C ALA E 766 -17.48 4.14 -4.23
N LEU E 767 -17.57 4.29 -2.91
CA LEU E 767 -18.64 3.61 -2.22
C LEU E 767 -19.98 4.22 -2.54
N THR E 768 -20.01 5.53 -2.73
CA THR E 768 -21.25 6.18 -3.06
C THR E 768 -21.74 5.66 -4.39
N GLY E 769 -20.85 5.53 -5.35
CA GLY E 769 -21.24 5.05 -6.66
C GLY E 769 -21.85 3.65 -6.57
N ILE E 770 -21.30 2.79 -5.72
CA ILE E 770 -21.88 1.47 -5.60
C ILE E 770 -23.27 1.57 -5.03
N ALA E 771 -23.45 2.36 -3.99
CA ALA E 771 -24.76 2.44 -3.37
C ALA E 771 -25.82 2.90 -4.35
N VAL E 772 -25.49 3.85 -5.22
CA VAL E 772 -26.47 4.31 -6.18
C VAL E 772 -26.83 3.22 -7.16
N GLU E 773 -25.82 2.51 -7.63
CA GLU E 773 -26.02 1.45 -8.57
C GLU E 773 -26.96 0.39 -8.03
N GLN E 774 -26.95 0.17 -6.73
CA GLN E 774 -27.83 -0.86 -6.18
C GLN E 774 -29.31 -0.53 -6.42
N ASP E 775 -29.68 0.76 -6.49
CA ASP E 775 -31.08 1.05 -6.73
C ASP E 775 -31.34 0.93 -8.20
N LYS E 776 -30.34 1.25 -9.00
CA LYS E 776 -30.49 1.15 -10.43
C LYS E 776 -30.79 -0.31 -10.78
N ASN E 777 -30.09 -1.24 -10.13
CA ASN E 777 -30.27 -2.64 -10.42
C ASN E 777 -31.67 -3.10 -10.08
N THR E 778 -32.18 -2.65 -8.94
CA THR E 778 -33.51 -3.06 -8.52
C THR E 778 -34.55 -2.51 -9.46
N GLN E 779 -34.38 -1.27 -9.86
CA GLN E 779 -35.34 -0.62 -10.72
C GLN E 779 -35.41 -1.32 -12.06
N GLU E 780 -34.28 -1.71 -12.61
CA GLU E 780 -34.27 -2.38 -13.89
C GLU E 780 -34.93 -3.74 -13.87
N VAL E 781 -34.78 -4.48 -12.79
CA VAL E 781 -35.41 -5.78 -12.77
C VAL E 781 -36.92 -5.70 -12.57
N PHE E 782 -37.40 -4.89 -11.63
CA PHE E 782 -38.83 -4.92 -11.36
C PHE E 782 -39.67 -3.82 -11.97
N ALA E 783 -39.15 -2.63 -12.12
CA ALA E 783 -39.98 -1.52 -12.56
C ALA E 783 -40.06 -1.44 -14.06
N GLN E 784 -40.65 -2.44 -14.67
CA GLN E 784 -40.73 -2.46 -16.11
C GLN E 784 -42.11 -2.69 -16.63
N VAL E 785 -43.08 -2.32 -15.82
CA VAL E 785 -44.46 -2.39 -16.21
C VAL E 785 -44.94 -0.96 -16.19
N LYS E 786 -45.60 -0.54 -17.24
CA LYS E 786 -46.07 0.84 -17.37
C LYS E 786 -47.23 1.25 -16.46
N GLN E 787 -47.99 0.27 -16.00
CA GLN E 787 -49.15 0.46 -15.15
C GLN E 787 -49.21 -0.60 -14.09
N ILE E 788 -49.88 -0.32 -12.99
CA ILE E 788 -50.07 -1.32 -12.00
C ILE E 788 -51.37 -2.01 -12.28
N TYR E 789 -51.25 -3.26 -12.69
CA TYR E 789 -52.40 -4.03 -13.09
C TYR E 789 -52.94 -4.78 -11.92
N LYS E 790 -54.24 -4.93 -11.89
CA LYS E 790 -54.88 -5.71 -10.84
C LYS E 790 -55.70 -6.85 -11.41
N THR E 791 -55.83 -7.90 -10.63
CA THR E 791 -56.65 -9.04 -11.02
C THR E 791 -58.10 -8.72 -10.76
N PRO E 792 -59.03 -9.44 -11.38
CA PRO E 792 -60.45 -9.33 -11.15
C PRO E 792 -60.78 -9.90 -9.79
N PRO E 793 -61.93 -9.53 -9.20
CA PRO E 793 -62.47 -10.05 -7.96
C PRO E 793 -62.88 -11.51 -8.09
N ILE E 794 -63.13 -11.98 -9.30
CA ILE E 794 -63.50 -13.37 -9.49
C ILE E 794 -62.36 -14.09 -10.16
N LYS E 795 -61.75 -14.99 -9.44
CA LYS E 795 -60.57 -15.66 -9.93
C LYS E 795 -60.89 -16.88 -10.79
N ASP E 796 -61.47 -16.64 -11.96
CA ASP E 796 -61.80 -17.74 -12.86
C ASP E 796 -60.79 -17.88 -13.97
N PHE E 797 -59.87 -18.79 -13.82
CA PHE E 797 -58.82 -18.94 -14.79
C PHE E 797 -58.86 -20.32 -15.41
N GLY E 798 -60.06 -20.86 -15.53
CA GLY E 798 -60.19 -22.13 -16.23
C GLY E 798 -59.67 -23.33 -15.48
N GLY E 799 -59.63 -23.27 -14.15
CA GLY E 799 -59.12 -24.36 -13.36
C GLY E 799 -57.70 -24.13 -12.86
N PHE E 800 -57.03 -23.12 -13.37
CA PHE E 800 -55.68 -22.85 -12.90
C PHE E 800 -55.76 -21.99 -11.64
N ASN E 801 -55.22 -22.50 -10.52
CA ASN E 801 -55.23 -21.89 -9.19
C ASN E 801 -53.92 -21.14 -8.91
N PHE E 802 -53.99 -19.79 -8.89
CA PHE E 802 -52.84 -18.90 -8.68
C PHE E 802 -52.86 -18.28 -7.29
N SER E 803 -53.68 -18.80 -6.40
CA SER E 803 -53.82 -18.17 -5.09
C SER E 803 -52.57 -18.16 -4.24
N GLN E 804 -51.60 -19.01 -4.54
CA GLN E 804 -50.41 -19.04 -3.73
C GLN E 804 -49.35 -18.06 -4.20
N ILE E 805 -49.55 -17.49 -5.40
CA ILE E 805 -48.58 -16.55 -5.94
C ILE E 805 -49.12 -15.13 -6.02
N LEU E 806 -50.44 -14.98 -5.88
CA LEU E 806 -51.11 -13.69 -5.81
C LEU E 806 -50.98 -13.15 -4.40
N PRO E 807 -50.96 -11.84 -4.18
CA PRO E 807 -50.84 -11.23 -2.88
C PRO E 807 -52.04 -11.49 -2.00
N ASP E 808 -51.79 -11.61 -0.69
CA ASP E 808 -52.81 -11.81 0.32
C ASP E 808 -53.31 -10.49 0.95
N PRO E 809 -54.56 -10.05 0.67
CA PRO E 809 -55.16 -8.80 1.11
C PRO E 809 -55.27 -8.63 2.62
N SER E 810 -55.18 -9.72 3.39
CA SER E 810 -55.35 -9.61 4.83
C SER E 810 -54.09 -9.20 5.58
N LYS E 811 -52.96 -9.20 4.90
CA LYS E 811 -51.70 -8.92 5.58
C LYS E 811 -51.32 -7.44 5.51
N PRO E 812 -50.47 -6.93 6.44
CA PRO E 812 -49.94 -5.57 6.47
C PRO E 812 -49.02 -5.26 5.29
N SER E 813 -48.54 -6.30 4.64
CA SER E 813 -47.69 -6.21 3.49
C SER E 813 -48.31 -7.19 2.52
N LYS E 814 -48.70 -6.70 1.37
CA LYS E 814 -49.43 -7.54 0.45
C LYS E 814 -48.55 -8.44 -0.36
N ARG E 815 -48.13 -9.51 0.29
CA ARG E 815 -47.24 -10.46 -0.31
C ARG E 815 -47.98 -11.76 -0.46
N SER E 816 -47.55 -12.57 -1.39
CA SER E 816 -48.14 -13.86 -1.62
C SER E 816 -47.67 -14.83 -0.58
N PHE E 817 -48.31 -15.99 -0.51
CA PHE E 817 -47.88 -17.03 0.41
C PHE E 817 -46.44 -17.41 0.14
N ILE E 818 -46.11 -17.65 -1.13
CA ILE E 818 -44.75 -18.03 -1.45
C ILE E 818 -43.78 -16.93 -1.05
N GLU E 819 -44.11 -15.68 -1.30
CA GLU E 819 -43.20 -14.62 -0.92
C GLU E 819 -42.97 -14.61 0.57
N ASP E 820 -43.99 -14.83 1.39
CA ASP E 820 -43.70 -14.85 2.82
C ASP E 820 -42.70 -15.94 3.17
N LEU E 821 -42.75 -17.08 2.47
CA LEU E 821 -41.81 -18.12 2.83
C LEU E 821 -40.41 -17.66 2.50
N LEU E 822 -40.25 -16.99 1.36
CA LEU E 822 -38.92 -16.56 0.93
C LEU E 822 -38.34 -15.55 1.89
N PHE E 823 -39.17 -14.66 2.38
CA PHE E 823 -38.73 -13.64 3.30
C PHE E 823 -38.42 -14.20 4.67
N ASN E 824 -39.16 -15.21 5.11
CA ASN E 824 -38.88 -15.78 6.40
C ASN E 824 -37.59 -16.61 6.41
N LYS E 825 -37.24 -17.22 5.27
CA LYS E 825 -36.04 -18.05 5.22
C LYS E 825 -34.71 -17.34 5.05
N VAL E 826 -34.65 -16.25 4.30
CA VAL E 826 -33.31 -15.63 4.16
C VAL E 826 -33.11 -14.77 5.40
N THR E 827 -31.98 -14.96 6.12
CA THR E 827 -31.67 -14.26 7.38
C THR E 827 -30.28 -14.64 7.89
N LYS E 854 -18.01 -1.15 14.65
CA LYS E 854 -19.38 -1.42 14.20
C LYS E 854 -20.11 -0.09 13.88
N PHE E 855 -19.96 0.92 14.76
CA PHE E 855 -20.56 2.25 14.64
C PHE E 855 -19.48 3.27 14.36
N ASN E 856 -18.30 2.79 14.01
CA ASN E 856 -17.19 3.70 13.77
C ASN E 856 -17.16 4.28 12.38
N GLY E 857 -18.12 5.15 12.11
CA GLY E 857 -18.21 5.80 10.81
C GLY E 857 -18.86 4.91 9.77
N LEU E 858 -19.45 3.83 10.23
CA LEU E 858 -20.07 2.85 9.36
C LEU E 858 -21.57 2.99 9.37
N THR E 859 -22.17 3.19 8.22
CA THR E 859 -23.61 3.30 8.17
C THR E 859 -24.22 2.52 7.03
N VAL E 860 -25.55 2.46 7.05
CA VAL E 860 -26.32 1.80 6.01
C VAL E 860 -27.39 2.71 5.48
N LEU E 861 -27.47 2.83 4.17
CA LEU E 861 -28.47 3.67 3.61
C LEU E 861 -29.64 2.79 3.24
N PRO E 862 -30.88 3.23 3.36
CA PRO E 862 -32.04 2.49 2.98
C PRO E 862 -32.09 2.46 1.47
N PRO E 863 -32.77 1.48 0.87
CA PRO E 863 -33.06 1.36 -0.53
C PRO E 863 -34.08 2.38 -0.88
N LEU E 864 -34.14 2.77 -2.13
CA LEU E 864 -35.18 3.69 -2.56
C LEU E 864 -36.55 3.05 -2.58
N LEU E 865 -36.64 1.82 -3.04
CA LEU E 865 -37.92 1.15 -3.07
C LEU E 865 -38.01 0.31 -1.83
N THR E 866 -39.19 0.22 -1.27
CA THR E 866 -39.41 -0.57 -0.08
C THR E 866 -39.87 -1.93 -0.48
N ASP E 867 -39.93 -2.87 0.46
CA ASP E 867 -40.37 -4.21 0.12
C ASP E 867 -41.80 -4.22 -0.34
N GLU E 868 -42.62 -3.34 0.21
CA GLU E 868 -44.00 -3.28 -0.17
C GLU E 868 -44.12 -2.82 -1.61
N MET E 869 -43.28 -1.88 -2.00
CA MET E 869 -43.30 -1.36 -3.35
C MET E 869 -42.85 -2.42 -4.34
N ILE E 870 -41.91 -3.25 -3.94
CA ILE E 870 -41.46 -4.31 -4.80
C ILE E 870 -42.59 -5.29 -4.96
N ALA E 871 -43.29 -5.60 -3.87
CA ALA E 871 -44.41 -6.51 -3.95
C ALA E 871 -45.45 -5.97 -4.90
N GLN E 872 -45.69 -4.66 -4.92
CA GLN E 872 -46.67 -4.12 -5.85
C GLN E 872 -46.22 -4.26 -7.29
N TYR E 873 -44.94 -4.08 -7.58
CA TYR E 873 -44.52 -4.27 -8.95
C TYR E 873 -44.68 -5.72 -9.35
N THR E 874 -44.34 -6.62 -8.45
CA THR E 874 -44.42 -8.02 -8.74
C THR E 874 -45.86 -8.40 -9.00
N SER E 875 -46.76 -7.88 -8.19
CA SER E 875 -48.17 -8.15 -8.34
C SER E 875 -48.66 -7.66 -9.68
N ALA E 876 -48.24 -6.46 -10.10
CA ALA E 876 -48.68 -5.96 -11.38
C ALA E 876 -48.22 -6.81 -12.54
N LEU E 877 -46.99 -7.29 -12.49
CA LEU E 877 -46.47 -8.13 -13.55
C LEU E 877 -47.23 -9.42 -13.62
N LEU E 878 -47.56 -9.95 -12.45
CA LEU E 878 -48.29 -11.18 -12.37
C LEU E 878 -49.72 -11.01 -12.86
N ALA E 879 -50.39 -9.93 -12.48
CA ALA E 879 -51.74 -9.71 -12.91
C ALA E 879 -51.81 -9.58 -14.40
N GLY E 880 -50.82 -8.91 -14.98
CA GLY E 880 -50.74 -8.73 -16.42
C GLY E 880 -50.59 -10.07 -17.10
N THR E 881 -49.67 -10.88 -16.61
CA THR E 881 -49.39 -12.17 -17.20
C THR E 881 -50.62 -13.04 -17.21
N ILE E 882 -51.35 -13.05 -16.11
CA ILE E 882 -52.53 -13.87 -16.02
C ILE E 882 -53.68 -13.41 -16.90
N THR E 883 -54.00 -12.12 -16.94
CA THR E 883 -55.17 -11.69 -17.70
C THR E 883 -54.97 -11.19 -19.13
N SER E 884 -53.76 -10.80 -19.54
CA SER E 884 -53.56 -10.27 -20.90
C SER E 884 -52.38 -10.90 -21.63
N GLY E 885 -51.89 -11.98 -21.09
CA GLY E 885 -50.78 -12.73 -21.65
C GLY E 885 -49.55 -11.88 -21.75
N TRP E 886 -48.92 -11.90 -22.91
CA TRP E 886 -47.71 -11.13 -23.13
C TRP E 886 -48.00 -9.81 -23.78
N THR E 887 -49.26 -9.58 -24.07
CA THR E 887 -49.63 -8.42 -24.83
C THR E 887 -49.28 -7.13 -24.12
N PHE E 888 -49.47 -7.11 -22.82
CA PHE E 888 -49.22 -5.91 -22.03
C PHE E 888 -47.77 -5.51 -22.07
N GLY E 889 -46.88 -6.43 -22.40
CA GLY E 889 -45.48 -6.10 -22.43
C GLY E 889 -45.08 -5.42 -23.73
N ALA E 890 -45.97 -5.40 -24.72
CA ALA E 890 -45.69 -4.79 -26.02
C ALA E 890 -46.49 -3.51 -26.22
N GLY E 891 -47.75 -3.54 -25.78
CA GLY E 891 -48.66 -2.43 -25.95
C GLY E 891 -49.60 -2.28 -24.76
N ALA E 892 -50.88 -2.19 -25.05
CA ALA E 892 -51.92 -2.08 -24.04
C ALA E 892 -52.21 -3.45 -23.51
N ALA E 893 -52.68 -3.56 -22.29
CA ALA E 893 -53.06 -4.89 -21.87
C ALA E 893 -54.39 -5.24 -22.47
N LEU E 894 -54.42 -6.31 -23.23
CA LEU E 894 -55.64 -6.76 -23.87
C LEU E 894 -56.11 -8.04 -23.25
N GLN E 895 -57.32 -8.05 -22.71
CA GLN E 895 -57.79 -9.23 -22.04
C GLN E 895 -57.98 -10.42 -22.96
N ILE E 896 -57.69 -11.60 -22.43
CA ILE E 896 -57.94 -12.86 -23.11
C ILE E 896 -58.36 -13.93 -22.09
N PRO E 897 -59.28 -14.85 -22.35
CA PRO E 897 -59.59 -15.93 -21.43
C PRO E 897 -58.32 -16.69 -21.15
N PHE E 898 -58.13 -17.14 -19.93
CA PHE E 898 -56.88 -17.82 -19.61
C PHE E 898 -56.66 -19.08 -20.43
N ALA E 899 -57.69 -19.90 -20.62
CA ALA E 899 -57.46 -21.12 -21.38
C ALA E 899 -57.01 -20.82 -22.80
N MET E 900 -57.52 -19.76 -23.41
CA MET E 900 -57.08 -19.45 -24.75
C MET E 900 -55.65 -19.00 -24.73
N GLN E 901 -55.26 -18.29 -23.69
CA GLN E 901 -53.88 -17.88 -23.59
C GLN E 901 -52.98 -19.09 -23.59
N MET E 902 -53.37 -20.11 -22.84
CA MET E 902 -52.56 -21.31 -22.80
C MET E 902 -52.52 -21.97 -24.16
N ALA E 903 -53.61 -21.91 -24.91
CA ALA E 903 -53.63 -22.52 -26.23
C ALA E 903 -52.58 -21.90 -27.12
N TYR E 904 -52.36 -20.61 -26.98
CA TYR E 904 -51.36 -20.00 -27.83
C TYR E 904 -49.99 -20.47 -27.40
N ARG E 905 -49.79 -20.58 -26.09
CA ARG E 905 -48.52 -21.01 -25.57
C ARG E 905 -48.21 -22.43 -26.02
N PHE E 906 -49.24 -23.27 -26.15
CA PHE E 906 -49.05 -24.62 -26.67
C PHE E 906 -48.70 -24.61 -28.16
N ASN E 907 -49.36 -23.76 -28.96
CA ASN E 907 -49.00 -23.73 -30.37
C ASN E 907 -47.56 -23.25 -30.51
N GLY E 908 -47.15 -22.40 -29.59
CA GLY E 908 -45.83 -21.81 -29.55
C GLY E 908 -44.72 -22.83 -29.29
N ILE E 909 -45.05 -24.03 -28.83
CA ILE E 909 -44.04 -25.05 -28.60
C ILE E 909 -44.22 -26.20 -29.55
N GLY E 910 -45.02 -26.01 -30.59
CA GLY E 910 -45.20 -27.08 -31.54
C GLY E 910 -46.26 -28.11 -31.19
N VAL E 911 -47.22 -27.76 -30.33
CA VAL E 911 -48.26 -28.69 -29.98
C VAL E 911 -49.58 -28.08 -30.38
N THR E 912 -50.34 -28.75 -31.23
CA THR E 912 -51.58 -28.19 -31.70
C THR E 912 -52.52 -27.95 -30.54
N GLN E 913 -53.14 -26.76 -30.53
CA GLN E 913 -54.05 -26.31 -29.48
C GLN E 913 -55.18 -27.24 -29.08
N ASN E 914 -55.63 -28.14 -29.94
CA ASN E 914 -56.72 -28.97 -29.50
C ASN E 914 -56.27 -29.87 -28.35
N VAL E 915 -54.96 -30.08 -28.23
CA VAL E 915 -54.39 -30.89 -27.18
C VAL E 915 -54.66 -30.24 -25.86
N LEU E 916 -54.58 -28.92 -25.79
CA LEU E 916 -54.87 -28.27 -24.53
C LEU E 916 -56.31 -28.39 -24.16
N TYR E 917 -57.19 -28.13 -25.10
CA TYR E 917 -58.59 -28.07 -24.71
C TYR E 917 -59.13 -29.44 -24.34
N GLU E 918 -58.67 -30.46 -25.02
CA GLU E 918 -59.16 -31.80 -24.78
C GLU E 918 -58.62 -32.37 -23.49
N ASN E 919 -57.62 -31.72 -22.91
CA ASN E 919 -56.99 -32.16 -21.71
C ASN E 919 -56.95 -31.00 -20.73
N GLN E 920 -57.88 -30.06 -20.84
CA GLN E 920 -57.78 -28.91 -19.96
C GLN E 920 -57.81 -29.24 -18.50
N LYS E 921 -58.63 -30.20 -18.09
CA LYS E 921 -58.70 -30.50 -16.67
C LYS E 921 -57.42 -31.11 -16.17
N LEU E 922 -56.81 -31.94 -16.99
CA LEU E 922 -55.58 -32.59 -16.60
C LEU E 922 -54.46 -31.61 -16.47
N ILE E 923 -54.37 -30.70 -17.41
CA ILE E 923 -53.31 -29.73 -17.41
C ILE E 923 -53.45 -28.82 -16.21
N ALA E 924 -54.65 -28.35 -15.94
CA ALA E 924 -54.84 -27.49 -14.79
C ALA E 924 -54.50 -28.24 -13.51
N ASN E 925 -54.85 -29.53 -13.41
CA ASN E 925 -54.54 -30.25 -12.19
C ASN E 925 -53.06 -30.45 -12.01
N GLN E 926 -52.33 -30.71 -13.09
CA GLN E 926 -50.91 -30.92 -12.91
C GLN E 926 -50.25 -29.61 -12.50
N PHE E 927 -50.72 -28.50 -13.04
CA PHE E 927 -50.18 -27.21 -12.68
C PHE E 927 -50.38 -26.93 -11.21
N ASN E 928 -51.60 -27.15 -10.73
CA ASN E 928 -51.91 -26.84 -9.36
C ASN E 928 -51.08 -27.71 -8.42
N SER E 929 -50.86 -28.96 -8.81
CA SER E 929 -50.06 -29.86 -8.00
C SER E 929 -48.63 -29.37 -7.91
N ALA E 930 -48.08 -28.94 -9.04
CA ALA E 930 -46.70 -28.46 -9.06
C ALA E 930 -46.51 -27.28 -8.11
N ILE E 931 -47.50 -26.41 -8.03
CA ILE E 931 -47.33 -25.28 -7.14
C ILE E 931 -47.28 -25.78 -5.71
N GLY E 932 -48.13 -26.73 -5.35
CA GLY E 932 -48.09 -27.26 -3.99
C GLY E 932 -46.73 -27.85 -3.66
N LYS E 933 -46.09 -28.49 -4.63
CA LYS E 933 -44.78 -29.06 -4.38
C LYS E 933 -43.75 -27.98 -4.08
N ILE E 934 -43.88 -26.83 -4.74
CA ILE E 934 -42.98 -25.72 -4.52
C ILE E 934 -43.13 -25.19 -3.11
N GLN E 935 -44.37 -25.08 -2.64
CA GLN E 935 -44.56 -24.60 -1.28
C GLN E 935 -43.85 -25.50 -0.28
N ASP E 936 -43.92 -26.82 -0.49
CA ASP E 936 -43.28 -27.73 0.44
C ASP E 936 -41.77 -27.70 0.32
N SER E 937 -41.25 -27.56 -0.87
CA SER E 937 -39.82 -27.52 -1.04
C SER E 937 -39.22 -26.33 -0.33
N LEU E 938 -39.83 -25.16 -0.53
CA LEU E 938 -39.32 -23.95 0.09
C LEU E 938 -39.51 -23.95 1.60
N SER E 939 -40.63 -24.48 2.06
CA SER E 939 -40.88 -24.50 3.49
C SER E 939 -39.89 -25.41 4.23
N SER E 940 -39.62 -26.59 3.67
CA SER E 940 -38.72 -27.54 4.33
C SER E 940 -37.22 -27.37 4.09
N THR E 941 -36.79 -26.83 2.95
CA THR E 941 -35.35 -26.76 2.69
C THR E 941 -34.81 -25.33 2.75
N ALA E 942 -34.10 -25.01 3.83
CA ALA E 942 -33.58 -23.66 4.03
C ALA E 942 -32.54 -23.30 2.98
N SER E 943 -31.78 -24.32 2.57
CA SER E 943 -30.68 -24.20 1.63
C SER E 943 -31.15 -23.82 0.24
N ALA E 944 -32.45 -23.87 0.00
CA ALA E 944 -33.01 -23.56 -1.28
C ALA E 944 -32.65 -22.15 -1.70
N LEU E 945 -32.50 -21.24 -0.74
CA LEU E 945 -32.24 -19.85 -1.06
C LEU E 945 -30.78 -19.48 -0.81
N GLY E 946 -29.90 -20.47 -0.81
CA GLY E 946 -28.50 -20.26 -0.51
C GLY E 946 -27.83 -19.18 -1.34
N LYS E 947 -28.24 -18.96 -2.58
CA LYS E 947 -27.58 -17.89 -3.35
C LYS E 947 -27.77 -16.51 -2.74
N LEU E 948 -28.92 -16.25 -2.14
CA LEU E 948 -29.16 -14.93 -1.62
C LEU E 948 -28.49 -14.82 -0.27
N GLN E 949 -28.47 -15.94 0.44
CA GLN E 949 -27.86 -15.95 1.75
C GLN E 949 -26.36 -15.72 1.61
N ASP E 950 -25.79 -16.25 0.54
CA ASP E 950 -24.37 -16.12 0.25
C ASP E 950 -23.98 -14.67 0.02
N VAL E 951 -24.81 -13.93 -0.69
CA VAL E 951 -24.47 -12.52 -0.89
C VAL E 951 -24.43 -11.82 0.44
N VAL E 952 -25.41 -12.10 1.28
CA VAL E 952 -25.44 -11.45 2.57
C VAL E 952 -24.25 -11.80 3.41
N ASN E 953 -23.88 -13.07 3.43
CA ASN E 953 -22.80 -13.50 4.27
C ASN E 953 -21.48 -12.90 3.84
N GLN E 954 -21.24 -12.78 2.54
CA GLN E 954 -19.98 -12.21 2.11
C GLN E 954 -19.83 -10.77 2.45
N ASN E 955 -20.91 -10.00 2.35
CA ASN E 955 -20.75 -8.61 2.67
C ASN E 955 -20.57 -8.44 4.17
N ALA E 956 -21.26 -9.27 4.96
CA ALA E 956 -21.13 -9.17 6.39
C ALA E 956 -19.72 -9.51 6.83
N GLN E 957 -19.13 -10.49 6.19
CA GLN E 957 -17.79 -10.89 6.57
C GLN E 957 -16.80 -9.82 6.22
N ALA E 958 -16.94 -9.20 5.05
CA ALA E 958 -16.01 -8.17 4.65
C ALA E 958 -16.07 -6.99 5.59
N LEU E 959 -17.26 -6.67 6.04
CA LEU E 959 -17.41 -5.54 6.92
C LEU E 959 -16.88 -5.85 8.30
N ASN E 960 -17.09 -7.07 8.79
CA ASN E 960 -16.58 -7.38 10.11
C ASN E 960 -15.08 -7.38 10.11
N THR E 961 -14.48 -7.75 8.99
CA THR E 961 -13.04 -7.74 8.88
C THR E 961 -12.53 -6.32 8.98
N LEU E 962 -13.21 -5.39 8.30
CA LEU E 962 -12.81 -3.99 8.33
C LEU E 962 -12.81 -3.47 9.75
N VAL E 963 -13.80 -3.89 10.53
CA VAL E 963 -13.90 -3.48 11.91
C VAL E 963 -12.80 -4.07 12.76
N LYS E 964 -12.55 -5.36 12.62
CA LYS E 964 -11.52 -6.00 13.42
C LYS E 964 -10.15 -5.42 13.22
N GLN E 965 -9.87 -4.93 12.02
CA GLN E 965 -8.58 -4.34 11.72
C GLN E 965 -8.27 -3.13 12.57
N LEU E 966 -9.26 -2.50 13.17
CA LEU E 966 -9.02 -1.34 13.99
C LEU E 966 -8.26 -1.71 15.25
N SER E 967 -8.26 -2.98 15.61
CA SER E 967 -7.57 -3.44 16.79
C SER E 967 -6.11 -3.76 16.54
N SER E 968 -5.68 -3.77 15.29
CA SER E 968 -4.29 -4.08 15.01
C SER E 968 -3.41 -2.94 15.41
N ASN E 969 -2.22 -3.24 15.90
CA ASN E 969 -1.30 -2.18 16.25
C ASN E 969 -0.48 -1.66 15.08
N PHE E 970 -0.15 -2.49 14.11
CA PHE E 970 0.67 -2.04 13.01
C PHE E 970 2.00 -1.44 13.47
N GLY E 971 2.56 -1.94 14.57
CA GLY E 971 3.81 -1.43 15.09
C GLY E 971 3.65 -0.38 16.20
N ALA E 972 2.43 0.07 16.42
CA ALA E 972 2.11 1.05 17.45
C ALA E 972 2.13 0.46 18.83
N ILE E 973 2.31 1.33 19.81
CA ILE E 973 2.25 0.94 21.21
C ILE E 973 0.85 0.51 21.62
N SER E 974 -0.15 1.06 20.95
CA SER E 974 -1.53 0.73 21.19
C SER E 974 -2.36 1.00 19.98
N SER E 975 -3.35 0.17 19.77
CA SER E 975 -4.32 0.31 18.69
C SER E 975 -5.30 1.43 18.99
N VAL E 976 -5.37 1.84 20.24
CA VAL E 976 -6.31 2.86 20.62
C VAL E 976 -5.70 4.23 20.51
N LEU E 977 -6.31 5.04 19.68
CA LEU E 977 -5.79 6.36 19.41
C LEU E 977 -5.78 7.20 20.65
N ASN E 978 -6.78 7.01 21.49
CA ASN E 978 -6.87 7.75 22.72
C ASN E 978 -5.80 7.37 23.75
N ASP E 979 -5.24 6.15 23.68
CA ASP E 979 -4.21 5.77 24.63
C ASP E 979 -2.94 6.47 24.24
N ILE E 980 -2.78 6.68 22.95
CA ILE E 980 -1.60 7.37 22.51
C ILE E 980 -1.70 8.82 22.91
N LEU E 981 -2.84 9.43 22.62
CA LEU E 981 -3.05 10.83 22.89
C LEU E 981 -3.05 11.19 24.37
N SER E 982 -3.57 10.32 25.21
CA SER E 982 -3.65 10.63 26.63
C SER E 982 -2.32 10.46 27.33
N ARG E 983 -1.32 9.88 26.66
CA ARG E 983 -0.06 9.64 27.34
C ARG E 983 1.12 10.35 26.74
N LEU E 984 1.17 10.51 25.42
CA LEU E 984 2.34 11.11 24.83
C LEU E 984 2.15 12.54 24.37
N ASP E 985 3.23 13.32 24.43
CA ASP E 985 3.23 14.66 23.88
C ASP E 985 3.28 14.54 22.37
N PRO E 986 2.76 15.51 21.59
CA PRO E 986 2.75 15.52 20.14
C PRO E 986 4.03 15.07 19.41
N PRO E 987 5.26 15.44 19.79
CA PRO E 987 6.44 15.03 19.08
C PRO E 987 6.61 13.52 19.03
N GLU E 988 5.97 12.81 19.96
CA GLU E 988 6.05 11.36 20.00
C GLU E 988 4.72 10.75 19.58
N ALA E 989 3.62 11.43 19.95
CA ALA E 989 2.30 10.91 19.67
C ALA E 989 2.11 10.80 18.19
N GLU E 990 2.68 11.73 17.44
CA GLU E 990 2.53 11.74 16.00
C GLU E 990 3.19 10.55 15.35
N VAL E 991 4.23 9.99 15.95
CA VAL E 991 4.89 8.87 15.33
C VAL E 991 3.97 7.68 15.40
N GLN E 992 3.37 7.50 16.56
CA GLN E 992 2.50 6.38 16.78
C GLN E 992 1.22 6.51 15.95
N ILE E 993 0.75 7.75 15.79
CA ILE E 993 -0.45 7.98 15.05
C ILE E 993 -0.21 7.72 13.60
N ASP E 994 0.91 8.18 13.07
CA ASP E 994 1.21 8.00 11.67
C ASP E 994 1.25 6.54 11.29
N ARG E 995 1.82 5.68 12.13
CA ARG E 995 1.80 4.29 11.72
C ARG E 995 0.39 3.69 11.79
N LEU E 996 -0.46 4.13 12.74
CA LEU E 996 -1.82 3.60 12.73
C LEU E 996 -2.56 4.06 11.50
N ILE E 997 -2.32 5.29 11.05
CA ILE E 997 -2.99 5.76 9.86
C ILE E 997 -2.61 4.94 8.67
N THR E 998 -1.34 4.65 8.52
CA THR E 998 -0.97 3.89 7.35
C THR E 998 -1.70 2.57 7.32
N GLY E 999 -1.72 1.88 8.45
CA GLY E 999 -2.37 0.58 8.51
C GLY E 999 -3.87 0.64 8.27
N ARG E 1000 -4.54 1.62 8.86
CA ARG E 1000 -5.97 1.71 8.71
C ARG E 1000 -6.36 2.13 7.32
N LEU E 1001 -5.56 2.99 6.71
CA LEU E 1001 -5.86 3.44 5.38
C LEU E 1001 -5.72 2.28 4.42
N GLN E 1002 -4.68 1.47 4.57
CA GLN E 1002 -4.51 0.34 3.69
C GLN E 1002 -5.65 -0.64 3.84
N SER E 1003 -6.13 -0.84 5.07
CA SER E 1003 -7.23 -1.77 5.30
C SER E 1003 -8.50 -1.29 4.65
N LEU E 1004 -8.73 0.01 4.70
CA LEU E 1004 -9.92 0.57 4.10
C LEU E 1004 -9.85 0.48 2.59
N GLN E 1005 -8.68 0.73 2.01
CA GLN E 1005 -8.55 0.64 0.56
C GLN E 1005 -8.83 -0.77 0.10
N THR E 1006 -8.37 -1.75 0.87
CA THR E 1006 -8.60 -3.13 0.51
C THR E 1006 -10.08 -3.42 0.50
N TYR E 1007 -10.80 -2.96 1.51
CA TYR E 1007 -12.22 -3.14 1.59
C TYR E 1007 -12.94 -2.57 0.39
N VAL E 1008 -12.62 -1.34 0.03
CA VAL E 1008 -13.33 -0.72 -1.06
C VAL E 1008 -13.07 -1.46 -2.35
N THR E 1009 -11.84 -1.87 -2.61
CA THR E 1009 -11.56 -2.58 -3.85
C THR E 1009 -12.39 -3.84 -3.92
N GLN E 1010 -12.48 -4.58 -2.82
CA GLN E 1010 -13.25 -5.80 -2.86
C GLN E 1010 -14.71 -5.53 -3.10
N GLN E 1011 -15.24 -4.43 -2.56
CA GLN E 1011 -16.63 -4.14 -2.80
C GLN E 1011 -16.89 -3.76 -4.23
N LEU E 1012 -15.94 -3.11 -4.90
CA LEU E 1012 -16.16 -2.77 -6.29
C LEU E 1012 -16.23 -4.02 -7.14
N ILE E 1013 -15.39 -5.00 -6.84
CA ILE E 1013 -15.41 -6.23 -7.60
C ILE E 1013 -16.71 -6.97 -7.34
N ARG E 1014 -17.10 -7.09 -6.08
CA ARG E 1014 -18.33 -7.76 -5.72
C ARG E 1014 -19.53 -7.06 -6.34
N ALA E 1015 -19.52 -5.74 -6.37
CA ALA E 1015 -20.62 -5.01 -6.93
C ALA E 1015 -20.81 -5.34 -8.38
N ALA E 1016 -19.71 -5.51 -9.11
CA ALA E 1016 -19.80 -5.86 -10.50
C ALA E 1016 -20.45 -7.22 -10.70
N GLU E 1017 -20.17 -8.14 -9.80
CA GLU E 1017 -20.74 -9.47 -9.93
C GLU E 1017 -22.25 -9.43 -9.77
N ILE E 1018 -22.69 -8.63 -8.82
CA ILE E 1018 -24.11 -8.51 -8.57
C ILE E 1018 -24.80 -7.83 -9.70
N ARG E 1019 -24.20 -6.79 -10.23
CA ARG E 1019 -24.79 -6.11 -11.36
C ARG E 1019 -24.97 -7.07 -12.51
N ALA E 1020 -23.98 -7.91 -12.78
CA ALA E 1020 -24.16 -8.84 -13.87
C ALA E 1020 -25.34 -9.75 -13.61
N SER E 1021 -25.52 -10.17 -12.36
CA SER E 1021 -26.68 -10.99 -12.05
C SER E 1021 -27.95 -10.21 -12.28
N ALA E 1022 -27.99 -8.96 -11.84
CA ALA E 1022 -29.17 -8.14 -12.01
C ALA E 1022 -29.52 -7.96 -13.47
N ASN E 1023 -28.51 -7.86 -14.33
CA ASN E 1023 -28.79 -7.70 -15.74
C ASN E 1023 -29.41 -8.96 -16.30
N LEU E 1024 -29.01 -10.11 -15.76
CA LEU E 1024 -29.57 -11.35 -16.22
C LEU E 1024 -31.00 -11.45 -15.75
N ALA E 1025 -31.23 -11.04 -14.52
CA ALA E 1025 -32.56 -11.10 -13.96
C ALA E 1025 -33.49 -10.21 -14.72
N ALA E 1026 -33.02 -9.03 -15.12
CA ALA E 1026 -33.84 -8.14 -15.88
C ALA E 1026 -34.15 -8.74 -17.23
N THR E 1027 -33.17 -9.41 -17.83
CA THR E 1027 -33.40 -10.03 -19.11
C THR E 1027 -34.44 -11.11 -18.99
N LYS E 1028 -34.36 -11.94 -17.96
CA LYS E 1028 -35.35 -12.99 -17.79
C LYS E 1028 -36.73 -12.44 -17.53
N MET E 1029 -36.82 -11.36 -16.80
CA MET E 1029 -38.14 -10.83 -16.61
C MET E 1029 -38.72 -10.49 -17.99
N SER E 1030 -37.92 -9.82 -18.83
CA SER E 1030 -38.41 -9.45 -20.15
C SER E 1030 -38.70 -10.61 -21.08
N GLU E 1031 -37.87 -11.63 -21.07
CA GLU E 1031 -38.05 -12.74 -22.00
C GLU E 1031 -38.84 -13.97 -21.52
N CYS E 1032 -38.91 -14.22 -20.19
CA CYS E 1032 -39.59 -15.37 -19.58
C CYS E 1032 -40.95 -14.94 -19.04
N VAL E 1033 -41.05 -13.73 -18.46
CA VAL E 1033 -42.32 -13.31 -17.89
C VAL E 1033 -43.17 -12.53 -18.88
N LEU E 1034 -42.57 -11.65 -19.64
CA LEU E 1034 -43.32 -10.82 -20.56
C LEU E 1034 -43.40 -11.40 -21.97
N GLY E 1035 -43.08 -12.67 -22.12
CA GLY E 1035 -43.18 -13.35 -23.40
C GLY E 1035 -42.82 -14.81 -23.28
N GLN E 1036 -42.79 -15.50 -24.40
CA GLN E 1036 -42.48 -16.92 -24.43
C GLN E 1036 -41.17 -17.14 -25.15
N SER E 1037 -40.16 -17.56 -24.41
CA SER E 1037 -38.81 -17.73 -24.92
C SER E 1037 -38.57 -18.98 -25.76
N LYS E 1038 -37.71 -18.83 -26.77
CA LYS E 1038 -37.28 -19.94 -27.60
C LYS E 1038 -35.86 -20.39 -27.28
N ARG E 1039 -35.27 -19.77 -26.28
CA ARG E 1039 -33.91 -20.09 -25.90
C ARG E 1039 -34.01 -21.35 -25.05
N VAL E 1040 -33.23 -22.36 -25.40
CA VAL E 1040 -33.42 -23.70 -24.87
C VAL E 1040 -33.38 -23.92 -23.38
N ASP E 1041 -32.42 -23.39 -22.66
CA ASP E 1041 -32.41 -23.60 -21.22
C ASP E 1041 -32.56 -22.29 -20.52
N PHE E 1042 -33.03 -21.30 -21.24
CA PHE E 1042 -33.05 -19.98 -20.64
C PHE E 1042 -34.08 -19.80 -19.51
N CYS E 1043 -35.30 -20.36 -19.68
CA CYS E 1043 -36.43 -20.18 -18.78
C CYS E 1043 -36.82 -21.55 -18.18
N GLY E 1044 -35.83 -22.27 -17.68
CA GLY E 1044 -36.07 -23.58 -17.08
C GLY E 1044 -35.90 -24.69 -18.09
N LYS E 1045 -35.91 -25.94 -17.62
CA LYS E 1045 -35.77 -27.10 -18.49
C LYS E 1045 -37.12 -27.55 -19.01
N GLY E 1046 -37.15 -27.97 -20.27
CA GLY E 1046 -38.37 -28.42 -20.91
C GLY E 1046 -38.79 -27.32 -21.86
N TYR E 1047 -39.95 -27.42 -22.48
CA TYR E 1047 -40.31 -26.39 -23.41
C TYR E 1047 -41.00 -25.28 -22.64
N HIS E 1048 -40.57 -24.05 -22.79
CA HIS E 1048 -41.19 -23.03 -21.97
C HIS E 1048 -42.57 -22.62 -22.39
N LEU E 1049 -43.47 -22.50 -21.41
CA LEU E 1049 -44.81 -22.01 -21.64
C LEU E 1049 -44.98 -20.62 -21.08
N MET E 1050 -44.63 -20.42 -19.80
CA MET E 1050 -44.81 -19.13 -19.12
C MET E 1050 -44.05 -19.05 -17.83
N SER E 1051 -43.86 -17.85 -17.29
CA SER E 1051 -43.21 -17.72 -15.99
C SER E 1051 -43.86 -16.68 -15.11
N PHE E 1052 -43.66 -16.84 -13.81
CA PHE E 1052 -44.21 -15.89 -12.85
C PHE E 1052 -43.14 -15.45 -11.85
N PRO E 1053 -42.89 -14.17 -11.66
CA PRO E 1053 -41.93 -13.66 -10.70
C PRO E 1053 -42.52 -13.68 -9.30
N GLN E 1054 -41.65 -13.78 -8.31
CA GLN E 1054 -41.93 -13.58 -6.89
C GLN E 1054 -40.77 -12.77 -6.32
N SER E 1055 -41.02 -11.87 -5.37
CA SER E 1055 -39.92 -11.12 -4.77
C SER E 1055 -39.22 -11.91 -3.69
N ALA E 1056 -38.04 -11.45 -3.31
CA ALA E 1056 -37.24 -12.08 -2.28
C ALA E 1056 -36.29 -11.03 -1.73
N PRO E 1057 -35.74 -11.16 -0.52
CA PRO E 1057 -34.79 -10.23 -0.02
C PRO E 1057 -33.65 -10.11 -0.97
N HIS E 1058 -33.34 -8.90 -1.38
CA HIS E 1058 -32.25 -8.65 -2.30
C HIS E 1058 -32.22 -9.50 -3.56
N GLY E 1059 -33.38 -9.86 -4.10
CA GLY E 1059 -33.36 -10.70 -5.28
C GLY E 1059 -34.71 -11.03 -5.85
N VAL E 1060 -34.69 -11.86 -6.86
CA VAL E 1060 -35.93 -12.24 -7.53
C VAL E 1060 -35.96 -13.74 -7.71
N VAL E 1061 -37.14 -14.30 -7.56
CA VAL E 1061 -37.33 -15.71 -7.76
C VAL E 1061 -38.31 -15.95 -8.89
N PHE E 1062 -37.92 -16.77 -9.84
CA PHE E 1062 -38.82 -17.04 -10.93
C PHE E 1062 -39.36 -18.43 -10.88
N LEU E 1063 -40.65 -18.55 -11.12
CA LEU E 1063 -41.26 -19.86 -11.24
C LEU E 1063 -41.48 -20.10 -12.71
N HIS E 1064 -40.82 -21.09 -13.26
CA HIS E 1064 -40.89 -21.34 -14.69
C HIS E 1064 -41.74 -22.52 -14.99
N VAL E 1065 -42.74 -22.35 -15.82
CA VAL E 1065 -43.66 -23.41 -16.15
C VAL E 1065 -43.30 -23.96 -17.50
N THR E 1066 -42.97 -25.25 -17.55
CA THR E 1066 -42.56 -25.85 -18.81
C THR E 1066 -43.32 -27.14 -19.13
N TYR E 1067 -43.33 -27.45 -20.41
CA TYR E 1067 -43.95 -28.66 -20.95
C TYR E 1067 -42.92 -29.73 -21.17
N VAL E 1068 -43.16 -30.90 -20.61
CA VAL E 1068 -42.22 -31.98 -20.77
C VAL E 1068 -42.89 -33.24 -21.34
N PRO E 1069 -42.47 -33.77 -22.50
CA PRO E 1069 -43.00 -34.99 -23.10
C PRO E 1069 -42.81 -36.08 -22.07
N ALA E 1070 -43.75 -37.01 -21.90
CA ALA E 1070 -43.54 -37.97 -20.82
C ALA E 1070 -43.93 -39.44 -21.00
N GLN E 1071 -43.95 -39.98 -22.21
CA GLN E 1071 -44.35 -41.40 -22.44
C GLN E 1071 -43.99 -41.20 -23.89
N GLU E 1072 -43.03 -41.94 -24.37
CA GLU E 1072 -42.80 -42.34 -25.74
C GLU E 1072 -43.03 -43.79 -26.08
N LYS E 1073 -43.36 -44.00 -27.34
CA LYS E 1073 -43.52 -45.31 -27.94
C LYS E 1073 -42.66 -45.40 -29.21
N ASN E 1074 -42.24 -46.63 -29.58
CA ASN E 1074 -41.45 -46.98 -30.76
C ASN E 1074 -42.34 -47.16 -32.01
N PHE E 1075 -42.20 -46.27 -33.02
CA PHE E 1075 -42.95 -46.31 -34.29
C PHE E 1075 -41.98 -46.48 -35.45
N THR E 1076 -42.45 -47.09 -36.53
CA THR E 1076 -41.62 -47.20 -37.71
C THR E 1076 -41.80 -45.93 -38.49
N THR E 1077 -40.76 -45.42 -39.13
CA THR E 1077 -40.92 -44.21 -39.90
C THR E 1077 -40.35 -44.24 -41.31
N ALA E 1078 -40.58 -43.16 -42.03
CA ALA E 1078 -40.10 -42.95 -43.38
C ALA E 1078 -40.07 -41.47 -43.68
N PRO E 1079 -39.12 -40.96 -44.47
CA PRO E 1079 -39.04 -39.59 -44.89
C PRO E 1079 -40.09 -39.15 -45.87
N ALA E 1080 -40.70 -40.10 -46.57
CA ALA E 1080 -41.68 -39.79 -47.59
C ALA E 1080 -42.49 -41.01 -47.94
N ILE E 1081 -43.64 -40.78 -48.55
CA ILE E 1081 -44.46 -41.84 -49.14
C ILE E 1081 -44.68 -41.57 -50.62
N CYS E 1082 -44.44 -42.58 -51.50
CA CYS E 1082 -44.64 -42.43 -52.94
C CYS E 1082 -45.95 -43.11 -53.36
N HIS E 1083 -46.79 -42.35 -54.03
CA HIS E 1083 -48.10 -42.80 -54.49
C HIS E 1083 -48.26 -42.51 -55.97
N ASP E 1084 -48.40 -43.56 -56.77
CA ASP E 1084 -48.52 -43.46 -58.22
C ASP E 1084 -47.38 -42.70 -58.84
N GLY E 1085 -46.19 -42.90 -58.31
CA GLY E 1085 -44.99 -42.28 -58.83
C GLY E 1085 -44.66 -40.92 -58.24
N LYS E 1086 -45.58 -40.31 -57.48
CA LYS E 1086 -45.35 -38.99 -56.91
C LYS E 1086 -44.82 -39.06 -55.50
N ALA E 1087 -43.82 -38.25 -55.17
CA ALA E 1087 -43.32 -38.28 -53.79
C ALA E 1087 -44.05 -37.27 -52.90
N HIS E 1088 -44.70 -37.79 -51.86
CA HIS E 1088 -45.48 -37.00 -50.92
C HIS E 1088 -44.77 -36.81 -49.57
N PHE E 1089 -44.68 -35.56 -49.15
CA PHE E 1089 -44.04 -35.19 -47.90
C PHE E 1089 -45.07 -34.54 -47.01
N PRO E 1090 -45.02 -34.66 -45.69
CA PRO E 1090 -45.99 -34.04 -44.82
C PRO E 1090 -45.76 -32.55 -44.79
N ARG E 1091 -46.83 -31.78 -44.63
CA ARG E 1091 -46.65 -30.35 -44.44
C ARG E 1091 -46.17 -30.10 -43.02
N GLU E 1092 -46.72 -30.86 -42.10
CA GLU E 1092 -46.40 -30.79 -40.69
C GLU E 1092 -46.38 -32.21 -40.18
N GLY E 1093 -45.54 -32.49 -39.21
CA GLY E 1093 -45.53 -33.83 -38.65
C GLY E 1093 -44.67 -34.78 -39.43
N VAL E 1094 -44.77 -36.05 -39.07
CA VAL E 1094 -44.01 -37.12 -39.65
C VAL E 1094 -44.88 -38.28 -40.03
N PHE E 1095 -44.37 -39.14 -40.90
CA PHE E 1095 -45.11 -40.35 -41.20
C PHE E 1095 -44.68 -41.44 -40.25
N VAL E 1096 -45.64 -42.17 -39.73
CA VAL E 1096 -45.37 -43.27 -38.82
C VAL E 1096 -46.13 -44.51 -39.18
N SER E 1097 -45.67 -45.63 -38.69
CA SER E 1097 -46.39 -46.87 -38.83
C SER E 1097 -46.45 -47.68 -37.57
N ASN E 1098 -47.63 -48.27 -37.32
CA ASN E 1098 -47.94 -49.15 -36.18
C ASN E 1098 -47.71 -50.64 -36.51
N GLY E 1099 -47.12 -50.95 -37.70
CA GLY E 1099 -46.81 -52.27 -38.23
C GLY E 1099 -47.74 -52.68 -39.36
N THR E 1100 -48.94 -52.11 -39.45
CA THR E 1100 -49.81 -52.47 -40.56
C THR E 1100 -50.30 -51.26 -41.36
N HIS E 1101 -50.40 -50.11 -40.70
CA HIS E 1101 -50.90 -48.92 -41.37
C HIS E 1101 -50.06 -47.70 -41.10
N TRP E 1102 -49.96 -46.86 -42.14
CA TRP E 1102 -49.25 -45.59 -42.07
C TRP E 1102 -50.17 -44.43 -41.82
N PHE E 1103 -49.72 -43.56 -40.93
CA PHE E 1103 -50.41 -42.37 -40.47
C PHE E 1103 -49.49 -41.18 -40.45
N VAL E 1104 -50.06 -40.00 -40.43
CA VAL E 1104 -49.24 -38.80 -40.27
C VAL E 1104 -49.57 -38.17 -38.94
N THR E 1105 -48.55 -37.74 -38.20
CA THR E 1105 -48.86 -37.16 -36.91
C THR E 1105 -47.94 -36.02 -36.50
N GLN E 1106 -48.43 -35.14 -35.64
CA GLN E 1106 -47.61 -34.04 -35.15
C GLN E 1106 -46.43 -34.58 -34.36
N ARG E 1107 -45.30 -33.92 -34.47
CA ARG E 1107 -44.09 -34.40 -33.84
C ARG E 1107 -44.04 -34.51 -32.34
N ASN E 1108 -44.70 -33.61 -31.63
CA ASN E 1108 -44.54 -33.62 -30.20
C ASN E 1108 -45.66 -34.29 -29.43
N PHE E 1109 -46.56 -34.96 -30.09
CA PHE E 1109 -47.64 -35.61 -29.38
C PHE E 1109 -48.33 -36.61 -30.27
N TYR E 1110 -48.34 -37.87 -29.89
CA TYR E 1110 -48.90 -38.81 -30.82
C TYR E 1110 -50.38 -38.62 -31.00
N GLU E 1111 -50.77 -38.44 -32.24
CA GLU E 1111 -52.14 -38.22 -32.66
C GLU E 1111 -52.27 -38.59 -34.12
N PRO E 1112 -52.41 -39.86 -34.47
CA PRO E 1112 -52.33 -40.34 -35.83
C PRO E 1112 -53.50 -39.88 -36.64
N GLN E 1113 -53.25 -39.53 -37.88
CA GLN E 1113 -54.30 -39.17 -38.81
C GLN E 1113 -54.16 -39.89 -40.13
N ILE E 1114 -55.26 -40.05 -40.83
CA ILE E 1114 -55.22 -40.66 -42.14
C ILE E 1114 -54.47 -39.74 -43.06
N ILE E 1115 -53.57 -40.30 -43.85
CA ILE E 1115 -52.79 -39.47 -44.74
C ILE E 1115 -53.59 -39.12 -45.96
N THR E 1116 -53.79 -37.82 -46.15
CA THR E 1116 -54.57 -37.32 -47.25
C THR E 1116 -53.79 -36.24 -47.99
N THR E 1117 -54.37 -35.78 -49.07
CA THR E 1117 -53.77 -34.74 -49.88
C THR E 1117 -53.77 -33.38 -49.17
N ASP E 1118 -54.49 -33.27 -48.06
CA ASP E 1118 -54.53 -32.06 -47.28
C ASP E 1118 -53.46 -32.10 -46.21
N ASN E 1119 -52.75 -33.21 -46.10
CA ASN E 1119 -51.71 -33.37 -45.12
C ASN E 1119 -50.36 -33.27 -45.77
N THR E 1120 -50.28 -33.68 -47.04
CA THR E 1120 -49.01 -33.72 -47.74
C THR E 1120 -48.90 -32.82 -48.95
N PHE E 1121 -47.67 -32.60 -49.38
CA PHE E 1121 -47.38 -31.85 -50.58
C PHE E 1121 -46.54 -32.71 -51.49
N VAL E 1122 -46.53 -32.42 -52.77
CA VAL E 1122 -45.77 -33.23 -53.70
C VAL E 1122 -44.62 -32.57 -54.39
N SER E 1123 -43.49 -33.26 -54.36
CA SER E 1123 -42.30 -32.80 -55.06
C SER E 1123 -41.44 -33.97 -55.47
N GLY E 1124 -41.13 -34.08 -56.75
CA GLY E 1124 -40.30 -35.19 -57.19
C GLY E 1124 -41.09 -36.49 -57.30
N ASN E 1125 -40.37 -37.60 -57.32
CA ASN E 1125 -40.95 -38.92 -57.57
C ASN E 1125 -40.24 -40.04 -56.76
N CYS E 1126 -40.71 -41.30 -56.95
CA CYS E 1126 -40.25 -42.51 -56.25
C CYS E 1126 -38.74 -42.80 -56.40
N ASP E 1127 -38.09 -42.23 -57.40
CA ASP E 1127 -36.68 -42.54 -57.63
C ASP E 1127 -35.67 -41.62 -56.98
N VAL E 1128 -36.10 -40.62 -56.24
CA VAL E 1128 -35.13 -39.69 -55.68
C VAL E 1128 -34.88 -39.81 -54.18
N VAL E 1129 -35.92 -39.97 -53.40
CA VAL E 1129 -35.80 -40.00 -51.95
C VAL E 1129 -35.33 -41.35 -51.46
N ILE E 1130 -34.33 -41.34 -50.59
CA ILE E 1130 -33.81 -42.57 -50.06
C ILE E 1130 -34.71 -43.08 -48.96
N GLY E 1131 -35.15 -44.34 -49.07
CA GLY E 1131 -36.02 -44.91 -48.05
C GLY E 1131 -37.47 -44.52 -48.16
N ILE E 1132 -37.93 -44.19 -49.36
CA ILE E 1132 -39.31 -43.80 -49.56
C ILE E 1132 -40.22 -45.03 -49.57
N VAL E 1133 -41.32 -44.92 -48.83
CA VAL E 1133 -42.32 -45.98 -48.66
C VAL E 1133 -43.40 -46.02 -49.73
N ASN E 1134 -43.77 -47.24 -50.15
CA ASN E 1134 -44.81 -47.58 -51.13
C ASN E 1134 -46.19 -47.63 -50.44
N ASN E 1135 -47.07 -46.62 -50.66
CA ASN E 1135 -48.39 -46.50 -49.99
C ASN E 1135 -49.29 -45.58 -50.77
N THR E 1136 -50.52 -45.36 -50.30
CA THR E 1136 -51.43 -44.46 -50.98
C THR E 1136 -51.81 -43.26 -50.14
N VAL E 1137 -52.24 -42.20 -50.82
CA VAL E 1137 -52.71 -40.98 -50.18
C VAL E 1137 -54.16 -40.73 -50.56
N TYR E 1138 -55.00 -40.50 -49.57
CA TYR E 1138 -56.42 -40.28 -49.84
C TYR E 1138 -56.79 -38.88 -50.28
N ASP E 1139 -57.59 -38.78 -51.34
CA ASP E 1139 -58.06 -37.49 -51.85
C ASP E 1139 -59.56 -37.33 -51.61
N PRO E 1140 -60.00 -36.52 -50.62
CA PRO E 1140 -61.37 -36.30 -50.19
C PRO E 1140 -62.30 -35.81 -51.28
N LEU E 1141 -61.77 -35.25 -52.35
CA LEU E 1141 -62.61 -34.76 -53.41
C LEU E 1141 -63.25 -35.87 -54.21
N GLN E 1142 -62.55 -36.98 -54.41
CA GLN E 1142 -63.09 -37.99 -55.28
C GLN E 1142 -64.55 -38.37 -55.00
N PRO E 1143 -64.95 -38.79 -53.78
CA PRO E 1143 -66.32 -39.16 -53.48
C PRO E 1143 -67.29 -37.99 -53.54
N GLU E 1144 -66.81 -36.76 -53.46
CA GLU E 1144 -67.70 -35.62 -53.49
C GLU E 1144 -68.16 -35.40 -54.91
N LEU E 1145 -67.25 -35.67 -55.85
CA LEU E 1145 -67.55 -35.54 -57.26
C LEU E 1145 -68.52 -36.64 -57.67
N ASP E 1146 -68.31 -37.83 -57.11
CA ASP E 1146 -69.14 -39.00 -57.43
C ASP E 1146 -70.55 -39.01 -56.78
N SER E 1147 -70.68 -38.50 -55.53
CA SER E 1147 -71.91 -38.42 -54.75
C SER E 1147 -72.71 -37.20 -55.22
N VAL F 2 45.28 24.76 22.32
CA VAL F 2 44.85 25.15 23.67
C VAL F 2 45.95 24.87 24.74
N GLN F 3 46.80 23.84 24.52
CA GLN F 3 47.86 23.39 25.43
C GLN F 3 49.14 24.22 25.24
N LEU F 4 48.99 25.52 25.54
CA LEU F 4 50.03 26.53 25.43
C LEU F 4 50.03 27.53 26.57
N VAL F 5 51.23 27.90 26.99
CA VAL F 5 51.38 28.96 27.98
C VAL F 5 52.30 30.04 27.47
N GLU F 6 51.88 31.31 27.60
CA GLU F 6 52.74 32.43 27.19
C GLU F 6 53.33 33.13 28.39
N SER F 7 54.48 33.76 28.20
CA SER F 7 55.09 34.60 29.21
C SER F 7 56.03 35.63 28.60
N GLY F 8 56.67 36.40 29.48
CA GLY F 8 57.64 37.42 29.06
C GLY F 8 57.08 38.78 28.66
N GLY F 9 55.85 39.11 29.04
CA GLY F 9 55.32 40.41 28.63
C GLY F 9 55.77 41.46 29.64
N GLY F 10 55.17 42.64 29.59
CA GLY F 10 55.57 43.72 30.47
C GLY F 10 55.75 45.06 29.76
N LEU F 11 56.01 46.09 30.55
CA LEU F 11 56.20 47.45 30.06
C LEU F 11 57.66 47.81 29.92
N VAL F 12 58.02 48.27 28.74
CA VAL F 12 59.36 48.71 28.45
C VAL F 12 59.33 50.07 27.80
N GLN F 13 60.44 50.78 27.86
CA GLN F 13 60.59 52.03 27.15
C GLN F 13 61.05 51.67 25.76
N ALA F 14 60.60 52.41 24.75
CA ALA F 14 61.01 52.17 23.39
C ALA F 14 62.51 52.14 23.28
N GLY F 15 62.99 51.19 22.50
CA GLY F 15 64.40 50.94 22.30
C GLY F 15 64.74 49.69 23.12
N GLY F 16 66.01 49.37 23.24
CA GLY F 16 66.39 48.16 23.97
C GLY F 16 65.76 46.94 23.33
N SER F 17 65.21 46.04 24.17
CA SER F 17 64.56 44.82 23.70
C SER F 17 63.68 44.14 24.75
N LEU F 18 62.83 43.22 24.30
CA LEU F 18 62.03 42.35 25.16
C LEU F 18 61.98 40.91 24.63
N ARG F 19 62.15 39.93 25.51
CA ARG F 19 62.07 38.52 25.13
C ARG F 19 60.74 37.86 25.47
N LEU F 20 60.04 37.35 24.46
CA LEU F 20 58.81 36.60 24.68
C LEU F 20 59.09 35.14 24.54
N SER F 21 58.35 34.35 25.26
CA SER F 21 58.48 32.92 25.11
C SER F 21 57.18 32.22 25.43
N CYS F 22 57.05 30.97 24.95
CA CYS F 22 55.93 30.08 25.25
C CYS F 22 56.38 28.64 25.25
N ALA F 23 55.58 27.82 25.89
CA ALA F 23 55.83 26.39 25.93
C ALA F 23 54.63 25.68 25.38
N ALA F 24 54.87 24.54 24.74
CA ALA F 24 53.81 23.78 24.14
C ALA F 24 53.88 22.32 24.45
N SER F 25 52.72 21.70 24.47
CA SER F 25 52.66 20.25 24.56
C SER F 25 53.13 19.71 23.23
N GLY F 26 53.49 18.43 23.18
CA GLY F 26 53.95 17.83 21.93
C GLY F 26 52.91 17.96 20.83
N TYR F 27 51.64 17.92 21.21
CA TYR F 27 50.54 18.03 20.26
C TYR F 27 50.65 19.29 19.40
N ILE F 28 51.04 20.40 20.00
CA ILE F 28 51.14 21.66 19.27
C ILE F 28 52.56 21.84 18.74
N PHE F 29 53.53 21.46 19.53
CA PHE F 29 54.92 21.66 19.16
C PHE F 29 55.28 20.88 17.90
N GLY F 30 54.56 19.78 17.68
CA GLY F 30 54.68 18.89 16.54
C GLY F 30 54.01 19.42 15.26
N ARG F 31 53.34 20.57 15.33
CA ARG F 31 52.65 21.13 14.18
C ARG F 31 53.68 21.58 13.18
N ASN F 32 53.31 21.65 11.91
CA ASN F 32 54.25 22.01 10.87
C ASN F 32 55.02 23.28 11.13
N ALA F 33 54.37 24.26 11.75
CA ALA F 33 55.01 25.52 12.07
C ALA F 33 54.30 26.23 13.20
N MET F 34 55.05 27.05 13.95
CA MET F 34 54.53 27.88 15.04
C MET F 34 55.05 29.28 15.01
N GLY F 35 54.26 30.21 15.54
CA GLY F 35 54.71 31.58 15.57
C GLY F 35 53.96 32.46 16.54
N TRP F 36 54.26 33.74 16.43
CA TRP F 36 53.65 34.72 17.29
C TRP F 36 52.75 35.60 16.52
N TYR F 37 51.64 35.89 17.15
CA TYR F 37 50.58 36.74 16.66
C TYR F 37 50.39 37.90 17.60
N ARG F 38 49.90 39.02 17.12
CA ARG F 38 49.61 40.08 18.07
C ARG F 38 48.31 40.80 17.76
N GLN F 39 47.64 41.27 18.79
CA GLN F 39 46.44 42.04 18.60
C GLN F 39 46.48 43.35 19.35
N ALA F 40 46.43 44.45 18.62
CA ALA F 40 46.43 45.76 19.23
C ALA F 40 44.97 46.15 19.41
N PRO F 41 44.60 46.95 20.40
CA PRO F 41 43.22 47.37 20.58
C PRO F 41 42.70 48.02 19.31
N GLY F 42 41.50 47.60 18.91
CA GLY F 42 40.83 48.13 17.72
C GLY F 42 41.29 47.48 16.41
N LYS F 43 42.22 46.53 16.50
CA LYS F 43 42.78 45.87 15.33
C LYS F 43 42.49 44.38 15.32
N GLU F 44 42.61 43.78 14.15
CA GLU F 44 42.48 42.35 14.02
C GLU F 44 43.80 41.73 14.43
N ARG F 45 43.78 40.50 14.89
CA ARG F 45 45.01 39.83 15.24
C ARG F 45 45.79 39.50 13.98
N GLU F 46 47.10 39.71 14.00
CA GLU F 46 47.94 39.41 12.85
C GLU F 46 49.16 38.58 13.20
N LEU F 47 49.66 37.81 12.23
CA LEU F 47 50.88 37.05 12.45
C LEU F 47 52.07 37.99 12.37
N VAL F 48 52.93 37.93 13.37
CA VAL F 48 54.11 38.76 13.45
C VAL F 48 55.31 38.05 12.87
N ALA F 49 55.52 36.82 13.33
CA ALA F 49 56.67 36.05 12.89
C ALA F 49 56.40 34.56 13.02
N GLY F 50 57.05 33.76 12.19
CA GLY F 50 56.87 32.32 12.32
C GLY F 50 58.12 31.53 11.98
N ILE F 51 58.21 30.36 12.62
CA ILE F 51 59.29 29.40 12.39
C ILE F 51 58.76 27.98 12.15
N THR F 52 59.26 27.32 11.10
CA THR F 52 58.78 25.98 10.83
C THR F 52 59.43 24.96 11.72
N ARG F 53 58.82 23.78 11.76
CA ARG F 53 59.36 22.66 12.50
C ARG F 53 60.47 21.99 11.74
N ARG F 54 60.32 21.93 10.44
CA ARG F 54 61.27 21.28 9.59
C ARG F 54 62.06 22.31 8.80
N GLY F 55 63.37 22.31 9.02
CA GLY F 55 64.27 23.24 8.33
C GLY F 55 64.47 24.54 9.08
N SER F 56 63.71 24.75 10.16
CA SER F 56 63.78 25.98 10.95
C SER F 56 63.72 27.18 10.03
N ILE F 57 62.77 27.15 9.11
CA ILE F 57 62.57 28.23 8.17
C ILE F 57 61.86 29.35 8.85
N THR F 58 62.39 30.56 8.76
CA THR F 58 61.71 31.65 9.40
C THR F 58 61.27 32.67 8.42
N TYR F 59 60.24 33.38 8.82
CA TYR F 59 59.73 34.49 8.06
C TYR F 59 59.12 35.51 8.98
N TYR F 60 59.07 36.75 8.52
CA TYR F 60 58.55 37.84 9.34
C TYR F 60 57.63 38.74 8.57
N ALA F 61 56.69 39.37 9.27
CA ALA F 61 55.84 40.38 8.66
C ALA F 61 56.71 41.58 8.30
N ASP F 62 56.40 42.27 7.20
CA ASP F 62 57.25 43.40 6.79
C ASP F 62 57.49 44.44 7.87
N SER F 63 56.47 44.70 8.67
CA SER F 63 56.55 45.74 9.68
C SER F 63 57.57 45.49 10.78
N VAL F 64 58.05 44.24 10.92
CA VAL F 64 59.02 43.85 11.94
C VAL F 64 60.31 43.23 11.36
N LYS F 65 60.47 43.24 10.03
CA LYS F 65 61.64 42.56 9.44
C LYS F 65 62.98 43.12 9.89
N GLY F 66 63.03 44.40 10.20
CA GLY F 66 64.30 44.99 10.59
C GLY F 66 64.61 44.88 12.07
N ARG F 67 63.75 44.24 12.88
CA ARG F 67 64.06 44.21 14.30
C ARG F 67 63.65 42.95 15.09
N PHE F 68 62.80 42.06 14.54
CA PHE F 68 62.43 40.87 15.33
C PHE F 68 63.15 39.59 14.87
N THR F 69 63.48 38.72 15.82
CA THR F 69 64.03 37.39 15.53
C THR F 69 63.22 36.28 16.18
N ILE F 70 62.85 35.27 15.41
CA ILE F 70 62.08 34.16 15.96
C ILE F 70 62.93 32.89 15.91
N SER F 71 62.84 32.09 16.95
CA SER F 71 63.59 30.85 17.05
C SER F 71 62.84 29.82 17.89
N ARG F 72 63.28 28.56 17.82
CA ARG F 72 62.67 27.52 18.63
C ARG F 72 63.73 26.61 19.22
N ASP F 73 63.39 25.96 20.31
CA ASP F 73 64.30 25.02 20.96
C ASP F 73 63.57 23.74 21.28
N ASN F 74 63.85 22.73 20.46
CA ASN F 74 63.10 21.51 20.53
C ASN F 74 63.34 20.77 21.83
N ALA F 75 64.47 20.99 22.48
CA ALA F 75 64.77 20.24 23.68
C ALA F 75 63.74 20.44 24.79
N LYS F 76 63.14 21.62 24.84
CA LYS F 76 62.19 21.94 25.90
C LYS F 76 60.79 22.13 25.36
N ASN F 77 60.59 21.83 24.08
CA ASN F 77 59.34 22.09 23.41
C ASN F 77 58.89 23.57 23.53
N THR F 78 59.84 24.51 23.32
CA THR F 78 59.51 25.95 23.43
C THR F 78 59.78 26.76 22.15
N VAL F 79 59.14 27.92 22.09
CA VAL F 79 59.27 28.90 21.01
C VAL F 79 59.57 30.28 21.59
N TYR F 80 60.50 31.01 20.97
CA TYR F 80 60.89 32.33 21.43
C TYR F 80 60.78 33.42 20.38
N LEU F 81 60.49 34.64 20.85
CA LEU F 81 60.53 35.79 19.96
C LEU F 81 61.31 36.91 20.62
N GLN F 82 62.37 37.33 19.98
CA GLN F 82 63.20 38.38 20.51
C GLN F 82 62.86 39.66 19.78
N MET F 83 62.29 40.62 20.50
CA MET F 83 61.87 41.84 19.85
C MET F 83 62.81 42.97 20.18
N ASN F 84 63.63 43.38 19.22
CA ASN F 84 64.60 44.42 19.48
C ASN F 84 64.07 45.74 19.00
N SER F 85 64.62 46.83 19.53
CA SER F 85 64.27 48.16 19.08
C SER F 85 62.77 48.39 19.06
N LEU F 86 62.10 47.98 20.13
CA LEU F 86 60.66 48.16 20.22
C LEU F 86 60.25 49.60 20.18
N LYS F 87 59.18 49.86 19.43
CA LYS F 87 58.63 51.19 19.29
C LYS F 87 57.22 51.19 19.88
N PRO F 88 56.62 52.34 20.25
CA PRO F 88 55.26 52.44 20.78
C PRO F 88 54.21 51.73 19.91
N GLU F 89 54.47 51.65 18.60
CA GLU F 89 53.61 51.01 17.63
C GLU F 89 53.50 49.50 17.84
N ASP F 90 54.42 48.92 18.61
CA ASP F 90 54.45 47.50 18.85
C ASP F 90 53.63 47.10 20.07
N THR F 91 52.94 48.07 20.70
CA THR F 91 52.09 47.71 21.83
C THR F 91 50.96 46.83 21.33
N ALA F 92 50.82 45.66 21.92
CA ALA F 92 49.79 44.68 21.54
C ALA F 92 49.77 43.53 22.52
N VAL F 93 48.73 42.72 22.48
CA VAL F 93 48.80 41.48 23.22
C VAL F 93 49.38 40.43 22.29
N TYR F 94 50.42 39.75 22.73
CA TYR F 94 51.08 38.75 21.93
C TYR F 94 50.59 37.36 22.30
N TYR F 95 50.39 36.52 21.29
CA TYR F 95 49.90 35.17 21.46
C TYR F 95 50.78 34.13 20.76
N CYS F 96 50.89 32.94 21.37
CA CYS F 96 51.60 31.78 20.83
C CYS F 96 50.56 30.88 20.15
N ALA F 97 50.77 30.55 18.89
CA ALA F 97 49.83 29.68 18.18
C ALA F 97 50.45 29.08 16.94
N ALA F 98 49.82 28.04 16.40
CA ALA F 98 50.30 27.41 15.17
C ALA F 98 50.27 28.39 14.00
N ASP F 99 51.22 28.29 13.08
CA ASP F 99 51.18 29.20 11.94
C ASP F 99 49.85 29.06 11.19
N PRO F 100 49.31 27.86 10.92
CA PRO F 100 47.96 27.69 10.43
C PRO F 100 47.02 27.64 11.61
N ALA F 101 46.96 28.66 12.45
CA ALA F 101 46.10 28.55 13.63
C ALA F 101 44.67 28.76 13.24
N SER F 102 43.78 27.92 13.75
CA SER F 102 42.37 28.09 13.49
C SER F 102 41.47 27.18 14.34
N PRO F 103 40.28 27.63 14.76
CA PRO F 103 39.25 26.82 15.40
C PRO F 103 38.91 25.62 14.52
N ALA F 104 39.11 25.75 13.21
CA ALA F 104 38.85 24.72 12.23
C ALA F 104 39.73 23.49 12.45
N TYR F 105 40.85 23.67 13.11
CA TYR F 105 41.80 22.60 13.37
C TYR F 105 41.77 22.24 14.85
N GLY F 106 40.82 22.80 15.58
CA GLY F 106 40.73 22.57 17.02
C GLY F 106 41.67 23.46 17.84
N ASP F 107 42.13 24.58 17.30
CA ASP F 107 43.00 25.45 18.05
C ASP F 107 42.21 26.41 18.89
N TYR F 108 42.82 26.87 19.96
CA TYR F 108 42.28 27.87 20.84
C TYR F 108 43.32 28.91 21.10
N TRP F 109 42.89 30.12 21.35
CA TRP F 109 43.81 31.17 21.70
C TRP F 109 44.00 31.14 23.21
N GLY F 110 45.21 31.44 23.66
CA GLY F 110 45.51 31.47 25.08
C GLY F 110 45.23 32.84 25.65
N GLN F 111 45.82 33.14 26.80
CA GLN F 111 45.57 34.44 27.40
C GLN F 111 46.36 35.50 26.65
N GLY F 112 47.53 35.11 26.17
CA GLY F 112 48.41 36.04 25.49
C GLY F 112 49.12 36.83 26.56
N THR F 113 50.03 37.68 26.16
CA THR F 113 50.68 38.51 27.16
C THR F 113 50.78 39.93 26.63
N GLN F 114 50.52 40.89 27.48
CA GLN F 114 50.58 42.27 27.03
C GLN F 114 51.97 42.84 27.05
N VAL F 115 52.35 43.38 25.90
CA VAL F 115 53.60 44.08 25.76
C VAL F 115 53.27 45.53 25.50
N THR F 116 53.79 46.40 26.34
CA THR F 116 53.52 47.82 26.20
C THR F 116 54.81 48.55 26.02
N VAL F 117 54.85 49.43 25.01
CA VAL F 117 56.07 50.15 24.77
C VAL F 117 55.81 51.66 24.91
N SER F 118 56.53 52.29 25.83
CA SER F 118 56.36 53.72 26.11
C SER F 118 57.37 54.59 25.34
N SER F 119 57.15 55.93 25.30
CA SER F 119 58.03 56.91 24.65
C SER F 119 59.50 56.79 25.14
C1 NAG G . 46.59 5.81 -11.60
C2 NAG G . 45.63 6.81 -10.81
C3 NAG G . 45.39 8.07 -11.73
C4 NAG G . 46.77 8.75 -12.09
C5 NAG G . 47.68 7.69 -12.80
C6 NAG G . 49.09 8.20 -13.12
C7 NAG G . 44.03 5.66 -9.29
C8 NAG G . 42.72 4.98 -9.08
N2 NAG G . 44.35 6.13 -10.51
O3 NAG G . 44.53 8.99 -11.03
O4 NAG G . 46.55 9.82 -13.05
O5 NAG G . 47.85 6.50 -11.92
O6 NAG G . 49.62 7.61 -14.31
O7 NAG G . 44.82 5.77 -8.34
H1 NAG G . 46.10 5.49 -12.56
H2 NAG G . 46.16 7.13 -9.88
H3 NAG G . 44.86 7.75 -12.65
H4 NAG G . 47.24 9.10 -11.16
H5 NAG G . 47.21 7.38 -13.75
H61 NAG G . 49.77 7.96 -12.29
H62 NAG G . 49.09 9.30 -13.27
H81 NAG G . 42.67 4.06 -9.70
H82 NAG G . 41.90 5.63 -9.41
H83 NAG G . 42.57 4.76 -8.01
HN2 NAG G . 43.69 6.01 -11.25
HO3 NAG G . 44.73 9.91 -11.33
HO6 NAG G . 50.50 7.99 -14.52
C1 NAG G . 46.64 11.24 -12.53
C2 NAG G . 46.97 12.19 -13.76
C3 NAG G . 47.03 13.68 -13.22
C4 NAG G . 45.67 14.05 -12.53
C5 NAG G . 45.41 13.05 -11.34
C6 NAG G . 44.06 13.28 -10.65
C7 NAG G . 48.46 11.29 -15.55
C8 NAG G . 49.85 10.93 -16.03
N2 NAG G . 48.29 11.82 -14.32
O3 NAG G . 47.28 14.56 -14.33
O4 NAG G . 45.75 15.39 -12.03
O5 NAG G . 45.40 11.65 -11.87
O6 NAG G . 43.93 12.52 -9.45
O7 NAG G . 47.49 11.07 -16.30
H1 NAG G . 47.51 11.24 -11.85
H2 NAG G . 46.15 12.10 -14.50
H3 NAG G . 47.87 13.78 -12.51
H4 NAG G . 44.85 13.99 -13.27
H5 NAG G . 46.20 13.16 -10.59
H61 NAG G . 43.25 12.98 -11.34
H62 NAG G . 43.95 14.35 -10.39
H81 NAG G . 50.35 10.30 -15.29
H82 NAG G . 50.45 11.85 -16.12
H83 NAG G . 49.80 10.46 -17.01
HN2 NAG G . 49.10 11.97 -13.76
HO3 NAG G . 47.87 14.13 -14.98
HO4 NAG G . 46.15 15.97 -12.72
HO6 NAG G . 43.97 11.56 -9.66
C1 NAG H . -24.48 -26.88 -56.44
C2 NAG H . -24.55 -27.58 -57.86
C3 NAG H . -23.81 -28.96 -57.76
C4 NAG H . -22.33 -28.74 -57.29
C5 NAG H . -22.34 -28.01 -55.91
C6 NAG H . -20.95 -27.70 -55.35
C7 NAG H . -26.64 -26.98 -59.05
C8 NAG H . -28.09 -27.24 -59.34
N2 NAG H . -25.98 -27.78 -58.20
O3 NAG H . -23.83 -29.59 -59.05
O4 NAG H . -21.70 -30.04 -57.12
O5 NAG H . -23.08 -26.73 -56.03
O6 NAG H . -21.00 -26.92 -54.15
O7 NAG H . -26.09 -26.03 -59.62
H1 NAG H . -25.01 -27.54 -55.68
H2 NAG H . -24.03 -26.94 -58.59
H3 NAG H . -24.34 -29.62 -57.05
H4 NAG H . -21.81 -28.12 -58.05
H5 NAG H . -22.85 -28.65 -55.17
H61 NAG H . -20.37 -27.13 -56.10
H62 NAG H . -20.44 -28.65 -55.12
H81 NAG H . -28.69 -26.92 -58.47
H82 NAG H . -28.27 -28.31 -59.48
H83 NAG H . -28.39 -26.72 -60.26
HN2 NAG H . -26.47 -28.53 -57.78
HO3 NAG H . -23.41 -30.47 -58.99
HO6 NAG H . -21.37 -26.03 -54.35
C1 NAG H . -20.36 -30.22 -57.80
C2 NAG H . -19.64 -31.48 -57.18
C3 NAG H . -18.23 -31.61 -57.89
C4 NAG H . -18.41 -31.73 -59.44
C5 NAG H . -19.19 -30.47 -59.96
C6 NAG H . -19.50 -30.55 -61.46
C7 NAG H . -19.96 -32.11 -54.78
C8 NAG H . -19.72 -31.85 -53.31
N2 NAG H . -19.44 -31.29 -55.71
O3 NAG H . -17.56 -32.78 -57.39
O4 NAG H . -17.13 -31.82 -60.07
O5 NAG H . -20.49 -30.35 -59.25
O6 NAG H . -20.01 -29.32 -61.95
O7 NAG H . -20.65 -33.09 -55.10
H1 NAG H . -19.79 -29.31 -57.50
H2 NAG H . -20.24 -32.37 -57.41
H3 NAG H . -17.61 -30.73 -57.64
H4 NAG H . -18.98 -32.65 -59.66
H5 NAG H . -18.58 -29.56 -59.80
H61 NAG H . -20.26 -31.33 -61.62
H62 NAG H . -18.59 -30.80 -62.03
H81 NAG H . -20.11 -30.85 -53.05
H82 NAG H . -18.64 -31.84 -53.11
H83 NAG H . -20.17 -32.64 -52.70
HN2 NAG H . -18.90 -30.53 -55.41
HO3 NAG H . -17.83 -32.96 -56.46
HO4 NAG H . -16.57 -32.45 -59.56
HO6 NAG H . -20.84 -29.08 -61.48
C1 NAG I . -15.10 -41.57 -42.47
C2 NAG I . -15.10 -42.91 -43.31
C3 NAG I . -13.79 -43.69 -42.98
C4 NAG I . -12.52 -42.81 -43.32
C5 NAG I . -12.62 -41.47 -42.50
C6 NAG I . -11.50 -40.49 -42.86
C7 NAG I . -17.35 -43.91 -43.67
C8 NAG I . -18.50 -44.74 -43.15
N2 NAG I . -16.28 -43.72 -42.89
O3 NAG I . -13.75 -44.89 -43.77
O4 NAG I . -11.30 -43.48 -42.88
O5 NAG I . -13.90 -40.79 -42.82
O6 NAG I . -11.52 -39.33 -42.00
O7 NAG I . -17.42 -43.43 -44.81
H1 NAG I . -15.08 -41.83 -41.37
H2 NAG I . -15.13 -42.67 -44.39
H3 NAG I . -13.77 -43.98 -41.92
H4 NAG I . -12.52 -42.59 -44.40
H5 NAG I . -12.57 -41.69 -41.43
H61 NAG I . -11.62 -40.15 -43.90
H62 NAG I . -10.53 -40.98 -42.72
H81 NAG I . -18.91 -44.27 -42.25
H82 NAG I . -18.14 -45.74 -42.86
H83 NAG I . -19.25 -44.86 -43.94
HN2 NAG I . -16.27 -44.13 -41.99
HO3 NAG I . -12.84 -45.25 -43.75
HO6 NAG I . -11.00 -38.61 -42.42
C1 NAG I . -10.56 -44.36 -43.89
C2 NAG I . -9.00 -44.15 -43.70
C3 NAG I . -8.27 -45.06 -44.75
C4 NAG I . -8.69 -46.56 -44.55
C5 NAG I . -10.25 -46.68 -44.71
C6 NAG I . -10.77 -48.10 -44.44
C7 NAG I . -7.86 -42.00 -43.15
C8 NAG I . -7.56 -40.57 -43.48
N2 NAG I . -8.65 -42.72 -43.95
O3 NAG I . -6.83 -44.94 -44.58
O4 NAG I . -8.03 -47.37 -45.52
O5 NAG I . -10.91 -45.77 -43.72
O6 NAG I . -12.12 -48.26 -44.86
O7 NAG I . -7.35 -42.50 -42.12
H1 NAG I . -10.86 -43.96 -44.88
H2 NAG I . -8.74 -44.46 -42.68
H3 NAG I . -8.51 -44.73 -45.77
H4 NAG I . -8.37 -46.88 -43.54
H5 NAG I . -10.53 -46.39 -45.74
H61 NAG I . -10.71 -48.31 -43.37
H62 NAG I . -10.16 -48.83 -44.99
H81 NAG I . -8.45 -40.07 -43.87
H82 NAG I . -6.80 -40.53 -44.27
H83 NAG I . -7.15 -40.06 -42.59
HN2 NAG I . -9.04 -42.28 -44.75
HO3 NAG I . -6.63 -44.14 -44.05
HO4 NAG I . -7.09 -47.10 -45.59
HO6 NAG I . -12.68 -47.58 -44.42
C1 NAG J . -40.08 -19.37 -68.35
C2 NAG J . -39.24 -19.41 -69.71
C3 NAG J . -40.10 -20.12 -70.80
C4 NAG J . -40.49 -21.56 -70.35
C5 NAG J . -41.26 -21.46 -68.98
C6 NAG J . -41.60 -22.84 -68.38
C7 NAG J . -37.78 -17.44 -70.20
C8 NAG J . -37.66 -16.01 -70.64
N2 NAG J . -38.98 -18.01 -70.13
O3 NAG J . -39.35 -20.16 -72.03
O4 NAG J . -41.39 -22.07 -71.37
O5 NAG J . -40.42 -20.75 -67.97
O6 NAG J . -42.25 -22.76 -67.12
O7 NAG J . -36.75 -18.08 -69.92
H1 NAG J . -41.02 -18.78 -68.51
H2 NAG J . -38.30 -19.97 -69.54
H3 NAG J . -41.01 -19.52 -70.98
H4 NAG J . -39.57 -22.17 -70.26
H5 NAG J . -42.21 -20.92 -69.13
H61 NAG J . -40.69 -23.43 -68.26
H62 NAG J . -42.29 -23.36 -69.06
H81 NAG J . -38.42 -15.41 -70.11
H82 NAG J . -37.87 -15.93 -71.71
H83 NAG J . -36.64 -15.64 -70.46
HN2 NAG J . -39.78 -17.47 -70.36
HO3 NAG J . -39.71 -20.87 -72.60
HO6 NAG J . -41.60 -22.52 -66.44
C1 NAG J . -41.21 -23.50 -71.82
C2 NAG J . -42.59 -23.96 -72.46
C3 NAG J . -42.45 -25.47 -72.89
C4 NAG J . -41.25 -25.62 -73.90
C5 NAG J . -39.93 -25.10 -73.21
C6 NAG J . -38.72 -25.13 -74.15
C7 NAG J . -44.64 -22.89 -71.51
C8 NAG J . -45.68 -22.80 -70.42
N2 NAG J . -43.67 -23.81 -71.44
O3 NAG J . -43.67 -25.90 -73.52
O4 NAG J . -41.11 -26.99 -74.27
O5 NAG J . -40.12 -23.68 -72.78
O6 NAG J . -37.50 -24.89 -73.44
O7 NAG J . -44.71 -22.09 -72.45
H1 NAG J . -41.04 -24.06 -70.89
H2 NAG J . -42.78 -23.34 -73.36
H3 NAG J . -42.28 -26.10 -72.00
H4 NAG J . -41.48 -25.02 -74.81
H5 NAG J . -39.70 -25.73 -72.34
H61 NAG J . -38.84 -24.33 -74.92
H62 NAG J . -38.65 -26.11 -74.64
H81 NAG J . -45.21 -22.39 -69.52
H82 NAG J . -46.04 -23.81 -70.17
H83 NAG J . -46.53 -22.20 -70.77
HN2 NAG J . -43.66 -24.43 -70.66
HO3 NAG J . -44.44 -25.45 -73.11
HO4 NAG J . -41.99 -27.37 -74.46
HO6 NAG J . -37.57 -24.05 -72.94
C1 NAG K . -55.65 -5.56 -65.20
C2 NAG K . -55.51 -4.63 -66.49
C3 NAG K . -56.93 -4.07 -66.88
C4 NAG K . -57.92 -5.29 -67.13
C5 NAG K . -57.97 -6.19 -65.84
C6 NAG K . -58.82 -7.45 -65.99
C7 NAG K . -53.36 -3.40 -66.70
C8 NAG K . -52.47 -2.27 -66.28
N2 NAG K . -54.57 -3.53 -66.15
O3 NAG K . -56.77 -3.31 -68.08
O4 NAG K . -59.29 -5.05 -67.63
O5 NAG K . -56.59 -6.65 -65.48
O6 NAG K . -58.89 -8.21 -64.78
O7 NAG K . -52.93 -4.21 -67.54
H1 NAG K . -56.02 -4.95 -64.32
H2 NAG K . -55.14 -5.25 -67.32
H3 NAG K . -57.30 -3.41 -66.09
H4 NAG K . -57.44 -5.90 -67.93
H5 NAG K . -58.38 -5.60 -65.00
H61 NAG K . -58.38 -8.10 -66.77
H62 NAG K . -59.84 -7.18 -66.28
H81 NAG K . -52.24 -2.35 -65.22
H82 NAG K . -53.00 -1.30 -66.44
H83 NAG K . -51.56 -2.25 -66.91
HN2 NAG K . -54.87 -2.86 -65.49
HO3 NAG K . -57.64 -2.94 -68.30
HO6 NAG K . -58.03 -8.13 -64.31
C1 NAG K . -60.07 -3.76 -67.36
C2 NAG K . -60.37 -3.50 -65.81
C3 NAG K . -61.27 -2.21 -65.73
C4 NAG K . -60.54 -0.99 -66.42
C5 NAG K . -60.22 -1.35 -67.92
C6 NAG K . -59.43 -0.27 -68.66
C7 NAG K . -60.92 -5.06 -63.91
C8 NAG K . -61.64 -6.26 -63.36
N2 NAG K . -61.07 -4.69 -65.20
O3 NAG K . -61.55 -1.87 -64.36
O4 NAG K . -61.37 0.16 -66.37
O5 NAG K . -59.42 -2.61 -67.97
O6 NAG K . -58.23 0.11 -67.98
O7 NAG K . -60.19 -4.41 -63.15
H1 NAG K . -61.03 -4.01 -67.85
H2 NAG K . -59.41 -3.31 -65.29
H3 NAG K . -62.24 -2.40 -66.23
H4 NAG K . -59.61 -0.79 -65.87
H5 NAG K . -61.18 -1.51 -68.46
H61 NAG K . -60.07 0.62 -68.77
H62 NAG K . -59.16 -0.66 -69.65
H81 NAG K . -62.68 -6.28 -63.71
H82 NAG K . -61.68 -6.20 -62.26
H83 NAG K . -61.09 -7.17 -63.63
HN2 NAG K . -61.68 -5.22 -65.79
HO3 NAG K . -61.24 -2.58 -63.77
HO4 NAG K . -61.77 0.24 -65.48
HO6 NAG K . -58.19 1.08 -67.91
C1 NAG L . 34.71 40.21 9.13
C2 NAG L . 34.21 39.71 7.71
C3 NAG L . 35.26 38.69 7.16
C4 NAG L . 36.69 39.34 7.03
C5 NAG L . 37.10 39.88 8.46
C6 NAG L . 38.40 40.68 8.50
C7 NAG L . 31.84 39.23 7.09
C8 NAG L . 30.57 38.47 7.31
N2 NAG L . 32.90 39.01 7.88
O3 NAG L . 34.79 38.22 5.88
O4 NAG L . 37.57 38.24 6.61
O5 NAG L . 36.05 40.81 8.98
O6 NAG L . 39.55 39.86 8.63
O7 NAG L . 31.87 40.07 6.18
H1 NAG L . 34.78 39.33 9.84
H2 NAG L . 34.14 40.58 7.04
H3 NAG L . 35.30 37.81 7.84
H4 NAG L . 36.64 40.16 6.31
H5 NAG L . 37.21 39.02 9.16
H61 NAG L . 38.37 41.38 9.35
H62 NAG L . 38.50 41.27 7.56
H81 NAG L . 29.84 39.10 7.82
H82 NAG L . 30.74 37.61 7.96
H83 NAG L . 30.20 38.09 6.34
HN2 NAG L . 32.82 38.33 8.60
HO3 NAG L . 35.28 37.41 5.63
HO6 NAG L . 39.71 39.37 7.79
C1 NAG L . 38.60 38.38 5.49
C2 NAG L . 38.29 39.44 4.34
C3 NAG L . 39.44 39.33 3.27
C4 NAG L . 40.84 39.58 3.95
C5 NAG L . 41.04 38.51 5.09
C6 NAG L . 42.34 38.71 5.89
C7 NAG L . 36.09 40.08 3.37
C8 NAG L . 34.78 39.70 2.73
N2 NAG L . 36.98 39.13 3.70
O3 NAG L . 39.25 40.32 2.24
O4 NAG L . 41.88 39.44 2.97
O5 NAG L . 39.92 38.61 6.07
O6 NAG L . 42.58 37.63 6.79
O7 NAG L . 36.31 41.28 3.58
H1 NAG L . 38.51 37.37 5.04
H2 NAG L . 38.31 40.45 4.80
H3 NAG L . 39.42 38.33 2.80
H4 NAG L . 40.86 40.59 4.37
H5 NAG L . 41.07 37.50 4.65
H61 NAG L . 42.27 39.64 6.46
H62 NAG L . 43.19 38.77 5.19
H81 NAG L . 34.04 39.50 3.52
H82 NAG L . 34.89 38.77 2.14
H83 NAG L . 34.46 40.50 2.04
HN2 NAG L . 36.77 38.19 3.52
HO3 NAG L . 38.32 40.66 2.26
HO4 NAG L . 41.60 39.89 2.14
HO6 NAG L . 41.77 37.46 7.32
C1 NAG M . 0.23 43.18 21.77
C2 NAG M . 0.57 41.76 22.40
C3 NAG M . -0.58 41.38 23.40
C4 NAG M . -0.69 42.48 24.52
C5 NAG M . -0.96 43.88 23.84
C6 NAG M . -1.00 45.05 24.83
C7 NAG M . 1.80 40.27 20.82
C8 NAG M . 1.78 39.26 19.71
N2 NAG M . 0.64 40.75 21.30
O3 NAG M . -0.29 40.10 23.98
O4 NAG M . -1.84 42.20 25.37
O5 NAG M . 0.13 44.17 22.86
O6 NAG M . -1.86 46.10 24.38
O7 NAG M . 2.89 40.63 21.27
H1 NAG M . -0.77 43.14 21.23
H2 NAG M . 1.52 41.83 22.94
H3 NAG M . -1.54 41.29 22.85
H4 NAG M . 0.26 42.51 25.09
H5 NAG M . -1.93 43.84 23.31
H61 NAG M . 0.02 45.46 24.94
H62 NAG M . -1.36 44.72 25.81
H81 NAG M . 1.34 39.72 18.81
H82 NAG M . 1.14 38.41 19.98
H83 NAG M . 2.79 38.88 19.52
HN2 NAG M . -0.21 40.42 20.90
HO3 NAG M . -0.66 40.07 24.90
HO6 NAG M . -1.91 46.80 25.06
C1 NAG M . -1.56 41.68 26.76
C2 NAG M . -2.83 41.98 27.66
C3 NAG M . -2.55 41.41 29.10
C4 NAG M . -2.23 39.86 29.02
C5 NAG M . -0.97 39.66 28.09
C6 NAG M . -0.64 38.18 27.87
C7 NAG M . -4.08 44.09 27.17
C8 NAG M . -4.19 45.59 27.32
N2 NAG M . -3.04 43.45 27.75
O3 NAG M . -3.72 41.61 29.92
O4 NAG M . -1.96 39.37 30.32
O5 NAG M . -1.26 40.25 26.75
O6 NAG M . 0.61 38.01 27.21
O7 NAG M . -4.95 43.49 26.53
H1 NAG M . -0.72 42.29 27.12
H2 NAG M . -3.71 41.45 27.22
H3 NAG M . -1.71 41.95 29.56
H4 NAG M . -3.11 39.34 28.60
H5 NAG M . -0.10 40.15 28.54
H61 NAG M . -1.43 37.71 27.25
H62 NAG M . -0.58 37.65 28.84
H81 NAG M . -3.25 46.07 26.99
H82 NAG M . -4.33 45.85 28.38
H83 NAG M . -5.06 45.96 26.76
HN2 NAG M . -2.38 43.98 28.25
HO3 NAG M . -4.14 42.46 29.70
HO4 NAG M . -2.63 39.70 30.95
HO6 NAG M . 0.58 38.43 26.32
C1 NAG N . -55.28 4.50 -37.85
C2 NAG N . -56.52 5.12 -38.61
C3 NAG N . -55.99 6.20 -39.61
C4 NAG N . -55.19 7.30 -38.83
C5 NAG N . -54.01 6.61 -38.05
C6 NAG N . -53.17 7.58 -37.21
C7 NAG N . -58.30 3.42 -38.91
C8 NAG N . -58.91 2.29 -39.70
N2 NAG N . -57.18 4.01 -39.35
O3 NAG N . -57.10 6.79 -40.28
O4 NAG N . -54.63 8.24 -39.80
O5 NAG N . -54.54 5.58 -37.15
O6 NAG N . -52.19 6.91 -36.43
O7 NAG N . -58.87 3.77 -37.87
H1 NAG N . -54.58 4.03 -38.60
H2 NAG N . -57.19 5.58 -37.87
H3 NAG N . -55.34 5.72 -40.37
H4 NAG N . -55.89 7.79 -38.11
H5 NAG N . -53.33 6.15 -38.79
H61 NAG N . -53.83 8.14 -36.53
H62 NAG N . -52.64 8.28 -37.88
H81 NAG N . -58.29 1.39 -39.58
H82 NAG N . -58.91 2.54 -40.77
H83 NAG N . -59.95 2.13 -39.39
HN2 NAG N . -56.77 3.69 -40.18
HO3 NAG N . -56.78 7.44 -40.96
HO6 NAG N . -52.62 6.34 -35.76
C1 NAG N . -54.88 9.71 -39.50
C2 NAG N . -53.89 10.58 -40.37
C3 NAG N . -54.17 12.09 -40.02
C4 NAG N . -55.67 12.44 -40.31
C5 NAG N . -56.59 11.50 -39.46
C6 NAG N . -58.07 11.70 -39.75
C7 NAG N . -51.59 9.75 -40.91
C8 NAG N . -50.18 9.42 -40.47
N2 NAG N . -52.48 10.23 -40.02
O3 NAG N . -53.31 12.92 -40.83
O4 NAG N . -55.91 13.81 -39.96
O5 NAG N . -56.27 10.08 -39.77
O6 NAG N . -58.90 10.99 -38.83
O7 NAG N . -51.90 9.56 -42.10
H1 NAG N . -54.62 9.81 -38.44
H2 NAG N . -54.11 10.39 -41.44
H3 NAG N . -53.92 12.27 -38.96
H4 NAG N . -55.86 12.31 -41.39
H5 NAG N . -56.42 11.70 -38.38
H61 NAG N . -58.30 11.34 -40.77
H62 NAG N . -58.33 12.77 -39.69
H81 NAG N . -50.21 8.67 -39.67
H82 NAG N . -49.70 10.32 -40.06
H83 NAG N . -49.58 9.10 -41.33
HN2 NAG N . -52.19 10.36 -39.09
HO3 NAG N . -52.48 12.45 -41.03
HO4 NAG N . -55.18 14.37 -40.30
HO6 NAG N . -58.71 10.03 -38.89
C1 NAG O . -37.00 13.42 -47.07
C2 NAG O . -37.55 14.13 -48.37
C3 NAG O . -36.75 15.47 -48.57
C4 NAG O . -36.90 16.39 -47.32
C5 NAG O . -36.40 15.60 -46.05
C6 NAG O . -36.61 16.37 -44.75
C7 NAG O . -38.29 12.56 -50.15
C8 NAG O . -37.95 11.66 -51.31
N2 NAG O . -37.32 13.23 -49.53
O3 NAG O . -37.27 16.14 -49.73
O4 NAG O . -36.04 17.56 -47.43
O5 NAG O . -37.15 14.32 -45.93
O6 NAG O . -36.13 15.66 -43.60
O7 NAG O . -39.48 12.67 -49.81
H1 NAG O . -35.91 13.18 -47.21
H2 NAG O . -38.62 14.36 -48.23
H3 NAG O . -35.69 15.24 -48.76
H4 NAG O . -37.97 16.66 -47.18
H5 NAG O . -35.32 15.39 -46.15
H61 NAG O . -37.68 16.58 -44.62
H62 NAG O . -36.05 17.32 -44.80
H81 NAG O . -37.29 10.86 -50.98
H82 NAG O . -37.42 12.23 -52.09
H83 NAG O . -38.88 11.27 -51.76
HN2 NAG O . -36.38 13.10 -49.85
HO3 NAG O . -36.94 17.07 -49.72
HO6 NAG O . -36.73 15.81 -42.84
C1 NAG O . -36.63 18.82 -48.04
C2 NAG O . -36.06 20.08 -47.26
C3 NAG O . -36.70 21.37 -47.88
C4 NAG O . -36.36 21.44 -49.42
C5 NAG O . -36.91 20.15 -50.13
C6 NAG O . -36.55 20.08 -51.61
C7 NAG O . -35.60 20.16 -44.80
C8 NAG O . -36.10 20.05 -43.38
N2 NAG O . -36.47 19.99 -45.82
O3 NAG O . -36.17 22.55 -47.23
O4 NAG O . -36.96 22.61 -49.99
O5 NAG O . -36.33 18.95 -49.47
O6 NAG O . -37.29 19.05 -52.29
O7 NAG O . -34.40 20.40 -45.00
H1 NAG O . -37.72 18.74 -47.84
H2 NAG O . -34.97 20.10 -47.38
H3 NAG O . -37.80 21.37 -47.74
H4 NAG O . -35.27 21.51 -49.54
H5 NAG O . -38.01 20.12 -50.04
H61 NAG O . -35.48 19.86 -51.71
H62 NAG O . -36.78 21.03 -52.11
H81 NAG O . -36.80 19.22 -43.29
H82 NAG O . -36.64 20.97 -43.11
H83 NAG O . -35.25 19.96 -42.70
HN2 NAG O . -37.42 19.81 -45.60
HO3 NAG O . -35.80 22.30 -46.35
HO4 NAG O . -36.83 23.38 -49.40
HO6 NAG O . -37.13 18.19 -51.84
C1 NAG P . -72.06 -8.13 -37.36
C2 NAG P . -73.14 -6.98 -37.20
C3 NAG P . -74.26 -7.20 -38.27
C4 NAG P . -73.64 -7.17 -39.72
C5 NAG P . -72.53 -8.29 -39.81
C6 NAG P . -71.77 -8.29 -41.14
C7 NAG P . -73.38 -6.28 -34.82
C8 NAG P . -74.06 -6.42 -33.50
N2 NAG P . -73.76 -7.05 -35.84
O3 NAG P . -75.23 -6.15 -38.14
O4 NAG P . -74.74 -7.50 -40.62
O5 NAG P . -71.51 -8.08 -38.73
O6 NAG P . -70.83 -9.34 -41.25
O7 NAG P . -72.46 -5.45 -34.94
H1 NAG P . -72.54 -9.15 -37.20
H2 NAG P . -72.65 -6.01 -37.38
H3 NAG P . -74.77 -8.16 -38.08
H4 NAG P . -73.23 -6.17 -39.92
H5 NAG P . -73.00 -9.28 -39.70
H61 NAG P . -71.25 -7.33 -41.25
H62 NAG P . -72.49 -8.42 -41.97
H81 NAG P . -73.97 -7.46 -33.14
H82 NAG P . -75.14 -6.21 -33.61
H83 NAG P . -73.65 -5.70 -32.78
HN2 NAG P . -74.51 -7.69 -35.69
HO3 NAG P . -75.76 -6.08 -38.96
HO6 NAG P . -70.63 -9.51 -42.19
C1 NAG P . -74.86 -6.72 -41.91
C2 NAG P . -75.68 -7.62 -42.92
C3 NAG P . -75.77 -6.86 -44.29
C4 NAG P . -76.44 -5.45 -44.07
C5 NAG P . -75.59 -4.64 -43.03
C6 NAG P . -76.21 -3.28 -42.68
C7 NAG P . -75.48 -10.08 -42.60
C8 NAG P . -74.70 -11.37 -42.80
N2 NAG P . -74.99 -8.93 -43.09
O3 NAG P . -76.56 -7.62 -45.22
O4 NAG P . -76.49 -4.75 -45.32
O5 NAG P . -75.48 -5.42 -41.75
O6 NAG P . -75.30 -2.47 -41.93
O7 NAG P . -76.55 -10.12 -41.98
H1 NAG P . -73.82 -6.63 -42.27
H2 NAG P . -76.71 -7.75 -42.51
H3 NAG P . -74.75 -6.74 -44.72
H4 NAG P . -77.47 -5.60 -43.71
H5 NAG P . -74.58 -4.45 -43.44
H61 NAG P . -77.11 -3.44 -42.08
H62 NAG P . -76.46 -2.73 -43.61
H81 NAG P . -73.80 -11.34 -42.17
H82 NAG P . -74.37 -11.45 -43.84
H83 NAG P . -75.35 -12.23 -42.58
HN2 NAG P . -74.13 -8.94 -43.58
HO3 NAG P . -76.44 -8.59 -45.05
HO4 NAG P . -76.80 -5.36 -46.03
HO6 NAG P . -75.00 -2.97 -41.14
C1 NAG Q . -75.50 -27.68 -30.21
C2 NAG Q . -76.85 -27.46 -29.39
C3 NAG Q . -77.69 -28.79 -29.43
C4 NAG Q . -77.98 -29.19 -30.94
C5 NAG Q . -76.60 -29.35 -31.69
C6 NAG Q . -76.75 -29.63 -33.19
C7 NAG Q . -76.71 -25.89 -27.47
C8 NAG Q . -76.28 -25.60 -26.06
N2 NAG Q . -76.48 -27.10 -28.00
O3 NAG Q . -78.92 -28.52 -28.73
O4 NAG Q . -78.85 -30.34 -31.25
O5 NAG Q . -75.82 -28.08 -31.59
O6 NAG Q . -75.50 -29.86 -33.84
O7 NAG Q . -77.27 -24.98 -28.11
H1 NAG Q . -74.88 -28.48 -29.72
H2 NAG Q . -77.42 -26.66 -29.89
H3 NAG Q . -77.15 -29.59 -28.89
H4 NAG Q . -78.50 -28.32 -31.38
H5 NAG Q . -76.03 -30.16 -31.24
H61 NAG Q . -77.24 -28.77 -33.68
H62 NAG Q . -77.37 -30.53 -33.33
H81 NAG Q . -75.19 -25.70 -25.97
H82 NAG Q . -76.73 -26.35 -25.38
H83 NAG Q . -76.64 -24.61 -25.75
HN2 NAG Q . -76.04 -27.78 -27.43
HO3 NAG Q . -79.43 -29.36 -28.73
HO6 NAG Q . -74.80 -29.30 -33.43
C1 NAG Q . -79.03 -31.55 -30.33
C2 NAG Q . -77.69 -32.38 -30.08
C3 NAG Q . -78.09 -33.64 -29.20
C4 NAG Q . -78.76 -33.17 -27.86
C5 NAG Q . -80.03 -32.30 -28.19
C6 NAG Q . -80.71 -31.72 -26.94
C7 NAG Q . -75.76 -32.96 -31.59
C8 NAG Q . -75.22 -33.38 -32.94
N2 NAG Q . -77.10 -32.81 -31.40
O3 NAG Q . -76.93 -34.42 -28.89
O4 NAG Q . -79.14 -34.31 -27.09
O5 NAG Q . -79.65 -31.16 -29.06
O6 NAG Q . -79.82 -30.99 -26.09
O7 NAG Q . -74.96 -32.75 -30.67
H1 NAG Q . -79.71 -32.16 -30.95
H2 NAG Q . -76.98 -31.76 -29.52
H3 NAG Q . -78.79 -34.28 -29.77
H4 NAG Q . -78.02 -32.58 -27.28
H5 NAG Q . -80.77 -32.94 -28.71
H61 NAG Q . -81.15 -32.54 -26.36
H62 NAG Q . -81.51 -31.04 -27.27
H81 NAG Q . -75.82 -34.19 -33.35
H82 NAG Q . -74.20 -33.76 -32.82
H83 NAG Q . -75.18 -32.50 -33.60
HN2 NAG Q . -77.71 -32.99 -32.15
HO3 NAG Q . -76.14 -34.09 -29.40
HO4 NAG Q . -78.42 -34.97 -27.10
HO6 NAG Q . -79.91 -31.30 -25.17
C1 NAG R . 10.81 14.91 50.59
C2 NAG R . 9.37 15.02 49.92
C3 NAG R . 9.25 16.46 49.30
C4 NAG R . 9.43 17.58 50.38
C5 NAG R . 10.84 17.36 51.05
C6 NAG R . 11.09 18.30 52.24
C7 NAG R . 8.23 13.15 48.72
C8 NAG R . 8.20 12.18 47.58
N2 NAG R . 9.25 14.02 48.84
O3 NAG R . 7.95 16.55 48.67
O4 NAG R . 9.43 18.84 49.63
O5 NAG R . 10.96 15.98 51.59
O6 NAG R . 10.29 17.98 53.39
O7 NAG R . 7.32 13.12 49.55
H1 NAG R . 11.61 15.05 49.79
H2 NAG R . 8.61 14.89 50.71
H3 NAG R . 10.01 16.57 48.50
H4 NAG R . 8.63 17.50 51.12
H5 NAG R . 11.64 17.55 50.31
H61 NAG R . 10.89 19.35 51.95
H62 NAG R . 12.14 18.21 52.54
H81 NAG R . 8.38 11.16 47.94
H82 NAG R . 9.00 12.39 46.87
H83 NAG R . 7.24 12.27 47.06
HN2 NAG R . 9.97 13.99 48.15
HO3 NAG R . 7.94 17.33 48.06
HO6 NAG R . 10.85 18.10 54.20
C1 NAG R . 8.66 20.09 50.07
C2 NAG R . 7.34 19.83 50.94
C3 NAG R . 6.66 21.23 51.18
C4 NAG R . 7.66 22.21 51.90
C5 NAG R . 8.94 22.36 51.00
C6 NAG R . 10.02 23.24 51.64
C7 NAG R . 5.73 17.94 50.78
C8 NAG R . 4.80 17.05 49.98
N2 NAG R . 6.40 18.95 50.19
O3 NAG R . 5.49 21.07 52.01
O4 NAG R . 7.03 23.48 52.09
O5 NAG R . 9.55 21.02 50.75
O6 NAG R . 11.13 23.43 50.78
O7 NAG R . 5.87 17.70 52.00
H1 NAG R . 8.33 20.46 49.08
H2 NAG R . 7.64 19.40 51.92
H3 NAG R . 6.33 21.66 50.21
H4 NAG R . 7.92 21.79 52.87
H5 NAG R . 8.67 22.83 50.03
H61 NAG R . 10.38 22.74 52.56
H62 NAG R . 9.60 24.23 51.90
H81 NAG R . 5.37 16.21 49.58
H82 NAG R . 4.39 17.61 49.12
H83 NAG R . 3.96 16.73 50.62
HN2 NAG R . 6.27 19.11 49.23
HO3 NAG R . 5.22 20.12 52.03
HO4 NAG R . 6.11 23.34 52.39
HO6 NAG R . 11.42 22.57 50.41
C1 NAG S . 13.12 -20.85 41.63
C2 NAG S . 14.06 -20.29 40.47
C3 NAG S . 14.78 -21.51 39.80
C4 NAG S . 15.61 -22.31 40.87
C5 NAG S . 14.64 -22.78 42.02
C6 NAG S . 15.35 -23.50 43.18
C7 NAG S . 13.17 -18.22 39.40
C8 NAG S . 12.30 -17.57 38.37
N2 NAG S . 13.23 -19.56 39.48
O3 NAG S . 15.64 -21.02 38.75
O4 NAG S . 16.16 -23.52 40.27
O5 NAG S . 13.94 -21.60 42.60
O6 NAG S . 14.51 -24.50 43.78
O7 NAG S . 13.83 -17.50 40.18
H1 NAG S . 12.35 -21.56 41.19
H2 NAG S . 14.82 -19.62 40.93
H3 NAG S . 14.01 -22.17 39.34
H4 NAG S . 16.39 -21.65 41.29
H5 NAG S . 13.89 -23.48 41.59
H61 NAG S . 15.60 -22.76 43.95
H62 NAG S . 16.26 -23.99 42.82
H81 NAG S . 11.24 -17.83 38.57
H82 NAG S . 12.55 -17.96 37.38
H83 NAG S . 12.47 -16.49 38.36
HN2 NAG S . 12.69 -20.09 38.84
HO3 NAG S . 16.39 -21.64 38.65
HO6 NAG S . 15.01 -24.96 44.48
C1 NAG S . 17.64 -23.53 39.96
C2 NAG S . 18.11 -25.04 39.88
C3 NAG S . 19.65 -25.05 39.54
C4 NAG S . 19.90 -24.28 38.18
C5 NAG S . 19.37 -22.80 38.34
C6 NAG S . 19.50 -22.00 37.05
C7 NAG S . 17.03 -26.70 41.42
C8 NAG S . 16.89 -27.28 42.81
N2 NAG S . 17.90 -25.69 41.21
O3 NAG S . 20.10 -26.42 39.41
O4 NAG S . 21.30 -24.27 37.89
O5 NAG S . 17.94 -22.83 38.72
O6 NAG S . 19.23 -20.60 37.25
O7 NAG S . 16.34 -27.16 40.51
H1 NAG S . 18.10 -23.05 40.84
H2 NAG S . 17.54 -25.54 39.08
H3 NAG S . 20.22 -24.58 40.36
H4 NAG S . 19.36 -24.80 37.38
H5 NAG S . 19.96 -22.28 39.13
H61 NAG S . 18.77 -22.38 36.31
H62 NAG S . 20.52 -22.08 36.65
H81 NAG S . 16.66 -26.48 43.52
H82 NAG S . 17.86 -27.71 43.12
H83 NAG S . 16.15 -28.08 42.80
HN2 NAG S . 18.43 -25.36 41.98
HO3 NAG S . 19.62 -26.99 40.05
HO4 NAG S . 21.67 -25.18 38.04
HO6 NAG S . 18.31 -20.49 37.57
C1 NAG T . -51.23 -39.10 -18.83
C2 NAG T . -52.39 -40.17 -18.77
C3 NAG T . -53.39 -39.76 -17.64
C4 NAG T . -52.63 -39.66 -16.27
C5 NAG T . -51.47 -38.62 -16.41
C6 NAG T . -50.61 -38.45 -15.15
C7 NAG T . -52.85 -41.11 -21.03
C8 NAG T . -53.55 -41.04 -22.34
N2 NAG T . -53.07 -40.17 -20.09
O3 NAG T . -54.43 -40.74 -17.56
O4 NAG T . -53.56 -39.18 -15.26
O5 NAG T . -50.56 -39.02 -17.52
O6 NAG T . -49.50 -37.58 -15.36
O7 NAG T . -52.06 -42.04 -20.84
H1 NAG T . -51.67 -38.09 -19.07
H2 NAG T . -51.94 -41.16 -18.54
H3 NAG T . -53.85 -38.79 -17.89
H4 NAG T . -52.22 -40.66 -16.02
H5 NAG T . -51.90 -37.62 -16.65
H61 NAG T . -50.23 -39.43 -14.83
H62 NAG T . -51.24 -38.01 -14.36
H81 NAG T . -53.12 -40.23 -22.96
H82 NAG T . -54.62 -40.78 -22.19
H83 NAG T . -53.52 -42.01 -22.85
HN2 NAG T . -53.71 -39.45 -20.29
HO3 NAG T . -55.09 -40.46 -16.88
HO6 NAG T . -48.87 -37.99 -15.99
C1 NAG T . -53.62 -39.98 -13.98
C2 NAG T . -54.32 -39.11 -12.86
C3 NAG T . -54.32 -39.97 -11.54
C4 NAG T . -55.06 -41.33 -11.78
C5 NAG T . -54.33 -42.10 -12.94
C6 NAG T . -55.04 -43.40 -13.33
C7 NAG T . -54.09 -36.61 -12.81
C8 NAG T . -53.24 -35.39 -12.57
N2 NAG T . -53.56 -37.85 -12.64
O3 NAG T . -55.01 -39.24 -10.51
O4 NAG T . -55.03 -42.11 -10.58
O5 NAG T . -54.30 -41.26 -14.16
O6 NAG T . -54.25 -44.19 -14.22
O7 NAG T . -55.26 -36.47 -13.19
H1 NAG T . -52.55 -40.11 -13.70
H2 NAG T . -55.36 -38.91 -13.19
H3 NAG T . -53.29 -40.14 -11.21
H4 NAG T . -56.11 -41.13 -12.06
H5 NAG T . -53.30 -42.35 -12.63
H61 NAG T . -56.00 -43.16 -13.81
H62 NAG T . -55.23 -44.01 -12.42
H81 NAG T . -52.36 -35.41 -13.23
H82 NAG T . -52.87 -35.39 -11.54
H83 NAG T . -53.84 -34.47 -12.72
HN2 NAG T . -52.62 -37.92 -12.35
HO3 NAG T . -54.90 -38.27 -10.64
HO4 NAG T . -55.26 -41.54 -9.82
HO6 NAG T . -54.10 -43.68 -15.05
C1 NAG U . -56.74 -22.92 -4.45
C2 NAG U . -58.25 -23.25 -4.09
C3 NAG U . -58.46 -22.92 -2.58
C4 NAG U . -57.47 -23.75 -1.68
C5 NAG U . -56.00 -23.43 -2.15
C6 NAG U . -54.95 -24.26 -1.41
C7 NAG U . -59.83 -22.84 -5.96
C8 NAG U . -60.69 -21.89 -6.74
N2 NAG U . -59.12 -22.38 -4.92
O3 NAG U . -59.81 -23.25 -2.22
O4 NAG U . -57.57 -23.33 -0.28
O5 NAG U . -55.86 -23.71 -3.59
O6 NAG U . -53.62 -23.96 -1.82
O7 NAG U . -59.80 -24.04 -6.29
H1 NAG U . -56.55 -21.82 -4.28
H2 NAG U . -58.43 -24.32 -4.27
H3 NAG U . -58.32 -21.84 -2.40
H4 NAG U . -57.68 -24.83 -1.81
H5 NAG U . -55.78 -22.35 -1.94
H61 NAG U . -55.14 -25.33 -1.60
H62 NAG U . -55.02 -24.06 -0.33
H81 NAG U . -60.05 -21.10 -7.19
H82 NAG U . -61.41 -21.39 -6.08
H83 NAG U . -61.26 -22.44 -7.52
HN2 NAG U . -59.18 -21.43 -4.70
HO3 NAG U . -59.88 -23.27 -1.23
HO6 NAG U . -53.08 -24.78 -1.84
C1 NAG U . -58.51 -24.10 0.63
C2 NAG U . -57.84 -24.26 2.04
C3 NAG U . -58.84 -25.05 2.97
C4 NAG U . -60.21 -24.30 3.06
C5 NAG U . -60.80 -24.15 1.60
C6 NAG U . -62.10 -23.35 1.56
C7 NAG U . -55.41 -24.63 2.46
C8 NAG U . -54.17 -25.46 2.28
N2 NAG U . -56.57 -25.02 1.93
O3 NAG U . -58.28 -25.18 4.30
O4 NAG U . -61.12 -25.06 3.87
O5 NAG U . -59.81 -23.42 0.75
O6 NAG U . -62.76 -23.45 0.30
O7 NAG U . -55.32 -23.57 3.12
H1 NAG U . -58.60 -25.10 0.17
H2 NAG U . -57.68 -23.25 2.46
H3 NAG U . -58.98 -26.08 2.57
H4 NAG U . -60.04 -23.31 3.51
H5 NAG U . -61.00 -25.15 1.17
H61 NAG U . -61.88 -22.28 1.75
H62 NAG U . -62.79 -23.72 2.34
H81 NAG U . -54.11 -25.84 1.25
H82 NAG U . -54.22 -26.34 2.95
H83 NAG U . -53.28 -24.88 2.56
HN2 NAG U . -56.58 -25.87 1.40
HO3 NAG U . -57.31 -25.03 4.27
HO4 NAG U . -60.64 -25.37 4.68
HO6 NAG U . -62.15 -23.17 -0.41
C1 NAG V . -53.02 -49.91 -36.75
C2 NAG V . -53.33 -51.30 -36.05
C3 NAG V . -54.59 -51.92 -36.73
C4 NAG V . -55.82 -50.95 -36.61
C5 NAG V . -55.43 -49.58 -37.28
C6 NAG V . -56.53 -48.52 -37.14
C7 NAG V . -51.38 -52.66 -35.30
C8 NAG V . -50.23 -53.56 -35.67
N2 NAG V . -52.17 -52.20 -36.27
O3 NAG V . -54.89 -53.17 -36.08
O4 NAG V . -56.89 -51.58 -37.38
O5 NAG V . -54.20 -49.03 -36.62
O6 NAG V . -56.16 -47.25 -37.70
O7 NAG V . -51.57 -52.36 -34.12
H1 NAG V . -52.81 -50.08 -37.86
H2 NAG V . -53.52 -51.12 -34.97
H3 NAG V . -54.37 -52.13 -37.79
H4 NAG V . -56.09 -50.83 -35.54
H5 NAG V . -55.24 -49.73 -38.36
H61 NAG V . -56.76 -48.37 -36.08
H62 NAG V . -57.42 -48.85 -37.68
H81 NAG V . -49.70 -53.15 -36.54
H82 NAG V . -50.61 -54.54 -35.96
H83 NAG V . -49.57 -53.69 -34.81
HN2 NAG V . -51.99 -52.45 -37.21
HO3 NAG V . -55.83 -53.41 -36.25
HO6 NAG V . -55.52 -46.82 -37.10
C1 NAG V . -58.29 -51.55 -36.80
C2 NAG V . -59.30 -51.75 -38.01
C3 NAG V . -60.75 -51.67 -37.43
C4 NAG V . -60.94 -52.77 -36.33
C5 NAG V . -59.89 -52.54 -35.19
C6 NAG V . -59.93 -53.61 -34.10
C7 NAG V . -58.52 -50.86 -40.22
C8 NAG V . -58.32 -49.70 -41.15
N2 NAG V . -59.07 -50.66 -39.00
O3 NAG V . -61.70 -51.90 -38.51
O4 NAG V . -62.27 -52.68 -35.80
O5 NAG V . -58.51 -52.57 -35.78
O6 NAG V . -59.15 -53.24 -32.97
O7 NAG V . -58.18 -52.00 -40.59
H1 NAG V . -58.39 -50.53 -36.41
H2 NAG V . -59.12 -52.74 -38.45
H3 NAG V . -60.94 -50.67 -37.02
H4 NAG V . -60.81 -53.77 -36.79
H5 NAG V . -60.07 -51.56 -34.71
H61 NAG V . -59.54 -54.56 -34.51
H62 NAG V . -60.97 -53.74 -33.75
H81 NAG V . -57.50 -49.08 -40.78
H82 NAG V . -59.22 -49.06 -41.16
H83 NAG V . -58.14 -50.07 -42.17
HN2 NAG V . -59.33 -49.73 -38.76
HO3 NAG V . -61.34 -51.53 -39.35
HO4 NAG V . -62.92 -52.58 -36.53
HO6 NAG V . -58.23 -53.05 -33.26
C1 NAG W . -43.64 -48.84 -55.58
C2 NAG W . -43.26 -50.36 -55.83
C3 NAG W . -43.28 -50.66 -57.37
C4 NAG W . -44.72 -50.32 -57.95
C5 NAG W . -45.05 -48.81 -57.63
C6 NAG W . -46.46 -48.39 -58.06
C7 NAG W . -41.67 -51.35 -54.17
C8 NAG W . -40.27 -51.49 -53.65
N2 NAG W . -41.90 -50.59 -55.26
O3 NAG W . -43.00 -52.06 -57.53
O4 NAG W . -45.05 -50.62 -59.36
O5 NAG W . -44.97 -48.57 -56.17
O6 NAG W . -46.70 -46.99 -57.81
O7 NAG W . -42.59 -51.94 -53.58
H1 NAG W . -42.88 -48.16 -56.06
H2 NAG W . -44.02 -50.99 -55.33
H3 NAG W . -42.49 -50.07 -57.88
H4 NAG W . -45.43 -50.94 -57.36
H5 NAG W . -44.32 -48.16 -58.14
H61 NAG W . -47.21 -48.97 -57.50
H62 NAG W . -46.59 -48.56 -59.14
H81 NAG W . -39.89 -50.51 -53.35
H82 NAG W . -39.62 -51.86 -54.47
H83 NAG W . -40.24 -52.23 -52.85
HN2 NAG W . -41.13 -50.15 -55.69
HO3 NAG W . -42.97 -52.24 -58.50
HO6 NAG W . -46.24 -46.73 -56.99
C1 NAG W . -44.01 -50.65 -60.48
C2 NAG W . -43.28 -49.26 -60.73
C3 NAG W . -42.34 -49.46 -61.99
C4 NAG W . -41.31 -50.63 -61.71
C5 NAG W . -42.10 -51.95 -61.41
C6 NAG W . -41.20 -53.13 -61.04
C7 NAG W . -44.11 -46.89 -60.66
C8 NAG W . -45.16 -45.85 -60.93
N2 NAG W . -44.29 -48.19 -61.00
O3 NAG W . -41.60 -48.25 -62.27
O4 NAG W . -40.48 -50.82 -62.86
O5 NAG W . -43.03 -51.72 -60.27
O6 NAG W . -40.29 -52.84 -59.97
O7 NAG W . -43.05 -46.53 -60.10
H1 NAG W . -44.67 -50.86 -61.34
H2 NAG W . -42.67 -49.01 -59.85
H3 NAG W . -42.94 -49.69 -62.88
H4 NAG W . -40.68 -50.34 -60.85
H5 NAG W . -42.69 -52.24 -62.30
H61 NAG W . -40.61 -53.43 -61.93
H62 NAG W . -41.84 -53.97 -60.73
H81 NAG W . -45.58 -46.00 -61.93
H82 NAG W . -44.72 -44.84 -60.90
H83 NAG W . -45.93 -45.89 -60.14
HN2 NAG W . -45.15 -48.43 -61.44
HO3 NAG W . -41.93 -47.52 -61.70
HO4 NAG W . -40.19 -49.95 -63.21
HO6 NAG W . -39.39 -53.10 -60.23
C1 NAG X . 48.28 -10.88 21.17
C2 NAG X . 47.20 -11.97 20.74
C3 NAG X . 46.33 -12.34 21.99
C4 NAG X . 47.22 -12.87 23.18
C5 NAG X . 48.29 -11.77 23.51
C6 NAG X . 49.29 -12.19 24.59
C7 NAG X . 45.96 -12.02 18.58
C8 NAG X . 45.03 -11.35 17.60
N2 NAG X . 46.31 -11.39 19.70
O3 NAG X . 45.36 -13.32 21.60
O4 NAG X . 46.30 -13.04 24.31
O5 NAG X . 49.08 -11.42 22.29
O6 NAG X . 50.12 -13.29 24.20
O7 NAG X . 46.38 -13.15 18.31
H1 NAG X . 47.74 -9.95 21.51
H2 NAG X . 47.74 -12.87 20.38
H3 NAG X . 45.78 -11.43 22.32
H4 NAG X . 47.71 -13.80 22.86
H5 NAG X . 47.77 -10.87 23.88
H61 NAG X . 48.77 -12.46 25.51
H62 NAG X . 49.96 -11.34 24.80
H81 NAG X . 45.61 -10.94 16.78
H82 NAG X . 44.52 -10.51 18.08
H83 NAG X . 44.27 -12.07 17.27
HN2 NAG X . 45.95 -10.48 19.87
HO3 NAG X . 44.67 -13.39 22.29
HO6 NAG X . 51.06 -13.09 24.46
C1 NAG X . 46.30 -14.29 25.20
C2 NAG X . 46.79 -15.65 24.53
C3 NAG X . 46.60 -16.80 25.60
C4 NAG X . 47.41 -16.45 26.90
C5 NAG X . 46.90 -15.08 27.47
C6 NAG X . 47.68 -14.60 28.70
C7 NAG X . 46.44 -16.45 22.18
C8 NAG X . 45.54 -16.72 21.02
N2 NAG X . 45.94 -15.96 23.34
O3 NAG X . 47.09 -18.05 25.07
O4 NAG X . 47.21 -17.48 27.88
O5 NAG X . 47.05 -14.02 26.43
O6 NAG X . 47.15 -13.39 29.24
O7 NAG X . 47.66 -16.70 22.07
H1 NAG X . 45.22 -14.38 25.39
H2 NAG X . 47.87 -15.56 24.27
H3 NAG X . 45.53 -16.92 25.84
H4 NAG X . 48.48 -16.38 26.65
H5 NAG X . 45.83 -15.17 27.76
H61 NAG X . 48.73 -14.43 28.43
H62 NAG X . 47.63 -15.38 29.49
H81 NAG X . 45.45 -15.81 20.42
H82 NAG X . 44.54 -17.00 21.36
H83 NAG X . 45.94 -17.56 20.44
HN2 NAG X . 44.97 -15.78 23.40
HO3 NAG X . 47.20 -17.98 24.09
HO4 NAG X . 47.26 -18.36 27.43
HO6 NAG X . 47.04 -12.74 28.51
C1 NAG Y . 36.40 1.74 -36.84
C2 NAG Y . 35.30 2.64 -36.10
C3 NAG Y . 35.24 4.03 -36.84
C4 NAG Y . 36.64 4.72 -36.83
C5 NAG Y . 37.69 3.77 -37.53
C6 NAG Y . 39.13 4.25 -37.46
C7 NAG Y . 33.44 1.22 -35.23
C8 NAG Y . 32.07 0.63 -35.41
N2 NAG Y . 33.96 2.01 -36.18
O3 NAG Y . 34.28 4.89 -36.19
O4 NAG Y . 36.55 5.96 -37.55
O5 NAG Y . 37.69 2.46 -36.83
O6 NAG Y . 39.36 5.42 -38.25
O7 NAG Y . 34.08 0.96 -34.20
H1 NAG Y . 36.10 1.59 -37.91
H2 NAG Y . 35.61 2.80 -35.05
H3 NAG Y . 34.89 3.87 -37.89
H4 NAG Y . 36.94 4.92 -35.79
H5 NAG Y . 37.41 3.62 -38.59
H61 NAG Y . 39.78 3.47 -37.85
H62 NAG Y . 39.40 4.46 -36.41
H81 NAG Y . 31.45 1.27 -36.06
H82 NAG Y . 31.56 0.58 -34.44
H83 NAG Y . 32.17 -0.39 -35.80
HN2 NAG Y . 33.41 2.18 -36.99
HO3 NAG Y . 34.39 5.81 -36.50
HO4 NAG Y . 37.45 6.22 -37.86
HO6 NAG Y . 40.27 5.73 -38.11
C1 NAG Z . 25.42 -31.74 -23.16
C2 NAG Z . 25.45 -31.57 -24.73
C3 NAG Z . 24.98 -32.92 -25.39
C4 NAG Z . 25.94 -34.08 -24.94
C5 NAG Z . 25.91 -34.18 -23.38
C6 NAG Z . 26.87 -35.23 -22.82
C7 NAG Z . 24.95 -29.35 -25.72
C8 NAG Z . 23.95 -28.29 -26.06
N2 NAG Z . 24.53 -30.47 -25.12
O3 NAG Z . 25.01 -32.78 -26.83
O4 NAG Z . 25.47 -35.31 -25.50
O5 NAG Z . 26.30 -32.87 -22.78
O6 NAG Z . 28.23 -35.01 -23.20
O7 NAG Z . 26.14 -29.16 -26.02
H1 NAG Z . 24.36 -31.96 -22.82
H2 NAG Z . 26.49 -31.37 -25.03
H3 NAG Z . 23.94 -33.13 -25.09
H4 NAG Z . 26.95 -33.87 -25.31
H5 NAG Z . 24.89 -34.44 -23.04
H61 NAG Z . 26.56 -36.23 -23.18
H62 NAG Z . 26.82 -35.21 -21.73
H81 NAG Z . 23.49 -27.90 -25.14
H82 NAG Z . 23.13 -28.72 -26.66
H83 NAG Z . 24.41 -27.50 -26.67
HN2 NAG Z . 23.56 -30.54 -24.91
HO3 NAG Z . 24.27 -32.18 -27.09
HO4 NAG Z . 25.36 -35.20 -26.48
HO6 NAG Z . 28.51 -34.12 -22.90
C1 NAG AA . 10.89 -20.62 -39.60
C2 NAG AA . 9.55 -21.35 -40.03
C3 NAG AA . 9.79 -22.90 -40.01
C4 NAG AA . 10.97 -23.25 -40.97
C5 NAG AA . 12.26 -22.48 -40.53
C6 NAG AA . 13.45 -22.69 -41.46
C7 NAG AA . 7.46 -20.15 -39.36
C8 NAG AA . 6.43 -19.84 -38.30
N2 NAG AA . 8.47 -20.99 -39.06
O3 NAG AA . 8.60 -23.58 -40.43
O4 NAG AA . 11.21 -24.66 -40.94
O5 NAG AA . 11.97 -21.01 -40.51
O6 NAG AA . 14.65 -22.13 -40.94
O7 NAG AA . 7.35 -19.64 -40.48
H1 NAG AA . 11.17 -20.92 -38.54
H2 NAG AA . 9.30 -21.04 -41.06
H3 NAG AA . 10.03 -23.23 -38.98
H4 NAG AA . 10.69 -22.98 -42.01
H5 NAG AA . 12.56 -22.81 -39.51
H61 NAG AA . 13.24 -22.22 -42.44
H62 NAG AA . 13.62 -23.77 -41.61
H81 NAG AA . 6.91 -19.32 -37.47
H82 NAG AA . 6.01 -20.77 -37.90
H83 NAG AA . 5.61 -19.26 -38.75
HN2 NAG AA . 8.51 -21.38 -38.15
HO3 NAG AA . 7.80 -23.08 -40.13
HO4 NAG AA . 10.36 -25.14 -40.99
HO6 NAG AA . 14.50 -21.18 -40.75
C1 NAG BA . 6.19 19.74 -37.23
C2 NAG BA . 4.63 19.75 -36.89
C3 NAG BA . 3.86 20.42 -38.08
C4 NAG BA . 4.41 21.87 -38.31
C5 NAG BA . 5.95 21.80 -38.61
C6 NAG BA . 6.59 23.18 -38.76
C7 NAG BA . 4.12 17.76 -35.46
C8 NAG BA . 3.69 16.33 -35.30
N2 NAG BA . 4.18 18.34 -36.67
O3 NAG BA . 2.46 20.48 -37.76
O4 NAG BA . 3.73 22.46 -39.42
O5 NAG BA . 6.66 21.12 -37.47
O6 NAG BA . 7.95 23.10 -39.17
O7 NAG BA . 4.42 18.39 -34.42
H1 NAG BA . 6.38 19.11 -38.14
H2 NAG BA . 4.48 20.36 -35.97
H3 NAG BA . 3.98 19.80 -38.99
H4 NAG BA . 4.22 22.48 -37.41
H5 NAG BA . 6.12 21.23 -39.55
H61 NAG BA . 6.55 23.72 -37.80
H62 NAG BA . 6.04 23.75 -39.53
H81 NAG BA . 4.51 15.74 -34.89
H82 NAG BA . 3.42 15.89 -36.26
H83 NAG BA . 2.79 16.29 -34.66
HN2 NAG BA . 3.94 17.81 -37.48
HO3 NAG BA . 2.20 19.68 -37.24
HO4 NAG BA . 2.77 22.30 -39.34
HO6 NAG BA . 8.47 22.62 -38.49
C1 NAG CA . 0.41 7.22 -55.76
C2 NAG CA . 1.67 6.27 -56.10
C3 NAG CA . 2.26 6.72 -57.50
C4 NAG CA . 1.16 6.64 -58.61
C5 NAG CA . -0.03 7.58 -58.21
C6 NAG CA . -1.19 7.52 -59.20
C7 NAG CA . 2.93 5.71 -54.01
C8 NAG CA . 4.07 6.02 -53.07
N2 NAG CA . 2.76 6.47 -55.10
O3 NAG CA . 3.36 5.84 -57.84
O4 NAG CA . 1.73 7.05 -59.87
O5 NAG CA . -0.55 7.14 -56.88
O6 NAG CA . -2.18 8.52 -58.93
O7 NAG CA . 2.16 4.77 -53.77
H1 NAG CA . 0.75 8.28 -55.65
H2 NAG CA . 1.33 5.22 -56.15
H3 NAG CA . 2.67 7.74 -57.42
H4 NAG CA . 0.83 5.59 -58.70
H5 NAG CA . 0.32 8.61 -58.16
H61 NAG CA . -1.67 6.53 -59.15
H62 NAG CA . -0.82 7.69 -60.23
H81 NAG CA . 4.88 6.53 -53.61
H82 NAG CA . 4.49 5.08 -52.69
H83 NAG CA . 3.70 6.60 -52.23
HN2 NAG CA . 3.39 7.21 -55.25
HO3 NAG CA . 3.51 5.87 -58.81
HO4 NAG CA . 2.13 7.93 -59.78
HO6 NAG CA . -2.49 8.42 -58.00
C1 NAG DA . -40.74 1.50 -60.48
C2 NAG DA . -42.22 2.10 -60.50
C3 NAG DA . -42.53 2.61 -61.95
C4 NAG DA . -41.48 3.69 -62.37
C5 NAG DA . -40.03 3.06 -62.30
C6 NAG DA . -38.91 4.06 -62.58
C7 NAG DA . -43.61 0.87 -58.86
C8 NAG DA . -44.57 -0.23 -58.51
N2 NAG DA . -43.17 1.03 -60.12
O3 NAG DA . -43.85 3.18 -61.99
O4 NAG DA . -41.77 4.13 -63.70
O5 NAG DA . -39.80 2.55 -60.93
O6 NAG DA . -38.87 4.45 -63.94
O7 NAG DA . -43.25 1.63 -57.94
H1 NAG DA . -40.67 0.63 -61.18
H2 NAG DA . -42.26 2.96 -59.80
H3 NAG DA . -42.51 1.75 -62.66
H4 NAG DA . -41.56 4.56 -61.69
H5 NAG DA . -39.96 2.24 -63.02
H61 NAG DA . -37.96 3.58 -62.32
H62 NAG DA . -39.05 4.95 -61.95
H81 NAG DA . -44.42 -1.09 -59.18
H82 NAG DA . -45.59 0.13 -58.67
H83 NAG DA . -44.46 -0.51 -57.46
HN2 NAG DA . -43.50 0.40 -60.81
HO3 NAG DA . -43.96 3.71 -62.80
HO4 NAG DA . -40.96 4.51 -64.12
HO6 NAG DA . -37.95 4.75 -64.17
C1 NAG EA . -28.22 -8.29 -61.66
C2 NAG EA . -26.86 -9.12 -61.56
C3 NAG EA . -25.69 -8.12 -61.23
C4 NAG EA . -25.60 -7.02 -62.36
C5 NAG EA . -26.97 -6.27 -62.43
C6 NAG EA . -27.01 -5.24 -63.56
C7 NAG EA . -27.06 -11.44 -60.64
C8 NAG EA . -27.22 -12.34 -59.45
N2 NAG EA . -26.98 -10.11 -60.45
O3 NAG EA . -24.44 -8.85 -61.19
O4 NAG EA . -24.55 -6.11 -62.06
O5 NAG EA . -28.06 -7.25 -62.68
O6 NAG EA . -28.22 -4.48 -63.55
O7 NAG EA . -27.01 -11.95 -61.77
H1 NAG EA . -28.46 -7.81 -60.66
H2 NAG EA . -26.67 -9.61 -62.53
H3 NAG EA . -25.85 -7.66 -60.24
H4 NAG EA . -25.38 -7.52 -63.31
H5 NAG EA . -27.15 -5.74 -61.47
H61 NAG EA . -26.93 -5.75 -64.52
H62 NAG EA . -26.17 -4.53 -63.46
H81 NAG EA . -28.29 -12.50 -59.26
H82 NAG EA . -26.80 -11.88 -58.55
H83 NAG EA . -26.68 -13.28 -59.64
HN2 NAG EA . -27.04 -9.76 -59.52
HO3 NAG EA . -24.59 -9.73 -60.77
HO4 NAG EA . -23.73 -6.61 -61.86
HO6 NAG EA . -28.98 -5.08 -63.38
C1 NAG FA . 61.81 0.67 -1.94
C2 NAG FA . 62.70 1.24 -3.14
C3 NAG FA . 63.54 2.45 -2.59
C4 NAG FA . 62.59 3.55 -2.01
C5 NAG FA . 61.72 2.91 -0.87
C6 NAG FA . 60.70 3.89 -0.28
C7 NAG FA . 63.65 -0.23 -4.92
C8 NAG FA . 64.56 -1.36 -5.30
N2 NAG FA . 63.59 0.15 -3.62
O3 NAG FA . 64.31 3.01 -3.68
O4 NAG FA . 63.37 4.63 -1.50
O5 NAG FA . 60.97 1.74 -1.40
O6 NAG FA . 60.04 3.34 0.87
O7 NAG FA . 62.98 0.33 -5.79
H1 NAG FA . 62.48 0.29 -1.12
H2 NAG FA . 62.00 1.60 -3.92
H3 NAG FA . 64.25 2.09 -1.82
H4 NAG FA . 61.94 3.92 -2.83
H5 NAG FA . 62.38 2.58 -0.04
H61 NAG FA . 59.93 4.11 -1.04
H62 NAG FA . 61.20 4.81 0.03
H81 NAG FA . 64.50 -2.17 -4.57
H82 NAG FA . 65.60 -1.01 -5.30
H83 NAG FA . 64.33 -1.70 -6.32
HN2 NAG FA . 64.15 -0.32 -2.96
HO3 NAG FA . 64.53 2.31 -4.34
HO4 NAG FA . 64.08 4.85 -2.14
HO6 NAG FA . 59.66 2.47 0.64
C1 NAG GA . 18.62 45.66 -15.95
C2 NAG GA . 17.37 46.58 -16.34
C3 NAG GA . 17.25 46.63 -17.91
C4 NAG GA . 18.59 47.18 -18.53
C5 NAG GA . 19.77 46.24 -18.09
C6 NAG GA . 21.14 46.73 -18.57
C7 NAG GA . 15.59 46.33 -14.60
C8 NAG GA . 14.33 45.64 -14.14
N2 NAG GA . 16.13 45.99 -15.77
O3 NAG GA . 16.17 47.51 -18.27
O4 NAG GA . 18.48 47.19 -19.96
O5 NAG GA . 19.83 46.18 -16.60
O6 NAG GA . 21.49 48.02 -18.06
O7 NAG GA . 16.10 47.21 -13.88
H1 NAG GA . 18.43 44.59 -16.28
H2 NAG GA . 17.55 47.60 -15.95
H3 NAG GA . 17.03 45.62 -18.29
H4 NAG GA . 18.76 48.22 -18.17
H5 NAG GA . 19.60 45.22 -18.50
H61 NAG GA . 21.15 46.77 -19.67
H62 NAG GA . 21.91 46.01 -18.23
H81 NAG GA . 14.57 44.61 -13.83
H82 NAG GA . 13.61 45.56 -14.98
H83 NAG GA . 13.84 46.22 -13.35
HN2 NAG GA . 15.65 45.28 -16.29
HO3 NAG GA . 15.32 47.03 -18.17
HO4 NAG GA . 17.66 47.66 -20.22
HO6 NAG GA . 21.44 48.00 -17.08
C1 NAG HA . -25.67 43.23 12.49
C2 NAG HA . -25.41 41.72 12.95
C3 NAG HA . -26.36 41.42 14.18
C4 NAG HA . -26.07 42.43 15.34
C5 NAG HA . -26.30 43.89 14.82
C6 NAG HA . -25.92 44.98 15.83
C7 NAG HA . -24.89 40.26 10.98
C8 NAG HA . -25.37 39.32 9.92
N2 NAG HA . -25.78 40.78 11.86
O3 NAG HA . -26.12 40.07 14.63
O4 NAG HA . -26.98 42.15 16.42
O5 NAG HA . -25.41 44.12 13.64
O6 NAG HA . -26.81 45.04 16.94
O7 NAG HA . -23.68 40.55 11.04
H1 NAG HA . -26.74 43.36 12.19
H2 NAG HA . -24.36 41.61 13.25
H3 NAG HA . -27.41 41.50 13.86
H4 NAG HA . -25.04 42.29 15.69
H5 NAG HA . -27.36 44.03 14.53
H61 NAG HA . -25.97 45.95 15.31
H62 NAG HA . -24.90 44.82 16.19
H81 NAG HA . -26.29 38.80 10.24
H82 NAG HA . -24.61 38.55 9.73
H83 NAG HA . -25.51 39.88 8.98
HN2 NAG HA . -26.73 40.52 11.76
HO3 NAG HA . -26.54 39.95 15.52
HO4 NAG HA . -27.08 42.95 16.99
HO6 NAG HA . -26.51 45.74 17.55
C1 NAG IA . -9.76 40.37 -21.62
C2 NAG IA . -11.28 40.81 -21.54
C3 NAG IA . -11.80 41.06 -23.01
C4 NAG IA . -10.93 42.17 -23.68
C5 NAG IA . -9.43 41.73 -23.68
C6 NAG IA . -8.50 42.81 -24.24
C7 NAG IA . -12.73 39.88 -19.75
C8 NAG IA . -13.49 38.72 -19.17
N2 NAG IA . -12.06 39.72 -20.89
O3 NAG IA . -13.18 41.45 -22.96
O4 NAG IA . -11.39 42.38 -25.02
O5 NAG IA . -8.99 41.44 -22.29
O6 NAG IA . -7.17 42.34 -24.42
O7 NAG IA . -12.76 40.98 -19.15
H1 NAG IA . -9.67 39.41 -22.21
H2 NAG IA . -11.33 41.75 -20.97
H3 NAG IA . -11.73 40.11 -23.58
H4 NAG IA . -11.07 43.11 -23.11
H5 NAG IA . -9.32 40.82 -24.31
H61 NAG IA . -8.48 43.67 -23.55
H62 NAG IA . -8.87 43.15 -25.22
H81 NAG IA . -12.79 37.92 -18.92
H82 NAG IA . -14.18 38.33 -19.92
H83 NAG IA . -14.08 39.05 -18.30
HN2 NAG IA . -12.09 38.81 -21.32
HO3 NAG IA . -13.73 40.66 -22.70
HO4 NAG IA . -12.37 42.46 -25.03
HO6 NAG IA . -6.87 41.91 -23.58
C1 NAG JA . -31.09 28.76 -17.82
C2 NAG JA . -31.74 27.94 -19.03
C3 NAG JA . -31.38 28.66 -20.37
C4 NAG JA . -31.92 30.13 -20.34
C5 NAG JA . -31.28 30.89 -19.11
C6 NAG JA . -31.82 32.31 -18.93
C7 NAG JA . -31.86 25.48 -18.64
C8 NAG JA . -31.20 24.12 -18.66
N2 NAG JA . -31.16 26.56 -19.03
O3 NAG JA . -31.98 27.95 -21.47
O4 NAG JA . -31.57 30.80 -21.55
O5 NAG JA . -31.60 30.14 -17.86
O6 NAG JA . -31.09 33.03 -17.93
O7 NAG JA . -33.04 25.56 -18.27
H1 NAG JA . -29.97 28.78 -17.93
H2 NAG JA . -32.84 27.93 -18.89
H3 NAG JA . -30.28 28.66 -20.52
H4 NAG JA . -33.02 30.11 -20.25
H5 NAG JA . -30.18 30.95 -19.25
H61 NAG JA . -32.88 32.27 -18.63
H62 NAG JA . -31.72 32.86 -19.89
H81 NAG JA . -30.36 24.12 -17.93
H82 NAG JA . -30.77 23.93 -19.65
H83 NAG JA . -31.93 23.34 -18.44
HN2 NAG JA . -30.22 26.44 -19.31
HO3 NAG JA . -31.99 26.99 -21.29
HO4 NAG JA . -31.77 30.22 -22.31
HO6 NAG JA . -31.12 32.53 -17.10
C1 NAG KA . -37.15 10.44 18.00
C2 NAG KA . -37.24 8.95 17.48
C3 NAG KA . -38.69 8.42 17.72
C4 NAG KA . -39.02 8.48 19.26
C5 NAG KA . -38.88 9.99 19.74
C6 NAG KA . -39.11 10.14 21.24
C7 NAG KA . -35.67 8.72 15.54
C8 NAG KA . -35.39 8.75 14.06
N2 NAG KA . -36.92 8.95 16.01
O3 NAG KA . -38.77 7.04 17.28
O4 NAG KA . -40.37 8.04 19.48
O5 NAG KA . -37.50 10.48 19.45
O6 NAG KA . -39.12 11.50 21.64
O7 NAG KA . -34.72 8.46 16.30
H1 NAG KA . -37.86 11.10 17.43
H2 NAG KA . -36.52 8.33 18.05
H3 NAG KA . -39.42 9.01 17.14
H4 NAG KA . -38.33 7.83 19.81
H5 NAG KA . -39.63 10.60 19.22
H61 NAG KA . -38.31 9.62 21.78
H62 NAG KA . -40.08 9.69 21.53
H81 NAG KA . -34.67 9.55 13.85
H82 NAG KA . -36.30 8.97 13.49
H83 NAG KA . -35.01 7.76 13.74
HN2 NAG KA . -37.64 9.15 15.37
HO3 NAG KA . -38.21 6.91 16.49
HO4 NAG KA . -40.51 7.19 18.98
HO6 NAG KA . -38.25 11.91 21.44
C1 NAG LA . -54.07 15.16 3.01
C2 NAG LA . -53.87 16.70 2.59
C3 NAG LA . -55.12 17.50 3.13
C4 NAG LA . -56.45 16.91 2.56
C5 NAG LA . -56.56 15.41 3.00
C6 NAG LA . -57.80 14.71 2.43
C7 NAG LA . -51.46 17.35 2.70
C8 NAG LA . -50.32 17.96 3.47
N2 NAG LA . -52.68 17.29 3.25
O3 NAG LA . -55.01 18.89 2.72
O4 NAG LA . -57.57 17.65 3.08
O5 NAG LA . -55.36 14.67 2.50
O6 NAG LA . -57.97 13.41 3.00
O7 NAG LA . -51.27 16.92 1.54
H1 NAG LA . -54.05 15.06 4.13
H2 NAG LA . -53.82 16.78 1.49
H3 NAG LA . -55.13 17.49 4.23
H4 NAG LA . -56.44 17.00 1.46
H5 NAG LA . -56.59 15.35 4.10
H61 NAG LA . -57.69 14.60 1.34
H62 NAG LA . -58.70 15.30 2.66
H81 NAG LA . -50.71 18.67 4.22
H82 NAG LA . -49.69 18.56 2.79
H83 NAG LA . -49.72 17.17 3.91
HN2 NAG LA . -52.79 17.64 4.17
HO3 NAG LA . -55.89 19.32 2.74
HO4 NAG LA . -57.54 17.69 4.05
HO6 NAG LA . -57.16 12.87 2.84
C1 NAG MA . -68.36 -18.17 -17.80
C2 NAG MA . -68.88 -19.68 -17.80
C3 NAG MA . -70.42 -19.68 -17.54
C4 NAG MA . -70.73 -18.97 -16.18
C5 NAG MA . -70.16 -17.50 -16.23
C6 NAG MA . -70.31 -16.74 -14.91
C7 NAG MA . -67.46 -21.03 -19.34
C8 NAG MA . -67.20 -21.62 -20.69
N2 NAG MA . -68.57 -20.30 -19.12
O3 NAG MA . -70.90 -21.03 -17.50
O4 NAG MA . -72.15 -18.96 -15.98
O5 NAG MA . -68.71 -17.54 -16.52
O6 NAG MA . -71.67 -16.40 -14.62
O7 NAG MA . -66.63 -21.23 -18.44
H1 NAG MA . -68.84 -17.60 -18.65
H2 NAG MA . -68.37 -20.22 -16.97
H3 NAG MA . -70.94 -19.16 -18.37
H4 NAG MA . -70.25 -19.54 -15.36
H5 NAG MA . -70.70 -16.93 -17.01
H61 NAG MA . -69.73 -15.81 -14.98
H62 NAG MA . -69.91 -17.36 -14.08
H81 NAG MA . -67.64 -20.99 -21.47
H82 NAG MA . -67.67 -22.60 -20.74
H83 NAG MA . -66.12 -21.75 -20.83
HN2 NAG MA . -69.20 -20.16 -19.86
HO3 NAG MA . -71.79 -21.06 -17.11
HO4 NAG MA . -72.38 -18.25 -15.34
HO6 NAG MA . -71.70 -15.63 -14.03
C1 NAG NA . -64.46 -3.40 -22.35
C2 NAG NA . -63.88 -1.93 -22.60
C3 NAG NA . -63.43 -1.32 -21.22
C4 NAG NA . -64.66 -1.27 -20.25
C5 NAG NA . -65.23 -2.71 -20.06
C6 NAG NA . -66.49 -2.75 -19.20
C7 NAG NA . -62.65 -1.62 -24.76
C8 NAG NA . -61.41 -1.83 -25.58
N2 NAG NA . -62.68 -2.06 -23.49
O3 NAG NA . -62.93 0.01 -21.44
O4 NAG NA . -64.27 -0.72 -18.99
O5 NAG NA . -65.58 -3.28 -21.39
O6 NAG NA . -66.94 -4.07 -18.94
O7 NAG NA . -63.61 -1.07 -25.29
H1 NAG NA . -63.67 -4.08 -21.92
H2 NAG NA . -64.66 -1.31 -23.05
H3 NAG NA . -62.62 -1.94 -20.78
H4 NAG NA . -65.43 -0.61 -20.70
H5 NAG NA . -64.47 -3.34 -19.57
H61 NAG NA . -67.30 -2.21 -19.72
H62 NAG NA . -66.29 -2.26 -18.23
H81 NAG NA . -61.48 -2.80 -26.11
H82 NAG NA . -60.52 -1.89 -24.93
H83 NAG NA . -61.27 -0.99 -26.26
HN2 NAG NA . -61.88 -2.51 -23.12
HO3 NAG NA . -62.42 0.04 -22.27
HO4 NAG NA . -63.78 0.12 -19.14
HO6 NAG NA . -66.87 -4.60 -19.77
C1 NAG OA . 14.28 55.48 23.29
C2 NAG OA . 13.30 56.48 24.04
C3 NAG OA . 13.82 56.68 25.51
C4 NAG OA . 13.88 55.29 26.23
C5 NAG OA . 14.83 54.33 25.43
C6 NAG OA . 14.90 52.91 26.01
C7 NAG OA . 12.20 58.38 22.86
C8 NAG OA . 12.31 59.68 22.12
N2 NAG OA . 13.30 57.77 23.31
O3 NAG OA . 12.92 57.54 26.23
O4 NAG OA . 14.39 55.47 27.57
O5 NAG OA . 14.33 54.20 24.02
O6 NAG OA . 15.89 52.12 25.36
O7 NAG OA . 11.07 57.89 23.05
H1 NAG OA . 15.32 55.92 23.24
H2 NAG OA . 12.29 56.02 24.06
H3 NAG OA . 14.81 57.15 25.50
H4 NAG OA . 12.87 54.86 26.29
H5 NAG OA . 15.85 54.74 25.42
H61 NAG OA . 13.92 52.43 25.90
H62 NAG OA . 15.15 52.96 27.08
H81 NAG OA . 13.15 59.63 21.40
H82 NAG OA . 12.53 60.49 22.82
H83 NAG OA . 11.35 59.91 21.62
HN2 NAG OA . 14.18 58.22 23.15
HO3 NAG OA . 12.52 58.19 25.61
HO4 NAG OA . 13.94 56.23 27.98
HO6 NAG OA . 15.73 52.12 24.39
C1 NAG PA . -18.24 6.37 48.09
C2 NAG PA . -19.10 5.08 48.47
C3 NAG PA . -20.62 5.44 48.36
C4 NAG PA . -20.96 6.64 49.31
C5 NAG PA . -20.07 7.87 48.91
C6 NAG PA . -20.24 9.08 49.84
C7 NAG PA . -17.88 3.03 47.69
C8 NAG PA . -17.66 1.99 46.62
N2 NAG PA . -18.78 3.99 47.49
O3 NAG PA . -21.41 4.30 48.74
O4 NAG PA . -22.34 6.98 49.19
O5 NAG PA . -18.63 7.48 48.98
O6 NAG PA . -19.89 8.81 51.19
O7 NAG PA . -17.21 2.97 48.74
H1 NAG PA . -18.41 6.67 47.00
H2 NAG PA . -18.86 4.77 49.50
H3 NAG PA . -20.87 5.69 47.31
H4 NAG PA . -20.75 6.34 50.36
H5 NAG PA . -20.31 8.18 47.88
H61 NAG PA . -21.29 9.42 49.80
H62 NAG PA . -19.59 9.90 49.47
H81 NAG PA . -17.12 2.45 45.78
H82 NAG PA . -18.63 1.64 46.24
H83 NAG PA . -17.13 1.12 47.03
HN2 NAG PA . -19.28 3.96 46.63
HO3 NAG PA . -21.46 3.66 47.99
HO4 NAG PA . -22.89 6.18 49.30
HO6 NAG PA . -18.98 8.46 51.23
C1 NAG QA . -2.47 -41.10 31.47
C2 NAG QA . -1.71 -40.50 30.18
C3 NAG QA . -0.74 -41.63 29.65
C4 NAG QA . 0.26 -42.08 30.77
C5 NAG QA . -0.56 -42.59 32.01
C6 NAG QA . 0.30 -42.93 33.23
C7 NAG QA . -3.17 -38.94 28.90
C8 NAG QA . -4.15 -38.73 27.77
N2 NAG QA . -2.68 -40.17 29.11
O3 NAG QA . 0.00 -41.12 28.52
O4 NAG QA . 1.10 -43.11 30.26
O5 NAG QA . -1.48 -41.52 32.46
O6 NAG QA . 1.11 -44.08 33.03
O7 NAG QA . -2.86 -37.98 29.62
H1 NAG QA . -3.07 -41.99 31.16
H2 NAG QA . -1.12 -39.62 30.50
H3 NAG QA . -1.34 -42.50 29.31
H4 NAG QA . 0.89 -41.21 31.04
H5 NAG QA . -1.12 -43.50 31.73
H61 NAG QA . -0.37 -43.13 34.07
H62 NAG QA . 0.95 -42.07 33.48
H81 NAG QA . -4.00 -39.46 26.97
H82 NAG QA . -3.98 -37.74 27.32
H83 NAG QA . -5.18 -38.75 28.17
HN2 NAG QA . -2.97 -40.90 28.51
HO3 NAG QA . 0.75 -41.72 28.32
HO4 NAG QA . 1.47 -43.64 31.00
HO6 NAG QA . 1.66 -44.24 33.83
C1 NAG RA . -30.16 -15.38 32.30
C2 NAG RA . -30.58 -16.92 32.18
C3 NAG RA . -32.14 -16.99 32.10
C4 NAG RA . -32.76 -16.35 33.40
C5 NAG RA . -32.28 -14.86 33.52
C6 NAG RA . -32.77 -14.17 34.79
C7 NAG RA . -29.09 -18.48 30.95
C8 NAG RA . -28.53 -18.98 29.65
N2 NAG RA . -29.97 -17.47 30.95
O3 NAG RA . -32.54 -18.37 31.98
O4 NAG RA . -34.19 -16.39 33.30
O5 NAG RA . -30.78 -14.82 33.52
O6 NAG RA . -32.36 -14.84 35.99
O7 NAG RA . -28.72 -19.02 32.00
H1 NAG RA . -30.51 -14.82 31.40
H2 NAG RA . -30.23 -17.44 33.09
H3 NAG RA . -32.50 -16.45 31.21
H4 NAG RA . -32.45 -16.94 34.28
H5 NAG RA . -32.67 -14.29 32.65
H61 NAG RA . -33.86 -14.12 34.78
H62 NAG RA . -32.35 -13.15 34.81
H81 NAG RA . -27.98 -18.16 29.16
H82 NAG RA . -29.36 -19.24 28.97
H83 NAG RA . -27.93 -19.87 29.80
HN2 NAG RA . -30.22 -17.09 30.06
HO3 NAG RA . -32.31 -18.69 31.09
HO4 NAG RA . -34.47 -17.31 33.09
HO6 NAG RA . -31.37 -14.91 36.00
C1 NAG SA . -30.12 -31.77 13.96
C2 NAG SA . -31.30 -31.70 12.88
C3 NAG SA . -32.61 -31.21 13.59
C4 NAG SA . -32.96 -32.19 14.76
C5 NAG SA . -31.76 -32.25 15.78
C6 NAG SA . -31.98 -33.24 16.91
C7 NAG SA . -30.54 -31.12 10.57
C8 NAG SA . -30.15 -30.07 9.56
N2 NAG SA . -30.91 -30.73 11.80
O3 NAG SA . -33.68 -31.17 12.64
O4 NAG SA . -34.14 -31.72 15.43
O5 NAG SA . -30.53 -32.66 15.05
O6 NAG SA . -30.97 -33.14 17.90
O7 NAG SA . -30.52 -32.32 10.24
H1 NAG SA . -29.93 -30.73 14.38
H2 NAG SA . -31.46 -32.72 12.48
H3 NAG SA . -32.46 -30.18 13.98
H4 NAG SA . -33.16 -33.18 14.35
H5 NAG SA . -31.61 -31.24 16.22
H61 NAG SA . -31.96 -34.27 16.51
H62 NAG SA . -32.95 -33.05 17.40
H81 NAG SA . -29.25 -29.55 9.91
H82 NAG SA . -30.95 -29.32 9.47
H83 NAG SA . -30.01 -30.53 8.57
HN2 NAG SA . -30.90 -29.77 12.02
HO3 NAG SA . -33.35 -30.92 11.76
HO4 NAG SA . -34.81 -31.47 14.76
HO6 NAG SA . -30.08 -33.25 17.49
C1 NAG TA . 5.48 -42.14 -2.78
C2 NAG TA . 5.22 -41.56 -4.24
C3 NAG TA . 5.17 -42.75 -5.26
C4 NAG TA . 6.52 -43.55 -5.20
C5 NAG TA . 6.76 -44.07 -3.73
C6 NAG TA . 8.10 -44.78 -3.56
C7 NAG TA . 3.84 -39.48 -4.01
C8 NAG TA . 2.50 -38.79 -3.98
N2 NAG TA . 3.92 -40.82 -4.21
O3 NAG TA . 4.96 -42.23 -6.58
O4 NAG TA . 6.46 -44.65 -6.09
O5 NAG TA . 6.75 -42.91 -2.78
O6 NAG TA . 8.22 -45.37 -2.27
O7 NAG TA . 4.85 -38.79 -3.86
H1 NAG TA . 4.64 -42.82 -2.47
H2 NAG TA . 6.06 -40.89 -4.50
H3 NAG TA . 4.32 -43.41 -5.01
H4 NAG TA . 7.35 -42.87 -5.50
H5 NAG TA . 5.95 -44.78 -3.47
H61 NAG TA . 8.92 -44.07 -3.70
H62 NAG TA . 8.18 -45.59 -4.31
H81 NAG TA . 2.34 -38.35 -2.98
H82 NAG TA . 1.68 -39.50 -4.15
H83 NAG TA . 2.46 -38.03 -4.77
HN2 NAG TA . 3.09 -41.33 -4.34
HO3 NAG TA . 4.39 -41.44 -6.56
HO4 NAG TA . 6.10 -44.35 -6.96
HO6 NAG TA . 8.19 -44.67 -1.59
C1 NAG UA . -14.02 -54.15 -5.69
C2 NAG UA . -14.63 -54.37 -4.21
C3 NAG UA . -14.60 -55.91 -3.89
C4 NAG UA . -15.37 -56.73 -4.98
C5 NAG UA . -14.73 -56.46 -6.38
C6 NAG UA . -15.46 -57.16 -7.52
C7 NAG UA . -14.02 -52.46 -2.72
C8 NAG UA . -13.10 -51.89 -1.67
N2 NAG UA . -13.80 -53.69 -3.19
O3 NAG UA . -15.20 -56.14 -2.60
O4 NAG UA . -15.32 -58.13 -4.66
O5 NAG UA . -14.76 -55.00 -6.65
O6 NAG UA . -14.75 -57.05 -8.75
O7 NAG UA . -14.98 -51.79 -3.13
H1 NAG UA . -12.93 -54.46 -5.69
H2 NAG UA . -15.68 -54.01 -4.20
H3 NAG UA . -13.54 -56.25 -3.84
H4 NAG UA . -16.43 -56.41 -4.97
H5 NAG UA . -13.68 -56.82 -6.37
H61 NAG UA . -16.46 -56.70 -7.65
H62 NAG UA . -15.58 -58.23 -7.29
H81 NAG UA . -12.61 -52.70 -1.10
H82 NAG UA . -13.67 -51.31 -0.94
H83 NAG UA . -12.37 -51.22 -2.16
HN2 NAG UA . -13.02 -54.20 -2.83
HO3 NAG UA . -15.48 -57.08 -2.52
HO4 NAG UA . -14.39 -58.41 -4.55
HO6 NAG UA . -14.58 -56.11 -8.96
C1 NAG VA . -31.71 -49.45 -43.27
C2 NAG VA . -31.54 -49.42 -44.86
C3 NAG VA . -31.69 -50.88 -45.40
C4 NAG VA . -30.60 -51.80 -44.72
C5 NAG VA . -30.79 -51.75 -43.17
C6 NAG VA . -29.71 -52.52 -42.39
C7 NAG VA . -32.40 -47.25 -45.73
C8 NAG VA . -33.51 -46.42 -46.31
N2 NAG VA . -32.60 -48.55 -45.44
O3 NAG VA . -31.50 -50.88 -46.82
O4 NAG VA . -30.75 -53.13 -45.22
O5 NAG VA . -30.70 -50.35 -42.69
O6 NAG VA . -29.84 -53.93 -42.55
O7 NAG VA . -31.31 -46.71 -45.53
H1 NAG VA . -32.74 -49.80 -43.00
H2 NAG VA . -30.54 -49.04 -45.10
H3 NAG VA . -32.70 -51.27 -45.19
H4 NAG VA . -29.59 -51.43 -45.01
H5 NAG VA . -31.77 -52.18 -42.89
H61 NAG VA . -29.81 -52.27 -41.33
H62 NAG VA . -28.71 -52.21 -42.75
H81 NAG VA . -34.49 -46.79 -45.97
H82 NAG VA . -33.49 -46.51 -47.40
H83 NAG VA . -33.36 -45.36 -46.06
HN2 NAG VA . -33.49 -48.95 -45.62
HO3 NAG VA . -31.34 -51.80 -47.14
HO4 NAG VA . -30.35 -53.77 -44.58
HO6 NAG VA . -29.43 -54.38 -41.78
C1 NAG WA . -37.55 -49.45 -28.47
C2 NAG WA . -37.91 -49.32 -26.91
C3 NAG WA . -36.59 -49.56 -26.09
C4 NAG WA . -35.99 -50.98 -26.43
C5 NAG WA . -35.71 -51.06 -27.96
C6 NAG WA . -35.22 -52.44 -28.40
C7 NAG WA . -39.68 -47.67 -26.33
C8 NAG WA . -40.09 -46.24 -26.12
N2 NAG WA . -38.42 -47.95 -26.66
O3 NAG WA . -36.89 -49.49 -24.69
O4 NAG WA . -34.79 -51.19 -25.69
O5 NAG WA . -36.95 -50.78 -28.72
O6 NAG WA . -34.86 -52.48 -29.78
O7 NAG WA . -40.54 -48.56 -26.20
H1 NAG WA . -36.82 -48.65 -28.78
H2 NAG WA . -38.65 -50.10 -26.66
H3 NAG WA . -35.85 -48.77 -26.33
H4 NAG WA . -36.74 -51.75 -26.12
H5 NAG WA . -34.93 -50.33 -28.23
H61 NAG WA . -36.02 -53.18 -28.23
H62 NAG WA . -34.33 -52.73 -27.81
H81 NAG WA . -40.44 -45.82 -27.08
H82 NAG WA . -39.24 -45.64 -25.80
H83 NAG WA . -40.86 -46.20 -25.34
HN2 NAG WA . -37.78 -47.20 -26.75
HO3 NAG WA . -37.55 -48.79 -24.53
HO4 NAG WA . -34.95 -50.99 -24.74
HO6 NAG WA . -35.52 -51.98 -30.30
C1 NAG XA . 16.07 -12.85 58.31
C2 NAG XA . 16.24 -14.29 58.98
C3 NAG XA . 17.72 -14.44 59.46
C4 NAG XA . 18.69 -14.26 58.24
C5 NAG XA . 18.45 -12.84 57.60
C6 NAG XA . 19.31 -12.60 56.35
C7 NAG XA . 14.38 -15.33 60.30
C8 NAG XA . 13.47 -15.30 61.49
N2 NAG XA . 15.31 -14.37 60.15
O3 NAG XA . 17.91 -15.75 60.02
O4 NAG XA . 20.05 -14.37 58.70
O5 NAG XA . 17.02 -12.71 57.19
O6 NAG XA . 19.21 -11.25 55.90
O7 NAG XA . 14.27 -16.25 59.47
H1 NAG XA . 16.28 -12.04 59.07
H2 NAG XA . 16.01 -15.05 58.21
H3 NAG XA . 17.94 -13.69 60.25
H4 NAG XA . 18.50 -15.06 57.50
H5 NAG XA . 18.71 -12.06 58.35
H61 NAG XA . 18.97 -13.26 55.55
H62 NAG XA . 20.37 -12.80 56.58
H81 NAG XA . 13.05 -14.30 61.62
H82 NAG XA . 14.06 -15.53 62.39
H83 NAG XA . 12.69 -16.07 61.38
HN2 NAG XA . 15.36 -13.65 60.83
HO3 NAG XA . 17.08 -16.07 60.45
HO4 NAG XA . 20.13 -15.14 59.30
HO6 NAG XA . 18.27 -11.01 55.77
C1 NAG YA . 39.71 -33.21 2.49
C2 NAG YA . 40.07 -33.66 1.00
C3 NAG YA . 39.51 -35.10 0.77
C4 NAG YA . 40.11 -36.09 1.83
C5 NAG YA . 39.75 -35.58 3.27
C6 NAG YA . 40.37 -36.42 4.39
C7 NAG YA . 40.03 -31.65 -0.51
C8 NAG YA . 39.24 -30.79 -1.46
N2 NAG YA . 39.42 -32.72 0.04
O3 NAG YA . 39.88 -35.54 -0.56
O4 NAG YA . 39.58 -37.40 1.63
O5 NAG YA . 40.26 -34.19 3.43
O6 NAG YA . 41.79 -36.43 4.35
O7 NAG YA . 41.20 -31.36 -0.24
H1 NAG YA . 38.59 -33.11 2.62
H2 NAG YA . 41.17 -33.66 0.88
H3 NAG YA . 38.41 -35.09 0.83
H4 NAG YA . 41.21 -36.13 1.69
H5 NAG YA . 38.65 -35.59 3.39
H61 NAG YA . 40.01 -37.45 4.31
H62 NAG YA . 40.05 -36.00 5.36
H81 NAG YA . 38.50 -30.20 -0.90
H82 NAG YA . 38.69 -31.41 -2.18
H83 NAG YA . 39.93 -30.14 -2.04
HN2 NAG YA . 38.48 -32.89 -0.23
HO3 NAG YA . 39.27 -35.15 -1.22
HO4 NAG YA . 39.69 -37.65 0.68
HO6 NAG YA . 42.13 -35.51 4.38
#